data_6OIX
#
_entry.id   6OIX
#
_cell.length_a   191.587
_cell.length_b   191.587
_cell.length_c   292.870
_cell.angle_alpha   90.00
_cell.angle_beta   90.00
_cell.angle_gamma   90.00
#
_symmetry.space_group_name_H-M   'P 43 21 2'
#
loop_
_entity.id
_entity.type
_entity.pdbx_description
1 polymer 'Deoxyguanosinetriphosphate triphosphohydrolase'
2 non-polymer "GUANOSINE-5'-TRIPHOSPHATE"
3 non-polymer 'MANGANESE (II) ION'
4 water water
#
_entity_poly.entity_id   1
_entity_poly.type   'polypeptide(L)'
_entity_poly.pdbx_seq_one_letter_code
;MAQIDFRKKINWHRRYRSPQGVKTEHEILRIFESDRGRIINSPAIRRLQQKTQVFPLERNAAVRTRLTHSMEVQQVGRYI
AKEILSRLKELKLLEAYGLDELTGPFESIVEMSCLMHDIGNPPFGHFGEAAINDWFRQRLHPEDAESQPLTDDRCSVAAL
RLRDGEEPLNELRRKIRQDLCHFEGNAQGIRLVHTLMRMNLTWAQVGGILKYTRPAWWRGETPETHHYLMKKPGYYLSEE
AYIARLRKELNLALYSRFPLTWIMEAADDISYCVADLEDAVEKRIFTVEQLYHHLHEAWGQHEKGSLFSLVVENAWEKSR
SNSLSRSTEDQFFMYLRVNTLNKLVPYAAQRFIDNLPAIFAGTFNHALLEDASECSDLLKLYKNVAVKHVFSHPDVERLE
LQGYRVISGLLEIYRPLLSLSLSDFTELVEKERVKRFPIESRLFHKLSTRHRLAYVEAVSKLPSDSPEFPLWEYYYRCRL
LQDYISGMTDLYAWDEYRRLMAVEQ
;
_entity_poly.pdbx_strand_id   A,B,C,D,E,F
#
# COMPACT_ATOMS: atom_id res chain seq x y z
N GLN A 3 34.38 -49.56 26.90
CA GLN A 3 35.51 -48.66 26.60
C GLN A 3 35.24 -47.64 25.45
N ILE A 4 35.89 -46.45 25.53
CA ILE A 4 35.68 -45.32 24.63
C ILE A 4 36.49 -45.44 23.34
N ASP A 5 35.79 -45.69 22.21
CA ASP A 5 36.36 -45.78 20.87
C ASP A 5 35.50 -45.05 19.84
N PHE A 6 35.91 -43.84 19.49
CA PHE A 6 35.19 -42.97 18.56
C PHE A 6 35.12 -43.49 17.15
N ARG A 7 35.90 -44.55 16.83
CA ARG A 7 35.81 -45.17 15.51
C ARG A 7 34.40 -45.77 15.36
N LYS A 8 33.83 -46.28 16.51
CA LYS A 8 32.51 -46.88 16.63
C LYS A 8 31.37 -45.86 16.52
N LYS A 9 31.62 -44.61 16.87
CA LYS A 9 30.60 -43.58 16.82
C LYS A 9 30.66 -42.72 15.54
N ILE A 10 31.88 -42.30 15.10
CA ILE A 10 32.03 -41.49 13.89
C ILE A 10 31.90 -42.42 12.68
N ASN A 11 30.64 -42.64 12.25
CA ASN A 11 30.25 -43.54 11.16
C ASN A 11 30.13 -42.78 9.85
N TRP A 12 31.03 -43.08 8.90
CA TRP A 12 31.07 -42.39 7.61
C TRP A 12 30.22 -43.05 6.47
N HIS A 13 29.38 -44.04 6.81
CA HIS A 13 28.52 -44.69 5.86
C HIS A 13 27.26 -43.87 5.72
N ARG A 14 26.54 -44.07 4.59
CA ARG A 14 25.30 -43.38 4.24
C ARG A 14 24.17 -44.41 4.16
N ARG A 15 22.91 -43.94 4.16
CA ARG A 15 21.76 -44.86 4.11
C ARG A 15 21.63 -45.48 2.73
N TYR A 16 21.59 -44.62 1.71
CA TYR A 16 21.49 -44.98 0.31
C TYR A 16 22.84 -44.77 -0.34
N ARG A 17 23.13 -45.54 -1.43
CA ARG A 17 24.37 -45.53 -2.24
C ARG A 17 25.59 -45.17 -1.33
N SER A 18 25.83 -46.04 -0.34
CA SER A 18 26.82 -45.85 0.72
C SER A 18 28.25 -46.11 0.34
N PRO A 19 29.21 -45.31 0.90
CA PRO A 19 30.64 -45.63 0.67
C PRO A 19 30.96 -46.89 1.45
N GLN A 20 31.75 -47.76 0.88
CA GLN A 20 32.05 -49.02 1.54
C GLN A 20 33.52 -49.28 1.52
N GLY A 21 33.94 -50.22 2.34
CA GLY A 21 35.32 -50.67 2.36
C GLY A 21 36.18 -50.01 3.39
N VAL A 22 37.48 -50.05 3.09
CA VAL A 22 38.59 -49.52 3.87
C VAL A 22 38.87 -48.17 3.28
N LYS A 23 38.97 -47.18 4.14
CA LYS A 23 39.20 -45.82 3.68
C LYS A 23 40.36 -45.22 4.45
N THR A 24 41.19 -44.39 3.75
CA THR A 24 42.34 -43.60 4.23
C THR A 24 41.78 -42.51 5.13
N GLU A 25 42.61 -41.93 6.02
CA GLU A 25 42.21 -40.81 6.86
C GLU A 25 41.64 -39.68 5.95
N HIS A 26 42.31 -39.47 4.79
CA HIS A 26 41.94 -38.50 3.78
C HIS A 26 40.64 -38.89 3.11
N GLU A 27 40.47 -40.19 2.80
CA GLU A 27 39.25 -40.69 2.16
C GLU A 27 38.00 -40.38 3.03
N ILE A 28 38.11 -40.68 4.34
CA ILE A 28 37.05 -40.44 5.31
C ILE A 28 36.78 -38.94 5.43
N LEU A 29 37.88 -38.13 5.41
CA LEU A 29 37.78 -36.66 5.48
C LEU A 29 36.91 -36.15 4.33
N ARG A 30 37.19 -36.59 3.08
CA ARG A 30 36.44 -36.15 1.91
C ARG A 30 34.96 -36.52 1.99
N ILE A 31 34.62 -37.64 2.69
CA ILE A 31 33.23 -38.10 2.89
C ILE A 31 32.48 -37.06 3.71
N PHE A 32 33.12 -36.62 4.81
CA PHE A 32 32.56 -35.64 5.73
C PHE A 32 32.55 -34.25 5.13
N GLU A 33 33.47 -33.97 4.20
CA GLU A 33 33.53 -32.68 3.52
C GLU A 33 32.43 -32.60 2.46
N SER A 34 31.99 -33.76 1.96
CA SER A 34 30.92 -33.84 0.99
C SER A 34 29.61 -33.49 1.70
N ASP A 35 29.47 -33.94 2.94
CA ASP A 35 28.31 -33.65 3.78
C ASP A 35 28.17 -32.15 3.96
N ARG A 36 29.30 -31.47 4.20
CA ARG A 36 29.37 -30.01 4.40
C ARG A 36 28.80 -29.29 3.20
N GLY A 37 29.25 -29.71 2.02
CA GLY A 37 28.80 -29.14 0.76
C GLY A 37 27.31 -29.28 0.59
N ARG A 38 26.77 -30.50 0.89
CA ARG A 38 25.33 -30.82 0.79
C ARG A 38 24.52 -29.83 1.63
N ILE A 39 24.85 -29.71 2.93
CA ILE A 39 24.20 -28.87 3.90
C ILE A 39 24.30 -27.36 3.56
N ILE A 40 25.53 -26.85 3.28
CA ILE A 40 25.79 -25.43 2.99
C ILE A 40 25.07 -24.95 1.73
N ASN A 41 25.07 -25.80 0.68
CA ASN A 41 24.40 -25.48 -0.58
C ASN A 41 22.93 -25.87 -0.56
N SER A 42 22.39 -26.28 0.61
CA SER A 42 20.99 -26.71 0.74
C SER A 42 20.03 -25.56 0.81
N PRO A 43 18.88 -25.65 0.06
CA PRO A 43 17.87 -24.59 0.12
C PRO A 43 17.24 -24.49 1.51
N ALA A 44 17.11 -25.62 2.22
CA ALA A 44 16.62 -25.67 3.59
C ALA A 44 17.43 -24.68 4.48
N ILE A 45 18.78 -24.59 4.22
CA ILE A 45 19.66 -23.66 4.94
C ILE A 45 19.46 -22.22 4.40
N ARG A 46 19.33 -22.01 3.07
CA ARG A 46 19.13 -20.66 2.53
C ARG A 46 17.84 -20.07 3.02
N ARG A 47 16.84 -20.94 3.30
CA ARG A 47 15.50 -20.54 3.77
C ARG A 47 15.60 -19.86 5.14
N LEU A 48 16.65 -20.16 5.89
CA LEU A 48 16.84 -19.62 7.22
C LEU A 48 17.04 -18.14 7.24
N GLN A 49 17.56 -17.51 6.14
CA GLN A 49 17.76 -16.06 6.17
C GLN A 49 16.41 -15.29 6.11
N GLN A 50 15.33 -16.01 5.80
CA GLN A 50 14.00 -15.46 5.71
C GLN A 50 13.17 -15.77 6.99
N LYS A 51 13.65 -16.74 7.83
CA LYS A 51 13.02 -17.09 9.10
C LYS A 51 13.65 -16.19 10.19
N THR A 52 12.86 -15.67 11.12
CA THR A 52 13.31 -14.72 12.14
C THR A 52 13.77 -15.35 13.46
N GLN A 53 14.79 -14.71 14.07
CA GLN A 53 15.32 -15.15 15.37
C GLN A 53 14.45 -14.61 16.57
N VAL A 54 14.41 -13.31 16.82
CA VAL A 54 13.55 -12.75 17.89
C VAL A 54 12.69 -11.66 17.23
N PHE A 55 13.38 -10.57 16.76
CA PHE A 55 12.82 -9.36 16.12
C PHE A 55 12.43 -9.58 14.68
N PRO A 56 11.30 -8.97 14.25
CA PRO A 56 10.87 -9.11 12.85
C PRO A 56 11.87 -8.58 11.85
N LEU A 57 11.88 -9.16 10.65
CA LEU A 57 12.80 -8.81 9.58
C LEU A 57 12.48 -7.42 9.01
N GLU A 58 13.42 -6.48 9.16
CA GLU A 58 13.23 -5.08 8.76
C GLU A 58 13.97 -4.74 7.48
N ARG A 59 13.84 -3.47 6.99
CA ARG A 59 14.62 -2.98 5.84
C ARG A 59 15.89 -2.26 6.36
N ASN A 60 16.00 -2.15 7.72
CA ASN A 60 17.08 -1.56 8.56
C ASN A 60 17.83 -2.76 9.26
N ALA A 61 17.57 -3.97 8.72
CA ALA A 61 17.86 -5.29 9.21
C ALA A 61 19.35 -5.67 9.32
N ALA A 62 19.99 -4.98 10.27
CA ALA A 62 21.32 -5.33 10.76
C ALA A 62 21.10 -6.47 11.81
N VAL A 63 19.82 -6.82 12.00
CA VAL A 63 19.25 -7.84 12.88
C VAL A 63 19.64 -9.27 12.47
N ARG A 64 19.62 -10.17 13.43
CA ARG A 64 19.91 -11.57 13.20
C ARG A 64 18.66 -12.31 12.78
N THR A 65 18.87 -13.24 11.85
CA THR A 65 17.86 -14.15 11.34
C THR A 65 18.28 -15.49 11.86
N ARG A 66 17.49 -16.53 11.59
CA ARG A 66 17.81 -17.89 12.03
C ARG A 66 19.13 -18.33 11.42
N LEU A 67 19.44 -17.88 10.18
CA LEU A 67 20.73 -18.20 9.53
C LEU A 67 21.91 -17.56 10.18
N THR A 68 21.88 -16.23 10.39
CA THR A 68 23.01 -15.54 11.03
C THR A 68 23.25 -16.03 12.43
N HIS A 69 22.19 -16.38 13.16
CA HIS A 69 22.35 -16.93 14.48
C HIS A 69 22.98 -18.33 14.38
N SER A 70 22.40 -19.23 13.56
CA SER A 70 22.92 -20.58 13.36
C SER A 70 24.41 -20.57 13.00
N MET A 71 24.84 -19.55 12.24
CA MET A 71 26.21 -19.30 11.78
C MET A 71 27.13 -18.99 12.97
N GLU A 72 26.62 -18.19 13.94
CA GLU A 72 27.31 -17.79 15.15
C GLU A 72 27.41 -18.99 16.09
N VAL A 73 26.37 -19.86 16.15
CA VAL A 73 26.36 -21.08 16.98
C VAL A 73 27.45 -22.03 16.45
N GLN A 74 27.53 -22.17 15.11
CA GLN A 74 28.52 -22.99 14.42
C GLN A 74 29.92 -22.60 14.87
N GLN A 75 30.21 -21.29 14.98
CA GLN A 75 31.50 -20.82 15.50
C GLN A 75 31.76 -21.31 16.95
N VAL A 76 30.76 -21.22 17.85
CA VAL A 76 30.89 -21.67 19.24
C VAL A 76 31.20 -23.16 19.27
N GLY A 77 30.43 -23.92 18.50
CA GLY A 77 30.59 -25.36 18.38
C GLY A 77 31.96 -25.77 17.92
N ARG A 78 32.49 -25.06 16.91
CA ARG A 78 33.83 -25.27 16.38
C ARG A 78 34.84 -25.07 17.56
N TYR A 79 34.78 -23.89 18.22
CA TYR A 79 35.64 -23.57 19.33
C TYR A 79 35.60 -24.67 20.43
N ILE A 80 34.40 -25.17 20.80
CA ILE A 80 34.26 -26.20 21.83
C ILE A 80 34.92 -27.49 21.37
N ALA A 81 34.59 -27.97 20.16
CA ALA A 81 35.17 -29.21 19.61
C ALA A 81 36.68 -29.12 19.51
N LYS A 82 37.19 -27.96 19.02
CA LYS A 82 38.61 -27.70 18.89
C LYS A 82 39.31 -27.74 20.26
N GLU A 83 38.60 -27.28 21.31
CA GLU A 83 39.10 -27.31 22.69
C GLU A 83 39.13 -28.74 23.26
N ILE A 84 38.05 -29.53 23.01
CA ILE A 84 37.94 -30.91 23.48
C ILE A 84 39.10 -31.69 22.92
N LEU A 85 39.43 -31.44 21.66
CA LEU A 85 40.52 -32.15 20.99
C LEU A 85 41.90 -31.70 21.46
N SER A 86 42.09 -30.39 21.70
CA SER A 86 43.36 -29.85 22.19
C SER A 86 43.66 -30.40 23.60
N ARG A 87 42.62 -30.51 24.44
CA ARG A 87 42.72 -31.02 25.79
C ARG A 87 43.00 -32.51 25.76
N LEU A 88 42.23 -33.29 24.99
CA LEU A 88 42.43 -34.74 24.79
C LEU A 88 43.86 -35.08 24.34
N LYS A 89 44.42 -34.23 23.45
CA LYS A 89 45.79 -34.33 22.93
C LYS A 89 46.77 -34.12 24.08
N GLU A 90 46.58 -33.05 24.92
CA GLU A 90 47.44 -32.77 26.09
C GLU A 90 47.36 -33.92 27.10
N LEU A 91 46.18 -34.55 27.22
CA LEU A 91 45.93 -35.70 28.11
C LEU A 91 46.46 -37.03 27.54
N LYS A 92 46.93 -37.02 26.29
CA LYS A 92 47.49 -38.18 25.59
C LYS A 92 46.40 -39.29 25.32
N LEU A 93 45.13 -38.88 25.45
CA LEU A 93 43.98 -39.74 25.24
C LEU A 93 43.47 -39.80 23.80
N LEU A 94 43.92 -38.90 22.91
CA LEU A 94 43.45 -38.83 21.51
C LEU A 94 43.54 -40.15 20.75
N GLU A 95 44.71 -40.81 20.83
CA GLU A 95 44.94 -42.09 20.20
C GLU A 95 44.17 -43.18 20.92
N ALA A 96 44.10 -43.09 22.26
CA ALA A 96 43.42 -44.03 23.13
C ALA A 96 41.92 -44.09 22.91
N TYR A 97 41.32 -42.97 22.45
CA TYR A 97 39.89 -42.88 22.19
C TYR A 97 39.51 -43.06 20.72
N GLY A 98 40.50 -43.34 19.88
CA GLY A 98 40.30 -43.61 18.44
C GLY A 98 40.12 -42.39 17.57
N LEU A 99 40.16 -41.22 18.20
CA LEU A 99 40.01 -39.93 17.55
C LEU A 99 41.23 -39.44 16.74
N ASP A 100 42.38 -40.14 16.83
CA ASP A 100 43.61 -39.71 16.16
C ASP A 100 43.42 -39.50 14.65
N GLU A 101 42.63 -40.35 13.98
CA GLU A 101 42.41 -40.20 12.55
C GLU A 101 41.10 -39.42 12.22
N LEU A 102 40.09 -39.54 13.09
CA LEU A 102 38.78 -38.88 12.95
C LEU A 102 38.73 -37.48 13.57
N THR A 103 39.88 -36.84 13.64
CA THR A 103 40.07 -35.53 14.22
C THR A 103 39.23 -34.42 13.53
N GLY A 104 39.32 -34.36 12.22
CA GLY A 104 38.56 -33.41 11.42
C GLY A 104 37.06 -33.69 11.42
N PRO A 105 36.63 -34.93 11.07
CA PRO A 105 35.19 -35.24 11.11
C PRO A 105 34.55 -34.86 12.44
N PHE A 106 35.29 -35.04 13.56
CA PHE A 106 34.80 -34.66 14.87
C PHE A 106 34.37 -33.16 14.89
N GLU A 107 35.27 -32.23 14.51
CA GLU A 107 34.92 -30.80 14.49
C GLU A 107 33.93 -30.47 13.38
N SER A 108 33.97 -31.20 12.24
CA SER A 108 33.05 -30.96 11.13
C SER A 108 31.59 -31.33 11.49
N ILE A 109 31.38 -32.51 12.11
CA ILE A 109 30.07 -32.98 12.54
C ILE A 109 29.45 -31.97 13.48
N VAL A 110 30.24 -31.51 14.49
CA VAL A 110 29.78 -30.52 15.46
C VAL A 110 29.30 -29.23 14.74
N GLU A 111 30.14 -28.71 13.82
CA GLU A 111 29.86 -27.51 13.04
C GLU A 111 28.56 -27.66 12.24
N MET A 112 28.40 -28.76 11.49
CA MET A 112 27.20 -28.92 10.68
C MET A 112 25.94 -29.20 11.51
N SER A 113 26.09 -29.85 12.68
CA SER A 113 24.96 -30.10 13.57
C SER A 113 24.48 -28.78 14.15
N CYS A 114 25.40 -27.83 14.31
CA CYS A 114 25.10 -26.48 14.79
C CYS A 114 24.33 -25.71 13.74
N LEU A 115 24.82 -25.73 12.50
CA LEU A 115 24.17 -25.04 11.41
C LEU A 115 22.73 -25.58 11.19
N MET A 116 22.57 -26.92 11.29
CA MET A 116 21.28 -27.58 11.10
C MET A 116 20.36 -27.57 12.34
N HIS A 117 20.83 -27.14 13.51
CA HIS A 117 20.05 -27.22 14.77
C HIS A 117 18.73 -26.44 14.75
N ASP A 118 18.44 -25.64 13.73
CA ASP A 118 17.20 -24.83 13.68
C ASP A 118 16.56 -25.01 12.32
N ILE A 119 16.89 -26.11 11.65
CA ILE A 119 16.47 -26.37 10.26
C ILE A 119 14.99 -26.74 10.19
N GLY A 120 14.45 -27.44 11.19
CA GLY A 120 13.05 -27.88 11.15
C GLY A 120 12.10 -26.99 11.91
N ASN A 121 12.58 -25.87 12.43
CA ASN A 121 11.72 -24.95 13.21
C ASN A 121 10.67 -24.40 12.23
N PRO A 122 9.40 -24.24 12.60
CA PRO A 122 8.40 -23.78 11.66
C PRO A 122 8.37 -22.26 11.50
N PRO A 123 7.60 -21.65 10.58
CA PRO A 123 7.54 -20.18 10.57
C PRO A 123 7.00 -19.77 11.95
N PHE A 124 7.46 -18.70 12.53
CA PHE A 124 7.06 -18.14 13.84
C PHE A 124 7.48 -18.96 15.07
N GLY A 125 8.40 -19.94 14.89
CA GLY A 125 9.10 -20.66 15.96
C GLY A 125 8.23 -21.31 17.00
N HIS A 126 8.36 -20.89 18.24
CA HIS A 126 7.59 -21.38 19.42
C HIS A 126 6.08 -21.18 19.26
N PHE A 127 5.65 -20.27 18.37
CA PHE A 127 4.24 -19.86 18.14
C PHE A 127 3.75 -20.49 16.84
N GLY A 128 4.67 -20.97 16.04
CA GLY A 128 4.29 -21.75 14.87
C GLY A 128 4.01 -23.18 15.34
N GLU A 129 4.90 -23.70 16.28
CA GLU A 129 4.80 -24.98 16.97
C GLU A 129 3.46 -25.01 17.69
N ALA A 130 3.23 -23.97 18.54
CA ALA A 130 2.03 -23.76 19.31
C ALA A 130 0.79 -23.92 18.43
N ALA A 131 0.70 -23.09 17.39
CA ALA A 131 -0.41 -23.07 16.45
C ALA A 131 -0.72 -24.44 15.85
N ILE A 132 0.32 -25.16 15.33
CA ILE A 132 0.19 -26.51 14.72
C ILE A 132 -0.41 -27.49 15.71
N ASN A 133 0.23 -27.63 16.88
CA ASN A 133 -0.18 -28.56 17.92
C ASN A 133 -1.56 -28.27 18.44
N ASP A 134 -1.86 -26.98 18.65
CA ASP A 134 -3.17 -26.59 19.15
C ASP A 134 -4.24 -26.88 18.14
N TRP A 135 -3.97 -26.63 16.84
CA TRP A 135 -4.93 -26.89 15.78
C TRP A 135 -5.22 -28.37 15.61
N PHE A 136 -4.17 -29.19 15.64
CA PHE A 136 -4.28 -30.64 15.51
C PHE A 136 -4.90 -31.27 16.72
N ARG A 137 -4.66 -30.65 17.90
CA ARG A 137 -5.20 -31.10 19.18
C ARG A 137 -6.72 -30.99 19.15
N GLN A 138 -7.22 -29.86 18.61
CA GLN A 138 -8.66 -29.63 18.54
C GLN A 138 -9.33 -30.51 17.48
N ARG A 139 -8.56 -31.13 16.55
CA ARG A 139 -9.15 -32.04 15.54
C ARG A 139 -9.19 -33.45 16.09
N LEU A 140 -8.04 -34.00 16.45
CA LEU A 140 -7.92 -35.37 16.99
C LEU A 140 -7.46 -35.30 18.44
N HIS A 141 -8.38 -35.18 19.40
CA HIS A 141 -8.06 -35.03 20.83
C HIS A 141 -7.21 -36.17 21.40
N PRO A 142 -5.90 -35.94 21.65
CA PRO A 142 -5.05 -37.06 22.14
C PRO A 142 -5.23 -37.37 23.62
N GLU A 143 -5.89 -36.46 24.35
CA GLU A 143 -6.24 -36.55 25.77
C GLU A 143 -7.09 -37.81 26.01
N ASP A 144 -7.99 -38.12 25.05
CA ASP A 144 -8.95 -39.23 25.08
C ASP A 144 -8.36 -40.61 24.86
N ALA A 145 -7.20 -40.70 24.16
CA ALA A 145 -6.60 -41.99 23.85
C ALA A 145 -5.74 -42.60 24.96
N GLU A 146 -5.39 -41.82 26.00
CA GLU A 146 -4.56 -42.32 27.10
C GLU A 146 -5.23 -43.47 27.87
N SER A 147 -6.53 -43.38 28.10
CA SER A 147 -7.34 -44.37 28.79
C SER A 147 -7.92 -45.45 27.84
N GLN A 148 -8.99 -46.17 28.30
CA GLN A 148 -9.77 -47.18 27.59
C GLN A 148 -10.67 -46.49 26.49
N PRO A 149 -11.06 -47.16 25.36
CA PRO A 149 -11.91 -46.48 24.36
C PRO A 149 -13.18 -45.84 24.90
N LEU A 150 -13.16 -44.50 25.08
CA LEU A 150 -14.32 -43.77 25.57
C LEU A 150 -15.38 -43.57 24.51
N THR A 151 -16.64 -43.59 24.97
CA THR A 151 -17.85 -43.45 24.15
C THR A 151 -17.88 -42.08 23.52
N ASP A 152 -17.63 -41.00 24.31
CA ASP A 152 -17.52 -39.63 23.80
C ASP A 152 -16.05 -39.28 23.50
N ASP A 153 -15.52 -39.99 22.51
CA ASP A 153 -14.17 -39.76 22.01
C ASP A 153 -14.29 -38.55 21.11
N ARG A 154 -13.86 -37.40 21.64
CA ARG A 154 -13.91 -36.08 20.99
C ARG A 154 -13.23 -35.98 19.62
N CYS A 155 -12.28 -36.90 19.31
CA CYS A 155 -11.54 -36.97 18.05
C CYS A 155 -12.51 -36.98 16.86
N SER A 156 -12.36 -35.99 15.97
CA SER A 156 -13.21 -35.82 14.78
C SER A 156 -12.94 -36.84 13.67
N VAL A 157 -11.70 -37.34 13.57
CA VAL A 157 -11.28 -38.33 12.57
C VAL A 157 -11.86 -39.69 12.89
N ALA A 158 -12.88 -40.10 12.13
CA ALA A 158 -13.63 -41.36 12.32
C ALA A 158 -12.75 -42.62 12.42
N ALA A 159 -11.70 -42.68 11.59
CA ALA A 159 -10.78 -43.81 11.55
C ALA A 159 -9.94 -43.93 12.81
N LEU A 160 -9.50 -42.76 13.36
CA LEU A 160 -8.64 -42.62 14.54
C LEU A 160 -9.34 -42.69 15.91
N ARG A 161 -10.69 -42.69 15.94
CA ARG A 161 -11.48 -42.82 17.18
C ARG A 161 -11.26 -44.24 17.71
N LEU A 162 -10.96 -44.38 19.01
CA LEU A 162 -10.72 -45.67 19.66
C LEU A 162 -11.97 -46.58 19.64
N ARG A 163 -11.89 -47.71 18.87
CA ARG A 163 -13.00 -48.64 18.79
C ARG A 163 -12.99 -49.56 20.00
N ASP A 164 -14.16 -49.48 20.66
CA ASP A 164 -14.70 -50.00 21.92
C ASP A 164 -14.25 -51.42 22.32
N GLY A 165 -13.18 -51.45 23.13
CA GLY A 165 -12.53 -52.63 23.70
C GLY A 165 -12.18 -53.75 22.75
N GLU A 166 -12.35 -53.49 21.45
CA GLU A 166 -12.17 -54.41 20.34
C GLU A 166 -10.75 -54.64 19.83
N GLU A 167 -9.84 -53.65 19.95
CA GLU A 167 -8.63 -53.73 19.16
C GLU A 167 -7.25 -53.37 19.78
N PRO A 168 -6.14 -54.06 19.33
CA PRO A 168 -4.78 -53.62 19.72
C PRO A 168 -4.32 -52.56 18.69
N LEU A 169 -5.12 -52.43 17.58
CA LEU A 169 -5.10 -51.47 16.49
C LEU A 169 -5.30 -50.08 17.11
N ASN A 170 -5.95 -50.03 18.28
CA ASN A 170 -6.19 -48.84 19.10
C ASN A 170 -4.87 -48.22 19.54
N GLU A 171 -3.82 -49.05 19.69
CA GLU A 171 -2.49 -48.56 20.08
C GLU A 171 -1.89 -47.72 18.95
N LEU A 172 -2.18 -48.08 17.68
CA LEU A 172 -1.70 -47.28 16.56
C LEU A 172 -2.40 -45.92 16.59
N ARG A 173 -3.73 -45.92 16.88
CA ARG A 173 -4.55 -44.71 16.98
C ARG A 173 -3.96 -43.76 18.05
N ARG A 174 -3.60 -44.31 19.24
CA ARG A 174 -2.99 -43.59 20.37
C ARG A 174 -1.71 -42.92 19.91
N LYS A 175 -0.81 -43.72 19.31
CA LYS A 175 0.49 -43.27 18.78
C LYS A 175 0.27 -42.16 17.70
N ILE A 176 -0.62 -42.40 16.70
CA ILE A 176 -0.92 -41.43 15.64
C ILE A 176 -1.49 -40.12 16.22
N ARG A 177 -2.50 -40.21 17.09
CA ARG A 177 -3.10 -39.04 17.73
C ARG A 177 -2.11 -38.21 18.53
N GLN A 178 -1.22 -38.85 19.30
CA GLN A 178 -0.25 -38.12 20.12
C GLN A 178 0.85 -37.52 19.24
N ASP A 179 1.40 -38.32 18.32
CA ASP A 179 2.49 -37.91 17.44
C ASP A 179 2.14 -36.66 16.62
N LEU A 180 0.89 -36.61 16.09
CA LEU A 180 0.42 -35.49 15.28
C LEU A 180 0.21 -34.21 16.07
N CYS A 181 0.01 -34.34 17.39
CA CYS A 181 -0.15 -33.19 18.28
C CYS A 181 1.15 -32.82 18.96
N HIS A 182 2.22 -33.49 18.57
CA HIS A 182 3.54 -33.24 19.13
C HIS A 182 4.55 -32.86 18.07
N PHE A 183 4.21 -31.85 17.31
CA PHE A 183 5.11 -31.31 16.34
C PHE A 183 6.24 -30.63 17.16
N GLU A 184 7.48 -30.86 16.74
CA GLU A 184 8.66 -30.26 17.36
C GLU A 184 9.71 -30.07 16.28
N GLY A 185 10.22 -28.85 16.18
CA GLY A 185 11.26 -28.51 15.20
C GLY A 185 12.40 -29.51 15.12
N ASN A 186 12.88 -30.03 16.28
CA ASN A 186 13.96 -31.02 16.38
C ASN A 186 13.59 -32.29 15.59
N ALA A 187 12.38 -32.79 15.79
CA ALA A 187 11.90 -34.01 15.15
C ALA A 187 11.70 -33.78 13.66
N GLN A 188 11.20 -32.54 13.32
CA GLN A 188 10.93 -32.09 11.95
C GLN A 188 12.23 -31.97 11.18
N GLY A 189 13.28 -31.62 11.87
CA GLY A 189 14.62 -31.55 11.32
C GLY A 189 15.08 -32.91 10.82
N ILE A 190 14.87 -34.00 11.63
CA ILE A 190 15.23 -35.39 11.26
C ILE A 190 14.40 -35.82 10.06
N ARG A 191 13.09 -35.48 10.08
CA ARG A 191 12.14 -35.77 8.99
C ARG A 191 12.60 -35.11 7.73
N LEU A 192 12.96 -33.86 7.85
CA LEU A 192 13.42 -33.02 6.79
C LEU A 192 14.72 -33.49 6.19
N VAL A 193 15.74 -33.82 6.99
CA VAL A 193 17.03 -34.27 6.44
C VAL A 193 16.93 -35.62 5.79
N HIS A 194 16.03 -36.49 6.30
CA HIS A 194 15.87 -37.82 5.75
C HIS A 194 14.83 -37.92 4.62
N THR A 195 13.54 -37.86 4.97
CA THR A 195 12.41 -38.08 4.07
C THR A 195 12.16 -36.96 3.10
N LEU A 196 12.34 -35.71 3.50
CA LEU A 196 11.99 -34.59 2.66
C LEU A 196 13.12 -34.07 1.77
N MET A 197 14.23 -33.60 2.34
CA MET A 197 15.37 -33.04 1.59
C MET A 197 16.17 -34.15 0.89
N ARG A 198 16.05 -35.42 1.38
CA ARG A 198 16.73 -36.61 0.86
C ARG A 198 18.25 -36.31 0.65
N MET A 199 18.85 -35.67 1.69
CA MET A 199 20.24 -35.22 1.72
C MET A 199 21.25 -36.34 1.72
N ASN A 200 20.88 -37.56 2.18
CA ASN A 200 21.75 -38.75 2.26
C ASN A 200 23.06 -38.46 3.00
N LEU A 201 22.92 -37.83 4.17
CA LEU A 201 24.06 -37.54 5.02
C LEU A 201 24.65 -38.85 5.66
N THR A 202 25.83 -38.74 6.30
CA THR A 202 26.46 -39.89 6.97
C THR A 202 25.69 -40.13 8.25
N TRP A 203 25.70 -41.38 8.74
CA TRP A 203 25.03 -41.73 9.98
C TRP A 203 25.48 -40.81 11.13
N ALA A 204 26.78 -40.57 11.23
CA ALA A 204 27.37 -39.69 12.24
C ALA A 204 26.82 -38.27 12.15
N GLN A 205 26.60 -37.77 10.93
CA GLN A 205 26.09 -36.43 10.74
C GLN A 205 24.63 -36.27 11.21
N VAL A 206 23.81 -37.30 10.93
CA VAL A 206 22.41 -37.36 11.32
C VAL A 206 22.33 -37.50 12.86
N GLY A 207 23.22 -38.30 13.44
CA GLY A 207 23.28 -38.50 14.87
C GLY A 207 23.43 -37.21 15.64
N GLY A 208 24.27 -36.32 15.12
CA GLY A 208 24.51 -35.01 15.70
C GLY A 208 23.29 -34.09 15.76
N ILE A 209 22.25 -34.32 14.92
CA ILE A 209 21.08 -33.44 14.94
C ILE A 209 19.91 -34.08 15.71
N LEU A 210 20.14 -35.27 16.31
CA LEU A 210 19.13 -35.92 17.16
C LEU A 210 19.46 -35.47 18.59
N LYS A 211 18.89 -34.29 18.99
CA LYS A 211 19.11 -33.62 20.28
C LYS A 211 18.28 -34.23 21.39
N TYR A 212 17.10 -34.78 21.06
CA TYR A 212 16.26 -35.44 22.06
C TYR A 212 15.97 -36.86 21.63
N THR A 213 15.66 -37.73 22.57
CA THR A 213 15.44 -39.15 22.26
C THR A 213 14.01 -39.62 22.50
N ARG A 214 13.14 -38.68 22.90
CA ARG A 214 11.76 -39.02 23.16
C ARG A 214 11.00 -39.16 21.83
N PRO A 215 10.29 -40.30 21.65
CA PRO A 215 9.43 -40.45 20.45
C PRO A 215 8.27 -39.48 20.60
N ALA A 216 7.83 -38.80 19.52
CA ALA A 216 6.74 -37.81 19.63
C ALA A 216 5.43 -38.35 20.22
N TRP A 217 5.09 -39.59 19.82
CA TRP A 217 3.93 -40.33 20.27
C TRP A 217 3.92 -40.73 21.74
N TRP A 218 5.06 -40.61 22.44
CA TRP A 218 5.22 -40.92 23.86
C TRP A 218 4.14 -40.27 24.66
N ARG A 219 3.50 -41.07 25.53
CA ARG A 219 2.39 -40.60 26.35
C ARG A 219 2.69 -40.56 27.84
N GLY A 220 3.49 -41.50 28.31
CA GLY A 220 3.83 -41.54 29.73
C GLY A 220 4.69 -40.40 30.21
N GLU A 221 5.23 -40.59 31.43
CA GLU A 221 6.20 -39.72 32.03
C GLU A 221 7.56 -40.43 31.79
N THR A 222 8.50 -39.72 31.11
CA THR A 222 9.84 -40.20 30.75
C THR A 222 10.58 -40.85 31.93
N PRO A 223 11.34 -41.96 31.73
CA PRO A 223 12.05 -42.58 32.86
C PRO A 223 13.13 -41.70 33.47
N GLU A 224 13.23 -41.69 34.82
CA GLU A 224 14.18 -40.93 35.64
C GLU A 224 15.63 -40.97 35.08
N THR A 225 16.05 -42.15 34.58
CA THR A 225 17.34 -42.50 33.98
C THR A 225 17.65 -41.61 32.77
N HIS A 226 16.62 -41.32 31.93
CA HIS A 226 16.74 -40.53 30.71
C HIS A 226 15.77 -39.33 30.71
N HIS A 227 15.39 -38.85 31.90
CA HIS A 227 14.45 -37.73 32.11
C HIS A 227 14.81 -36.50 31.32
N TYR A 228 16.10 -36.20 31.21
CA TYR A 228 16.65 -35.03 30.52
C TYR A 228 16.72 -35.18 29.04
N LEU A 229 17.28 -36.31 28.56
CA LEU A 229 17.43 -36.59 27.12
C LEU A 229 16.06 -36.69 26.43
N MET A 230 15.02 -37.09 27.17
CA MET A 230 13.65 -37.23 26.69
C MET A 230 12.75 -35.99 27.03
N LYS A 231 13.40 -34.84 27.33
CA LYS A 231 12.80 -33.52 27.67
C LYS A 231 11.68 -33.10 26.66
N LYS A 232 12.01 -33.13 25.37
CA LYS A 232 11.13 -32.76 24.26
C LYS A 232 11.11 -33.95 23.26
N PRO A 233 10.18 -34.00 22.26
CA PRO A 233 10.22 -35.11 21.28
C PRO A 233 11.36 -34.91 20.29
N GLY A 234 12.11 -35.97 20.08
CA GLY A 234 13.26 -35.95 19.17
C GLY A 234 13.03 -36.51 17.77
N TYR A 235 12.00 -37.34 17.59
CA TYR A 235 11.67 -37.95 16.30
C TYR A 235 10.20 -38.40 16.21
N TYR A 236 9.63 -38.40 14.97
CA TYR A 236 8.24 -38.83 14.76
C TYR A 236 8.08 -40.33 14.52
N LEU A 237 6.82 -40.79 14.56
CA LEU A 237 6.37 -42.16 14.30
C LEU A 237 6.75 -42.58 12.87
N SER A 238 6.80 -41.61 11.93
CA SER A 238 7.18 -41.85 10.54
C SER A 238 8.67 -42.18 10.44
N GLU A 239 9.49 -41.52 11.24
CA GLU A 239 10.94 -41.73 11.26
C GLU A 239 11.38 -42.86 12.20
N GLU A 240 10.41 -43.58 12.85
CA GLU A 240 10.68 -44.62 13.84
C GLU A 240 11.71 -45.62 13.36
N ALA A 241 11.53 -46.12 12.13
CA ALA A 241 12.38 -47.10 11.50
C ALA A 241 13.76 -46.57 11.20
N TYR A 242 13.84 -45.30 10.74
CA TYR A 242 15.08 -44.60 10.38
C TYR A 242 15.97 -44.49 11.59
N ILE A 243 15.42 -43.94 12.69
CA ILE A 243 16.08 -43.80 13.98
C ILE A 243 16.52 -45.15 14.49
N ALA A 244 15.66 -46.20 14.32
CA ALA A 244 16.03 -47.55 14.71
C ALA A 244 17.30 -48.03 13.98
N ARG A 245 17.51 -47.61 12.70
CA ARG A 245 18.74 -47.98 11.99
C ARG A 245 19.89 -47.13 12.44
N LEU A 246 19.66 -45.81 12.60
CA LEU A 246 20.63 -44.83 13.08
C LEU A 246 21.21 -45.31 14.41
N ARG A 247 20.34 -45.78 15.33
CA ARG A 247 20.74 -46.34 16.63
C ARG A 247 21.69 -47.51 16.44
N LYS A 248 21.37 -48.40 15.49
CA LYS A 248 22.19 -49.58 15.17
C LYS A 248 23.56 -49.15 14.63
N GLU A 249 23.54 -48.24 13.65
CA GLU A 249 24.72 -47.71 12.95
C GLU A 249 25.65 -46.91 13.88
N LEU A 250 25.09 -46.24 14.89
CA LEU A 250 25.93 -45.44 15.79
C LEU A 250 26.14 -46.10 17.15
N ASN A 251 25.79 -47.41 17.27
CA ASN A 251 25.91 -48.21 18.49
C ASN A 251 25.33 -47.49 19.70
N LEU A 252 24.11 -46.94 19.53
CA LEU A 252 23.34 -46.20 20.52
C LEU A 252 22.29 -47.09 21.14
N ALA A 253 22.23 -47.03 22.47
CA ALA A 253 21.24 -47.76 23.25
C ALA A 253 19.86 -47.11 23.00
N LEU A 254 18.76 -47.74 23.40
CA LEU A 254 17.45 -47.13 23.22
C LEU A 254 17.33 -45.87 24.11
N TYR A 255 16.93 -44.76 23.46
CA TYR A 255 16.80 -43.44 24.06
C TYR A 255 18.15 -42.84 24.49
N SER A 256 19.25 -43.32 23.88
CA SER A 256 20.58 -42.78 24.11
C SER A 256 20.89 -41.76 23.01
N ARG A 257 21.67 -40.73 23.35
CA ARG A 257 22.05 -39.63 22.46
C ARG A 257 23.46 -39.84 21.82
N PHE A 258 23.67 -39.21 20.63
CA PHE A 258 24.97 -39.29 19.97
C PHE A 258 25.99 -38.46 20.77
N PRO A 259 27.19 -39.00 21.07
CA PRO A 259 28.14 -38.27 21.90
C PRO A 259 28.39 -36.80 21.56
N LEU A 260 28.49 -36.47 20.28
CA LEU A 260 28.79 -35.12 19.83
C LEU A 260 27.67 -34.10 20.04
N THR A 261 26.41 -34.56 20.20
CA THR A 261 25.25 -33.69 20.40
C THR A 261 25.39 -32.80 21.63
N TRP A 262 26.01 -33.32 22.69
CA TRP A 262 26.26 -32.56 23.91
C TRP A 262 27.04 -31.28 23.64
N ILE A 263 27.91 -31.30 22.59
CA ILE A 263 28.73 -30.15 22.17
C ILE A 263 27.85 -29.12 21.46
N MET A 264 27.08 -29.56 20.45
CA MET A 264 26.20 -28.66 19.70
C MET A 264 25.22 -28.00 20.67
N GLU A 265 24.72 -28.76 21.65
CA GLU A 265 23.80 -28.30 22.66
C GLU A 265 24.43 -27.20 23.50
N ALA A 266 25.65 -27.45 24.01
CA ALA A 266 26.42 -26.51 24.83
C ALA A 266 26.66 -25.21 24.05
N ALA A 267 26.95 -25.34 22.71
CA ALA A 267 27.22 -24.24 21.80
C ALA A 267 26.00 -23.38 21.66
N ASP A 268 24.85 -24.04 21.59
CA ASP A 268 23.54 -23.42 21.47
C ASP A 268 23.17 -22.66 22.75
N ASP A 269 23.47 -23.27 23.90
CA ASP A 269 23.24 -22.71 25.25
C ASP A 269 24.00 -21.39 25.46
N ILE A 270 25.25 -21.32 24.98
CA ILE A 270 26.09 -20.14 25.07
C ILE A 270 25.55 -18.99 24.20
N SER A 271 25.20 -19.31 22.93
CA SER A 271 24.72 -18.36 21.92
C SER A 271 23.35 -17.74 22.18
N TYR A 272 22.50 -18.48 22.92
CA TYR A 272 21.11 -18.20 23.26
C TYR A 272 20.66 -16.71 23.27
N CYS A 273 21.16 -15.88 24.22
CA CYS A 273 20.69 -14.51 24.43
C CYS A 273 21.58 -13.42 24.01
N VAL A 274 22.88 -13.54 24.32
CA VAL A 274 23.87 -12.49 24.06
C VAL A 274 23.66 -11.79 22.72
N ALA A 275 23.34 -12.56 21.69
CA ALA A 275 23.04 -12.11 20.34
C ALA A 275 21.86 -11.08 20.32
N ASP A 276 20.75 -11.44 21.00
CA ASP A 276 19.47 -10.74 21.08
C ASP A 276 19.52 -9.47 21.93
N LEU A 277 20.45 -9.40 22.91
CA LEU A 277 20.63 -8.20 23.72
C LEU A 277 21.31 -7.16 22.82
N GLU A 278 22.28 -7.61 21.98
CA GLU A 278 23.04 -6.82 20.99
C GLU A 278 22.07 -6.22 19.97
N ASP A 279 21.05 -7.01 19.59
CA ASP A 279 20.01 -6.60 18.66
C ASP A 279 19.00 -5.67 19.33
N ALA A 280 18.79 -5.81 20.65
CA ALA A 280 17.86 -4.94 21.37
C ALA A 280 18.42 -3.52 21.44
N VAL A 281 19.75 -3.37 21.61
CA VAL A 281 20.43 -2.08 21.63
C VAL A 281 20.39 -1.44 20.24
N GLU A 282 20.53 -2.27 19.20
CA GLU A 282 20.47 -1.90 17.78
C GLU A 282 19.08 -1.37 17.47
N LYS A 283 18.03 -2.15 17.83
CA LYS A 283 16.62 -1.78 17.64
C LYS A 283 16.17 -0.61 18.59
N ARG A 284 17.09 -0.21 19.49
CA ARG A 284 17.02 0.90 20.46
C ARG A 284 15.98 0.69 21.59
N ILE A 285 15.86 -0.56 22.12
CA ILE A 285 15.00 -0.87 23.27
C ILE A 285 15.63 -0.26 24.55
N PHE A 286 16.96 -0.23 24.58
CA PHE A 286 17.77 0.35 25.64
C PHE A 286 19.17 0.67 25.10
N THR A 287 19.94 1.44 25.86
CA THR A 287 21.32 1.81 25.52
C THR A 287 22.26 0.79 26.12
N VAL A 288 23.53 0.75 25.66
CA VAL A 288 24.53 -0.18 26.22
C VAL A 288 24.65 0.03 27.75
N GLU A 289 24.53 1.31 28.19
CA GLU A 289 24.58 1.76 29.58
C GLU A 289 23.42 1.15 30.38
N GLN A 290 22.17 1.30 29.85
CA GLN A 290 20.91 0.80 30.43
C GLN A 290 21.01 -0.72 30.65
N LEU A 291 21.59 -1.42 29.65
CA LEU A 291 21.80 -2.86 29.68
C LEU A 291 22.79 -3.26 30.77
N TYR A 292 23.94 -2.57 30.83
CA TYR A 292 24.97 -2.81 31.84
C TYR A 292 24.35 -2.75 33.23
N HIS A 293 23.37 -1.86 33.40
CA HIS A 293 22.66 -1.68 34.64
C HIS A 293 21.76 -2.87 34.98
N HIS A 294 20.98 -3.38 33.99
CA HIS A 294 20.09 -4.52 34.22
C HIS A 294 20.83 -5.80 34.53
N LEU A 295 22.03 -5.95 33.94
CA LEU A 295 22.89 -7.10 34.19
C LEU A 295 23.37 -7.03 35.67
N HIS A 296 23.71 -5.81 36.13
CA HIS A 296 24.11 -5.57 37.49
C HIS A 296 22.96 -5.87 38.43
N PHE A 308 31.55 -12.66 37.08
CA PHE A 308 30.68 -11.52 36.74
C PHE A 308 31.53 -10.30 36.40
N SER A 309 32.42 -9.92 37.32
CA SER A 309 33.32 -8.77 37.15
C SER A 309 34.26 -9.09 35.98
N LEU A 310 34.75 -10.34 35.98
CA LEU A 310 35.65 -10.88 34.99
C LEU A 310 35.11 -10.84 33.56
N VAL A 311 33.78 -11.03 33.38
CA VAL A 311 33.19 -11.06 32.03
C VAL A 311 32.47 -9.75 31.66
N VAL A 312 31.42 -9.35 32.41
CA VAL A 312 30.60 -8.18 32.09
C VAL A 312 31.35 -6.85 32.37
N GLU A 313 31.80 -6.61 33.64
CA GLU A 313 32.50 -5.38 34.02
C GLU A 313 33.67 -5.08 33.08
N ASN A 314 34.55 -6.08 32.91
CA ASN A 314 35.74 -6.06 32.05
C ASN A 314 35.43 -5.56 30.62
N ALA A 315 34.36 -6.11 30.00
CA ALA A 315 33.91 -5.76 28.65
C ALA A 315 33.39 -4.32 28.57
N TRP A 316 32.76 -3.82 29.67
CA TRP A 316 32.23 -2.46 29.75
C TRP A 316 33.33 -1.42 29.71
N GLU A 317 34.45 -1.74 30.40
CA GLU A 317 35.64 -0.91 30.50
C GLU A 317 36.32 -0.68 29.14
N LYS A 318 36.43 -1.75 28.33
CA LYS A 318 36.99 -1.71 26.99
C LYS A 318 36.06 -0.86 26.10
N THR A 328 31.73 2.23 20.96
CA THR A 328 31.20 1.78 22.25
C THR A 328 30.23 0.64 22.07
N GLU A 329 29.24 0.82 21.20
CA GLU A 329 28.19 -0.17 20.98
C GLU A 329 28.74 -1.54 20.59
N ASP A 330 29.36 -1.64 19.40
CA ASP A 330 29.94 -2.88 18.86
C ASP A 330 31.10 -3.40 19.73
N GLN A 331 31.93 -2.47 20.25
CA GLN A 331 33.08 -2.79 21.08
C GLN A 331 32.68 -3.48 22.37
N PHE A 332 31.53 -3.08 22.99
CA PHE A 332 31.06 -3.72 24.23
C PHE A 332 30.64 -5.17 23.98
N PHE A 333 29.83 -5.38 22.93
CA PHE A 333 29.35 -6.69 22.60
C PHE A 333 30.44 -7.61 22.08
N MET A 334 31.41 -7.07 21.30
CA MET A 334 32.57 -7.83 20.79
C MET A 334 33.35 -8.41 21.97
N TYR A 335 33.53 -7.61 23.01
CA TYR A 335 34.30 -8.02 24.15
C TYR A 335 33.46 -8.73 25.21
N LEU A 336 32.13 -8.61 25.15
CA LEU A 336 31.29 -9.37 26.07
C LEU A 336 31.32 -10.83 25.61
N ARG A 337 31.08 -11.06 24.30
CA ARG A 337 31.12 -12.34 23.60
C ARG A 337 32.45 -13.04 23.87
N VAL A 338 33.57 -12.38 23.56
CA VAL A 338 34.93 -12.88 23.77
C VAL A 338 35.11 -13.41 25.20
N ASN A 339 34.92 -12.55 26.19
CA ASN A 339 35.06 -12.89 27.61
C ASN A 339 34.20 -14.10 27.99
N THR A 340 32.90 -14.07 27.62
CA THR A 340 31.93 -15.16 27.87
C THR A 340 32.49 -16.48 27.33
N LEU A 341 32.85 -16.50 26.04
CA LEU A 341 33.40 -17.67 25.36
C LEU A 341 34.67 -18.18 26.01
N ASN A 342 35.63 -17.28 26.24
CA ASN A 342 36.93 -17.62 26.84
C ASN A 342 36.81 -18.25 28.22
N LYS A 343 35.67 -18.04 28.89
CA LYS A 343 35.45 -18.65 30.20
C LYS A 343 34.61 -19.93 30.06
N LEU A 344 33.52 -19.88 29.27
CA LEU A 344 32.59 -20.99 29.10
C LEU A 344 33.07 -22.12 28.19
N VAL A 345 33.66 -21.80 27.00
CA VAL A 345 34.17 -22.82 26.06
C VAL A 345 35.12 -23.84 26.76
N PRO A 346 36.15 -23.40 27.54
CA PRO A 346 37.01 -24.38 28.20
C PRO A 346 36.25 -25.22 29.21
N TYR A 347 35.29 -24.61 29.93
CA TYR A 347 34.47 -25.31 30.90
C TYR A 347 33.67 -26.46 30.25
N ALA A 348 32.99 -26.16 29.14
CA ALA A 348 32.19 -27.14 28.40
C ALA A 348 33.08 -28.26 27.93
N ALA A 349 34.27 -27.90 27.36
CA ALA A 349 35.27 -28.86 26.87
C ALA A 349 35.71 -29.80 27.97
N GLN A 350 35.96 -29.25 29.17
CA GLN A 350 36.38 -29.99 30.35
C GLN A 350 35.26 -30.89 30.82
N ARG A 351 34.04 -30.35 30.98
CA ARG A 351 32.87 -31.11 31.38
C ARG A 351 32.71 -32.36 30.52
N PHE A 352 32.80 -32.18 29.17
CA PHE A 352 32.70 -33.23 28.16
C PHE A 352 33.74 -34.33 28.38
N ILE A 353 35.00 -33.96 28.56
CA ILE A 353 36.05 -34.94 28.77
C ILE A 353 35.83 -35.66 30.10
N ASP A 354 35.52 -34.90 31.15
CA ASP A 354 35.30 -35.41 32.51
C ASP A 354 34.16 -36.46 32.55
N ASN A 355 33.09 -36.23 31.79
CA ASN A 355 31.96 -37.14 31.77
C ASN A 355 31.90 -37.99 30.52
N LEU A 356 33.05 -38.07 29.78
CA LEU A 356 33.12 -38.82 28.54
C LEU A 356 32.57 -40.24 28.62
N PRO A 357 32.75 -41.06 29.69
CA PRO A 357 32.13 -42.41 29.71
C PRO A 357 30.63 -42.43 29.45
N ALA A 358 29.88 -41.62 30.24
CA ALA A 358 28.42 -41.53 30.14
C ALA A 358 28.01 -40.87 28.84
N ILE A 359 28.72 -39.78 28.44
CA ILE A 359 28.48 -39.02 27.22
C ILE A 359 28.66 -39.94 26.02
N PHE A 360 29.68 -40.83 26.08
CA PHE A 360 29.99 -41.79 25.04
C PHE A 360 28.89 -42.83 24.93
N ALA A 361 28.50 -43.42 26.07
CA ALA A 361 27.40 -44.38 26.10
C ALA A 361 26.07 -43.74 25.56
N GLY A 362 25.95 -42.41 25.70
CA GLY A 362 24.79 -41.62 25.29
C GLY A 362 23.74 -41.56 26.39
N THR A 363 24.09 -42.08 27.59
CA THR A 363 23.21 -42.18 28.75
C THR A 363 23.27 -41.00 29.72
N PHE A 364 24.32 -40.12 29.63
CA PHE A 364 24.56 -38.95 30.50
C PHE A 364 23.31 -38.07 30.60
N ASN A 365 22.75 -37.93 31.82
CA ASN A 365 21.45 -37.25 31.95
C ASN A 365 21.54 -35.76 32.36
N HIS A 366 22.51 -35.02 31.81
CA HIS A 366 22.69 -33.59 32.06
C HIS A 366 23.26 -32.90 30.83
N ALA A 367 23.31 -31.56 30.84
CA ALA A 367 23.93 -30.78 29.76
C ALA A 367 25.34 -30.46 30.22
N LEU A 368 26.20 -30.01 29.29
CA LEU A 368 27.57 -29.67 29.66
C LEU A 368 27.61 -28.48 30.62
N LEU A 369 26.73 -27.52 30.45
CA LEU A 369 26.63 -26.41 31.38
C LEU A 369 25.26 -26.58 32.08
N GLU A 370 25.28 -27.19 33.28
CA GLU A 370 24.08 -27.43 34.08
C GLU A 370 24.19 -26.58 35.35
N SER A 376 27.39 -21.39 34.47
CA SER A 376 26.00 -21.55 34.03
C SER A 376 25.20 -20.32 34.45
N ASP A 377 25.50 -19.83 35.64
CA ASP A 377 24.83 -18.65 36.20
C ASP A 377 25.03 -17.38 35.36
N LEU A 378 26.18 -17.25 34.65
CA LEU A 378 26.43 -16.10 33.79
C LEU A 378 25.43 -16.08 32.64
N LEU A 379 25.16 -17.25 32.06
CA LEU A 379 24.22 -17.42 30.96
C LEU A 379 22.81 -17.16 31.45
N LYS A 380 22.46 -17.71 32.65
CA LYS A 380 21.14 -17.53 33.27
C LYS A 380 20.84 -16.05 33.47
N LEU A 381 21.89 -15.24 33.73
CA LEU A 381 21.85 -13.79 33.89
C LEU A 381 21.42 -13.14 32.58
N TYR A 382 22.09 -13.50 31.45
CA TYR A 382 21.76 -12.99 30.12
C TYR A 382 20.33 -13.34 29.77
N LYS A 383 19.89 -14.60 30.09
CA LYS A 383 18.53 -15.10 29.85
C LYS A 383 17.52 -14.25 30.57
N ASN A 384 17.80 -13.96 31.84
CA ASN A 384 16.92 -13.18 32.70
C ASN A 384 16.74 -11.75 32.23
N VAL A 385 17.84 -11.08 31.82
CA VAL A 385 17.79 -9.71 31.32
C VAL A 385 16.99 -9.69 30.01
N ALA A 386 17.26 -10.65 29.09
CA ALA A 386 16.57 -10.76 27.80
C ALA A 386 15.09 -11.06 28.00
N VAL A 387 14.76 -11.93 28.97
CA VAL A 387 13.35 -12.23 29.23
C VAL A 387 12.62 -10.97 29.77
N LYS A 388 13.17 -10.35 30.83
CA LYS A 388 12.62 -9.17 31.47
C LYS A 388 12.55 -7.93 30.56
N HIS A 389 13.51 -7.73 29.63
CA HIS A 389 13.50 -6.51 28.82
C HIS A 389 13.50 -6.63 27.32
N VAL A 390 13.56 -7.85 26.78
CA VAL A 390 13.56 -7.99 25.30
C VAL A 390 12.42 -8.90 24.82
N PHE A 391 12.30 -10.11 25.34
CA PHE A 391 11.23 -11.02 24.87
C PHE A 391 9.90 -10.55 25.41
N SER A 392 9.94 -9.57 26.32
CA SER A 392 8.75 -8.98 26.89
C SER A 392 8.33 -7.71 26.14
N HIS A 393 9.09 -7.32 25.09
CA HIS A 393 8.79 -6.12 24.33
C HIS A 393 7.49 -6.22 23.56
N PRO A 394 6.63 -5.16 23.61
CA PRO A 394 5.33 -5.21 22.92
C PRO A 394 5.38 -5.58 21.43
N ASP A 395 6.43 -5.13 20.72
CA ASP A 395 6.64 -5.41 19.31
C ASP A 395 6.90 -6.89 19.12
N VAL A 396 7.78 -7.41 19.96
CA VAL A 396 8.18 -8.84 19.91
C VAL A 396 6.97 -9.69 20.29
N GLU A 397 6.20 -9.28 21.30
CA GLU A 397 5.04 -10.08 21.75
C GLU A 397 3.86 -9.93 20.78
N ARG A 398 3.88 -8.93 19.90
CA ARG A 398 2.76 -8.72 18.94
C ARG A 398 3.03 -9.50 17.67
N LEU A 399 4.27 -9.97 17.47
CA LEU A 399 4.58 -10.82 16.30
C LEU A 399 4.26 -12.25 16.68
N GLU A 400 4.43 -12.57 17.95
CA GLU A 400 4.14 -13.91 18.52
C GLU A 400 2.64 -14.16 18.44
N LEU A 401 1.84 -13.11 18.62
CA LEU A 401 0.36 -13.17 18.56
C LEU A 401 -0.06 -13.30 17.11
N GLN A 402 0.51 -12.47 16.26
CA GLN A 402 0.23 -12.42 14.82
C GLN A 402 0.60 -13.73 14.15
N GLY A 403 1.80 -14.23 14.46
CA GLY A 403 2.34 -15.46 13.92
C GLY A 403 1.42 -16.63 14.16
N TYR A 404 0.93 -16.73 15.41
CA TYR A 404 0.02 -17.76 15.84
C TYR A 404 -1.26 -17.67 15.00
N ARG A 405 -1.81 -16.45 14.82
CA ARG A 405 -3.01 -16.20 13.99
C ARG A 405 -2.80 -16.69 12.54
N VAL A 406 -1.66 -16.32 11.91
CA VAL A 406 -1.27 -16.72 10.56
C VAL A 406 -1.28 -18.26 10.40
N ILE A 407 -0.46 -18.98 11.18
CA ILE A 407 -0.35 -20.43 11.10
C ILE A 407 -1.68 -21.09 11.41
N SER A 408 -2.41 -20.59 12.42
CA SER A 408 -3.71 -21.12 12.76
C SER A 408 -4.64 -21.00 11.56
N GLY A 409 -4.62 -19.83 10.92
CA GLY A 409 -5.40 -19.52 9.72
C GLY A 409 -5.07 -20.43 8.54
N LEU A 410 -3.77 -20.52 8.25
CA LEU A 410 -3.24 -21.34 7.19
C LEU A 410 -3.72 -22.76 7.27
N LEU A 411 -3.68 -23.33 8.49
CA LEU A 411 -4.12 -24.69 8.73
C LEU A 411 -5.59 -24.82 8.42
N GLU A 412 -6.40 -23.85 8.87
CA GLU A 412 -7.81 -23.86 8.64
C GLU A 412 -8.13 -23.77 7.12
N ILE A 413 -7.26 -23.11 6.35
CA ILE A 413 -7.42 -22.98 4.90
C ILE A 413 -7.27 -24.37 4.20
N TYR A 414 -6.29 -25.18 4.65
CA TYR A 414 -6.04 -26.51 4.10
C TYR A 414 -6.83 -27.62 4.80
N ARG A 415 -7.67 -27.28 5.81
CA ARG A 415 -8.49 -28.26 6.49
C ARG A 415 -9.26 -29.16 5.50
N PRO A 416 -9.83 -28.62 4.37
CA PRO A 416 -10.59 -29.49 3.43
C PRO A 416 -9.88 -30.73 2.90
N LEU A 417 -8.54 -30.72 2.86
CA LEU A 417 -7.77 -31.86 2.40
C LEU A 417 -7.84 -33.00 3.42
N LEU A 418 -7.82 -32.64 4.69
CA LEU A 418 -7.91 -33.62 5.77
C LEU A 418 -9.35 -34.04 6.03
N SER A 419 -10.30 -33.25 5.54
CA SER A 419 -11.71 -33.53 5.71
C SER A 419 -12.17 -34.70 4.79
N LEU A 420 -11.51 -34.83 3.62
CA LEU A 420 -11.74 -35.83 2.58
C LEU A 420 -11.64 -37.29 3.08
N SER A 421 -12.42 -38.19 2.45
CA SER A 421 -12.37 -39.63 2.75
C SER A 421 -11.14 -40.22 2.10
N LEU A 422 -10.69 -41.40 2.54
CA LEU A 422 -9.50 -42.02 1.95
C LEU A 422 -9.69 -42.20 0.45
N SER A 423 -10.80 -42.80 0.01
CA SER A 423 -11.08 -43.03 -1.41
C SER A 423 -10.98 -41.72 -2.22
N ASP A 424 -11.63 -40.65 -1.72
CA ASP A 424 -11.66 -39.33 -2.34
C ASP A 424 -10.26 -38.73 -2.42
N PHE A 425 -9.52 -38.73 -1.30
CA PHE A 425 -8.17 -38.17 -1.29
C PHE A 425 -7.26 -38.97 -2.20
N THR A 426 -7.44 -40.29 -2.25
CA THR A 426 -6.64 -41.17 -3.09
C THR A 426 -6.86 -40.80 -4.54
N GLU A 427 -8.14 -40.64 -4.92
CA GLU A 427 -8.60 -40.26 -6.25
C GLU A 427 -7.95 -38.95 -6.67
N LEU A 428 -7.80 -38.01 -5.70
CA LEU A 428 -7.19 -36.70 -5.89
C LEU A 428 -5.69 -36.82 -6.15
N VAL A 429 -5.01 -37.73 -5.44
CA VAL A 429 -3.58 -37.95 -5.61
C VAL A 429 -3.33 -38.58 -6.99
N GLU A 430 -4.22 -39.51 -7.41
CA GLU A 430 -4.13 -40.18 -8.69
C GLU A 430 -4.33 -39.24 -9.89
N LYS A 431 -5.58 -38.91 -10.24
CA LYS A 431 -5.87 -37.98 -11.34
C LYS A 431 -5.81 -36.59 -10.72
N GLU A 432 -4.58 -36.04 -10.59
CA GLU A 432 -4.24 -34.77 -9.93
C GLU A 432 -5.40 -33.72 -9.86
N ARG A 433 -6.09 -33.45 -11.00
CA ARG A 433 -7.23 -32.54 -11.01
C ARG A 433 -8.58 -33.33 -11.07
N VAL A 434 -9.38 -33.29 -9.95
CA VAL A 434 -10.71 -33.93 -9.79
C VAL A 434 -11.81 -32.87 -9.94
N LYS A 435 -12.89 -33.21 -10.69
CA LYS A 435 -13.96 -32.25 -10.94
C LYS A 435 -14.96 -32.08 -9.82
N ARG A 436 -15.28 -33.15 -9.07
CA ARG A 436 -16.18 -33.07 -7.89
C ARG A 436 -15.64 -32.13 -6.77
N PHE A 437 -14.29 -32.06 -6.64
CA PHE A 437 -13.59 -31.27 -5.65
C PHE A 437 -12.72 -30.21 -6.30
N PRO A 438 -13.30 -29.04 -6.65
CA PRO A 438 -12.49 -28.00 -7.29
C PRO A 438 -11.52 -27.33 -6.32
N ILE A 439 -12.04 -27.01 -5.14
CA ILE A 439 -11.30 -26.32 -4.10
C ILE A 439 -10.21 -27.20 -3.54
N GLU A 440 -10.53 -28.47 -3.28
CA GLU A 440 -9.58 -29.44 -2.73
C GLU A 440 -8.45 -29.69 -3.72
N SER A 441 -8.77 -29.86 -5.01
CA SER A 441 -7.76 -30.05 -6.03
C SER A 441 -6.77 -28.92 -6.03
N ARG A 442 -7.29 -27.68 -6.16
CA ARG A 442 -6.49 -26.45 -6.21
C ARG A 442 -5.57 -26.26 -5.03
N LEU A 443 -6.07 -26.61 -3.83
CA LEU A 443 -5.33 -26.55 -2.56
C LEU A 443 -4.27 -27.64 -2.54
N PHE A 444 -4.60 -28.84 -3.08
CA PHE A 444 -3.68 -29.96 -3.13
C PHE A 444 -2.47 -29.62 -3.98
N HIS A 445 -2.68 -28.85 -5.05
CA HIS A 445 -1.60 -28.44 -5.94
C HIS A 445 -0.68 -27.42 -5.30
N LYS A 446 -1.20 -26.61 -4.34
CA LYS A 446 -0.43 -25.59 -3.61
C LYS A 446 0.72 -26.20 -2.80
N LEU A 447 0.53 -27.44 -2.31
CA LEU A 447 1.50 -28.22 -1.54
C LEU A 447 2.73 -28.56 -2.38
N SER A 448 3.92 -28.27 -1.85
CA SER A 448 5.18 -28.48 -2.55
C SER A 448 5.35 -29.92 -2.95
N THR A 449 5.80 -30.13 -4.19
CA THR A 449 6.03 -31.45 -4.80
C THR A 449 6.90 -32.35 -3.92
N ARG A 450 7.92 -31.76 -3.26
CA ARG A 450 8.80 -32.50 -2.34
C ARG A 450 8.00 -33.20 -1.24
N HIS A 451 7.02 -32.49 -0.64
CA HIS A 451 6.20 -33.06 0.42
C HIS A 451 5.20 -34.05 -0.12
N ARG A 452 4.61 -33.72 -1.28
CA ARG A 452 3.59 -34.54 -1.92
C ARG A 452 4.17 -35.87 -2.31
N LEU A 453 5.44 -35.85 -2.76
CA LEU A 453 6.17 -37.05 -3.17
C LEU A 453 6.35 -37.97 -2.01
N ALA A 454 6.86 -37.40 -0.89
CA ALA A 454 7.09 -38.09 0.38
C ALA A 454 5.82 -38.85 0.82
N TYR A 455 4.61 -38.24 0.61
CA TYR A 455 3.31 -38.83 0.94
C TYR A 455 3.11 -40.05 0.09
N VAL A 456 3.23 -39.89 -1.23
CA VAL A 456 3.05 -40.95 -2.21
C VAL A 456 3.97 -42.14 -1.88
N GLU A 457 5.26 -41.83 -1.74
CA GLU A 457 6.32 -42.76 -1.45
C GLU A 457 6.03 -43.55 -0.17
N ALA A 458 5.53 -42.89 0.87
CA ALA A 458 5.25 -43.48 2.18
C ALA A 458 4.02 -44.35 2.17
N VAL A 459 2.96 -43.85 1.53
CA VAL A 459 1.67 -44.52 1.47
C VAL A 459 1.76 -45.73 0.53
N SER A 460 2.60 -45.62 -0.53
CA SER A 460 2.82 -46.72 -1.49
C SER A 460 3.39 -47.96 -0.77
N LYS A 461 4.37 -47.75 0.15
CA LYS A 461 5.03 -48.78 0.97
C LYS A 461 4.06 -49.63 1.83
N LEU A 462 3.00 -49.02 2.39
CA LEU A 462 2.00 -49.67 3.24
C LEU A 462 1.18 -50.75 2.49
N PRO A 463 0.76 -51.87 3.16
CA PRO A 463 -0.08 -52.87 2.47
C PRO A 463 -1.56 -52.46 2.50
N SER A 464 -2.17 -52.28 1.32
CA SER A 464 -3.56 -51.80 1.21
C SER A 464 -4.61 -52.68 1.93
N ASP A 465 -4.43 -54.01 1.86
CA ASP A 465 -5.29 -55.02 2.48
C ASP A 465 -5.36 -54.89 4.02
N SER A 466 -4.29 -54.36 4.65
CA SER A 466 -4.14 -54.16 6.09
C SER A 466 -5.24 -53.33 6.72
N PRO A 467 -5.72 -53.70 7.93
CA PRO A 467 -6.80 -52.92 8.55
C PRO A 467 -6.29 -51.58 9.09
N GLU A 468 -4.96 -51.49 9.29
CA GLU A 468 -4.32 -50.29 9.79
C GLU A 468 -3.93 -49.33 8.64
N PHE A 469 -4.13 -49.75 7.38
CA PHE A 469 -3.85 -48.92 6.21
C PHE A 469 -4.57 -47.54 6.25
N PRO A 470 -5.88 -47.43 6.57
CA PRO A 470 -6.51 -46.09 6.58
C PRO A 470 -5.95 -45.18 7.66
N LEU A 471 -5.52 -45.79 8.79
CA LEU A 471 -4.94 -45.11 9.94
C LEU A 471 -3.59 -44.51 9.53
N TRP A 472 -2.77 -45.33 8.87
CA TRP A 472 -1.48 -44.90 8.41
C TRP A 472 -1.56 -43.82 7.38
N GLU A 473 -2.51 -43.93 6.43
CA GLU A 473 -2.71 -42.97 5.36
C GLU A 473 -3.03 -41.62 5.96
N TYR A 474 -4.01 -41.57 6.89
CA TYR A 474 -4.39 -40.31 7.52
C TYR A 474 -3.23 -39.68 8.23
N TYR A 475 -2.42 -40.48 8.88
CA TYR A 475 -1.23 -40.00 9.56
C TYR A 475 -0.30 -39.30 8.57
N TYR A 476 0.04 -39.98 7.45
CA TYR A 476 0.90 -39.45 6.41
C TYR A 476 0.31 -38.24 5.72
N ARG A 477 -1.04 -38.17 5.60
CA ARG A 477 -1.75 -37.02 5.01
C ARG A 477 -1.63 -35.79 5.91
N CYS A 478 -1.71 -36.01 7.25
CA CYS A 478 -1.54 -34.96 8.24
C CYS A 478 -0.14 -34.51 8.27
N ARG A 479 0.78 -35.50 8.20
CA ARG A 479 2.18 -35.21 8.19
C ARG A 479 2.51 -34.35 6.97
N LEU A 480 1.90 -34.69 5.81
CA LEU A 480 2.01 -33.91 4.56
C LEU A 480 1.71 -32.42 4.81
N LEU A 481 0.60 -32.13 5.47
CA LEU A 481 0.20 -30.77 5.77
C LEU A 481 1.19 -30.06 6.74
N GLN A 482 1.59 -30.75 7.84
CA GLN A 482 2.55 -30.24 8.83
C GLN A 482 3.89 -29.92 8.18
N ASP A 483 4.32 -30.79 7.22
CA ASP A 483 5.56 -30.62 6.47
C ASP A 483 5.53 -29.36 5.62
N TYR A 484 4.40 -29.12 4.93
CA TYR A 484 4.19 -27.96 4.06
C TYR A 484 4.29 -26.68 4.85
N ILE A 485 3.50 -26.54 5.94
CA ILE A 485 3.44 -25.38 6.83
C ILE A 485 4.78 -25.10 7.46
N SER A 486 5.38 -26.07 8.18
CA SER A 486 6.67 -25.89 8.86
C SER A 486 7.81 -25.53 7.88
N GLY A 487 7.66 -25.99 6.65
CA GLY A 487 8.60 -25.75 5.57
C GLY A 487 8.63 -24.32 5.06
N MET A 488 7.55 -23.55 5.32
CA MET A 488 7.41 -22.15 4.91
C MET A 488 8.33 -21.24 5.73
N THR A 489 8.74 -20.18 5.09
CA THR A 489 9.51 -19.13 5.69
C THR A 489 8.45 -18.24 6.38
N ASP A 490 8.88 -17.46 7.39
CA ASP A 490 8.05 -16.52 8.15
C ASP A 490 7.21 -15.61 7.24
N LEU A 491 7.88 -15.01 6.25
CA LEU A 491 7.31 -14.11 5.28
C LEU A 491 6.38 -14.78 4.32
N TYR A 492 6.77 -15.97 3.80
CA TYR A 492 5.94 -16.69 2.84
C TYR A 492 4.64 -17.13 3.46
N ALA A 493 4.68 -17.55 4.72
CA ALA A 493 3.49 -17.99 5.45
C ALA A 493 2.57 -16.82 5.66
N TRP A 494 3.12 -15.62 5.94
CA TRP A 494 2.34 -14.41 6.15
C TRP A 494 1.66 -14.02 4.87
N ASP A 495 2.38 -14.05 3.75
CA ASP A 495 1.87 -13.69 2.43
C ASP A 495 0.76 -14.60 2.02
N GLU A 496 1.03 -15.94 2.04
CA GLU A 496 0.11 -17.01 1.70
C GLU A 496 -1.19 -16.87 2.45
N TYR A 497 -1.13 -16.47 3.72
CA TYR A 497 -2.31 -16.23 4.56
C TYR A 497 -3.15 -15.11 3.97
N ARG A 498 -2.52 -13.95 3.73
CA ARG A 498 -3.16 -12.77 3.17
C ARG A 498 -3.66 -13.00 1.75
N ARG A 499 -2.96 -13.79 0.92
CA ARG A 499 -3.38 -14.09 -0.46
C ARG A 499 -4.62 -14.97 -0.42
N LEU A 500 -4.55 -16.11 0.30
CA LEU A 500 -5.65 -17.05 0.43
C LEU A 500 -6.81 -16.51 1.25
N MET A 501 -6.61 -15.40 1.99
CA MET A 501 -7.72 -14.79 2.71
C MET A 501 -8.47 -13.79 1.81
N ALA A 502 -7.96 -13.64 0.57
CA ALA A 502 -8.47 -12.76 -0.50
C ALA A 502 -8.30 -11.26 -0.18
N VAL A 503 -7.27 -10.96 0.65
CA VAL A 503 -6.88 -9.60 1.05
C VAL A 503 -5.55 -9.13 0.29
N GLU A 504 -5.14 -9.85 -0.80
CA GLU A 504 -3.97 -9.58 -1.65
C GLU A 504 -4.07 -10.45 -2.95
N GLN B 3 -34.63 30.26 49.04
CA GLN B 3 -34.42 28.83 48.87
C GLN B 3 -33.26 28.53 47.86
N ILE B 4 -33.12 29.39 46.83
CA ILE B 4 -32.06 29.28 45.80
C ILE B 4 -30.77 29.97 46.28
N ASP B 5 -29.74 29.16 46.58
CA ASP B 5 -28.42 29.63 47.02
C ASP B 5 -27.32 28.81 46.34
N PHE B 6 -26.73 29.40 45.28
CA PHE B 6 -25.70 28.78 44.47
C PHE B 6 -24.40 28.52 45.21
N ARG B 7 -24.25 29.08 46.42
CA ARG B 7 -23.08 28.80 47.23
C ARG B 7 -23.09 27.31 47.62
N LYS B 8 -24.31 26.74 47.81
CA LYS B 8 -24.57 25.34 48.15
C LYS B 8 -24.34 24.37 46.98
N LYS B 9 -24.45 24.87 45.73
CA LYS B 9 -24.28 24.03 44.55
C LYS B 9 -22.87 24.15 43.94
N ILE B 10 -22.31 25.38 43.81
CA ILE B 10 -20.96 25.58 43.28
C ILE B 10 -19.95 25.22 44.40
N ASN B 11 -19.62 23.92 44.46
CA ASN B 11 -18.73 23.31 45.44
C ASN B 11 -17.31 23.22 44.91
N TRP B 12 -16.40 23.99 45.53
CA TRP B 12 -14.99 24.07 45.11
C TRP B 12 -14.06 23.06 45.81
N HIS B 13 -14.63 22.08 46.56
CA HIS B 13 -13.84 21.04 47.22
C HIS B 13 -13.58 19.92 46.23
N ARG B 14 -12.54 19.13 46.50
CA ARG B 14 -12.08 18.01 45.69
C ARG B 14 -12.25 16.70 46.47
N ARG B 15 -12.20 15.53 45.79
CA ARG B 15 -12.35 14.25 46.46
C ARG B 15 -11.10 13.93 47.29
N TYR B 16 -9.94 13.98 46.64
CA TYR B 16 -8.63 13.73 47.24
C TYR B 16 -7.92 15.07 47.43
N ARG B 17 -6.98 15.16 48.43
CA ARG B 17 -6.20 16.36 48.82
C ARG B 17 -7.01 17.64 48.57
N SER B 18 -8.16 17.77 49.25
CA SER B 18 -9.13 18.85 49.05
C SER B 18 -8.77 20.20 49.61
N PRO B 19 -9.10 21.31 48.89
CA PRO B 19 -8.88 22.65 49.48
C PRO B 19 -9.87 22.84 50.63
N GLN B 20 -9.43 23.42 51.73
CA GLN B 20 -10.31 23.58 52.87
C GLN B 20 -10.32 25.00 53.37
N GLY B 21 -11.29 25.32 54.19
CA GLY B 21 -11.34 26.65 54.79
C GLY B 21 -12.28 27.62 54.15
N VAL B 22 -12.05 28.91 54.42
CA VAL B 22 -12.91 30.01 54.02
C VAL B 22 -12.86 30.35 52.50
N LYS B 23 -11.73 30.89 51.99
CA LYS B 23 -11.41 31.27 50.60
C LYS B 23 -12.06 32.57 50.09
N THR B 24 -11.18 33.44 49.54
CA THR B 24 -11.44 34.72 48.88
C THR B 24 -12.15 34.40 47.57
N GLU B 25 -12.89 35.38 46.98
CA GLU B 25 -13.53 35.25 45.67
C GLU B 25 -12.42 34.84 44.66
N HIS B 26 -11.22 35.46 44.80
CA HIS B 26 -10.04 35.18 44.00
C HIS B 26 -9.50 33.77 44.26
N GLU B 27 -9.46 33.34 45.54
CA GLU B 27 -8.98 32.01 45.92
C GLU B 27 -9.82 30.93 45.25
N ILE B 28 -11.16 31.07 45.32
CA ILE B 28 -12.12 30.13 44.69
C ILE B 28 -11.95 30.16 43.17
N LEU B 29 -11.72 31.36 42.59
CA LEU B 29 -11.49 31.54 41.15
C LEU B 29 -10.30 30.67 40.69
N ARG B 30 -9.14 30.78 41.38
CA ARG B 30 -7.94 30.02 41.06
C ARG B 30 -8.17 28.50 41.14
N ILE B 31 -9.09 28.05 42.04
CA ILE B 31 -9.45 26.62 42.20
C ILE B 31 -10.09 26.14 40.91
N PHE B 32 -11.06 26.91 40.41
CA PHE B 32 -11.79 26.59 39.19
C PHE B 32 -10.95 26.76 37.94
N GLU B 33 -9.95 27.66 37.99
CA GLU B 33 -9.04 27.88 36.87
C GLU B 33 -8.03 26.74 36.79
N SER B 34 -7.75 26.08 37.94
CA SER B 34 -6.86 24.93 38.00
C SER B 34 -7.55 23.76 37.30
N ASP B 35 -8.88 23.62 37.52
CA ASP B 35 -9.72 22.58 36.88
C ASP B 35 -9.61 22.71 35.35
N ARG B 36 -9.72 23.94 34.83
CA ARG B 36 -9.64 24.27 33.41
C ARG B 36 -8.33 23.74 32.82
N GLY B 37 -7.22 24.03 33.51
CA GLY B 37 -5.89 23.58 33.14
C GLY B 37 -5.79 22.08 33.07
N ARG B 38 -6.34 21.38 34.10
CA ARG B 38 -6.37 19.91 34.18
C ARG B 38 -7.04 19.29 32.93
N ILE B 39 -8.27 19.73 32.64
CA ILE B 39 -9.12 19.31 31.52
C ILE B 39 -8.48 19.62 30.14
N ILE B 40 -8.05 20.88 29.91
CA ILE B 40 -7.48 21.34 28.64
C ILE B 40 -6.16 20.60 28.30
N ASN B 41 -5.31 20.38 29.31
CA ASN B 41 -4.04 19.68 29.12
C ASN B 41 -4.18 18.14 29.28
N SER B 42 -5.42 17.64 29.39
CA SER B 42 -5.71 16.20 29.52
C SER B 42 -5.61 15.44 28.20
N PRO B 43 -4.97 14.24 28.21
CA PRO B 43 -4.89 13.41 26.99
C PRO B 43 -6.25 12.94 26.51
N ALA B 44 -7.19 12.70 27.44
CA ALA B 44 -8.57 12.34 27.15
C ALA B 44 -9.20 13.38 26.20
N ILE B 45 -8.88 14.69 26.41
CA ILE B 45 -9.34 15.76 25.54
C ILE B 45 -8.56 15.76 24.21
N ARG B 46 -7.21 15.59 24.22
CA ARG B 46 -6.42 15.57 22.98
C ARG B 46 -6.84 14.44 22.05
N ARG B 47 -7.31 13.31 22.65
CA ARG B 47 -7.77 12.11 21.94
C ARG B 47 -8.98 12.40 21.07
N LEU B 48 -9.74 13.45 21.41
CA LEU B 48 -10.93 13.83 20.69
C LEU B 48 -10.66 14.27 19.27
N GLN B 49 -9.46 14.82 18.96
CA GLN B 49 -9.21 15.25 17.58
C GLN B 49 -9.01 14.04 16.60
N GLN B 50 -8.89 12.83 17.16
CA GLN B 50 -8.73 11.58 16.43
C GLN B 50 -10.04 10.81 16.36
N LYS B 51 -11.02 11.17 17.22
CA LYS B 51 -12.38 10.59 17.22
C LYS B 51 -13.24 11.44 16.27
N THR B 52 -14.08 10.79 15.45
CA THR B 52 -14.88 11.47 14.45
C THR B 52 -16.31 11.89 14.89
N GLN B 53 -16.74 13.08 14.39
CA GLN B 53 -18.09 13.65 14.53
C GLN B 53 -18.57 13.47 13.07
N VAL B 54 -19.61 12.66 12.88
CA VAL B 54 -20.30 12.29 11.63
C VAL B 54 -19.39 11.72 10.51
N PHE B 55 -18.73 12.60 9.69
CA PHE B 55 -17.89 12.22 8.55
C PHE B 55 -16.52 11.71 8.92
N PRO B 56 -16.00 10.68 8.19
CA PRO B 56 -14.65 10.17 8.47
C PRO B 56 -13.56 11.19 8.32
N LEU B 57 -12.48 11.00 9.06
CA LEU B 57 -11.33 11.90 9.11
C LEU B 57 -10.53 11.88 7.77
N GLU B 58 -10.50 13.05 7.08
CA GLU B 58 -9.87 13.23 5.78
C GLU B 58 -8.59 14.03 5.86
N ALA B 61 -10.83 18.20 4.13
CA ALA B 61 -10.23 17.92 5.43
C ALA B 61 -10.50 19.01 6.57
N ALA B 62 -11.33 20.03 6.27
CA ALA B 62 -11.68 21.11 7.20
C ALA B 62 -12.89 20.68 8.04
N VAL B 63 -13.16 19.35 8.02
CA VAL B 63 -14.23 18.64 8.71
C VAL B 63 -14.08 18.73 10.25
N ARG B 64 -15.22 18.61 10.93
CA ARG B 64 -15.24 18.63 12.37
C ARG B 64 -14.97 17.23 12.95
N THR B 65 -14.19 17.22 14.03
CA THR B 65 -13.87 16.05 14.83
C THR B 65 -14.65 16.24 16.13
N ARG B 66 -14.60 15.26 17.03
CA ARG B 66 -15.29 15.38 18.30
C ARG B 66 -14.75 16.60 19.06
N LEU B 67 -13.44 16.91 18.93
CA LEU B 67 -12.81 18.06 19.59
C LEU B 67 -13.30 19.39 19.07
N THR B 68 -13.25 19.62 17.74
CA THR B 68 -13.71 20.88 17.14
C THR B 68 -15.17 21.12 17.39
N HIS B 69 -15.98 20.06 17.41
CA HIS B 69 -17.39 20.23 17.74
C HIS B 69 -17.53 20.60 19.22
N SER B 70 -16.90 19.83 20.15
CA SER B 70 -16.95 20.11 21.59
C SER B 70 -16.52 21.58 21.89
N MET B 71 -15.56 22.10 21.12
CA MET B 71 -15.05 23.47 21.18
C MET B 71 -16.11 24.51 20.81
N GLU B 72 -16.93 24.19 19.79
CA GLU B 72 -18.03 25.01 19.31
C GLU B 72 -19.19 25.01 20.33
N VAL B 73 -19.43 23.84 21.00
CA VAL B 73 -20.48 23.69 22.04
C VAL B 73 -20.08 24.57 23.22
N GLN B 74 -18.80 24.52 23.61
CA GLN B 74 -18.22 25.32 24.68
C GLN B 74 -18.55 26.81 24.48
N GLN B 75 -18.42 27.31 23.23
CA GLN B 75 -18.78 28.68 22.92
C GLN B 75 -20.30 28.95 23.17
N VAL B 76 -21.21 28.06 22.70
CA VAL B 76 -22.66 28.20 22.90
C VAL B 76 -22.97 28.23 24.41
N GLY B 77 -22.39 27.30 25.15
CA GLY B 77 -22.52 27.20 26.60
C GLY B 77 -22.12 28.47 27.33
N ARG B 78 -20.96 29.06 26.92
CA ARG B 78 -20.45 30.32 27.44
C ARG B 78 -21.52 31.39 27.20
N TYR B 79 -21.95 31.57 25.94
CA TYR B 79 -22.98 32.53 25.57
C TYR B 79 -24.26 32.39 26.42
N ILE B 80 -24.77 31.15 26.63
CA ILE B 80 -25.97 30.90 27.44
C ILE B 80 -25.74 31.31 28.89
N ALA B 81 -24.66 30.81 29.53
CA ALA B 81 -24.30 31.14 30.92
C ALA B 81 -24.15 32.64 31.11
N LYS B 82 -23.44 33.30 30.17
CA LYS B 82 -23.22 34.74 30.17
C LYS B 82 -24.55 35.51 30.09
N GLU B 83 -25.52 34.96 29.35
CA GLU B 83 -26.85 35.53 29.21
C GLU B 83 -27.68 35.38 30.50
N ILE B 84 -27.64 34.16 31.11
CA ILE B 84 -28.33 33.86 32.38
C ILE B 84 -27.88 34.85 33.44
N LEU B 85 -26.57 35.12 33.48
CA LEU B 85 -25.99 36.03 34.46
C LEU B 85 -26.31 37.49 34.18
N SER B 86 -26.33 37.91 32.90
CA SER B 86 -26.66 39.29 32.51
C SER B 86 -28.10 39.59 32.86
N ARG B 87 -28.99 38.60 32.64
CA ARG B 87 -30.41 38.72 32.94
C ARG B 87 -30.64 38.78 34.45
N LEU B 88 -30.05 37.83 35.22
CA LEU B 88 -30.10 37.76 36.68
C LEU B 88 -29.65 39.08 37.33
N LYS B 89 -28.59 39.71 36.75
CA LYS B 89 -28.02 40.98 37.17
C LYS B 89 -29.07 42.08 36.99
N GLU B 90 -29.72 42.14 35.79
CA GLU B 90 -30.78 43.11 35.47
C GLU B 90 -31.98 42.95 36.41
N LEU B 91 -32.28 41.69 36.79
CA LEU B 91 -33.36 41.33 37.71
C LEU B 91 -33.00 41.55 39.18
N LYS B 92 -31.73 41.91 39.48
CA LYS B 92 -31.19 42.20 40.82
C LYS B 92 -31.15 40.92 41.73
N LEU B 93 -31.28 39.75 41.08
CA LEU B 93 -31.32 38.46 41.75
C LEU B 93 -29.96 37.83 41.98
N LEU B 94 -28.90 38.36 41.32
CA LEU B 94 -27.53 37.82 41.40
C LEU B 94 -27.01 37.64 42.84
N GLU B 95 -27.18 38.67 43.66
CA GLU B 95 -26.76 38.67 45.06
C GLU B 95 -27.68 37.76 45.87
N ALA B 96 -28.99 37.80 45.55
CA ALA B 96 -30.06 37.03 46.19
C ALA B 96 -29.91 35.52 46.03
N TYR B 97 -29.28 35.09 44.92
CA TYR B 97 -29.07 33.68 44.62
C TYR B 97 -27.65 33.17 44.99
N GLY B 98 -26.83 34.04 45.59
CA GLY B 98 -25.48 33.71 46.04
C GLY B 98 -24.41 33.68 44.97
N LEU B 99 -24.81 33.96 43.72
CA LEU B 99 -23.97 33.98 42.52
C LEU B 99 -23.05 35.20 42.40
N ASP B 100 -23.22 36.22 43.28
CA ASP B 100 -22.43 37.45 43.21
C ASP B 100 -20.91 37.20 43.22
N GLU B 101 -20.43 36.25 44.02
CA GLU B 101 -19.00 35.94 44.06
C GLU B 101 -18.60 34.78 43.11
N LEU B 102 -19.52 33.82 42.91
CA LEU B 102 -19.34 32.62 42.07
C LEU B 102 -19.71 32.85 40.61
N THR B 103 -19.64 34.10 40.17
CA THR B 103 -19.97 34.56 38.84
C THR B 103 -19.10 33.87 37.74
N GLY B 104 -17.78 33.88 37.93
CA GLY B 104 -16.81 33.24 37.05
C GLY B 104 -16.93 31.73 37.06
N PRO B 105 -16.83 31.06 38.25
CA PRO B 105 -16.99 29.60 38.30
C PRO B 105 -18.25 29.11 37.59
N PHE B 106 -19.36 29.88 37.69
CA PHE B 106 -20.60 29.55 37.01
C PHE B 106 -20.36 29.36 35.49
N GLU B 107 -19.81 30.40 34.80
CA GLU B 107 -19.53 30.29 33.36
C GLU B 107 -18.39 29.30 33.06
N SER B 108 -17.40 29.14 33.98
CA SER B 108 -16.29 28.20 33.78
C SER B 108 -16.75 26.74 33.82
N ILE B 109 -17.61 26.38 34.82
CA ILE B 109 -18.17 25.03 34.97
C ILE B 109 -18.94 24.66 33.70
N VAL B 110 -19.81 25.56 33.23
CA VAL B 110 -20.60 25.34 32.01
C VAL B 110 -19.66 25.05 30.83
N GLU B 111 -18.64 25.92 30.62
CA GLU B 111 -17.64 25.78 29.55
C GLU B 111 -16.92 24.43 29.60
N MET B 112 -16.39 24.03 30.78
CA MET B 112 -15.65 22.77 30.86
C MET B 112 -16.55 21.54 30.76
N SER B 113 -17.81 21.64 31.23
CA SER B 113 -18.78 20.56 31.10
C SER B 113 -19.13 20.34 29.64
N CYS B 114 -19.07 21.43 28.84
CA CYS B 114 -19.32 21.41 27.41
C CYS B 114 -18.18 20.71 26.71
N LEU B 115 -16.95 21.09 27.05
CA LEU B 115 -15.77 20.46 26.45
C LEU B 115 -15.70 18.96 26.79
N MET B 116 -16.06 18.57 28.03
CA MET B 116 -16.06 17.18 28.49
C MET B 116 -17.31 16.35 28.10
N HIS B 117 -18.37 16.99 27.57
CA HIS B 117 -19.49 16.22 27.06
C HIS B 117 -18.80 15.68 25.80
N ASP B 118 -18.86 14.36 25.59
CA ASP B 118 -18.26 13.58 24.47
C ASP B 118 -16.97 12.85 24.86
N ILE B 119 -16.41 13.13 26.05
CA ILE B 119 -15.15 12.54 26.51
C ILE B 119 -15.22 10.99 26.65
N GLY B 120 -16.33 10.49 27.17
CA GLY B 120 -16.54 9.06 27.38
C GLY B 120 -17.01 8.26 26.17
N ASN B 121 -17.32 8.94 25.03
CA ASN B 121 -17.80 8.32 23.81
C ASN B 121 -16.80 7.30 23.24
N PRO B 122 -17.26 6.07 22.87
CA PRO B 122 -16.32 5.05 22.36
C PRO B 122 -15.90 5.28 20.92
N PRO B 123 -14.91 4.53 20.37
CA PRO B 123 -14.53 4.75 18.98
C PRO B 123 -15.64 4.92 17.95
N PHE B 124 -16.61 4.06 17.71
CA PHE B 124 -17.38 4.53 16.57
C PHE B 124 -18.75 5.14 16.95
N GLY B 125 -18.75 5.89 18.04
CA GLY B 125 -19.93 6.56 18.59
C GLY B 125 -21.08 5.63 18.91
N HIS B 126 -22.28 5.95 18.43
CA HIS B 126 -23.43 5.12 18.75
C HIS B 126 -23.31 3.72 18.22
N PHE B 127 -22.37 3.49 17.29
CA PHE B 127 -22.09 2.18 16.73
C PHE B 127 -21.04 1.40 17.51
N GLY B 128 -20.18 2.12 18.22
CA GLY B 128 -19.19 1.55 19.10
C GLY B 128 -19.93 1.07 20.33
N GLU B 129 -20.91 1.91 20.81
CA GLU B 129 -21.84 1.66 21.92
C GLU B 129 -22.58 0.38 21.58
N ALA B 130 -23.23 0.38 20.39
CA ALA B 130 -23.99 -0.73 19.82
C ALA B 130 -23.20 -2.02 19.91
N ALA B 131 -22.02 -2.06 19.27
CA ALA B 131 -21.13 -3.20 19.24
C ALA B 131 -20.83 -3.78 20.62
N ILE B 132 -20.43 -2.91 21.60
CA ILE B 132 -20.11 -3.29 22.99
C ILE B 132 -21.29 -3.98 23.65
N ASN B 133 -22.46 -3.29 23.68
CA ASN B 133 -23.68 -3.77 24.31
C ASN B 133 -24.18 -5.03 23.68
N ASP B 134 -24.14 -5.10 22.35
CA ASP B 134 -24.61 -6.28 21.65
C ASP B 134 -23.73 -7.47 21.92
N TRP B 135 -22.40 -7.25 21.97
CA TRP B 135 -21.43 -8.32 22.24
C TRP B 135 -21.59 -8.87 23.65
N PHE B 136 -21.73 -7.96 24.65
CA PHE B 136 -21.92 -8.32 26.03
C PHE B 136 -23.26 -8.93 26.31
N ARG B 137 -24.29 -8.49 25.54
CA ARG B 137 -25.64 -9.00 25.65
C ARG B 137 -25.67 -10.48 25.27
N GLN B 138 -24.94 -10.84 24.20
CA GLN B 138 -24.87 -12.21 23.73
C GLN B 138 -24.07 -13.11 24.68
N ARG B 139 -23.24 -12.51 25.58
CA ARG B 139 -22.46 -13.31 26.54
C ARG B 139 -23.28 -13.55 27.79
N LEU B 140 -23.68 -12.49 28.48
CA LEU B 140 -24.47 -12.54 29.71
C LEU B 140 -25.86 -11.95 29.47
N HIS B 141 -26.83 -12.77 29.01
CA HIS B 141 -28.19 -12.32 28.66
C HIS B 141 -28.92 -11.62 29.81
N PRO B 142 -29.05 -10.28 29.79
CA PRO B 142 -29.71 -9.60 30.92
C PRO B 142 -31.24 -9.71 30.93
N GLU B 143 -31.81 -10.16 29.79
CA GLU B 143 -33.24 -10.40 29.57
C GLU B 143 -33.77 -11.42 30.61
N ASP B 144 -32.93 -12.43 30.92
CA ASP B 144 -33.19 -13.55 31.82
C ASP B 144 -33.20 -13.21 33.31
N ALA B 145 -32.47 -12.16 33.72
CA ALA B 145 -32.39 -11.81 35.13
C ALA B 145 -33.53 -10.96 35.68
N GLU B 146 -34.39 -10.38 34.81
CA GLU B 146 -35.52 -9.55 35.24
C GLU B 146 -36.51 -10.32 36.09
N SER B 147 -36.81 -11.56 35.70
CA SER B 147 -37.74 -12.44 36.39
C SER B 147 -37.06 -13.27 37.52
N GLN B 148 -37.71 -14.39 37.92
CA GLN B 148 -37.24 -15.38 38.90
C GLN B 148 -36.11 -16.27 38.24
N PRO B 149 -35.12 -16.85 38.99
CA PRO B 149 -34.08 -17.68 38.34
C PRO B 149 -34.61 -18.77 37.42
N LEU B 150 -34.57 -18.52 36.09
CA LEU B 150 -35.04 -19.46 35.09
C LEU B 150 -34.10 -20.59 34.88
N THR B 151 -34.68 -21.75 34.52
CA THR B 151 -34.04 -23.03 34.27
C THR B 151 -33.01 -22.86 33.15
N ASP B 152 -33.46 -22.31 32.01
CA ASP B 152 -32.63 -22.05 30.84
C ASP B 152 -32.11 -20.61 30.86
N ASP B 153 -31.25 -20.35 31.83
CA ASP B 153 -30.61 -19.05 31.92
C ASP B 153 -29.47 -19.04 30.90
N ARG B 154 -29.72 -18.36 29.78
CA ARG B 154 -28.85 -18.23 28.60
C ARG B 154 -27.45 -17.67 28.88
N CYS B 155 -27.29 -16.91 29.99
CA CYS B 155 -26.02 -16.30 30.41
C CYS B 155 -24.90 -17.35 30.45
N SER B 156 -23.83 -17.13 29.67
CA SER B 156 -22.68 -18.03 29.55
C SER B 156 -21.78 -18.03 30.80
N VAL B 157 -21.71 -16.89 31.52
CA VAL B 157 -20.89 -16.72 32.72
C VAL B 157 -21.50 -17.49 33.88
N ALA B 158 -20.88 -18.62 34.24
CA ALA B 158 -21.35 -19.54 35.29
C ALA B 158 -21.61 -18.87 36.63
N ALA B 159 -20.76 -17.91 37.03
CA ALA B 159 -20.87 -17.18 38.30
C ALA B 159 -22.09 -16.27 38.34
N LEU B 160 -22.40 -15.63 37.19
CA LEU B 160 -23.47 -14.66 37.00
C LEU B 160 -24.87 -15.25 36.69
N ARG B 161 -24.98 -16.59 36.46
CA ARG B 161 -26.26 -17.29 36.23
C ARG B 161 -27.03 -17.26 37.56
N LEU B 162 -28.33 -16.88 37.52
CA LEU B 162 -29.20 -16.80 38.71
C LEU B 162 -29.42 -18.17 39.38
N LEU B 169 -28.16 -12.55 46.65
CA LEU B 169 -26.91 -12.52 45.87
C LEU B 169 -27.26 -12.42 44.38
N ASN B 170 -28.44 -12.93 44.01
CA ASN B 170 -29.03 -12.91 42.69
C ASN B 170 -29.27 -11.47 42.24
N GLU B 171 -29.51 -10.55 43.20
CA GLU B 171 -29.73 -9.14 42.90
C GLU B 171 -28.43 -8.49 42.39
N LEU B 172 -27.26 -8.95 42.89
CA LEU B 172 -25.99 -8.45 42.40
C LEU B 172 -25.80 -8.91 40.96
N ARG B 173 -26.15 -10.18 40.67
CA ARG B 173 -26.07 -10.79 39.33
C ARG B 173 -26.90 -9.97 38.33
N ARG B 174 -28.16 -9.60 38.71
CA ARG B 174 -29.10 -8.79 37.93
C ARG B 174 -28.46 -7.45 37.59
N LYS B 175 -27.96 -6.75 38.63
CA LYS B 175 -27.30 -5.45 38.52
C LYS B 175 -26.06 -5.55 37.58
N ILE B 176 -25.16 -6.52 37.83
CA ILE B 176 -23.94 -6.74 37.02
C ILE B 176 -24.29 -7.03 35.55
N ARG B 177 -25.22 -7.98 35.31
CA ARG B 177 -25.66 -8.34 33.97
C ARG B 177 -26.25 -7.16 33.18
N GLN B 178 -27.09 -6.33 33.83
CA GLN B 178 -27.70 -5.20 33.15
C GLN B 178 -26.69 -4.09 32.92
N ASP B 179 -25.91 -3.73 33.96
CA ASP B 179 -24.91 -2.67 33.91
C ASP B 179 -23.87 -2.86 32.79
N LEU B 180 -23.38 -4.12 32.61
CA LEU B 180 -22.39 -4.45 31.59
C LEU B 180 -22.95 -4.38 30.18
N CYS B 181 -24.26 -4.52 30.02
CA CYS B 181 -24.93 -4.43 28.73
C CYS B 181 -25.48 -3.03 28.48
N HIS B 182 -25.17 -2.11 29.38
CA HIS B 182 -25.64 -0.74 29.28
C HIS B 182 -24.51 0.25 29.27
N PHE B 183 -23.54 0.00 28.37
CA PHE B 183 -22.47 0.93 28.16
C PHE B 183 -23.10 2.21 27.56
N GLU B 184 -22.70 3.37 28.09
CA GLU B 184 -23.15 4.69 27.61
C GLU B 184 -22.01 5.66 27.82
N GLY B 185 -21.65 6.38 26.76
CA GLY B 185 -20.59 7.40 26.79
C GLY B 185 -20.66 8.34 27.98
N ASN B 186 -21.87 8.82 28.34
CA ASN B 186 -22.12 9.71 29.48
C ASN B 186 -21.60 9.11 30.79
N ALA B 187 -21.94 7.83 31.02
CA ALA B 187 -21.55 7.08 32.23
C ALA B 187 -20.06 6.82 32.24
N GLN B 188 -19.51 6.51 31.03
CA GLN B 188 -18.09 6.22 30.79
C GLN B 188 -17.27 7.46 31.04
N GLY B 189 -17.85 8.63 30.79
CA GLY B 189 -17.24 9.92 31.05
C GLY B 189 -16.96 10.10 32.54
N ILE B 190 -17.97 9.78 33.39
CA ILE B 190 -17.86 9.87 34.86
C ILE B 190 -16.80 8.88 35.36
N ARG B 191 -16.79 7.64 34.80
CA ARG B 191 -15.84 6.58 35.11
C ARG B 191 -14.44 7.05 34.77
N LEU B 192 -14.32 7.64 33.61
CA LEU B 192 -13.09 8.17 33.06
C LEU B 192 -12.54 9.33 33.88
N VAL B 193 -13.35 10.34 34.22
CA VAL B 193 -12.84 11.48 34.99
C VAL B 193 -12.45 11.09 36.40
N HIS B 194 -13.16 10.11 37.00
CA HIS B 194 -12.88 9.68 38.35
C HIS B 194 -11.83 8.56 38.44
N THR B 195 -12.21 7.32 38.09
CA THR B 195 -11.41 6.11 38.26
C THR B 195 -10.22 6.00 37.33
N LEU B 196 -10.38 6.40 36.05
CA LEU B 196 -9.34 6.20 35.05
C LEU B 196 -8.32 7.34 34.92
N MET B 197 -8.77 8.57 34.60
CA MET B 197 -7.91 9.76 34.42
C MET B 197 -7.40 10.30 35.75
N ARG B 198 -8.13 10.00 36.85
CA ARG B 198 -7.82 10.44 38.22
C ARG B 198 -7.52 11.97 38.27
N MET B 199 -8.36 12.75 37.55
CA MET B 199 -8.26 14.21 37.36
C MET B 199 -8.41 15.05 38.62
N ASN B 200 -9.07 14.53 39.68
CA ASN B 200 -9.35 15.21 40.96
C ASN B 200 -9.97 16.59 40.77
N LEU B 201 -11.02 16.63 39.95
CA LEU B 201 -11.77 17.86 39.69
C LEU B 201 -12.61 18.25 40.93
N THR B 202 -13.21 19.46 40.90
CA THR B 202 -14.08 19.92 41.99
C THR B 202 -15.40 19.19 41.86
N TRP B 203 -16.12 19.02 42.98
CA TRP B 203 -17.42 18.37 42.98
C TRP B 203 -18.38 19.05 41.98
N ALA B 204 -18.38 20.39 41.94
CA ALA B 204 -19.19 21.20 41.04
C ALA B 204 -18.87 20.91 39.59
N GLN B 205 -17.59 20.70 39.28
CA GLN B 205 -17.15 20.40 37.92
C GLN B 205 -17.64 19.03 37.44
N VAL B 206 -17.60 18.04 38.34
CA VAL B 206 -18.05 16.67 38.09
C VAL B 206 -19.57 16.65 37.92
N GLY B 207 -20.26 17.45 38.74
CA GLY B 207 -21.71 17.58 38.69
C GLY B 207 -22.22 17.99 37.33
N GLY B 208 -21.50 18.92 36.71
CA GLY B 208 -21.81 19.42 35.38
C GLY B 208 -21.76 18.40 34.25
N ILE B 209 -21.00 17.28 34.43
CA ILE B 209 -20.89 16.26 33.38
C ILE B 209 -21.81 15.06 33.64
N LEU B 210 -22.60 15.09 34.73
CA LEU B 210 -23.59 14.07 35.03
C LEU B 210 -24.90 14.58 34.42
N LYS B 211 -25.09 14.25 33.11
CA LYS B 211 -26.24 14.65 32.28
C LYS B 211 -27.47 13.79 32.54
N TYR B 212 -27.28 12.51 32.89
CA TYR B 212 -28.42 11.65 33.19
C TYR B 212 -28.27 11.06 34.59
N THR B 213 -29.39 10.70 35.22
CA THR B 213 -29.38 10.22 36.59
C THR B 213 -29.76 8.75 36.73
N ARG B 214 -30.00 8.08 35.59
CA ARG B 214 -30.35 6.67 35.62
C ARG B 214 -29.11 5.79 35.86
N PRO B 215 -29.18 4.91 36.87
CA PRO B 215 -28.06 3.95 37.06
C PRO B 215 -28.08 2.97 35.89
N ALA B 216 -26.91 2.59 35.34
CA ALA B 216 -26.87 1.68 34.16
C ALA B 216 -27.61 0.37 34.37
N TRP B 217 -27.47 -0.21 35.58
CA TRP B 217 -28.08 -1.46 36.02
C TRP B 217 -29.60 -1.43 36.12
N TRP B 218 -30.22 -0.22 36.08
CA TRP B 218 -31.67 -0.01 36.17
C TRP B 218 -32.39 -0.92 35.21
N ARG B 219 -33.40 -1.61 35.73
CA ARG B 219 -34.16 -2.58 34.97
C ARG B 219 -35.60 -2.18 34.70
N GLY B 220 -36.23 -1.51 35.67
CA GLY B 220 -37.60 -1.00 35.56
C GLY B 220 -37.81 -0.04 34.37
N GLU B 221 -39.02 0.42 34.13
CA GLU B 221 -39.15 1.26 32.93
C GLU B 221 -40.01 2.46 33.18
N THR B 222 -40.65 2.49 34.35
CA THR B 222 -41.49 3.61 34.75
C THR B 222 -40.80 4.49 35.81
N PRO B 223 -39.77 5.31 35.52
CA PRO B 223 -39.25 6.18 36.57
C PRO B 223 -40.04 7.53 36.53
N GLU B 224 -41.39 7.50 36.54
CA GLU B 224 -42.23 8.70 36.43
C GLU B 224 -41.80 9.71 37.53
N THR B 225 -41.98 11.05 37.34
CA THR B 225 -41.46 12.19 38.12
C THR B 225 -40.10 12.58 37.55
N HIS B 226 -39.23 11.58 37.24
CA HIS B 226 -37.88 11.79 36.71
C HIS B 226 -37.67 11.06 35.37
N HIS B 227 -38.78 10.83 34.62
CA HIS B 227 -38.81 10.10 33.34
C HIS B 227 -37.82 10.64 32.31
N TYR B 228 -37.64 11.97 32.31
CA TYR B 228 -36.73 12.66 31.39
C TYR B 228 -35.27 12.61 31.82
N LEU B 229 -34.98 12.93 33.09
CA LEU B 229 -33.63 12.93 33.64
C LEU B 229 -33.00 11.53 33.60
N MET B 230 -33.84 10.49 33.65
CA MET B 230 -33.44 9.09 33.62
C MET B 230 -33.56 8.45 32.19
N LYS B 231 -33.63 9.32 31.14
CA LYS B 231 -33.71 8.98 29.71
C LYS B 231 -32.71 7.89 29.28
N LYS B 232 -31.42 8.12 29.58
CA LYS B 232 -30.29 7.25 29.26
C LYS B 232 -29.53 6.93 30.58
N PRO B 233 -28.60 5.93 30.64
CA PRO B 233 -27.85 5.70 31.88
C PRO B 233 -26.79 6.78 32.06
N GLY B 234 -26.74 7.34 33.27
CA GLY B 234 -25.82 8.40 33.62
C GLY B 234 -24.55 7.98 34.36
N TYR B 235 -24.57 6.78 35.02
CA TYR B 235 -23.43 6.25 35.80
C TYR B 235 -23.47 4.75 35.97
N TYR B 236 -22.29 4.11 36.10
CA TYR B 236 -22.20 2.66 36.30
C TYR B 236 -22.28 2.22 37.76
N LEU B 237 -22.45 0.91 37.97
CA LEU B 237 -22.48 0.22 39.26
C LEU B 237 -21.15 0.41 40.00
N SER B 238 -20.04 0.55 39.23
CA SER B 238 -18.70 0.78 39.79
C SER B 238 -18.60 2.17 40.40
N GLU B 239 -19.23 3.16 39.77
CA GLU B 239 -19.26 4.55 40.24
C GLU B 239 -20.37 4.85 41.25
N GLU B 240 -21.17 3.84 41.65
CA GLU B 240 -22.32 3.97 42.55
C GLU B 240 -21.98 4.78 43.79
N ALA B 241 -20.87 4.40 44.45
CA ALA B 241 -20.37 5.03 45.67
C ALA B 241 -19.94 6.47 45.45
N TYR B 242 -19.25 6.74 44.31
CA TYR B 242 -18.74 8.06 43.93
C TYR B 242 -19.87 9.03 43.78
N ILE B 243 -20.87 8.66 42.97
CA ILE B 243 -22.08 9.42 42.70
C ILE B 243 -22.82 9.69 44.02
N ALA B 244 -22.87 8.66 44.89
CA ALA B 244 -23.49 8.80 46.20
C ALA B 244 -22.83 9.94 47.01
N ARG B 245 -21.48 10.13 46.89
CA ARG B 245 -20.78 11.22 47.57
C ARG B 245 -21.02 12.54 46.85
N LEU B 246 -20.95 12.53 45.50
CA LEU B 246 -21.22 13.69 44.65
C LEU B 246 -22.60 14.29 44.98
N ARG B 247 -23.63 13.41 45.13
CA ARG B 247 -25.00 13.80 45.50
C ARG B 247 -24.99 14.52 46.85
N LYS B 248 -24.25 13.98 47.84
CA LYS B 248 -24.11 14.56 49.17
C LYS B 248 -23.45 15.94 49.07
N GLU B 249 -22.30 16.01 48.37
CA GLU B 249 -21.48 17.21 48.17
C GLU B 249 -22.19 18.34 47.41
N LEU B 250 -23.08 17.98 46.47
CA LEU B 250 -23.79 18.99 45.70
C LEU B 250 -25.26 19.19 46.15
N ASN B 251 -25.62 18.62 47.33
CA ASN B 251 -26.96 18.71 47.92
C ASN B 251 -28.05 18.33 46.93
N LEU B 252 -27.81 17.21 46.22
CA LEU B 252 -28.69 16.65 45.20
C LEU B 252 -29.52 15.52 45.76
N ALA B 253 -30.82 15.55 45.46
CA ALA B 253 -31.76 14.50 45.84
C ALA B 253 -31.45 13.25 45.01
N LEU B 254 -32.03 12.09 45.34
CA LEU B 254 -31.78 10.89 44.54
C LEU B 254 -32.39 11.05 43.14
N TYR B 255 -31.56 10.81 42.10
CA TYR B 255 -31.88 10.94 40.68
C TYR B 255 -32.15 12.40 40.27
N SER B 256 -31.60 13.37 41.04
CA SER B 256 -31.69 14.78 40.72
C SER B 256 -30.40 15.18 40.00
N ARG B 257 -30.52 16.16 39.08
CA ARG B 257 -29.44 16.67 38.25
C ARG B 257 -28.79 17.97 38.81
N PHE B 258 -27.52 18.23 38.43
CA PHE B 258 -26.83 19.45 38.84
C PHE B 258 -27.42 20.64 38.08
N PRO B 259 -27.77 21.76 38.76
CA PRO B 259 -28.42 22.89 38.06
C PRO B 259 -27.82 23.37 36.73
N LEU B 260 -26.50 23.42 36.66
CA LEU B 260 -25.79 23.92 35.48
C LEU B 260 -25.84 23.01 34.26
N THR B 261 -26.10 21.70 34.46
CA THR B 261 -26.16 20.72 33.36
C THR B 261 -27.21 21.07 32.32
N TRP B 262 -28.33 21.68 32.75
CA TRP B 262 -29.40 22.13 31.85
C TRP B 262 -28.88 23.11 30.79
N ILE B 263 -27.83 23.89 31.13
CA ILE B 263 -27.18 24.86 30.24
C ILE B 263 -26.31 24.11 29.22
N MET B 264 -25.39 23.23 29.68
CA MET B 264 -24.52 22.45 28.80
C MET B 264 -25.38 21.65 27.83
N GLU B 265 -26.49 21.08 28.32
CA GLU B 265 -27.44 20.31 27.54
C GLU B 265 -28.06 21.17 26.43
N ALA B 266 -28.58 22.37 26.79
CA ALA B 266 -29.18 23.33 25.87
C ALA B 266 -28.17 23.75 24.79
N ALA B 267 -26.89 23.95 25.20
CA ALA B 267 -25.78 24.33 24.32
C ALA B 267 -25.49 23.23 23.32
N ASP B 268 -25.58 21.99 23.78
CA ASP B 268 -25.38 20.79 23.00
C ASP B 268 -26.51 20.62 21.98
N ASP B 269 -27.77 20.88 22.42
CA ASP B 269 -28.97 20.81 21.61
C ASP B 269 -28.91 21.76 20.41
N ILE B 270 -28.40 22.99 20.62
CA ILE B 270 -28.24 24.00 19.59
C ILE B 270 -27.18 23.59 18.56
N SER B 271 -26.01 23.15 19.03
CA SER B 271 -24.85 22.75 18.22
C SER B 271 -25.05 21.49 17.36
N TYR B 272 -25.91 20.57 17.82
CA TYR B 272 -26.24 19.26 17.26
C TYR B 272 -26.00 19.05 15.73
N CYS B 273 -26.78 19.73 14.86
CA CYS B 273 -26.75 19.49 13.42
C CYS B 273 -26.14 20.56 12.59
N VAL B 274 -26.46 21.82 12.87
CA VAL B 274 -26.01 22.96 12.08
C VAL B 274 -24.56 22.82 11.61
N ALA B 275 -23.68 22.31 12.49
CA ALA B 275 -22.27 22.05 12.22
C ALA B 275 -22.07 21.07 11.04
N ASP B 276 -22.82 19.95 11.07
CA ASP B 276 -22.79 18.82 10.13
C ASP B 276 -23.42 19.12 8.76
N LEU B 277 -24.34 20.10 8.69
CA LEU B 277 -24.93 20.54 7.42
C LEU B 277 -23.87 21.36 6.68
N GLU B 278 -23.11 22.19 7.43
CA GLU B 278 -22.00 23.04 6.98
C GLU B 278 -20.89 22.14 6.41
N ASP B 279 -20.67 20.98 7.05
CA ASP B 279 -19.71 19.97 6.64
C ASP B 279 -20.20 19.16 5.44
N ALA B 280 -21.54 19.00 5.30
CA ALA B 280 -22.14 18.27 4.18
C ALA B 280 -21.93 19.05 2.89
N VAL B 281 -22.04 20.39 2.96
CA VAL B 281 -21.82 21.31 1.83
C VAL B 281 -20.33 21.29 1.44
N GLU B 282 -19.45 21.24 2.45
CA GLU B 282 -17.99 21.17 2.32
C GLU B 282 -17.63 19.86 1.59
N LYS B 283 -18.13 18.71 2.11
CA LYS B 283 -17.93 17.37 1.53
C LYS B 283 -18.66 17.19 0.18
N ARG B 284 -19.44 18.23 -0.22
CA ARG B 284 -20.19 18.41 -1.47
C ARG B 284 -21.37 17.42 -1.65
N ILE B 285 -22.11 17.09 -0.56
CA ILE B 285 -23.31 16.21 -0.61
C ILE B 285 -24.44 17.01 -1.32
N PHE B 286 -24.45 18.34 -1.09
CA PHE B 286 -25.36 19.30 -1.70
C PHE B 286 -24.77 20.69 -1.65
N THR B 287 -25.38 21.62 -2.39
CA THR B 287 -24.98 23.03 -2.45
C THR B 287 -25.76 23.80 -1.39
N VAL B 288 -25.33 25.02 -1.05
CA VAL B 288 -26.04 25.87 -0.10
C VAL B 288 -27.52 26.08 -0.54
N GLU B 289 -27.71 26.19 -1.86
CA GLU B 289 -29.00 26.35 -2.53
C GLU B 289 -29.90 25.12 -2.29
N GLN B 290 -29.35 23.91 -2.58
CA GLN B 290 -30.01 22.61 -2.42
C GLN B 290 -30.48 22.45 -0.97
N LEU B 291 -29.63 22.85 0.00
CA LEU B 291 -29.90 22.80 1.43
C LEU B 291 -31.04 23.74 1.81
N TYR B 292 -31.01 25.01 1.31
CA TYR B 292 -32.06 25.99 1.55
C TYR B 292 -33.41 25.44 1.14
N HIS B 293 -33.42 24.64 0.06
CA HIS B 293 -34.60 23.99 -0.45
C HIS B 293 -35.14 22.92 0.49
N HIS B 294 -34.27 22.03 1.01
CA HIS B 294 -34.66 20.97 1.93
C HIS B 294 -35.19 21.50 3.25
N LEU B 295 -34.63 22.62 3.73
CA LEU B 295 -35.08 23.29 4.94
C LEU B 295 -36.51 23.84 4.71
N HIS B 296 -36.76 24.38 3.50
CA HIS B 296 -38.08 24.86 3.12
C HIS B 296 -39.05 23.68 3.05
N PHE B 308 -38.92 30.87 11.36
CA PHE B 308 -38.36 30.22 10.18
C PHE B 308 -37.83 31.26 9.20
N SER B 309 -38.69 32.25 8.84
CA SER B 309 -38.35 33.35 7.93
C SER B 309 -37.27 34.19 8.59
N LEU B 310 -37.47 34.44 9.88
CA LEU B 310 -36.62 35.19 10.77
C LEU B 310 -35.18 34.64 10.84
N VAL B 311 -35.00 33.30 10.81
CA VAL B 311 -33.67 32.70 10.94
C VAL B 311 -33.08 32.20 9.61
N VAL B 312 -33.76 31.25 8.93
CA VAL B 312 -33.27 30.63 7.70
C VAL B 312 -33.33 31.59 6.50
N GLU B 313 -34.54 32.09 6.13
CA GLU B 313 -34.72 32.99 4.98
C GLU B 313 -33.76 34.17 5.05
N ASN B 314 -33.76 34.87 6.21
CA ASN B 314 -32.93 36.03 6.53
C ASN B 314 -31.44 35.78 6.21
N ALA B 315 -30.91 34.62 6.65
CA ALA B 315 -29.51 34.22 6.44
C ALA B 315 -29.19 33.96 4.97
N TRP B 316 -30.18 33.44 4.21
CA TRP B 316 -30.03 33.14 2.78
C TRP B 316 -29.87 34.42 1.97
N GLU B 317 -30.65 35.46 2.35
CA GLU B 317 -30.67 36.77 1.71
C GLU B 317 -29.34 37.48 1.82
N LYS B 318 -28.71 37.43 3.01
CA LYS B 318 -27.40 38.02 3.27
C LYS B 318 -26.37 37.40 2.33
N SER B 319 -26.33 36.05 2.21
CA SER B 319 -25.42 35.32 1.34
C SER B 319 -25.71 35.56 -0.14
N SER B 327 -18.02 35.32 0.90
CA SER B 327 -18.32 34.23 -0.02
C SER B 327 -19.53 33.37 0.43
N THR B 328 -20.58 33.33 -0.43
CA THR B 328 -21.88 32.65 -0.29
C THR B 328 -21.91 31.51 0.71
N GLU B 329 -20.99 30.55 0.53
CA GLU B 329 -20.89 29.34 1.37
C GLU B 329 -20.78 29.68 2.87
N ASP B 330 -19.65 30.30 3.28
CA ASP B 330 -19.34 30.67 4.66
C ASP B 330 -20.31 31.72 5.17
N GLN B 331 -20.68 32.71 4.32
CA GLN B 331 -21.60 33.79 4.64
C GLN B 331 -22.97 33.27 5.04
N PHE B 332 -23.48 32.19 4.38
CA PHE B 332 -24.77 31.62 4.73
C PHE B 332 -24.74 30.98 6.12
N PHE B 333 -23.74 30.12 6.37
CA PHE B 333 -23.60 29.43 7.64
C PHE B 333 -23.26 30.38 8.77
N MET B 334 -22.42 31.42 8.52
CA MET B 334 -22.06 32.45 9.53
C MET B 334 -23.32 33.14 10.01
N TYR B 335 -24.23 33.47 9.09
CA TYR B 335 -25.45 34.17 9.44
C TYR B 335 -26.57 33.24 9.83
N LEU B 336 -26.46 31.93 9.52
CA LEU B 336 -27.48 30.98 9.97
C LEU B 336 -27.24 30.76 11.47
N ARG B 337 -25.98 30.48 11.84
CA ARG B 337 -25.49 30.31 13.20
C ARG B 337 -25.90 31.52 14.06
N VAL B 338 -25.49 32.73 13.65
CA VAL B 338 -25.80 34.01 14.32
C VAL B 338 -27.28 34.11 14.65
N ASN B 339 -28.15 34.08 13.61
CA ASN B 339 -29.61 34.17 13.73
C ASN B 339 -30.17 33.13 14.72
N THR B 340 -29.79 31.84 14.54
CA THR B 340 -30.19 30.71 15.39
C THR B 340 -29.88 31.03 16.85
N LEU B 341 -28.60 31.36 17.14
CA LEU B 341 -28.11 31.69 18.48
C LEU B 341 -28.82 32.89 19.08
N ASN B 342 -28.91 34.00 18.32
CA ASN B 342 -29.55 35.24 18.78
C ASN B 342 -31.02 35.05 19.15
N LYS B 343 -31.65 33.97 18.67
CA LYS B 343 -33.04 33.67 19.02
C LYS B 343 -33.09 32.64 20.14
N LEU B 344 -32.31 31.55 20.01
CA LEU B 344 -32.31 30.45 20.96
C LEU B 344 -31.60 30.73 22.28
N VAL B 345 -30.38 31.32 22.27
CA VAL B 345 -29.60 31.62 23.49
C VAL B 345 -30.44 32.41 24.51
N PRO B 346 -31.11 33.53 24.14
CA PRO B 346 -31.91 34.26 25.13
C PRO B 346 -33.07 33.42 25.64
N TYR B 347 -33.70 32.62 24.75
CA TYR B 347 -34.82 31.74 25.13
C TYR B 347 -34.40 30.73 26.19
N ALA B 348 -33.27 30.04 25.97
CA ALA B 348 -32.71 29.08 26.91
C ALA B 348 -32.41 29.75 28.24
N ALA B 349 -31.75 30.93 28.19
CA ALA B 349 -31.39 31.73 29.36
C ALA B 349 -32.64 32.08 30.18
N GLN B 350 -33.71 32.48 29.47
CA GLN B 350 -34.99 32.85 30.07
C GLN B 350 -35.65 31.63 30.68
N ARG B 351 -35.75 30.53 29.91
CA ARG B 351 -36.31 29.24 30.37
C ARG B 351 -35.68 28.85 31.72
N PHE B 352 -34.33 28.89 31.78
CA PHE B 352 -33.51 28.59 32.94
C PHE B 352 -33.88 29.46 34.14
N ILE B 353 -33.95 30.78 33.96
CA ILE B 353 -34.31 31.70 35.06
C ILE B 353 -35.76 31.45 35.51
N ASP B 354 -36.68 31.32 34.55
CA ASP B 354 -38.10 31.08 34.77
C ASP B 354 -38.35 29.80 35.60
N ASN B 355 -37.62 28.73 35.30
CA ASN B 355 -37.80 27.45 36.00
C ASN B 355 -36.72 27.19 37.03
N LEU B 356 -35.97 28.25 37.43
CA LEU B 356 -34.86 28.11 38.37
C LEU B 356 -35.20 27.32 39.63
N PRO B 357 -36.39 27.45 40.29
CA PRO B 357 -36.65 26.63 41.48
C PRO B 357 -36.47 25.12 41.27
N ALA B 358 -37.15 24.57 40.24
CA ALA B 358 -37.09 23.15 39.89
C ALA B 358 -35.71 22.75 39.40
N ILE B 359 -35.10 23.61 38.53
CA ILE B 359 -33.76 23.42 37.96
C ILE B 359 -32.73 23.38 39.10
N PHE B 360 -32.91 24.23 40.13
CA PHE B 360 -32.04 24.30 41.29
C PHE B 360 -32.16 23.02 42.13
N ALA B 361 -33.40 22.60 42.43
CA ALA B 361 -33.68 21.36 43.16
C ALA B 361 -33.09 20.12 42.42
N GLY B 362 -32.98 20.24 41.09
CA GLY B 362 -32.49 19.21 40.18
C GLY B 362 -33.59 18.27 39.75
N THR B 363 -34.84 18.61 40.08
CA THR B 363 -36.03 17.81 39.81
C THR B 363 -36.76 18.13 38.50
N PHE B 364 -36.48 19.31 37.87
CA PHE B 364 -37.09 19.79 36.62
C PHE B 364 -37.08 18.71 35.53
N ASN B 365 -38.28 18.25 35.10
CA ASN B 365 -38.35 17.13 34.16
C ASN B 365 -38.50 17.47 32.68
N HIS B 366 -37.78 18.52 32.22
CA HIS B 366 -37.76 18.95 30.83
C HIS B 366 -36.38 19.54 30.49
N ALA B 367 -36.15 19.80 29.20
CA ALA B 367 -34.92 20.45 28.75
C ALA B 367 -35.27 21.91 28.59
N LEU B 368 -34.26 22.77 28.48
CA LEU B 368 -34.50 24.20 28.31
C LEU B 368 -35.23 24.50 27.00
N LEU B 369 -34.90 23.74 25.92
CA LEU B 369 -35.61 23.84 24.64
C LEU B 369 -36.38 22.53 24.49
N GLU B 370 -37.67 22.54 24.87
CA GLU B 370 -38.54 21.37 24.77
C GLU B 370 -39.65 21.60 23.74
N SER B 376 -37.80 25.47 19.46
CA SER B 376 -37.44 24.05 19.46
C SER B 376 -37.64 23.46 18.07
N ASP B 377 -38.72 23.89 17.40
CA ASP B 377 -39.08 23.45 16.05
C ASP B 377 -38.02 23.81 15.02
N LEU B 378 -37.28 24.93 15.22
CA LEU B 378 -36.19 25.35 14.33
C LEU B 378 -35.07 24.30 14.34
N LEU B 379 -34.71 23.81 15.54
CA LEU B 379 -33.68 22.79 15.72
C LEU B 379 -34.14 21.46 15.14
N LYS B 380 -35.41 21.08 15.42
CA LYS B 380 -36.02 19.85 14.91
C LYS B 380 -35.94 19.80 13.37
N LEU B 381 -36.03 21.00 12.73
CA LEU B 381 -35.93 21.18 11.29
C LEU B 381 -34.52 20.83 10.82
N TYR B 382 -33.47 21.37 11.47
CA TYR B 382 -32.07 21.07 11.17
C TYR B 382 -31.80 19.58 11.33
N LYS B 383 -32.34 18.95 12.40
CA LYS B 383 -32.23 17.53 12.69
C LYS B 383 -32.81 16.70 11.55
N ASN B 384 -34.01 17.08 11.10
CA ASN B 384 -34.73 16.38 10.04
C ASN B 384 -34.02 16.43 8.70
N VAL B 385 -33.47 17.60 8.32
CA VAL B 385 -32.72 17.76 7.06
C VAL B 385 -31.44 16.91 7.12
N ALA B 386 -30.71 16.98 8.26
CA ALA B 386 -29.48 16.21 8.47
C ALA B 386 -29.76 14.72 8.47
N VAL B 387 -30.88 14.29 9.07
CA VAL B 387 -31.21 12.86 9.08
C VAL B 387 -31.52 12.38 7.65
N LYS B 388 -32.42 13.08 6.96
CA LYS B 388 -32.86 12.75 5.61
C LYS B 388 -31.73 12.84 4.56
N HIS B 389 -30.76 13.77 4.70
CA HIS B 389 -29.74 13.95 3.64
C HIS B 389 -28.29 13.86 4.02
N VAL B 390 -27.97 13.86 5.31
CA VAL B 390 -26.57 13.82 5.71
C VAL B 390 -26.23 12.48 6.34
N PHE B 391 -26.91 12.12 7.44
CA PHE B 391 -26.66 10.88 8.18
C PHE B 391 -27.03 9.64 7.41
N SER B 392 -27.89 9.81 6.42
CA SER B 392 -28.38 8.76 5.52
C SER B 392 -27.41 8.52 4.35
N HIS B 393 -26.30 9.30 4.29
CA HIS B 393 -25.30 9.19 3.23
C HIS B 393 -24.60 7.85 3.21
N PRO B 394 -24.45 7.22 2.02
CA PRO B 394 -23.82 5.89 1.93
C PRO B 394 -22.44 5.78 2.57
N ASP B 395 -21.63 6.85 2.46
CA ASP B 395 -20.29 6.88 3.03
C ASP B 395 -20.39 6.86 4.54
N VAL B 396 -21.33 7.67 5.09
CA VAL B 396 -21.58 7.77 6.52
C VAL B 396 -22.00 6.38 7.01
N GLU B 397 -23.04 5.78 6.38
CA GLU B 397 -23.54 4.45 6.72
C GLU B 397 -22.51 3.31 6.64
N ARG B 398 -21.59 3.33 5.63
CA ARG B 398 -20.53 2.31 5.49
C ARG B 398 -19.58 2.39 6.65
N LEU B 399 -19.20 3.62 7.04
CA LEU B 399 -18.31 3.87 8.16
C LEU B 399 -18.94 3.22 9.41
N GLU B 400 -20.26 3.40 9.60
CA GLU B 400 -21.06 2.88 10.73
C GLU B 400 -21.02 1.35 10.75
N LEU B 401 -21.24 0.71 9.59
CA LEU B 401 -21.18 -0.73 9.44
C LEU B 401 -19.79 -1.25 9.78
N GLN B 402 -18.74 -0.60 9.21
CA GLN B 402 -17.33 -0.91 9.39
C GLN B 402 -16.95 -0.81 10.86
N GLY B 403 -17.33 0.30 11.48
CA GLY B 403 -17.03 0.57 12.87
C GLY B 403 -17.53 -0.53 13.79
N TYR B 404 -18.78 -0.93 13.57
CA TYR B 404 -19.42 -1.97 14.31
C TYR B 404 -18.62 -3.25 14.16
N ARG B 405 -18.20 -3.60 12.92
CA ARG B 405 -17.40 -4.79 12.60
C ARG B 405 -16.08 -4.77 13.39
N VAL B 406 -15.36 -3.62 13.37
CA VAL B 406 -14.10 -3.42 14.08
C VAL B 406 -14.26 -3.69 15.60
N ILE B 407 -15.15 -2.95 16.28
CA ILE B 407 -15.36 -3.08 17.72
C ILE B 407 -15.84 -4.49 18.06
N SER B 408 -16.75 -5.05 17.24
CA SER B 408 -17.24 -6.40 17.46
C SER B 408 -16.07 -7.38 17.42
N GLY B 409 -15.21 -7.20 16.41
CA GLY B 409 -14.00 -8.01 16.22
C GLY B 409 -13.03 -7.90 17.37
N LEU B 410 -12.71 -6.66 17.75
CA LEU B 410 -11.81 -6.36 18.83
C LEU B 410 -12.20 -7.08 20.10
N LEU B 411 -13.49 -7.05 20.43
CA LEU B 411 -14.04 -7.69 21.62
C LEU B 411 -13.81 -9.16 21.55
N GLU B 412 -14.08 -9.74 20.38
CA GLU B 412 -13.90 -11.17 20.15
C GLU B 412 -12.43 -11.58 20.28
N ILE B 413 -11.49 -10.66 19.96
CA ILE B 413 -10.05 -10.90 20.06
C ILE B 413 -9.63 -11.04 21.53
N TYR B 414 -10.19 -10.19 22.42
CA TYR B 414 -9.89 -10.20 23.87
C TYR B 414 -10.82 -11.09 24.67
N ARG B 415 -11.79 -11.78 24.01
CA ARG B 415 -12.70 -12.72 24.67
C ARG B 415 -11.92 -13.72 25.57
N PRO B 416 -10.74 -14.27 25.16
CA PRO B 416 -10.01 -15.22 26.03
C PRO B 416 -9.70 -14.76 27.45
N LEU B 417 -9.61 -13.44 27.69
CA LEU B 417 -9.34 -12.89 29.01
C LEU B 417 -10.56 -13.07 29.89
N LEU B 418 -11.77 -12.93 29.31
CA LEU B 418 -13.04 -13.10 30.04
C LEU B 418 -13.43 -14.57 30.15
N SER B 419 -12.81 -15.40 29.32
CA SER B 419 -13.05 -16.84 29.32
C SER B 419 -12.35 -17.53 30.51
N LEU B 420 -11.23 -16.94 30.98
CA LEU B 420 -10.38 -17.40 32.09
C LEU B 420 -11.12 -17.51 33.42
N SER B 421 -10.71 -18.48 34.26
CA SER B 421 -11.27 -18.65 35.59
C SER B 421 -10.72 -17.55 36.49
N LEU B 422 -11.37 -17.30 37.63
CA LEU B 422 -10.88 -16.28 38.56
C LEU B 422 -9.46 -16.57 38.98
N SER B 423 -9.17 -17.80 39.45
CA SER B 423 -7.83 -18.19 39.90
C SER B 423 -6.78 -17.93 38.80
N ASP B 424 -7.07 -18.37 37.55
CA ASP B 424 -6.21 -18.22 36.38
C ASP B 424 -5.98 -16.75 36.07
N PHE B 425 -7.06 -15.96 35.98
CA PHE B 425 -6.93 -14.54 35.68
C PHE B 425 -6.15 -13.82 36.77
N THR B 426 -6.38 -14.20 38.03
CA THR B 426 -5.70 -13.60 39.17
C THR B 426 -4.21 -13.86 39.06
N GLU B 427 -3.84 -15.13 38.77
CA GLU B 427 -2.47 -15.62 38.56
C GLU B 427 -1.78 -14.78 37.49
N LEU B 428 -2.53 -14.44 36.43
CA LEU B 428 -2.09 -13.64 35.30
C LEU B 428 -1.80 -12.19 35.72
N VAL B 429 -2.66 -11.63 36.58
CA VAL B 429 -2.48 -10.27 37.05
C VAL B 429 -1.26 -10.21 37.96
N GLU B 430 -1.06 -11.25 38.80
CA GLU B 430 0.07 -11.35 39.72
C GLU B 430 1.42 -11.47 38.99
N LYS B 431 1.80 -12.68 38.53
CA LYS B 431 3.04 -12.88 37.79
C LYS B 431 2.72 -12.57 36.33
N GLU B 432 2.73 -11.26 35.98
CA GLU B 432 2.35 -10.67 34.67
C GLU B 432 2.44 -11.65 33.46
N ARG B 433 3.56 -12.36 33.31
CA ARG B 433 3.72 -13.35 32.23
C ARG B 433 3.57 -14.79 32.78
N VAL B 434 2.47 -15.51 32.38
CA VAL B 434 2.16 -16.91 32.73
C VAL B 434 2.47 -17.84 31.52
N LYS B 435 3.13 -18.98 31.80
CA LYS B 435 3.57 -19.98 30.80
C LYS B 435 2.45 -20.78 30.17
N ARG B 436 1.46 -21.22 30.98
CA ARG B 436 0.31 -22.02 30.52
C ARG B 436 -0.55 -21.24 29.51
N PHE B 437 -0.55 -19.91 29.64
CA PHE B 437 -1.36 -19.04 28.77
C PHE B 437 -0.46 -18.00 28.15
N PRO B 438 0.10 -18.29 26.97
CA PRO B 438 0.95 -17.33 26.29
C PRO B 438 0.09 -16.35 25.48
N ILE B 439 -1.11 -16.76 25.12
CA ILE B 439 -1.98 -15.92 24.27
C ILE B 439 -2.73 -14.94 25.16
N GLU B 440 -3.17 -15.39 26.33
CA GLU B 440 -3.88 -14.50 27.28
C GLU B 440 -2.86 -13.53 27.88
N SER B 441 -1.67 -14.01 28.20
CA SER B 441 -0.66 -13.13 28.78
C SER B 441 -0.42 -11.95 27.87
N ARG B 442 -0.05 -12.25 26.61
CA ARG B 442 0.26 -11.27 25.58
C ARG B 442 -0.86 -10.27 25.33
N LEU B 443 -2.13 -10.74 25.34
CA LEU B 443 -3.32 -9.92 25.19
C LEU B 443 -3.52 -9.05 26.42
N PHE B 444 -3.24 -9.61 27.61
CA PHE B 444 -3.37 -8.90 28.87
C PHE B 444 -2.42 -7.71 28.92
N HIS B 445 -1.22 -7.85 28.34
CA HIS B 445 -0.24 -6.77 28.29
C HIS B 445 -0.64 -5.66 27.35
N LYS B 446 -1.45 -5.98 26.31
CA LYS B 446 -1.92 -5.00 25.33
C LYS B 446 -2.78 -3.90 25.98
N LEU B 447 -3.52 -4.26 27.05
CA LEU B 447 -4.40 -3.39 27.84
C LEU B 447 -3.60 -2.29 28.52
N SER B 448 -4.02 -1.04 28.35
CA SER B 448 -3.35 0.14 28.91
C SER B 448 -3.22 0.00 30.41
N THR B 449 -2.02 0.32 30.92
CA THR B 449 -1.68 0.28 32.35
C THR B 449 -2.68 1.05 33.22
N ARG B 450 -3.18 2.18 32.71
CA ARG B 450 -4.18 2.99 33.41
C ARG B 450 -5.44 2.18 33.73
N HIS B 451 -5.93 1.39 32.77
CA HIS B 451 -7.13 0.55 32.97
C HIS B 451 -6.83 -0.65 33.82
N ARG B 452 -5.64 -1.26 33.62
CA ARG B 452 -5.21 -2.44 34.35
C ARG B 452 -5.05 -2.12 35.81
N LEU B 453 -4.54 -0.91 36.11
CA LEU B 453 -4.34 -0.42 37.46
C LEU B 453 -5.66 -0.29 38.17
N ALA B 454 -6.63 0.39 37.52
CA ALA B 454 -8.00 0.57 37.99
C ALA B 454 -8.63 -0.77 38.39
N TYR B 455 -8.36 -1.87 37.61
CA TYR B 455 -8.84 -3.22 37.91
C TYR B 455 -8.25 -3.69 39.23
N VAL B 456 -6.91 -3.66 39.33
CA VAL B 456 -6.16 -4.05 40.52
C VAL B 456 -6.68 -3.32 41.75
N GLU B 457 -6.69 -1.97 41.67
CA GLU B 457 -7.16 -1.01 42.70
C GLU B 457 -8.57 -1.38 43.20
N ALA B 458 -9.50 -1.69 42.27
CA ALA B 458 -10.90 -2.00 42.55
C ALA B 458 -11.08 -3.35 43.17
N VAL B 459 -10.41 -4.35 42.61
CA VAL B 459 -10.49 -5.74 43.03
C VAL B 459 -9.80 -5.93 44.39
N SER B 460 -8.70 -5.18 44.61
CA SER B 460 -7.96 -5.21 45.89
C SER B 460 -8.87 -4.83 47.07
N LYS B 461 -9.68 -3.75 46.90
CA LYS B 461 -10.63 -3.21 47.89
C LYS B 461 -11.69 -4.24 48.36
N LEU B 462 -12.18 -5.13 47.46
CA LEU B 462 -13.20 -6.15 47.74
C LEU B 462 -12.72 -7.18 48.78
N PRO B 463 -13.63 -7.70 49.66
CA PRO B 463 -13.20 -8.74 50.62
C PRO B 463 -13.22 -10.12 49.95
N SER B 464 -12.06 -10.80 49.90
CA SER B 464 -11.91 -12.10 49.24
C SER B 464 -12.83 -13.19 49.79
N ASP B 465 -13.02 -13.21 51.12
CA ASP B 465 -13.87 -14.16 51.84
C ASP B 465 -15.35 -14.10 51.46
N SER B 466 -15.80 -12.94 50.96
CA SER B 466 -17.18 -12.68 50.52
C SER B 466 -17.67 -13.62 49.41
N PRO B 467 -18.94 -14.09 49.47
CA PRO B 467 -19.43 -14.97 48.40
C PRO B 467 -19.71 -14.22 47.10
N GLU B 468 -19.84 -12.88 47.20
CA GLU B 468 -20.07 -12.00 46.06
C GLU B 468 -18.75 -11.54 45.40
N PHE B 469 -17.59 -11.88 46.00
CA PHE B 469 -16.27 -11.56 45.45
C PHE B 469 -16.07 -12.03 43.99
N PRO B 470 -16.42 -13.28 43.60
CA PRO B 470 -16.20 -13.67 42.18
C PRO B 470 -17.07 -12.91 41.19
N LEU B 471 -18.28 -12.51 41.66
CA LEU B 471 -19.25 -11.72 40.90
C LEU B 471 -18.69 -10.34 40.63
N TRP B 472 -18.15 -9.71 41.68
CA TRP B 472 -17.54 -8.39 41.60
C TRP B 472 -16.32 -8.36 40.73
N GLU B 473 -15.46 -9.38 40.86
CA GLU B 473 -14.24 -9.52 40.07
C GLU B 473 -14.58 -9.56 38.59
N TYR B 474 -15.53 -10.45 38.20
CA TYR B 474 -15.92 -10.56 36.79
C TYR B 474 -16.43 -9.26 36.25
N TYR B 475 -17.19 -8.54 37.08
CA TYR B 475 -17.72 -7.25 36.69
C TYR B 475 -16.58 -6.30 36.36
N TYR B 476 -15.61 -6.16 37.28
CA TYR B 476 -14.44 -5.30 37.11
C TYR B 476 -13.54 -5.75 35.95
N ARG B 477 -13.46 -7.07 35.68
CA ARG B 477 -12.69 -7.62 34.55
C ARG B 477 -13.34 -7.21 33.21
N CYS B 478 -14.68 -7.22 33.17
CA CYS B 478 -15.46 -6.83 31.99
C CYS B 478 -15.34 -5.37 31.81
N ARG B 479 -15.43 -4.63 32.93
CA ARG B 479 -15.31 -3.19 32.91
C ARG B 479 -13.94 -2.83 32.37
N LEU B 480 -12.88 -3.55 32.78
CA LEU B 480 -11.50 -3.40 32.30
C LEU B 480 -11.47 -3.45 30.77
N LEU B 481 -12.11 -4.45 30.17
CA LEU B 481 -12.17 -4.58 28.72
C LEU B 481 -12.95 -3.42 28.05
N GLN B 482 -14.14 -3.08 28.59
CA GLN B 482 -14.96 -1.99 28.09
C GLN B 482 -14.22 -0.65 28.15
N ASP B 483 -13.45 -0.42 29.23
CA ASP B 483 -12.63 0.79 29.45
C ASP B 483 -11.54 0.91 28.39
N TYR B 484 -10.87 -0.22 28.04
CA TYR B 484 -9.80 -0.29 27.08
C TYR B 484 -10.31 0.10 25.73
N ILE B 485 -11.37 -0.59 25.25
CA ILE B 485 -12.03 -0.42 23.96
C ILE B 485 -12.56 0.98 23.79
N SER B 486 -13.43 1.47 24.71
CA SER B 486 -14.02 2.83 24.63
C SER B 486 -12.95 3.92 24.63
N GLY B 487 -11.83 3.61 25.29
CA GLY B 487 -10.66 4.49 25.43
C GLY B 487 -9.87 4.72 24.17
N MET B 488 -10.05 3.83 23.18
CA MET B 488 -9.39 3.89 21.87
C MET B 488 -9.99 4.99 21.02
N THR B 489 -9.13 5.56 20.18
CA THR B 489 -9.51 6.54 19.20
C THR B 489 -10.04 5.71 18.02
N ASP B 490 -10.87 6.32 17.16
CA ASP B 490 -11.46 5.69 15.97
C ASP B 490 -10.41 4.96 15.12
N LEU B 491 -9.29 5.65 14.88
CA LEU B 491 -8.17 5.19 14.07
C LEU B 491 -7.39 4.10 14.74
N TYR B 492 -7.11 4.25 16.03
CA TYR B 492 -6.34 3.25 16.76
C TYR B 492 -7.07 1.92 16.83
N ALA B 493 -8.40 1.97 17.01
CA ALA B 493 -9.23 0.78 17.09
C ALA B 493 -9.23 0.08 15.76
N TRP B 494 -9.26 0.84 14.67
CA TRP B 494 -9.26 0.29 13.32
C TRP B 494 -7.94 -0.41 13.04
N ASP B 495 -6.82 0.24 13.42
CA ASP B 495 -5.47 -0.30 13.24
C ASP B 495 -5.29 -1.56 14.02
N GLU B 496 -5.57 -1.51 15.33
CA GLU B 496 -5.48 -2.63 16.27
C GLU B 496 -6.21 -3.85 15.76
N TYR B 497 -7.38 -3.64 15.15
CA TYR B 497 -8.17 -4.72 14.56
C TYR B 497 -7.40 -5.40 13.43
N ARG B 498 -6.93 -4.61 12.48
CA ARG B 498 -6.15 -5.07 11.34
C ARG B 498 -4.81 -5.68 11.74
N ARG B 499 -4.15 -5.18 12.80
CA ARG B 499 -2.89 -5.71 13.30
C ARG B 499 -3.13 -7.08 13.90
N LEU B 500 -4.08 -7.17 14.85
CA LEU B 500 -4.43 -8.41 15.53
C LEU B 500 -5.14 -9.41 14.62
N MET B 501 -5.63 -8.98 13.46
CA MET B 501 -6.22 -9.92 12.51
C MET B 501 -5.15 -10.55 11.58
N ALA B 502 -3.88 -10.11 11.78
CA ALA B 502 -2.65 -10.51 11.08
C ALA B 502 -2.65 -10.06 9.61
N VAL B 503 -3.36 -8.93 9.33
CA VAL B 503 -3.47 -8.27 8.02
C VAL B 503 -2.63 -6.94 7.97
N GLU B 504 -1.69 -6.75 8.95
CA GLU B 504 -0.76 -5.61 9.10
C GLU B 504 0.33 -5.94 10.16
N GLN C 3 -43.12 -27.27 -41.74
CA GLN C 3 -42.52 -26.32 -42.67
C GLN C 3 -41.69 -25.21 -41.96
N ILE C 4 -40.50 -24.92 -42.55
CA ILE C 4 -39.55 -23.92 -42.07
C ILE C 4 -39.90 -22.50 -42.55
N ASP C 5 -40.32 -21.63 -41.62
CA ASP C 5 -40.67 -20.25 -41.89
C ASP C 5 -40.16 -19.33 -40.76
N PHE C 6 -39.05 -18.68 -41.03
CA PHE C 6 -38.36 -17.81 -40.09
C PHE C 6 -39.13 -16.57 -39.72
N ARG C 7 -40.24 -16.30 -40.45
CA ARG C 7 -41.09 -15.17 -40.10
C ARG C 7 -41.71 -15.45 -38.73
N LYS C 8 -42.00 -16.76 -38.47
CA LYS C 8 -42.57 -17.28 -37.21
C LYS C 8 -41.58 -17.23 -36.02
N LYS C 9 -40.27 -17.27 -36.30
CA LYS C 9 -39.28 -17.28 -35.26
C LYS C 9 -38.68 -15.89 -34.99
N ILE C 10 -38.34 -15.11 -36.03
CA ILE C 10 -37.80 -13.76 -35.85
C ILE C 10 -38.96 -12.81 -35.50
N ASN C 11 -39.21 -12.72 -34.20
CA ASN C 11 -40.30 -11.93 -33.63
C ASN C 11 -39.81 -10.57 -33.17
N TRP C 12 -40.29 -9.52 -33.83
CA TRP C 12 -39.88 -8.14 -33.56
C TRP C 12 -40.75 -7.39 -32.51
N HIS C 13 -41.64 -8.11 -31.80
CA HIS C 13 -42.46 -7.52 -30.75
C HIS C 13 -41.68 -7.52 -29.45
N ARG C 14 -42.08 -6.63 -28.52
CA ARG C 14 -41.47 -6.44 -27.21
C ARG C 14 -42.50 -6.84 -26.14
N ARG C 15 -42.02 -7.05 -24.88
CA ARG C 15 -42.96 -7.43 -23.82
C ARG C 15 -43.84 -6.22 -23.43
N TYR C 16 -43.17 -5.10 -23.11
CA TYR C 16 -43.78 -3.85 -22.71
C TYR C 16 -43.72 -2.88 -23.88
N ARG C 17 -44.69 -1.88 -23.94
CA ARG C 17 -44.82 -0.83 -24.98
C ARG C 17 -44.30 -1.38 -26.33
N SER C 18 -44.98 -2.44 -26.82
CA SER C 18 -44.59 -3.21 -28.00
C SER C 18 -44.88 -2.57 -29.32
N PRO C 19 -44.00 -2.74 -30.34
CA PRO C 19 -44.34 -2.25 -31.68
C PRO C 19 -45.46 -3.12 -32.23
N GLN C 20 -46.44 -2.51 -32.87
CA GLN C 20 -47.54 -3.30 -33.36
C GLN C 20 -47.77 -3.03 -34.81
N GLY C 21 -48.52 -3.91 -35.45
CA GLY C 21 -48.89 -3.65 -36.82
C GLY C 21 -48.12 -4.39 -37.86
N VAL C 22 -48.17 -3.87 -39.07
CA VAL C 22 -47.61 -4.51 -40.26
C VAL C 22 -46.07 -4.46 -40.36
N LYS C 23 -45.44 -3.25 -40.52
CA LYS C 23 -43.99 -2.99 -40.62
C LYS C 23 -43.28 -3.42 -41.93
N THR C 24 -42.59 -2.42 -42.53
CA THR C 24 -41.74 -2.46 -43.71
C THR C 24 -40.50 -3.29 -43.34
N GLU C 25 -39.78 -3.87 -44.32
CA GLU C 25 -38.52 -4.60 -44.10
C GLU C 25 -37.59 -3.64 -43.33
N HIS C 26 -37.62 -2.33 -43.72
CA HIS C 26 -36.83 -1.28 -43.12
C HIS C 26 -37.30 -0.98 -41.70
N GLU C 27 -38.63 -0.96 -41.48
CA GLU C 27 -39.23 -0.72 -40.16
C GLU C 27 -38.76 -1.81 -39.16
N ILE C 28 -38.83 -3.10 -39.57
CA ILE C 28 -38.39 -4.22 -38.75
C ILE C 28 -36.88 -4.13 -38.49
N LEU C 29 -36.11 -3.69 -39.52
CA LEU C 29 -34.67 -3.51 -39.40
C LEU C 29 -34.35 -2.52 -38.25
N ARG C 30 -35.02 -1.32 -38.27
CA ARG C 30 -34.80 -0.28 -37.25
C ARG C 30 -35.14 -0.77 -35.83
N ILE C 31 -36.11 -1.73 -35.72
CA ILE C 31 -36.52 -2.34 -34.44
C ILE C 31 -35.34 -3.10 -33.87
N PHE C 32 -34.72 -3.93 -34.71
CA PHE C 32 -33.59 -4.75 -34.32
C PHE C 32 -32.32 -3.94 -34.12
N GLU C 33 -32.22 -2.78 -34.80
CA GLU C 33 -31.08 -1.87 -34.65
C GLU C 33 -31.18 -1.12 -33.34
N SER C 34 -32.43 -0.95 -32.84
CA SER C 34 -32.68 -0.29 -31.58
C SER C 34 -32.21 -1.21 -30.47
N ASP C 35 -32.44 -2.53 -30.62
CA ASP C 35 -32.00 -3.56 -29.68
C ASP C 35 -30.49 -3.49 -29.53
N ARG C 36 -29.76 -3.38 -30.66
CA ARG C 36 -28.30 -3.30 -30.70
C ARG C 36 -27.81 -2.15 -29.84
N GLY C 37 -28.42 -0.99 -30.03
CA GLY C 37 -28.11 0.22 -29.27
C GLY C 37 -28.31 0.03 -27.79
N ARG C 38 -29.46 -0.60 -27.40
CA ARG C 38 -29.81 -0.90 -26.00
C ARG C 38 -28.70 -1.71 -25.32
N ILE C 39 -28.34 -2.87 -25.93
CA ILE C 39 -27.32 -3.81 -25.49
C ILE C 39 -25.89 -3.16 -25.43
N ILE C 40 -25.45 -2.50 -26.53
CA ILE C 40 -24.10 -1.90 -26.63
C ILE C 40 -23.91 -0.73 -25.65
N ASN C 41 -24.94 0.08 -25.46
CA ASN C 41 -24.87 1.20 -24.53
C ASN C 41 -25.28 0.79 -23.10
N SER C 42 -25.49 -0.53 -22.86
CA SER C 42 -25.90 -1.06 -21.55
C SER C 42 -24.76 -1.16 -20.58
N PRO C 43 -24.98 -0.73 -19.33
CA PRO C 43 -23.93 -0.85 -18.31
C PRO C 43 -23.59 -2.30 -18.04
N ALA C 44 -24.57 -3.21 -18.14
CA ALA C 44 -24.36 -4.65 -17.98
C ALA C 44 -23.24 -5.14 -18.92
N ILE C 45 -23.18 -4.57 -20.13
CA ILE C 45 -22.13 -4.93 -21.09
C ILE C 45 -20.82 -4.17 -20.77
N ARG C 46 -20.85 -2.88 -20.34
CA ARG C 46 -19.63 -2.15 -19.95
C ARG C 46 -18.96 -2.80 -18.76
N ARG C 47 -19.76 -3.45 -17.89
CA ARG C 47 -19.30 -4.15 -16.69
C ARG C 47 -18.39 -5.31 -17.06
N LEU C 48 -18.53 -5.84 -18.27
CA LEU C 48 -17.74 -6.97 -18.73
C LEU C 48 -16.26 -6.68 -18.86
N GLN C 49 -15.84 -5.41 -19.07
CA GLN C 49 -14.41 -5.12 -19.20
C GLN C 49 -13.71 -5.21 -17.86
N GLN C 50 -14.48 -5.29 -16.78
CA GLN C 50 -13.98 -5.41 -15.40
C GLN C 50 -14.06 -6.85 -14.91
N LYS C 51 -14.85 -7.70 -15.60
CA LYS C 51 -14.95 -9.14 -15.31
C LYS C 51 -13.84 -9.86 -16.11
N THR C 52 -13.16 -10.85 -15.51
CA THR C 52 -12.04 -11.55 -16.14
C THR C 52 -12.40 -12.85 -16.89
N GLN C 53 -11.68 -13.10 -18.00
CA GLN C 53 -11.87 -14.30 -18.83
C GLN C 53 -11.14 -15.55 -18.22
N VAL C 54 -9.81 -15.57 -18.19
CA VAL C 54 -9.06 -16.67 -17.57
C VAL C 54 -8.11 -16.03 -16.55
N PHE C 55 -7.12 -15.26 -17.07
CA PHE C 55 -6.06 -14.56 -16.32
C PHE C 55 -6.53 -13.28 -15.66
N PRO C 56 -5.99 -12.97 -14.44
CA PRO C 56 -6.40 -11.74 -13.74
C PRO C 56 -6.06 -10.47 -14.49
N LEU C 57 -6.86 -9.43 -14.26
CA LEU C 57 -6.73 -8.12 -14.92
C LEU C 57 -5.44 -7.40 -14.48
N GLU C 58 -4.52 -7.21 -15.42
CA GLU C 58 -3.20 -6.62 -15.15
C GLU C 58 -3.10 -5.17 -15.65
N ARG C 59 -1.94 -4.49 -15.39
CA ARG C 59 -1.63 -3.16 -15.93
C ARG C 59 -0.84 -3.35 -17.25
N ASN C 60 -0.48 -4.62 -17.57
CA ASN C 60 0.23 -5.13 -18.76
C ASN C 60 -0.83 -5.73 -19.71
N ALA C 62 -2.89 -6.44 -21.97
CA ALA C 62 -3.12 -6.88 -23.35
C ALA C 62 -4.01 -8.15 -23.37
N VAL C 63 -4.28 -8.66 -22.14
CA VAL C 63 -5.09 -9.81 -21.82
C VAL C 63 -6.59 -9.61 -22.18
N ARG C 64 -7.29 -10.72 -22.39
CA ARG C 64 -8.71 -10.67 -22.68
C ARG C 64 -9.53 -10.64 -21.40
N THR C 65 -10.57 -9.82 -21.44
CA THR C 65 -11.58 -9.69 -20.39
C THR C 65 -12.82 -10.38 -20.95
N ARG C 66 -13.90 -10.49 -20.16
CA ARG C 66 -15.13 -11.07 -20.63
C ARG C 66 -15.65 -10.29 -21.82
N LEU C 67 -15.45 -8.94 -21.83
CA LEU C 67 -15.86 -8.08 -22.95
C LEU C 67 -15.11 -8.34 -24.22
N THR C 68 -13.77 -8.29 -24.21
CA THR C 68 -12.99 -8.53 -25.42
C THR C 68 -13.20 -9.90 -25.97
N HIS C 69 -13.40 -10.91 -25.11
CA HIS C 69 -13.72 -12.25 -25.57
C HIS C 69 -15.11 -12.25 -26.21
N SER C 70 -16.14 -11.77 -25.50
CA SER C 70 -17.50 -11.69 -26.04
C SER C 70 -17.54 -10.99 -27.42
N MET C 71 -16.70 -9.97 -27.62
CA MET C 71 -16.50 -9.21 -28.85
C MET C 71 -15.95 -10.06 -29.98
N GLU C 72 -14.99 -10.95 -29.66
CA GLU C 72 -14.39 -11.92 -30.58
C GLU C 72 -15.40 -13.02 -30.97
N VAL C 73 -16.25 -13.48 -30.00
CA VAL C 73 -17.30 -14.48 -30.24
C VAL C 73 -18.31 -13.88 -31.23
N GLN C 74 -18.71 -12.62 -31.00
CA GLN C 74 -19.62 -11.86 -31.84
C GLN C 74 -19.14 -11.92 -33.29
N GLN C 75 -17.82 -11.72 -33.53
CA GLN C 75 -17.25 -11.81 -34.88
C GLN C 75 -17.46 -13.22 -35.49
N VAL C 76 -17.16 -14.30 -34.73
CA VAL C 76 -17.35 -15.68 -35.20
C VAL C 76 -18.83 -15.90 -35.56
N GLY C 77 -19.72 -15.51 -34.67
CA GLY C 77 -21.16 -15.61 -34.86
C GLY C 77 -21.65 -14.92 -36.12
N ARG C 78 -21.12 -13.69 -36.37
CA ARG C 78 -21.43 -12.92 -37.56
C ARG C 78 -21.00 -13.77 -38.78
N TYR C 79 -19.72 -14.20 -38.82
CA TYR C 79 -19.20 -15.03 -39.89
C TYR C 79 -20.06 -16.28 -40.17
N ILE C 80 -20.50 -17.01 -39.11
CA ILE C 80 -21.34 -18.21 -39.25
C ILE C 80 -22.67 -17.84 -39.84
N ALA C 81 -23.39 -16.85 -39.25
CA ALA C 81 -24.70 -16.39 -39.76
C ALA C 81 -24.62 -15.94 -41.21
N LYS C 82 -23.58 -15.15 -41.53
CA LYS C 82 -23.32 -14.65 -42.88
C LYS C 82 -23.11 -15.79 -43.87
N GLU C 83 -22.48 -16.89 -43.40
CA GLU C 83 -22.23 -18.06 -44.21
C GLU C 83 -23.55 -18.85 -44.45
N ILE C 84 -24.37 -19.03 -43.38
CA ILE C 84 -25.65 -19.73 -43.45
C ILE C 84 -26.51 -19.04 -44.47
N LEU C 85 -26.49 -17.70 -44.49
CA LEU C 85 -27.30 -16.95 -45.42
C LEU C 85 -26.77 -16.97 -46.86
N SER C 86 -25.44 -16.95 -47.03
CA SER C 86 -24.82 -17.02 -48.36
C SER C 86 -25.08 -18.39 -49.00
N ARG C 87 -25.07 -19.47 -48.17
CA ARG C 87 -25.34 -20.82 -48.60
C ARG C 87 -26.82 -20.96 -48.96
N LEU C 88 -27.73 -20.52 -48.06
CA LEU C 88 -29.17 -20.55 -48.27
C LEU C 88 -29.57 -19.82 -49.56
N LYS C 89 -28.88 -18.69 -49.88
CA LYS C 89 -29.06 -17.90 -51.09
C LYS C 89 -28.68 -18.71 -52.28
N GLU C 90 -27.49 -19.40 -52.25
CA GLU C 90 -27.01 -20.28 -53.35
C GLU C 90 -27.97 -21.45 -53.56
N LEU C 91 -28.59 -21.94 -52.46
CA LEU C 91 -29.55 -23.03 -52.48
C LEU C 91 -30.95 -22.60 -52.90
N LYS C 92 -31.18 -21.28 -53.06
CA LYS C 92 -32.44 -20.64 -53.48
C LYS C 92 -33.57 -20.83 -52.42
N LEU C 93 -33.15 -21.19 -51.20
CA LEU C 93 -34.02 -21.46 -50.07
C LEU C 93 -34.34 -20.25 -49.21
N LEU C 94 -33.61 -19.14 -49.42
CA LEU C 94 -33.78 -17.90 -48.64
C LEU C 94 -35.24 -17.39 -48.61
N GLU C 95 -35.87 -17.32 -49.80
CA GLU C 95 -37.25 -16.89 -49.94
C GLU C 95 -38.19 -17.95 -49.39
N ALA C 96 -37.86 -19.23 -49.62
CA ALA C 96 -38.62 -20.40 -49.20
C ALA C 96 -38.73 -20.55 -47.69
N TYR C 97 -37.70 -20.06 -46.97
CA TYR C 97 -37.65 -20.15 -45.51
C TYR C 97 -38.09 -18.86 -44.81
N GLY C 98 -38.55 -17.87 -45.59
CA GLY C 98 -39.07 -16.60 -45.08
C GLY C 98 -38.04 -15.58 -44.66
N LEU C 99 -36.76 -15.97 -44.79
CA LEU C 99 -35.60 -15.16 -44.46
C LEU C 99 -35.30 -14.03 -45.41
N ASP C 100 -35.97 -13.95 -46.58
CA ASP C 100 -35.68 -12.95 -47.61
C ASP C 100 -35.75 -11.52 -47.08
N GLU C 101 -36.70 -11.23 -46.21
CA GLU C 101 -36.82 -9.89 -45.64
C GLU C 101 -36.12 -9.74 -44.25
N LEU C 102 -36.06 -10.82 -43.47
CA LEU C 102 -35.45 -10.89 -42.15
C LEU C 102 -33.96 -11.24 -42.18
N THR C 103 -33.33 -10.91 -43.29
CA THR C 103 -31.92 -11.22 -43.54
C THR C 103 -30.98 -10.56 -42.52
N GLY C 104 -31.18 -9.26 -42.30
CA GLY C 104 -30.41 -8.47 -41.36
C GLY C 104 -30.67 -8.87 -39.91
N PRO C 105 -31.95 -8.86 -39.46
CA PRO C 105 -32.25 -9.28 -38.09
C PRO C 105 -31.64 -10.63 -37.74
N PHE C 106 -31.62 -11.58 -38.72
CA PHE C 106 -30.99 -12.89 -38.52
C PHE C 106 -29.51 -12.72 -38.04
N GLU C 107 -28.66 -11.99 -38.80
CA GLU C 107 -27.26 -11.80 -38.41
C GLU C 107 -27.15 -10.89 -37.17
N SER C 108 -28.09 -9.94 -36.99
CA SER C 108 -28.02 -9.03 -35.83
C SER C 108 -28.30 -9.77 -34.52
N ILE C 109 -29.35 -10.64 -34.48
CA ILE C 109 -29.75 -11.45 -33.32
C ILE C 109 -28.58 -12.33 -32.92
N VAL C 110 -27.94 -13.00 -33.89
CA VAL C 110 -26.78 -13.87 -33.63
C VAL C 110 -25.67 -13.07 -32.96
N GLU C 111 -25.32 -11.91 -33.53
CA GLU C 111 -24.29 -11.02 -33.02
C GLU C 111 -24.58 -10.58 -31.58
N MET C 112 -25.80 -10.08 -31.30
CA MET C 112 -26.12 -9.60 -29.97
C MET C 112 -26.24 -10.73 -28.95
N SER C 113 -26.69 -11.92 -29.38
CA SER C 113 -26.77 -13.11 -28.49
C SER C 113 -25.37 -13.54 -28.10
N CYS C 114 -24.37 -13.29 -28.99
CA CYS C 114 -22.98 -13.59 -28.75
C CYS C 114 -22.42 -12.64 -27.74
N LEU C 115 -22.65 -11.34 -27.94
CA LEU C 115 -22.18 -10.32 -27.01
C LEU C 115 -22.78 -10.54 -25.58
N MET C 116 -24.09 -10.91 -25.51
CA MET C 116 -24.80 -11.16 -24.26
C MET C 116 -24.58 -12.56 -23.63
N HIS C 117 -23.94 -13.52 -24.35
CA HIS C 117 -23.61 -14.78 -23.72
C HIS C 117 -22.53 -14.22 -22.82
N ASP C 118 -22.53 -14.58 -21.56
CA ASP C 118 -21.57 -14.14 -20.52
C ASP C 118 -22.07 -12.99 -19.64
N ILE C 119 -23.20 -12.33 -20.02
CA ILE C 119 -23.76 -11.18 -19.28
C ILE C 119 -24.20 -11.56 -17.85
N GLY C 120 -24.82 -12.75 -17.70
CA GLY C 120 -25.29 -13.21 -16.40
C GLY C 120 -24.25 -13.85 -15.49
N ASN C 121 -23.01 -14.07 -16.01
CA ASN C 121 -21.92 -14.70 -15.26
C ASN C 121 -21.55 -13.89 -14.02
N PRO C 122 -21.42 -14.58 -12.85
CA PRO C 122 -21.10 -13.86 -11.60
C PRO C 122 -19.64 -13.44 -11.51
N PRO C 123 -19.22 -12.62 -10.53
CA PRO C 123 -17.83 -12.23 -10.43
C PRO C 123 -16.78 -13.33 -10.62
N PHE C 124 -16.74 -14.45 -9.94
CA PHE C 124 -15.53 -15.16 -10.34
C PHE C 124 -15.79 -16.38 -11.20
N GLY C 125 -16.74 -16.22 -12.13
CA GLY C 125 -17.15 -17.23 -13.09
C GLY C 125 -17.63 -18.52 -12.49
N HIS C 126 -17.11 -19.66 -12.93
CA HIS C 126 -17.58 -20.93 -12.39
C HIS C 126 -17.30 -21.09 -10.95
N PHE C 127 -16.45 -20.25 -10.40
CA PHE C 127 -16.10 -20.24 -8.98
C PHE C 127 -17.00 -19.34 -8.17
N GLY C 128 -17.56 -18.31 -8.80
CA GLY C 128 -18.57 -17.42 -8.21
C GLY C 128 -19.85 -18.22 -8.10
N GLU C 129 -20.18 -19.00 -9.18
CA GLU C 129 -21.30 -19.93 -9.30
C GLU C 129 -21.18 -20.92 -8.15
N ALA C 130 -20.02 -21.61 -8.08
CA ALA C 130 -19.66 -22.58 -7.06
C ALA C 130 -19.99 -22.03 -5.67
N ALA C 131 -19.38 -20.90 -5.30
CA ALA C 131 -19.55 -20.24 -4.03
C ALA C 131 -21.01 -20.01 -3.67
N ILE C 132 -21.82 -19.42 -4.60
CA ILE C 132 -23.26 -19.13 -4.42
C ILE C 132 -24.04 -20.40 -4.09
N ASN C 133 -23.95 -21.42 -4.98
CA ASN C 133 -24.64 -22.68 -4.84
C ASN C 133 -24.24 -23.43 -3.61
N ASP C 134 -22.94 -23.47 -3.29
CA ASP C 134 -22.47 -24.16 -2.13
C ASP C 134 -22.95 -23.49 -0.86
N TRP C 135 -22.97 -22.13 -0.84
CA TRP C 135 -23.43 -21.37 0.32
C TRP C 135 -24.92 -21.59 0.58
N PHE C 136 -25.72 -21.57 -0.51
CA PHE C 136 -27.17 -21.76 -0.44
C PHE C 136 -27.52 -23.19 -0.14
N ARG C 137 -26.69 -24.12 -0.60
CA ARG C 137 -26.87 -25.55 -0.37
C ARG C 137 -26.75 -25.84 1.11
N GLN C 138 -25.78 -25.20 1.80
CA GLN C 138 -25.58 -25.36 3.23
C GLN C 138 -26.66 -24.68 4.06
N ARG C 139 -27.44 -23.77 3.47
CA ARG C 139 -28.54 -23.14 4.22
C ARG C 139 -29.81 -24.02 4.08
N LEU C 140 -30.28 -24.21 2.84
CA LEU C 140 -31.50 -24.98 2.52
C LEU C 140 -31.12 -26.23 1.76
N HIS C 141 -30.82 -27.34 2.45
CA HIS C 141 -30.37 -28.60 1.83
C HIS C 141 -31.36 -29.18 0.81
N PRO C 142 -31.09 -29.06 -0.54
CA PRO C 142 -32.08 -29.55 -1.53
C PRO C 142 -32.08 -31.07 -1.70
N GLU C 143 -31.05 -31.73 -1.18
CA GLU C 143 -30.85 -33.18 -1.17
C GLU C 143 -32.05 -33.86 -0.48
N ASP C 144 -32.55 -33.21 0.59
CA ASP C 144 -33.62 -33.70 1.45
C ASP C 144 -35.02 -33.62 0.87
N ALA C 145 -35.24 -32.70 -0.08
CA ALA C 145 -36.57 -32.51 -0.66
C ALA C 145 -36.95 -33.48 -1.80
N GLU C 146 -35.98 -34.24 -2.35
CA GLU C 146 -36.23 -35.16 -3.45
C GLU C 146 -37.25 -36.25 -3.05
N SER C 147 -37.10 -36.80 -1.83
CA SER C 147 -37.94 -37.85 -1.26
C SER C 147 -39.23 -37.36 -0.58
N PRO C 149 -41.63 -35.74 3.05
CA PRO C 149 -40.73 -36.57 3.86
C PRO C 149 -39.68 -35.79 4.65
N LEU C 150 -39.82 -35.81 5.99
CA LEU C 150 -38.93 -35.21 7.01
C LEU C 150 -37.70 -36.19 7.23
N THR C 151 -37.37 -36.72 8.46
CA THR C 151 -37.70 -36.31 9.84
C THR C 151 -36.57 -35.35 10.20
N ASP C 152 -35.37 -35.69 9.72
CA ASP C 152 -34.12 -34.94 9.85
C ASP C 152 -33.92 -34.03 8.62
N ASP C 153 -34.89 -33.13 8.37
CA ASP C 153 -34.78 -32.20 7.25
C ASP C 153 -33.77 -31.11 7.65
N ARG C 154 -32.53 -31.26 7.16
CA ARG C 154 -31.39 -30.39 7.43
C ARG C 154 -31.60 -28.90 7.09
N CYS C 155 -32.55 -28.57 6.18
CA CYS C 155 -32.85 -27.20 5.75
C CYS C 155 -33.10 -26.29 6.95
N SER C 156 -32.31 -25.22 7.06
CA SER C 156 -32.39 -24.28 8.16
C SER C 156 -33.61 -23.36 8.10
N VAL C 157 -34.10 -23.06 6.87
CA VAL C 157 -35.27 -22.18 6.62
C VAL C 157 -36.54 -22.90 7.07
N ALA C 158 -37.11 -22.48 8.22
CA ALA C 158 -38.28 -23.10 8.83
C ALA C 158 -39.47 -23.23 7.90
N ALA C 159 -39.69 -22.19 7.07
CA ALA C 159 -40.80 -22.14 6.11
C ALA C 159 -40.68 -23.18 5.00
N LEU C 160 -39.43 -23.40 4.53
CA LEU C 160 -39.06 -24.28 3.42
C LEU C 160 -38.84 -25.76 3.81
N ARG C 161 -38.85 -26.11 5.11
CA ARG C 161 -38.72 -27.50 5.58
C ARG C 161 -39.99 -28.23 5.18
N LEU C 162 -39.84 -29.43 4.57
CA LEU C 162 -40.97 -30.27 4.12
C LEU C 162 -41.86 -30.75 5.28
N ARG C 163 -43.11 -30.24 5.35
CA ARG C 163 -43.99 -30.64 6.44
C ARG C 163 -44.77 -31.90 6.09
N GLY C 165 -45.37 -35.11 6.73
CA GLY C 165 -46.35 -34.22 7.33
C GLY C 165 -47.39 -33.65 6.37
N GLU C 166 -47.53 -34.31 5.20
CA GLU C 166 -48.45 -34.16 4.03
C GLU C 166 -49.06 -32.73 3.71
N GLU C 167 -48.60 -32.17 2.55
CA GLU C 167 -48.95 -30.90 1.88
C GLU C 167 -48.52 -30.96 0.37
N PRO C 168 -49.31 -30.36 -0.58
CA PRO C 168 -48.83 -30.28 -1.99
C PRO C 168 -47.97 -29.02 -2.14
N LEU C 169 -48.02 -28.18 -1.09
CA LEU C 169 -47.28 -26.96 -0.80
C LEU C 169 -45.82 -27.33 -0.72
N ASN C 170 -45.54 -28.62 -0.38
CA ASN C 170 -44.22 -29.23 -0.30
C ASN C 170 -43.53 -29.20 -1.66
N GLU C 171 -44.32 -29.25 -2.77
CA GLU C 171 -43.76 -29.20 -4.11
C GLU C 171 -43.17 -27.82 -4.38
N LEU C 172 -43.76 -26.75 -3.79
CA LEU C 172 -43.20 -25.41 -3.95
C LEU C 172 -41.85 -25.34 -3.23
N ARG C 173 -41.80 -25.95 -2.02
CA ARG C 173 -40.59 -26.03 -1.19
C ARG C 173 -39.44 -26.71 -1.97
N ARG C 174 -39.75 -27.86 -2.63
CA ARG C 174 -38.83 -28.64 -3.44
C ARG C 174 -38.26 -27.78 -4.55
N LYS C 175 -39.17 -27.14 -5.33
CA LYS C 175 -38.84 -26.23 -6.44
C LYS C 175 -37.95 -25.06 -5.94
N ILE C 176 -38.37 -24.34 -4.85
CA ILE C 176 -37.62 -23.21 -4.27
C ILE C 176 -36.23 -23.65 -3.78
N ARG C 177 -36.16 -24.74 -3.01
CA ARG C 177 -34.90 -25.27 -2.51
C ARG C 177 -33.93 -25.64 -3.62
N GLN C 178 -34.41 -26.29 -4.71
CA GLN C 178 -33.54 -26.71 -5.80
C GLN C 178 -33.12 -25.50 -6.64
N ASP C 179 -34.07 -24.65 -7.00
CA ASP C 179 -33.83 -23.48 -7.82
C ASP C 179 -32.79 -22.53 -7.23
N LEU C 180 -32.84 -22.30 -5.91
CA LEU C 180 -31.90 -21.39 -5.22
C LEU C 180 -30.47 -21.96 -5.15
N CYS C 181 -30.34 -23.30 -5.25
CA CYS C 181 -29.06 -23.97 -5.23
C CYS C 181 -28.58 -24.24 -6.62
N HIS C 182 -29.30 -23.73 -7.63
CA HIS C 182 -28.94 -23.94 -9.01
C HIS C 182 -28.76 -22.63 -9.75
N PHE C 183 -27.95 -21.75 -9.17
CA PHE C 183 -27.57 -20.53 -9.81
C PHE C 183 -26.73 -20.94 -11.07
N GLU C 184 -27.03 -20.30 -12.21
CA GLU C 184 -26.30 -20.50 -13.45
C GLU C 184 -26.33 -19.18 -14.21
N GLY C 185 -25.15 -18.73 -14.64
CA GLY C 185 -24.99 -17.51 -15.42
C GLY C 185 -25.99 -17.36 -16.56
N ASN C 186 -26.25 -18.46 -17.31
CA ASN C 186 -27.21 -18.50 -18.42
C ASN C 186 -28.62 -18.07 -17.97
N ALA C 187 -29.07 -18.64 -16.84
CA ALA C 187 -30.38 -18.36 -16.29
C ALA C 187 -30.45 -16.93 -15.75
N GLN C 188 -29.33 -16.48 -15.14
CA GLN C 188 -29.16 -15.15 -14.55
C GLN C 188 -29.20 -14.11 -15.62
N GLY C 189 -28.73 -14.48 -16.80
CA GLY C 189 -28.74 -13.60 -17.96
C GLY C 189 -30.15 -13.23 -18.35
N ILE C 190 -31.07 -14.24 -18.38
CA ILE C 190 -32.50 -14.08 -18.73
C ILE C 190 -33.15 -13.20 -17.68
N ARG C 191 -32.83 -13.47 -16.39
CA ARG C 191 -33.32 -12.71 -15.22
C ARG C 191 -32.90 -11.26 -15.35
N LEU C 192 -31.63 -11.06 -15.67
CA LEU C 192 -30.99 -9.78 -15.84
C LEU C 192 -31.56 -8.99 -17.00
N VAL C 193 -31.75 -9.59 -18.19
CA VAL C 193 -32.28 -8.83 -19.33
C VAL C 193 -33.72 -8.42 -19.14
N HIS C 194 -34.49 -9.29 -18.44
CA HIS C 194 -35.91 -9.04 -18.23
C HIS C 194 -36.20 -8.23 -16.98
N THR C 195 -36.09 -8.86 -15.81
CA THR C 195 -36.47 -8.31 -14.51
C THR C 195 -35.57 -7.21 -14.01
N LEU C 196 -34.25 -7.36 -14.20
CA LEU C 196 -33.28 -6.44 -13.60
C LEU C 196 -32.91 -5.23 -14.46
N MET C 197 -32.34 -5.42 -15.64
CA MET C 197 -31.93 -4.34 -16.54
C MET C 197 -33.13 -3.64 -17.19
N ARG C 198 -34.29 -4.36 -17.24
CA ARG C 198 -35.53 -3.89 -17.86
C ARG C 198 -35.27 -3.28 -19.26
N MET C 199 -34.38 -3.96 -20.04
CA MET C 199 -34.00 -3.66 -21.43
C MET C 199 -35.24 -4.24 -22.07
N ASN C 200 -35.97 -3.52 -22.84
CA ASN C 200 -37.18 -4.20 -23.25
C ASN C 200 -36.86 -4.74 -24.62
N LEU C 201 -36.04 -5.81 -24.69
CA LEU C 201 -35.61 -6.38 -25.96
C LEU C 201 -36.77 -7.06 -26.73
N THR C 202 -36.54 -7.44 -28.00
CA THR C 202 -37.53 -8.16 -28.80
C THR C 202 -37.54 -9.60 -28.34
N TRP C 203 -38.69 -10.28 -28.54
CA TRP C 203 -38.81 -11.69 -28.18
C TRP C 203 -37.70 -12.53 -28.83
N ALA C 204 -37.41 -12.28 -30.12
CA ALA C 204 -36.38 -12.96 -30.89
C ALA C 204 -35.03 -12.76 -30.29
N GLN C 205 -34.76 -11.55 -29.76
CA GLN C 205 -33.46 -11.23 -29.16
C GLN C 205 -33.22 -12.01 -27.88
N VAL C 206 -34.28 -12.12 -27.06
CA VAL C 206 -34.30 -12.84 -25.79
C VAL C 206 -34.14 -14.36 -26.04
N GLY C 207 -34.80 -14.85 -27.09
CA GLY C 207 -34.76 -16.24 -27.50
C GLY C 207 -33.35 -16.70 -27.75
N GLY C 208 -32.56 -15.81 -28.37
CA GLY C 208 -31.17 -16.09 -28.70
C GLY C 208 -30.25 -16.31 -27.51
N ILE C 209 -30.62 -15.81 -26.32
CA ILE C 209 -29.78 -15.94 -25.15
C ILE C 209 -30.27 -17.07 -24.22
N LEU C 210 -31.32 -17.79 -24.62
CA LEU C 210 -31.80 -18.95 -23.88
C LEU C 210 -31.12 -20.17 -24.53
N LYS C 211 -29.90 -20.47 -24.03
CA LYS C 211 -29.01 -21.54 -24.49
C LYS C 211 -29.41 -22.89 -23.95
N TYR C 212 -29.97 -22.95 -22.74
CA TYR C 212 -30.43 -24.21 -22.17
C TYR C 212 -31.92 -24.14 -21.84
N THR C 213 -32.59 -25.29 -21.80
CA THR C 213 -34.03 -25.30 -21.59
C THR C 213 -34.45 -25.96 -20.28
N ARG C 214 -33.46 -26.37 -19.46
CA ARG C 214 -33.76 -26.99 -18.18
C ARG C 214 -34.16 -25.92 -17.13
N PRO C 215 -35.31 -26.11 -16.47
CA PRO C 215 -35.69 -25.19 -15.39
C PRO C 215 -34.72 -25.43 -14.23
N ALA C 216 -34.25 -24.38 -13.53
CA ALA C 216 -33.28 -24.55 -12.45
C ALA C 216 -33.71 -25.52 -11.36
N TRP C 217 -35.00 -25.47 -11.01
CA TRP C 217 -35.64 -26.30 -9.99
C TRP C 217 -35.71 -27.80 -10.32
N TRP C 218 -35.44 -28.17 -11.58
CA TRP C 218 -35.49 -29.55 -12.08
C TRP C 218 -34.72 -30.45 -11.19
N ARG C 219 -35.32 -31.57 -10.82
CA ARG C 219 -34.70 -32.53 -9.91
C ARG C 219 -34.40 -33.86 -10.55
N GLY C 220 -35.28 -34.31 -11.44
CA GLY C 220 -35.15 -35.60 -12.11
C GLY C 220 -33.94 -35.71 -13.01
N GLU C 221 -33.96 -36.77 -13.82
CA GLU C 221 -32.98 -37.05 -14.83
C GLU C 221 -33.66 -36.55 -16.12
N THR C 222 -33.02 -35.62 -16.84
CA THR C 222 -33.49 -35.01 -18.09
C THR C 222 -33.93 -36.08 -19.13
N PRO C 223 -35.03 -35.84 -19.87
CA PRO C 223 -35.45 -36.85 -20.87
C PRO C 223 -34.44 -37.00 -22.00
N GLU C 224 -34.18 -38.25 -22.39
CA GLU C 224 -33.28 -38.67 -23.47
C GLU C 224 -33.42 -37.86 -24.76
N THR C 225 -34.67 -37.48 -25.09
CA THR C 225 -35.12 -36.68 -26.23
C THR C 225 -34.48 -35.28 -26.22
N HIS C 226 -34.34 -34.67 -25.00
CA HIS C 226 -33.78 -33.33 -24.79
C HIS C 226 -32.62 -33.34 -23.81
N HIS C 227 -31.91 -34.48 -23.69
CA HIS C 227 -30.77 -34.70 -22.77
C HIS C 227 -29.69 -33.64 -22.88
N TYR C 228 -29.44 -33.19 -24.11
CA TYR C 228 -28.42 -32.21 -24.44
C TYR C 228 -28.85 -30.78 -24.17
N LEU C 229 -30.05 -30.41 -24.65
CA LEU C 229 -30.57 -29.06 -24.49
C LEU C 229 -30.80 -28.72 -23.01
N MET C 230 -31.04 -29.74 -22.19
CA MET C 230 -31.29 -29.60 -20.75
C MET C 230 -30.00 -29.89 -19.90
N LYS C 231 -28.81 -29.84 -20.54
CA LYS C 231 -27.45 -30.02 -19.98
C LYS C 231 -27.24 -29.24 -18.64
N LYS C 232 -27.53 -27.93 -18.66
CA LYS C 232 -27.39 -26.98 -17.57
C LYS C 232 -28.76 -26.27 -17.38
N PRO C 233 -29.01 -25.53 -16.24
CA PRO C 233 -30.28 -24.82 -16.10
C PRO C 233 -30.28 -23.57 -16.97
N GLY C 234 -31.35 -23.38 -17.71
CA GLY C 234 -31.51 -22.26 -18.62
C GLY C 234 -32.31 -21.09 -18.10
N TYR C 235 -33.17 -21.31 -17.08
CA TYR C 235 -34.02 -20.24 -16.50
C TYR C 235 -34.46 -20.57 -15.08
N TYR C 236 -34.73 -19.51 -14.25
CA TYR C 236 -35.18 -19.71 -12.87
C TYR C 236 -36.70 -19.84 -12.73
N LEU C 237 -37.16 -20.25 -11.53
CA LEU C 237 -38.55 -20.39 -11.13
C LEU C 237 -39.24 -19.03 -11.18
N SER C 238 -38.47 -17.94 -10.96
CA SER C 238 -38.98 -16.57 -11.01
C SER C 238 -39.34 -16.18 -12.45
N GLU C 239 -38.51 -16.62 -13.39
CA GLU C 239 -38.71 -16.34 -14.81
C GLU C 239 -39.64 -17.35 -15.50
N GLU C 240 -40.23 -18.32 -14.75
CA GLU C 240 -41.08 -19.39 -15.30
C GLU C 240 -42.15 -18.84 -16.22
N ALA C 241 -42.86 -17.80 -15.76
CA ALA C 241 -43.93 -17.15 -16.51
C ALA C 241 -43.46 -16.44 -17.75
N TYR C 242 -42.31 -15.75 -17.65
CA TYR C 242 -41.68 -14.99 -18.73
C TYR C 242 -41.35 -15.92 -19.87
N ILE C 243 -40.61 -17.00 -19.56
CA ILE C 243 -40.21 -18.06 -20.49
C ILE C 243 -41.44 -18.67 -21.10
N ALA C 244 -42.50 -18.88 -20.30
CA ALA C 244 -43.75 -19.40 -20.82
C ALA C 244 -44.34 -18.51 -21.93
N ARG C 245 -44.18 -17.16 -21.81
CA ARG C 245 -44.65 -16.23 -22.85
C ARG C 245 -43.70 -16.23 -24.02
N LEU C 246 -42.38 -16.21 -23.74
CA LEU C 246 -41.32 -16.27 -24.75
C LEU C 246 -41.53 -17.52 -25.65
N ARG C 247 -41.86 -18.68 -25.04
CA ARG C 247 -42.13 -19.93 -25.75
C ARG C 247 -43.31 -19.73 -26.69
N LYS C 248 -44.39 -19.07 -26.21
CA LYS C 248 -45.58 -18.77 -27.00
C LYS C 248 -45.22 -17.85 -28.18
N GLU C 249 -44.52 -16.75 -27.89
CA GLU C 249 -44.10 -15.72 -28.84
C GLU C 249 -43.14 -16.23 -29.90
N LEU C 250 -42.31 -17.20 -29.56
CA LEU C 250 -41.33 -17.73 -30.53
C LEU C 250 -41.73 -19.10 -31.08
N ASN C 251 -42.99 -19.54 -30.82
CA ASN C 251 -43.56 -20.82 -31.27
C ASN C 251 -42.63 -22.00 -30.96
N LEU C 252 -42.15 -22.00 -29.70
CA LEU C 252 -41.24 -23.01 -29.17
C LEU C 252 -42.00 -24.01 -28.34
N ALA C 253 -41.69 -25.28 -28.57
CA ALA C 253 -42.27 -26.38 -27.82
C ALA C 253 -41.66 -26.35 -26.39
N LEU C 254 -42.22 -27.12 -25.45
CA LEU C 254 -41.64 -27.17 -24.11
C LEU C 254 -40.26 -27.82 -24.16
N TYR C 255 -39.29 -27.12 -23.59
CA TYR C 255 -37.87 -27.48 -23.52
C TYR C 255 -37.20 -27.47 -24.92
N SER C 256 -37.77 -26.71 -25.86
CA SER C 256 -37.19 -26.51 -27.18
C SER C 256 -36.41 -25.20 -27.17
N ARG C 257 -35.33 -25.16 -27.98
CA ARG C 257 -34.41 -24.03 -28.12
C ARG C 257 -34.76 -23.10 -29.34
N PHE C 258 -34.37 -21.81 -29.26
CA PHE C 258 -34.56 -20.88 -30.37
C PHE C 258 -33.59 -21.26 -31.51
N PRO C 259 -34.05 -21.32 -32.76
CA PRO C 259 -33.16 -21.77 -33.86
C PRO C 259 -31.76 -21.13 -33.97
N LEU C 260 -31.69 -19.82 -33.76
CA LEU C 260 -30.44 -19.10 -33.90
C LEU C 260 -29.43 -19.39 -32.81
N THR C 261 -29.85 -19.88 -31.62
CA THR C 261 -28.97 -20.17 -30.47
C THR C 261 -27.86 -21.19 -30.85
N TRP C 262 -28.16 -22.14 -31.76
CA TRP C 262 -27.21 -23.13 -32.24
C TRP C 262 -26.02 -22.47 -32.89
N ILE C 263 -26.21 -21.27 -33.48
CA ILE C 263 -25.17 -20.47 -34.14
C ILE C 263 -24.31 -19.81 -33.08
N MET C 264 -24.93 -19.09 -32.10
CA MET C 264 -24.19 -18.43 -31.01
C MET C 264 -23.39 -19.45 -30.25
N GLU C 265 -23.96 -20.63 -30.04
CA GLU C 265 -23.32 -21.76 -29.37
C GLU C 265 -22.08 -22.24 -30.14
N ALA C 266 -22.21 -22.48 -31.44
CA ALA C 266 -21.13 -22.90 -32.33
C ALA C 266 -20.01 -21.88 -32.33
N ALA C 267 -20.37 -20.57 -32.31
CA ALA C 267 -19.45 -19.43 -32.32
C ALA C 267 -18.67 -19.43 -31.04
N ASP C 268 -19.36 -19.74 -29.95
CA ASP C 268 -18.79 -19.80 -28.60
C ASP C 268 -17.82 -20.98 -28.48
N ASP C 269 -18.19 -22.14 -29.08
CA ASP C 269 -17.41 -23.38 -29.10
C ASP C 269 -16.06 -23.16 -29.80
N ILE C 270 -16.05 -22.43 -30.90
CA ILE C 270 -14.85 -22.11 -31.68
C ILE C 270 -13.90 -21.20 -30.88
N SER C 271 -14.44 -20.13 -30.31
CA SER C 271 -13.72 -19.10 -29.56
C SER C 271 -13.11 -19.57 -28.22
N TYR C 272 -13.73 -20.58 -27.59
CA TYR C 272 -13.40 -21.18 -26.29
C TYR C 272 -11.94 -21.03 -25.78
N CYS C 273 -10.95 -21.67 -26.43
CA CYS C 273 -9.57 -21.76 -25.97
C CYS C 273 -8.57 -20.97 -26.71
N VAL C 274 -8.62 -21.02 -28.04
CA VAL C 274 -7.63 -20.40 -28.91
C VAL C 274 -7.18 -19.02 -28.40
N ALA C 275 -8.14 -18.23 -27.91
CA ALA C 275 -7.92 -16.91 -27.33
C ALA C 275 -6.94 -16.95 -26.13
N ASP C 276 -7.18 -17.90 -25.19
CA ASP C 276 -6.47 -18.13 -23.93
C ASP C 276 -5.09 -18.73 -24.11
N LEU C 277 -4.84 -19.46 -25.21
CA LEU C 277 -3.51 -20.00 -25.51
C LEU C 277 -2.63 -18.82 -25.96
N GLU C 278 -3.22 -17.88 -26.73
CA GLU C 278 -2.62 -16.63 -27.24
C GLU C 278 -2.23 -15.75 -26.06
N ASP C 279 -3.07 -15.74 -25.03
CA ASP C 279 -2.84 -14.99 -23.79
C ASP C 279 -1.80 -15.68 -22.89
N ALA C 280 -1.70 -17.03 -22.97
CA ALA C 280 -0.72 -17.78 -22.19
C ALA C 280 0.66 -17.49 -22.68
N VAL C 281 0.84 -17.35 -24.01
CA VAL C 281 2.11 -17.01 -24.64
C VAL C 281 2.50 -15.56 -24.30
N GLU C 282 1.49 -14.66 -24.26
CA GLU C 282 1.62 -13.25 -23.89
C GLU C 282 2.12 -13.16 -22.46
N LYS C 283 1.40 -13.85 -21.53
CA LYS C 283 1.73 -13.91 -20.09
C LYS C 283 3.05 -14.70 -19.83
N ARG C 284 3.60 -15.31 -20.90
CA ARG C 284 4.85 -16.09 -20.99
C ARG C 284 4.82 -17.41 -20.20
N ILE C 285 3.72 -18.17 -20.21
CA ILE C 285 3.60 -19.50 -19.60
C ILE C 285 4.41 -20.50 -20.44
N PHE C 286 4.45 -20.25 -21.75
CA PHE C 286 5.23 -21.02 -22.73
C PHE C 286 5.45 -20.15 -23.96
N THR C 287 6.36 -20.59 -24.84
CA THR C 287 6.67 -19.91 -26.10
C THR C 287 5.79 -20.48 -27.19
N VAL C 288 5.68 -19.79 -28.33
CA VAL C 288 4.88 -20.29 -29.46
C VAL C 288 5.35 -21.71 -29.88
N GLU C 289 6.68 -21.94 -29.78
CA GLU C 289 7.39 -23.17 -30.09
C GLU C 289 6.94 -24.30 -29.15
N GLN C 290 6.98 -24.02 -27.83
CA GLN C 290 6.57 -24.92 -26.73
C GLN C 290 5.11 -25.37 -26.96
N LEU C 291 4.23 -24.41 -27.35
CA LEU C 291 2.83 -24.64 -27.63
C LEU C 291 2.64 -25.55 -28.84
N TYR C 292 3.37 -25.26 -29.93
CA TYR C 292 3.32 -26.04 -31.17
C TYR C 292 3.61 -27.50 -30.84
N HIS C 293 4.52 -27.71 -29.88
CA HIS C 293 4.91 -29.02 -29.42
C HIS C 293 3.81 -29.75 -28.68
N HIS C 294 3.13 -29.08 -27.74
CA HIS C 294 2.04 -29.71 -26.97
C HIS C 294 0.84 -30.06 -27.84
N LEU C 295 0.59 -29.24 -28.87
CA LEU C 295 -0.49 -29.49 -29.83
C LEU C 295 -0.16 -30.77 -30.63
N HIS C 296 1.11 -30.91 -31.02
CA HIS C 296 1.62 -32.08 -31.72
C HIS C 296 1.44 -33.30 -30.83
N GLU C 297 1.90 -33.22 -29.57
CA GLU C 297 1.78 -34.27 -28.56
C GLU C 297 0.33 -34.82 -28.46
N ALA C 298 -0.68 -33.93 -28.41
CA ALA C 298 -2.10 -34.29 -28.28
C ALA C 298 -2.72 -35.02 -29.49
N TRP C 299 -2.01 -35.13 -30.61
CA TRP C 299 -2.55 -35.79 -31.81
C TRP C 299 -1.53 -36.72 -32.46
N PHE C 308 -5.49 -31.45 -39.10
CA PHE C 308 -4.46 -31.05 -38.14
C PHE C 308 -3.32 -30.33 -38.85
N SER C 309 -2.78 -30.96 -39.91
CA SER C 309 -1.69 -30.40 -40.71
C SER C 309 -2.20 -29.15 -41.38
N LEU C 310 -3.44 -29.25 -41.89
CA LEU C 310 -4.15 -28.21 -42.59
C LEU C 310 -4.35 -26.95 -41.78
N VAL C 311 -4.55 -27.07 -40.45
CA VAL C 311 -4.80 -25.90 -39.60
C VAL C 311 -3.58 -25.46 -38.77
N VAL C 312 -3.07 -26.36 -37.88
CA VAL C 312 -1.96 -26.03 -36.95
C VAL C 312 -0.63 -25.92 -37.68
N GLU C 313 -0.16 -27.00 -38.37
CA GLU C 313 1.14 -27.01 -39.07
C GLU C 313 1.28 -25.81 -40.01
N ASN C 314 0.26 -25.63 -40.88
CA ASN C 314 0.12 -24.56 -41.87
C ASN C 314 0.36 -23.18 -41.25
N ALA C 315 -0.28 -22.90 -40.09
CA ALA C 315 -0.17 -21.63 -39.37
C ALA C 315 1.23 -21.42 -38.79
N TRP C 316 1.91 -22.51 -38.38
CA TRP C 316 3.27 -22.47 -37.82
C TRP C 316 4.27 -21.97 -38.87
N GLU C 317 4.05 -22.39 -40.12
CA GLU C 317 4.83 -22.02 -41.32
C GLU C 317 4.37 -20.61 -41.76
N ARG C 326 7.26 -10.58 -40.72
CA ARG C 326 6.17 -10.76 -39.76
C ARG C 326 6.60 -11.32 -38.41
N SER C 327 5.99 -10.78 -37.34
CA SER C 327 6.29 -11.10 -35.93
C SER C 327 5.70 -12.38 -35.38
N THR C 328 6.50 -13.47 -35.44
CA THR C 328 6.23 -14.88 -35.09
C THR C 328 5.05 -15.08 -34.17
N GLU C 329 5.07 -14.40 -33.01
CA GLU C 329 4.03 -14.55 -32.00
C GLU C 329 2.61 -14.28 -32.55
N ASP C 330 2.33 -13.02 -32.94
CA ASP C 330 1.02 -12.58 -33.45
C ASP C 330 0.69 -13.25 -34.77
N GLN C 331 1.71 -13.42 -35.66
CA GLN C 331 1.57 -14.07 -36.96
C GLN C 331 1.05 -15.50 -36.83
N PHE C 332 1.52 -16.26 -35.80
CA PHE C 332 1.07 -17.64 -35.61
C PHE C 332 -0.40 -17.69 -35.23
N PHE C 333 -0.78 -16.88 -34.23
CA PHE C 333 -2.16 -16.84 -33.76
C PHE C 333 -3.11 -16.28 -34.78
N MET C 334 -2.70 -15.23 -35.54
CA MET C 334 -3.51 -14.62 -36.61
C MET C 334 -3.88 -15.69 -37.65
N TYR C 335 -2.92 -16.52 -38.00
CA TYR C 335 -3.13 -17.54 -39.00
C TYR C 335 -3.66 -18.84 -38.42
N LEU C 336 -3.57 -19.04 -37.10
CA LEU C 336 -4.17 -20.22 -36.50
C LEU C 336 -5.69 -20.00 -36.50
N ARG C 337 -6.12 -18.82 -36.03
CA ARG C 337 -7.49 -18.35 -35.98
C ARG C 337 -8.12 -18.46 -37.39
N VAL C 338 -7.51 -17.80 -38.38
CA VAL C 338 -7.95 -17.82 -39.77
C VAL C 338 -8.22 -19.23 -40.25
N ASN C 339 -7.19 -20.12 -40.24
CA ASN C 339 -7.29 -21.52 -40.66
C ASN C 339 -8.42 -22.26 -39.97
N THR C 340 -8.48 -22.19 -38.61
CA THR C 340 -9.52 -22.79 -37.77
C THR C 340 -10.92 -22.37 -38.27
N LEU C 341 -11.15 -21.04 -38.35
CA LEU C 341 -12.41 -20.44 -38.80
C LEU C 341 -12.76 -20.88 -40.24
N ASN C 342 -11.80 -20.76 -41.19
CA ASN C 342 -12.01 -21.11 -42.58
C ASN C 342 -12.39 -22.56 -42.78
N LYS C 343 -12.12 -23.42 -41.80
CA LYS C 343 -12.51 -24.81 -41.90
C LYS C 343 -13.80 -25.06 -41.11
N LEU C 344 -13.88 -24.56 -39.88
CA LEU C 344 -15.02 -24.76 -38.99
C LEU C 344 -16.28 -23.94 -39.32
N VAL C 345 -16.16 -22.62 -39.64
CA VAL C 345 -17.31 -21.75 -39.98
C VAL C 345 -18.17 -22.37 -41.13
N PRO C 346 -17.59 -22.81 -42.26
CA PRO C 346 -18.44 -23.39 -43.31
C PRO C 346 -19.09 -24.68 -42.85
N TYR C 347 -18.37 -25.50 -42.05
CA TYR C 347 -18.89 -26.75 -41.50
C TYR C 347 -20.12 -26.51 -40.64
N ALA C 348 -20.04 -25.55 -39.70
CA ALA C 348 -21.13 -25.16 -38.80
C ALA C 348 -22.32 -24.69 -39.62
N ALA C 349 -22.06 -23.82 -40.63
CA ALA C 349 -23.07 -23.27 -41.55
C ALA C 349 -23.79 -24.38 -42.27
N GLN C 350 -23.04 -25.38 -42.76
CA GLN C 350 -23.56 -26.53 -43.46
C GLN C 350 -24.36 -27.39 -42.52
N ARG C 351 -23.78 -27.77 -41.34
CA ARG C 351 -24.47 -28.56 -40.31
C ARG C 351 -25.85 -27.99 -40.01
N PHE C 352 -25.93 -26.64 -39.76
CA PHE C 352 -27.13 -25.86 -39.50
C PHE C 352 -28.14 -26.02 -40.61
N ILE C 353 -27.76 -25.82 -41.88
CA ILE C 353 -28.68 -25.96 -43.01
C ILE C 353 -29.16 -27.40 -43.15
N ASP C 354 -28.22 -28.36 -43.04
CA ASP C 354 -28.49 -29.80 -43.16
C ASP C 354 -29.50 -30.29 -42.11
N ASN C 355 -29.40 -29.79 -40.87
CA ASN C 355 -30.30 -30.20 -39.79
C ASN C 355 -31.36 -29.15 -39.50
N LEU C 356 -31.58 -28.21 -40.43
CA LEU C 356 -32.52 -27.10 -40.22
C LEU C 356 -33.89 -27.54 -39.74
N PRO C 357 -34.51 -28.67 -40.21
CA PRO C 357 -35.84 -29.04 -39.67
C PRO C 357 -35.91 -29.16 -38.14
N ALA C 358 -34.98 -29.97 -37.58
CA ALA C 358 -34.89 -30.19 -36.14
C ALA C 358 -34.46 -28.94 -35.39
N ILE C 359 -33.46 -28.22 -35.94
CA ILE C 359 -32.93 -26.96 -35.41
C ILE C 359 -34.03 -25.91 -35.36
N PHE C 360 -34.90 -25.89 -36.38
CA PHE C 360 -36.04 -24.97 -36.47
C PHE C 360 -37.06 -25.30 -35.42
N ALA C 361 -37.46 -26.60 -35.32
CA ALA C 361 -38.40 -27.08 -34.30
C ALA C 361 -37.90 -26.78 -32.87
N GLY C 362 -36.58 -26.69 -32.73
CA GLY C 362 -35.87 -26.45 -31.49
C GLY C 362 -35.59 -27.72 -30.74
N THR C 363 -35.90 -28.87 -31.36
CA THR C 363 -35.78 -30.20 -30.76
C THR C 363 -34.45 -30.92 -30.98
N PHE C 364 -33.61 -30.43 -31.96
CA PHE C 364 -32.29 -31.01 -32.34
C PHE C 364 -31.43 -31.29 -31.10
N ASN C 365 -31.07 -32.56 -30.82
CA ASN C 365 -30.38 -32.86 -29.57
C ASN C 365 -28.85 -32.97 -29.68
N HIS C 366 -28.24 -32.09 -30.49
CA HIS C 366 -26.78 -32.03 -30.68
C HIS C 366 -26.33 -30.61 -30.93
N ALA C 367 -25.03 -30.36 -30.93
CA ALA C 367 -24.47 -29.06 -31.25
C ALA C 367 -24.07 -29.11 -32.72
N LEU C 368 -23.78 -27.95 -33.32
CA LEU C 368 -23.39 -27.89 -34.72
C LEU C 368 -22.04 -28.59 -34.91
N LEU C 369 -21.13 -28.46 -33.93
CA LEU C 369 -19.86 -29.19 -33.96
C LEU C 369 -19.92 -30.21 -32.82
N CYS C 375 -13.33 -32.18 -37.31
CA CYS C 375 -13.47 -30.73 -37.07
C CYS C 375 -13.59 -30.46 -35.58
N SER C 376 -14.49 -31.19 -34.94
CA SER C 376 -14.74 -31.11 -33.49
C SER C 376 -13.48 -31.47 -32.73
N ASP C 377 -12.75 -32.48 -33.24
CA ASP C 377 -11.50 -32.98 -32.68
C ASP C 377 -10.41 -31.89 -32.65
N LEU C 378 -10.39 -30.96 -33.63
CA LEU C 378 -9.42 -29.85 -33.65
C LEU C 378 -9.61 -28.95 -32.43
N LEU C 379 -10.89 -28.65 -32.09
CA LEU C 379 -11.25 -27.82 -30.94
C LEU C 379 -10.91 -28.54 -29.64
N LYS C 380 -11.24 -29.86 -29.58
CA LYS C 380 -10.96 -30.70 -28.41
C LYS C 380 -9.47 -30.71 -28.09
N LEU C 381 -8.63 -30.57 -29.15
CA LEU C 381 -7.17 -30.49 -29.07
C LEU C 381 -6.76 -29.21 -28.35
N TYR C 382 -7.29 -28.06 -28.80
CA TYR C 382 -7.05 -26.76 -28.17
C TYR C 382 -7.45 -26.79 -26.70
N LYS C 383 -8.63 -27.38 -26.39
CA LYS C 383 -9.17 -27.54 -25.03
C LYS C 383 -8.21 -28.31 -24.16
N ASN C 384 -7.69 -29.44 -24.69
CA ASN C 384 -6.77 -30.32 -23.98
C ASN C 384 -5.45 -29.66 -23.65
N VAL C 385 -4.85 -28.93 -24.62
CA VAL C 385 -3.60 -28.20 -24.39
C VAL C 385 -3.82 -27.09 -23.33
N ALA C 386 -4.93 -26.33 -23.45
CA ALA C 386 -5.28 -25.26 -22.50
C ALA C 386 -5.56 -25.81 -21.13
N VAL C 387 -6.22 -26.98 -21.04
CA VAL C 387 -6.48 -27.56 -19.73
C VAL C 387 -5.16 -28.01 -19.07
N LYS C 388 -4.35 -28.79 -19.82
CA LYS C 388 -3.07 -29.32 -19.35
C LYS C 388 -2.05 -28.24 -19.01
N HIS C 389 -2.01 -27.10 -19.73
CA HIS C 389 -0.96 -26.12 -19.48
C HIS C 389 -1.37 -24.69 -19.17
N VAL C 390 -2.62 -24.32 -19.36
CA VAL C 390 -3.01 -22.94 -19.12
C VAL C 390 -3.89 -22.82 -17.87
N PHE C 391 -5.05 -23.53 -17.88
CA PHE C 391 -6.03 -23.49 -16.78
C PHE C 391 -5.50 -24.10 -15.51
N SER C 392 -4.50 -24.96 -15.65
CA SER C 392 -3.83 -25.65 -14.58
C SER C 392 -2.74 -24.77 -13.93
N HIS C 393 -2.57 -23.53 -14.43
CA HIS C 393 -1.53 -22.62 -13.94
C HIS C 393 -1.79 -22.16 -12.51
N PRO C 394 -0.75 -22.18 -11.65
CA PRO C 394 -0.93 -21.79 -10.25
C PRO C 394 -1.58 -20.43 -10.03
N ASP C 395 -1.25 -19.45 -10.88
CA ASP C 395 -1.80 -18.10 -10.79
C ASP C 395 -3.29 -18.13 -11.09
N VAL C 396 -3.68 -18.88 -12.14
CA VAL C 396 -5.07 -19.05 -12.55
C VAL C 396 -5.83 -19.69 -11.39
N GLU C 397 -5.32 -20.85 -10.88
CA GLU C 397 -5.91 -21.58 -9.77
C GLU C 397 -6.00 -20.71 -8.50
N ARG C 398 -4.96 -19.86 -8.24
CA ARG C 398 -4.93 -18.98 -7.06
C ARG C 398 -6.11 -18.06 -7.11
N LEU C 399 -6.31 -17.40 -8.25
CA LEU C 399 -7.44 -16.50 -8.48
C LEU C 399 -8.79 -17.17 -8.22
N GLU C 400 -8.95 -18.43 -8.69
CA GLU C 400 -10.14 -19.28 -8.53
C GLU C 400 -10.42 -19.52 -7.01
N LEU C 401 -9.38 -19.88 -6.24
CA LEU C 401 -9.51 -20.11 -4.82
C LEU C 401 -9.92 -18.82 -4.10
N GLN C 402 -9.26 -17.70 -4.47
CA GLN C 402 -9.49 -16.37 -3.89
C GLN C 402 -10.91 -15.93 -4.16
N GLY C 403 -11.33 -16.09 -5.41
CA GLY C 403 -12.66 -15.69 -5.86
C GLY C 403 -13.75 -16.35 -5.05
N TYR C 404 -13.60 -17.67 -4.84
CA TYR C 404 -14.51 -18.49 -4.07
C TYR C 404 -14.59 -17.93 -2.66
N ARG C 405 -13.42 -17.61 -2.03
CA ARG C 405 -13.36 -17.02 -0.69
C ARG C 405 -14.12 -15.70 -0.63
N VAL C 406 -13.88 -14.78 -1.59
CA VAL C 406 -14.56 -13.49 -1.69
C VAL C 406 -16.09 -13.64 -1.73
N ILE C 407 -16.62 -14.36 -2.72
CA ILE C 407 -18.06 -14.56 -2.87
C ILE C 407 -18.66 -15.25 -1.69
N SER C 408 -17.97 -16.28 -1.17
CA SER C 408 -18.42 -17.00 0.01
C SER C 408 -18.58 -16.02 1.17
N GLY C 409 -17.57 -15.15 1.31
CA GLY C 409 -17.51 -14.14 2.35
C GLY C 409 -18.61 -13.14 2.25
N LEU C 410 -18.76 -12.58 1.06
CA LEU C 410 -19.78 -11.60 0.74
C LEU C 410 -21.18 -12.06 1.14
N LEU C 411 -21.50 -13.33 0.81
CA LEU C 411 -22.77 -13.97 1.13
C LEU C 411 -22.95 -14.02 2.62
N GLU C 412 -21.90 -14.43 3.34
CA GLU C 412 -21.94 -14.51 4.77
C GLU C 412 -22.16 -13.12 5.43
N ILE C 413 -21.68 -12.05 4.77
CA ILE C 413 -21.83 -10.67 5.25
C ILE C 413 -23.30 -10.24 5.20
N TYR C 414 -24.03 -10.61 4.12
CA TYR C 414 -25.44 -10.26 3.96
C TYR C 414 -26.40 -11.31 4.53
N ARG C 415 -25.86 -12.44 5.10
CA ARG C 415 -26.68 -13.48 5.75
C ARG C 415 -27.73 -12.87 6.71
N PRO C 416 -27.43 -11.81 7.54
CA PRO C 416 -28.45 -11.23 8.43
C PRO C 416 -29.78 -10.79 7.80
N LEU C 417 -29.78 -10.48 6.48
CA LEU C 417 -30.98 -10.08 5.79
C LEU C 417 -31.88 -11.29 5.59
N LEU C 418 -31.27 -12.48 5.36
CA LEU C 418 -32.00 -13.73 5.17
C LEU C 418 -32.38 -14.36 6.50
N SER C 419 -31.72 -13.91 7.57
CA SER C 419 -31.97 -14.39 8.93
C SER C 419 -33.27 -13.81 9.51
N LEU C 420 -33.65 -12.59 9.06
CA LEU C 420 -34.84 -11.82 9.43
C LEU C 420 -36.15 -12.55 9.15
N SER C 421 -37.14 -12.31 10.02
CA SER C 421 -38.49 -12.88 9.86
C SER C 421 -39.20 -12.13 8.72
N LEU C 422 -40.28 -12.70 8.15
CA LEU C 422 -41.01 -12.03 7.08
C LEU C 422 -41.47 -10.66 7.52
N SER C 423 -42.17 -10.59 8.66
CA SER C 423 -42.69 -9.33 9.20
C SER C 423 -41.57 -8.27 9.34
N ASP C 424 -40.41 -8.66 9.93
CA ASP C 424 -39.25 -7.80 10.15
C ASP C 424 -38.69 -7.32 8.84
N PHE C 425 -38.43 -8.24 7.89
CA PHE C 425 -37.88 -7.87 6.60
C PHE C 425 -38.84 -6.97 5.84
N THR C 426 -40.15 -7.24 5.94
CA THR C 426 -41.16 -6.45 5.27
C THR C 426 -41.13 -5.03 5.81
N GLU C 427 -41.07 -4.89 7.13
CA GLU C 427 -40.98 -3.63 7.88
C GLU C 427 -39.77 -2.82 7.38
N LEU C 428 -38.67 -3.52 7.13
CA LEU C 428 -37.41 -2.95 6.63
C LEU C 428 -37.57 -2.42 5.21
N VAL C 429 -38.29 -3.16 4.35
CA VAL C 429 -38.51 -2.74 2.97
C VAL C 429 -39.42 -1.51 2.96
N GLU C 430 -40.42 -1.48 3.87
CA GLU C 430 -41.37 -0.39 3.99
C GLU C 430 -40.71 0.91 4.48
N LYS C 431 -40.50 1.06 5.79
CA LYS C 431 -39.84 2.25 6.32
C LYS C 431 -38.35 1.99 6.22
N GLU C 432 -37.78 2.22 5.02
CA GLU C 432 -36.39 1.93 4.62
C GLU C 432 -35.36 1.84 5.80
N ARG C 433 -35.37 2.82 6.72
CA ARG C 433 -34.49 2.80 7.89
C ARG C 433 -35.29 2.40 9.18
N VAL C 434 -34.98 1.20 9.75
CA VAL C 434 -35.58 0.63 10.98
C VAL C 434 -34.59 0.76 12.16
N LYS C 435 -35.10 1.19 13.33
CA LYS C 435 -34.31 1.41 14.54
C LYS C 435 -33.81 0.14 15.22
N ARG C 436 -34.66 -0.89 15.32
CA ARG C 436 -34.31 -2.18 15.96
C ARG C 436 -33.17 -2.89 15.26
N PHE C 437 -33.08 -2.73 13.91
CA PHE C 437 -32.08 -3.36 13.05
C PHE C 437 -31.19 -2.33 12.38
N PRO C 438 -30.14 -1.85 13.08
CA PRO C 438 -29.29 -0.84 12.45
C PRO C 438 -28.41 -1.43 11.36
N ILE C 439 -27.82 -2.60 11.66
CA ILE C 439 -26.91 -3.30 10.77
C ILE C 439 -27.65 -3.83 9.54
N GLU C 440 -28.83 -4.40 9.75
CA GLU C 440 -29.62 -4.97 8.67
C GLU C 440 -30.07 -3.88 7.74
N SER C 441 -30.53 -2.73 8.30
CA SER C 441 -30.96 -1.57 7.51
C SER C 441 -29.84 -1.14 6.59
N ARG C 442 -28.66 -0.85 7.17
CA ARG C 442 -27.48 -0.39 6.45
C ARG C 442 -27.03 -1.32 5.35
N LEU C 443 -27.11 -2.65 5.58
CA LEU C 443 -26.78 -3.70 4.63
C LEU C 443 -27.82 -3.74 3.53
N PHE C 444 -29.10 -3.54 3.90
CA PHE C 444 -30.22 -3.51 2.95
C PHE C 444 -30.05 -2.36 1.98
N HIS C 445 -29.54 -1.22 2.44
CA HIS C 445 -29.32 -0.07 1.58
C HIS C 445 -28.17 -0.27 0.59
N LYS C 446 -27.18 -1.13 0.94
CA LYS C 446 -26.01 -1.45 0.10
C LYS C 446 -26.45 -2.09 -1.22
N LEU C 447 -27.57 -2.87 -1.18
CA LEU C 447 -28.16 -3.57 -2.33
C LEU C 447 -28.64 -2.58 -3.35
N SER C 448 -28.20 -2.73 -4.59
CA SER C 448 -28.54 -1.85 -5.70
C SER C 448 -30.04 -1.71 -5.83
N THR C 449 -30.50 -0.46 -6.00
CA THR C 449 -31.91 -0.09 -6.16
C THR C 449 -32.60 -0.92 -7.22
N ARG C 450 -31.89 -1.21 -8.32
CA ARG C 450 -32.40 -2.03 -9.41
C ARG C 450 -32.86 -3.41 -8.91
N HIS C 451 -32.05 -4.07 -8.05
CA HIS C 451 -32.41 -5.39 -7.50
C HIS C 451 -33.48 -5.30 -6.44
N ARG C 452 -33.40 -4.25 -5.60
CA ARG C 452 -34.34 -4.01 -4.53
C ARG C 452 -35.74 -3.78 -5.08
N LEU C 453 -35.81 -3.03 -6.19
CA LEU C 453 -37.04 -2.73 -6.87
C LEU C 453 -37.69 -3.99 -7.36
N ALA C 454 -36.91 -4.82 -8.07
CA ALA C 454 -37.34 -6.11 -8.59
C ALA C 454 -37.99 -6.98 -7.49
N TYR C 455 -37.44 -6.95 -6.25
CA TYR C 455 -37.98 -7.68 -5.09
C TYR C 455 -39.36 -7.15 -4.77
N VAL C 456 -39.47 -5.82 -4.55
CA VAL C 456 -40.73 -5.14 -4.24
C VAL C 456 -41.79 -5.47 -5.26
N GLU C 457 -41.47 -5.24 -6.56
CA GLU C 457 -42.29 -5.49 -7.76
C GLU C 457 -42.83 -6.93 -7.77
N ALA C 458 -41.96 -7.93 -7.48
CA ALA C 458 -42.28 -9.35 -7.49
C ALA C 458 -43.13 -9.79 -6.34
N VAL C 459 -42.78 -9.32 -5.14
CA VAL C 459 -43.45 -9.66 -3.89
C VAL C 459 -44.83 -8.96 -3.83
N SER C 460 -44.93 -7.75 -4.42
CA SER C 460 -46.19 -7.01 -4.49
C SER C 460 -47.26 -7.82 -5.26
N LYS C 461 -46.88 -8.43 -6.40
CA LYS C 461 -47.75 -9.24 -7.27
C LYS C 461 -48.38 -10.47 -6.55
N LEU C 462 -47.66 -11.13 -5.60
CA LEU C 462 -48.12 -12.31 -4.83
C LEU C 462 -49.32 -11.99 -3.93
N PRO C 463 -50.29 -12.95 -3.74
CA PRO C 463 -51.42 -12.68 -2.83
C PRO C 463 -51.04 -12.95 -1.36
N SER C 464 -51.09 -11.93 -0.49
CA SER C 464 -50.67 -12.06 0.91
C SER C 464 -51.40 -13.13 1.71
N ASP C 465 -52.72 -13.30 1.46
CA ASP C 465 -53.60 -14.28 2.12
C ASP C 465 -53.17 -15.73 1.88
N SER C 466 -52.50 -15.99 0.74
CA SER C 466 -52.01 -17.30 0.30
C SER C 466 -51.08 -17.98 1.32
N PRO C 467 -51.22 -19.32 1.52
CA PRO C 467 -50.32 -20.01 2.46
C PRO C 467 -48.89 -20.17 1.90
N GLU C 468 -48.75 -20.03 0.59
CA GLU C 468 -47.48 -20.14 -0.06
C GLU C 468 -46.76 -18.78 -0.15
N PHE C 469 -47.43 -17.69 0.30
CA PHE C 469 -46.83 -16.33 0.30
C PHE C 469 -45.47 -16.25 1.08
N PRO C 470 -45.30 -16.83 2.29
CA PRO C 470 -44.01 -16.72 2.97
C PRO C 470 -42.87 -17.46 2.25
N LEU C 471 -43.24 -18.57 1.56
CA LEU C 471 -42.34 -19.40 0.77
C LEU C 471 -41.84 -18.60 -0.41
N TRP C 472 -42.76 -17.93 -1.12
CA TRP C 472 -42.45 -17.10 -2.27
C TRP C 472 -41.59 -15.91 -1.92
N GLU C 473 -41.91 -15.24 -0.80
CA GLU C 473 -41.17 -14.08 -0.33
C GLU C 473 -39.72 -14.47 -0.08
N TYR C 474 -39.48 -15.57 0.68
CA TYR C 474 -38.12 -16.00 0.97
C TYR C 474 -37.34 -16.28 -0.27
N TYR C 475 -38.01 -16.89 -1.25
CA TYR C 475 -37.41 -17.18 -2.53
C TYR C 475 -36.91 -15.89 -3.18
N TYR C 476 -37.81 -14.89 -3.29
CA TYR C 476 -37.49 -13.59 -3.90
C TYR C 476 -36.43 -12.83 -3.11
N ARG C 477 -36.43 -12.98 -1.76
CA ARG C 477 -35.43 -12.35 -0.89
C ARG C 477 -34.03 -12.95 -1.15
N CYS C 478 -33.95 -14.27 -1.37
CA CYS C 478 -32.72 -14.99 -1.69
C CYS C 478 -32.28 -14.60 -3.03
N ARG C 479 -33.26 -14.54 -3.97
CA ARG C 479 -32.98 -14.16 -5.34
C ARG C 479 -32.40 -12.75 -5.36
N LEU C 480 -32.98 -11.82 -4.54
CA LEU C 480 -32.48 -10.45 -4.34
C LEU C 480 -30.97 -10.44 -4.01
N LEU C 481 -30.56 -11.26 -3.07
CA LEU C 481 -29.15 -11.34 -2.68
C LEU C 481 -28.28 -11.94 -3.83
N GLN C 482 -28.73 -13.05 -4.46
CA GLN C 482 -28.02 -13.68 -5.58
C GLN C 482 -27.83 -12.72 -6.74
N ASP C 483 -28.86 -11.88 -7.02
CA ASP C 483 -28.86 -10.83 -8.05
C ASP C 483 -27.80 -9.77 -7.79
N TYR C 484 -27.70 -9.33 -6.52
CA TYR C 484 -26.75 -8.31 -6.12
C TYR C 484 -25.34 -8.78 -6.31
N ILE C 485 -24.98 -9.98 -5.74
CA ILE C 485 -23.65 -10.59 -5.81
C ILE C 485 -23.25 -10.88 -7.24
N SER C 486 -24.05 -11.64 -8.01
CA SER C 486 -23.74 -11.96 -9.41
C SER C 486 -23.55 -10.70 -10.28
N GLY C 487 -24.28 -9.63 -9.92
CA GLY C 487 -24.25 -8.33 -10.59
C GLY C 487 -22.95 -7.56 -10.44
N MET C 488 -22.15 -7.90 -9.42
CA MET C 488 -20.87 -7.26 -9.15
C MET C 488 -19.82 -7.68 -10.17
N THR C 489 -18.88 -6.75 -10.42
CA THR C 489 -17.71 -6.97 -11.27
C THR C 489 -16.72 -7.69 -10.35
N ASP C 490 -15.75 -8.41 -10.92
CA ASP C 490 -14.69 -9.15 -10.22
C ASP C 490 -14.01 -8.28 -9.16
N LEU C 491 -13.62 -7.06 -9.57
CA LEU C 491 -12.94 -6.06 -8.75
C LEU C 491 -13.81 -5.46 -7.70
N TYR C 492 -15.07 -5.13 -8.03
CA TYR C 492 -15.99 -4.53 -7.06
C TYR C 492 -16.31 -5.48 -5.94
N ALA C 493 -16.47 -6.76 -6.26
CA ALA C 493 -16.77 -7.80 -5.29
C ALA C 493 -15.60 -7.96 -4.36
N TRP C 494 -14.36 -7.87 -4.89
CA TRP C 494 -13.14 -8.00 -4.13
C TRP C 494 -13.02 -6.84 -3.18
N ASP C 495 -13.29 -5.62 -3.65
CA ASP C 495 -13.23 -4.39 -2.85
C ASP C 495 -14.24 -4.42 -1.74
N GLU C 496 -15.50 -4.66 -2.09
CA GLU C 496 -16.62 -4.75 -1.17
C GLU C 496 -16.35 -5.72 -0.04
N TYR C 497 -15.71 -6.86 -0.34
CA TYR C 497 -15.32 -7.86 0.64
C TYR C 497 -14.34 -7.26 1.64
N ARG C 498 -13.26 -6.67 1.14
CA ARG C 498 -12.23 -6.02 1.93
C ARG C 498 -12.75 -4.81 2.73
N ARG C 499 -13.69 -4.03 2.17
CA ARG C 499 -14.29 -2.88 2.84
C ARG C 499 -15.13 -3.37 3.99
N LEU C 500 -16.09 -4.28 3.73
CA LEU C 500 -16.99 -4.83 4.73
C LEU C 500 -16.30 -5.77 5.70
N MET C 501 -15.06 -6.21 5.41
CA MET C 501 -14.31 -7.02 6.37
C MET C 501 -13.54 -6.11 7.35
N ALA C 502 -13.67 -4.78 7.14
CA ALA C 502 -13.06 -3.69 7.90
C ALA C 502 -11.53 -3.62 7.74
N VAL C 503 -11.04 -4.10 6.58
CA VAL C 503 -9.62 -4.12 6.19
C VAL C 503 -9.31 -3.02 5.09
N GLU C 504 -10.24 -2.04 4.89
CA GLU C 504 -10.16 -0.90 3.95
C GLU C 504 -11.26 0.12 4.27
N ILE D 4 -2.42 56.21 31.00
CA ILE D 4 -2.88 54.87 30.67
C ILE D 4 -4.41 54.81 30.70
N ASP D 5 -5.04 54.66 29.51
CA ASP D 5 -6.49 54.56 29.34
C ASP D 5 -6.83 53.51 28.29
N PHE D 6 -7.19 52.31 28.77
CA PHE D 6 -7.50 51.16 27.94
C PHE D 6 -8.73 51.33 27.08
N ARG D 7 -9.52 52.39 27.32
CA ARG D 7 -10.67 52.68 26.46
C ARG D 7 -10.16 53.03 25.05
N LYS D 8 -8.98 53.70 24.98
CA LYS D 8 -8.28 54.10 23.75
C LYS D 8 -7.66 52.92 22.99
N LYS D 9 -7.32 51.82 23.69
CA LYS D 9 -6.71 50.67 23.06
C LYS D 9 -7.71 49.56 22.72
N ILE D 10 -8.64 49.24 23.65
CA ILE D 10 -9.68 48.21 23.38
C ILE D 10 -10.76 48.84 22.48
N ASN D 11 -10.51 48.74 21.16
CA ASN D 11 -11.33 49.30 20.09
C ASN D 11 -12.30 48.25 19.55
N TRP D 12 -13.59 48.46 19.79
CA TRP D 12 -14.64 47.53 19.38
C TRP D 12 -15.24 47.79 17.97
N HIS D 13 -14.63 48.69 17.18
CA HIS D 13 -15.07 48.97 15.82
C HIS D 13 -14.45 47.95 14.88
N ARG D 14 -15.08 47.79 13.71
CA ARG D 14 -14.67 46.86 12.65
C ARG D 14 -14.26 47.66 11.41
N ARG D 15 -13.56 47.02 10.45
CA ARG D 15 -13.15 47.71 9.23
C ARG D 15 -14.34 47.96 8.31
N TYR D 16 -15.09 46.90 8.02
CA TYR D 16 -16.30 46.89 7.19
C TYR D 16 -17.51 46.75 8.10
N ARG D 17 -18.71 47.26 7.65
CA ARG D 17 -20.02 47.28 8.37
C ARG D 17 -19.80 47.35 9.89
N SER D 18 -19.16 48.46 10.32
CA SER D 18 -18.72 48.69 11.70
C SER D 18 -19.80 49.07 12.69
N PRO D 19 -19.73 48.57 13.95
CA PRO D 19 -20.69 49.03 14.96
C PRO D 19 -20.39 50.50 15.32
N GLY D 21 -21.58 54.06 17.28
CA GLY D 21 -22.43 54.61 18.33
C GLY D 21 -21.82 54.58 19.72
N VAL D 22 -22.69 54.75 20.73
CA VAL D 22 -22.31 54.82 22.14
C VAL D 22 -21.90 53.46 22.78
N LYS D 23 -22.84 52.52 22.97
CA LYS D 23 -22.73 51.14 23.49
C LYS D 23 -22.55 50.98 25.02
N THR D 24 -23.41 50.12 25.59
CA THR D 24 -23.49 49.64 26.98
C THR D 24 -22.29 48.73 27.20
N GLU D 25 -21.89 48.51 28.47
CA GLU D 25 -20.83 47.56 28.82
C GLU D 25 -21.18 46.18 28.21
N HIS D 26 -22.47 45.82 28.28
CA HIS D 26 -23.03 44.59 27.74
C HIS D 26 -22.99 44.60 26.22
N GLU D 27 -23.32 45.75 25.59
CA GLU D 27 -23.31 45.89 24.13
C GLU D 27 -21.90 45.61 23.58
N ILE D 28 -20.86 46.23 24.20
CA ILE D 28 -19.45 46.04 23.84
C ILE D 28 -19.04 44.58 24.06
N LEU D 29 -19.53 43.97 25.16
CA LEU D 29 -19.27 42.56 25.48
C LEU D 29 -19.72 41.66 24.33
N ARG D 30 -20.97 41.83 23.86
CA ARG D 30 -21.52 41.04 22.78
C ARG D 30 -20.75 41.18 21.46
N ILE D 31 -20.11 42.38 21.25
CA ILE D 31 -19.28 42.65 20.06
C ILE D 31 -18.07 41.73 20.09
N PHE D 32 -17.40 41.66 21.24
CA PHE D 32 -16.24 40.83 21.45
C PHE D 32 -16.56 39.34 21.51
N GLU D 33 -17.79 39.00 21.92
CA GLU D 33 -18.25 37.62 21.97
C GLU D 33 -18.58 37.13 20.55
N SER D 34 -18.93 38.08 19.64
CA SER D 34 -19.21 37.78 18.24
C SER D 34 -17.89 37.41 17.57
N ASP D 35 -16.79 38.11 17.94
CA ASP D 35 -15.43 37.85 17.45
C ASP D 35 -15.03 36.42 17.78
N ARG D 36 -15.30 35.98 19.03
CA ARG D 36 -15.00 34.64 19.53
C ARG D 36 -15.64 33.59 18.64
N GLY D 37 -16.92 33.78 18.36
CA GLY D 37 -17.69 32.90 17.49
C GLY D 37 -17.10 32.78 16.10
N ARG D 38 -16.70 33.93 15.51
CA ARG D 38 -16.07 34.03 14.18
C ARG D 38 -14.82 33.14 14.11
N ILE D 39 -13.89 33.35 15.04
CA ILE D 39 -12.61 32.66 15.20
C ILE D 39 -12.79 31.14 15.47
N ILE D 40 -13.62 30.77 16.47
CA ILE D 40 -13.83 29.37 16.88
C ILE D 40 -14.47 28.54 15.76
N ASN D 41 -15.45 29.12 15.06
CA ASN D 41 -16.13 28.45 13.96
C ASN D 41 -15.39 28.62 12.62
N SER D 42 -14.17 29.22 12.62
CA SER D 42 -13.37 29.46 11.43
C SER D 42 -12.65 28.21 10.94
N PRO D 43 -12.68 27.98 9.59
CA PRO D 43 -11.96 26.82 9.02
C PRO D 43 -10.46 26.93 9.20
N ALA D 44 -9.93 28.17 9.18
CA ALA D 44 -8.51 28.47 9.43
C ALA D 44 -8.07 27.84 10.77
N ILE D 45 -8.97 27.87 11.80
CA ILE D 45 -8.71 27.27 13.11
C ILE D 45 -8.87 25.76 13.03
N ARG D 46 -9.91 25.23 12.35
CA ARG D 46 -10.10 23.77 12.24
C ARG D 46 -8.93 23.11 11.53
N ARG D 47 -8.29 23.84 10.58
CA ARG D 47 -7.15 23.39 9.79
C ARG D 47 -5.94 23.09 10.69
N LEU D 48 -5.91 23.70 11.87
CA LEU D 48 -4.80 23.51 12.81
C LEU D 48 -4.69 22.10 13.35
N GLN D 49 -5.79 21.32 13.40
CA GLN D 49 -5.67 19.95 13.94
C GLN D 49 -4.96 19.02 12.96
N GLN D 50 -4.76 19.48 11.72
CA GLN D 50 -4.08 18.76 10.66
C GLN D 50 -2.64 19.23 10.50
N LYS D 51 -2.31 20.42 11.06
CA LYS D 51 -0.95 20.94 11.07
C LYS D 51 -0.24 20.42 12.34
N THR D 52 1.05 20.01 12.22
CA THR D 52 1.78 19.40 13.32
C THR D 52 2.62 20.38 14.17
N GLN D 53 2.69 20.09 15.48
CA GLN D 53 3.47 20.88 16.44
C GLN D 53 4.98 20.50 16.44
N VAL D 54 5.35 19.29 16.85
CA VAL D 54 6.74 18.84 16.81
C VAL D 54 6.74 17.50 16.05
N PHE D 55 6.12 16.47 16.68
CA PHE D 55 6.01 15.09 16.19
C PHE D 55 4.97 14.90 15.11
N PRO D 56 5.27 14.02 14.10
CA PRO D 56 4.30 13.76 13.04
C PRO D 56 2.99 13.16 13.55
N LEU D 57 1.90 13.44 12.83
CA LEU D 57 0.54 13.03 13.20
C LEU D 57 0.39 11.51 13.03
N GLU D 58 0.10 10.83 14.16
CA GLU D 58 0.01 9.37 14.24
C GLU D 58 -1.41 8.82 14.34
N ARG D 59 -1.54 7.46 14.35
CA ARG D 59 -2.75 6.65 14.56
C ARG D 59 -2.58 6.01 15.95
N ASN D 60 -2.78 6.86 16.93
CA ASN D 60 -2.75 6.81 18.40
C ASN D 60 -2.09 8.10 18.89
N ALA D 61 -2.38 9.13 18.09
CA ALA D 61 -1.99 10.51 18.22
C ALA D 61 -2.65 11.17 19.43
N ALA D 62 -2.16 10.77 20.61
CA ALA D 62 -2.44 11.41 21.90
C ALA D 62 -1.53 12.68 21.93
N VAL D 63 -0.75 12.83 20.84
CA VAL D 63 0.21 13.89 20.51
C VAL D 63 -0.49 15.24 20.28
N ARG D 64 0.26 16.31 20.48
CA ARG D 64 -0.23 17.65 20.26
C ARG D 64 -0.04 18.07 18.81
N THR D 65 -1.08 18.74 18.29
CA THR D 65 -1.13 19.34 16.97
C THR D 65 -1.06 20.83 17.24
N ARG D 66 -1.01 21.64 16.18
CA ARG D 66 -0.99 23.08 16.34
C ARG D 66 -2.24 23.56 17.08
N LEU D 67 -3.40 22.88 16.86
CA LEU D 67 -4.65 23.22 17.54
C LEU D 67 -4.64 22.92 19.01
N THR D 68 -4.30 21.68 19.42
CA THR D 68 -4.26 21.32 20.85
C THR D 68 -3.27 22.14 21.61
N HIS D 69 -2.13 22.50 20.98
CA HIS D 69 -1.15 23.36 21.61
C HIS D 69 -1.75 24.77 21.75
N SER D 70 -2.27 25.37 20.64
CA SER D 70 -2.88 26.71 20.65
C SER D 70 -3.97 26.80 21.75
N MET D 71 -4.72 25.70 21.99
CA MET D 71 -5.77 25.56 23.00
C MET D 71 -5.20 25.65 24.42
N GLU D 72 -4.02 25.04 24.64
CA GLU D 72 -3.30 25.05 25.91
C GLU D 72 -2.70 26.43 26.18
N VAL D 73 -2.21 27.14 25.11
CA VAL D 73 -1.65 28.51 25.18
C VAL D 73 -2.77 29.45 25.59
N GLN D 74 -3.97 29.30 24.99
CA GLN D 74 -5.17 30.05 25.29
C GLN D 74 -5.45 29.99 26.79
N GLN D 75 -5.34 28.80 27.41
CA GLN D 75 -5.51 28.65 28.86
C GLN D 75 -4.48 29.48 29.65
N VAL D 76 -3.18 29.43 29.27
CA VAL D 76 -2.11 30.19 29.94
C VAL D 76 -2.41 31.69 29.83
N GLY D 77 -2.76 32.15 28.62
CA GLY D 77 -3.12 33.54 28.34
C GLY D 77 -4.26 34.02 29.18
N ARG D 78 -5.32 33.19 29.33
CA ARG D 78 -6.48 33.48 30.17
C ARG D 78 -5.98 33.68 31.61
N TYR D 79 -5.26 32.70 32.16
CA TYR D 79 -4.68 32.76 33.50
C TYR D 79 -3.87 34.04 33.74
N ILE D 80 -2.99 34.43 32.79
CA ILE D 80 -2.17 35.64 32.88
C ILE D 80 -3.06 36.88 32.90
N ALA D 81 -3.97 37.05 31.91
CA ALA D 81 -4.88 38.19 31.84
C ALA D 81 -5.73 38.30 33.10
N LYS D 82 -6.27 37.17 33.57
CA LYS D 82 -7.09 37.09 34.78
C LYS D 82 -6.28 37.53 36.02
N GLU D 83 -4.98 37.21 36.03
CA GLU D 83 -4.07 37.61 37.11
C GLU D 83 -3.78 39.13 37.06
N ILE D 84 -3.49 39.68 35.85
CA ILE D 84 -3.22 41.10 35.64
C ILE D 84 -4.40 41.88 36.17
N LEU D 85 -5.61 41.41 35.89
CA LEU D 85 -6.82 42.09 36.31
C LEU D 85 -7.11 41.97 37.80
N SER D 86 -6.83 40.79 38.40
CA SER D 86 -7.04 40.56 39.85
C SER D 86 -6.08 41.45 40.64
N ARG D 87 -4.83 41.59 40.16
CA ARG D 87 -3.81 42.41 40.78
C ARG D 87 -4.18 43.89 40.66
N LEU D 88 -4.52 44.36 39.43
CA LEU D 88 -4.95 45.73 39.15
C LEU D 88 -6.15 46.15 40.02
N LYS D 89 -7.08 45.21 40.27
CA LYS D 89 -8.27 45.39 41.11
C LYS D 89 -7.83 45.63 42.55
N GLU D 90 -6.90 44.78 43.08
CA GLU D 90 -6.35 44.91 44.44
C GLU D 90 -5.61 46.24 44.62
N LEU D 91 -4.94 46.71 43.54
CA LEU D 91 -4.19 47.97 43.48
C LEU D 91 -5.11 49.19 43.29
N LYS D 92 -6.42 48.95 43.05
CA LYS D 92 -7.48 49.96 42.82
C LYS D 92 -7.23 50.80 41.54
N LEU D 93 -6.40 50.25 40.63
CA LEU D 93 -6.02 50.86 39.36
C LEU D 93 -6.95 50.53 38.21
N LEU D 94 -7.83 49.54 38.38
CA LEU D 94 -8.76 49.08 37.34
C LEU D 94 -9.60 50.22 36.74
N GLU D 95 -10.20 51.04 37.62
CA GLU D 95 -11.05 52.18 37.23
C GLU D 95 -10.17 53.28 36.63
N ALA D 96 -8.98 53.50 37.23
CA ALA D 96 -7.98 54.50 36.85
C ALA D 96 -7.40 54.29 35.45
N TYR D 97 -7.36 53.01 34.98
CA TYR D 97 -6.83 52.64 33.68
C TYR D 97 -7.92 52.45 32.61
N GLY D 98 -9.18 52.68 32.97
CA GLY D 98 -10.32 52.58 32.07
C GLY D 98 -10.82 51.17 31.79
N LEU D 99 -10.16 50.18 32.42
CA LEU D 99 -10.46 48.75 32.31
C LEU D 99 -11.71 48.30 33.06
N ASP D 100 -12.32 49.18 33.90
CA ASP D 100 -13.48 48.83 34.72
C ASP D 100 -14.64 48.23 33.91
N GLU D 101 -14.90 48.77 32.72
CA GLU D 101 -15.98 48.25 31.87
C GLU D 101 -15.49 47.21 30.85
N LEU D 102 -14.25 47.38 30.35
CA LEU D 102 -13.59 46.53 29.34
C LEU D 102 -12.87 45.32 29.94
N THR D 103 -13.31 44.90 31.11
CA THR D 103 -12.76 43.80 31.88
C THR D 103 -12.79 42.44 31.10
N GLY D 104 -13.96 42.11 30.56
CA GLY D 104 -14.18 40.90 29.77
C GLY D 104 -13.43 40.95 28.44
N PRO D 105 -13.66 42.01 27.60
CA PRO D 105 -12.92 42.11 26.34
C PRO D 105 -11.41 41.94 26.50
N PHE D 106 -10.85 42.48 27.60
CA PHE D 106 -9.43 42.33 27.90
C PHE D 106 -9.02 40.85 27.91
N GLU D 107 -9.68 40.00 28.75
CA GLU D 107 -9.35 38.56 28.80
C GLU D 107 -9.76 37.84 27.50
N SER D 108 -10.83 38.29 26.82
CA SER D 108 -11.27 37.67 25.57
C SER D 108 -10.28 37.87 24.43
N ILE D 109 -9.78 39.13 24.24
CA ILE D 109 -8.81 39.48 23.21
C ILE D 109 -7.55 38.63 23.40
N VAL D 110 -7.04 38.54 24.65
CA VAL D 110 -5.86 37.74 24.98
C VAL D 110 -6.07 36.28 24.56
N GLU D 111 -7.21 35.67 24.96
CA GLU D 111 -7.59 34.30 24.65
C GLU D 111 -7.63 34.06 23.14
N MET D 112 -8.31 34.92 22.37
CA MET D 112 -8.42 34.70 20.93
C MET D 112 -7.12 34.96 20.19
N SER D 113 -6.29 35.90 20.68
CA SER D 113 -4.97 36.17 20.08
C SER D 113 -4.06 34.98 20.30
N CYS D 114 -4.29 34.21 21.40
CA CYS D 114 -3.56 32.98 21.72
C CYS D 114 -3.96 31.89 20.77
N LEU D 115 -5.27 31.70 20.58
CA LEU D 115 -5.77 30.69 19.65
C LEU D 115 -5.29 30.95 18.22
N MET D 116 -5.28 32.23 17.80
CA MET D 116 -4.85 32.64 16.46
C MET D 116 -3.32 32.80 16.27
N HIS D 117 -2.50 32.69 17.33
CA HIS D 117 -1.05 32.89 17.20
C HIS D 117 -0.32 32.02 16.12
N ASP D 118 -0.79 30.81 15.78
CA ASP D 118 -0.13 29.90 14.84
C ASP D 118 -0.93 29.77 13.54
N ILE D 119 -1.95 30.63 13.36
CA ILE D 119 -2.88 30.56 12.25
C ILE D 119 -2.21 30.75 10.87
N GLY D 120 -1.26 31.68 10.77
CA GLY D 120 -0.55 31.97 9.53
C GLY D 120 0.61 31.06 9.19
N ASN D 121 0.98 30.15 10.13
CA ASN D 121 2.11 29.23 9.97
C ASN D 121 1.91 28.30 8.76
N PRO D 122 2.94 28.17 7.88
CA PRO D 122 2.80 27.32 6.68
C PRO D 122 2.88 25.83 6.99
N PRO D 123 2.59 24.91 6.03
CA PRO D 123 2.66 23.49 6.34
C PRO D 123 3.88 23.01 7.13
N PHE D 124 5.13 23.21 6.77
CA PHE D 124 5.99 22.47 7.69
C PHE D 124 6.73 23.36 8.69
N GLY D 125 6.01 24.37 9.16
CA GLY D 125 6.48 25.36 10.13
C GLY D 125 7.71 26.12 9.69
N HIS D 126 8.73 26.15 10.52
CA HIS D 126 9.93 26.89 10.21
C HIS D 126 10.65 26.37 8.97
N PHE D 127 10.29 25.16 8.55
CA PHE D 127 10.85 24.52 7.36
C PHE D 127 10.05 24.81 6.13
N GLY D 128 8.76 25.09 6.30
CA GLY D 128 7.87 25.51 5.22
C GLY D 128 8.25 26.94 4.87
N GLU D 129 8.51 27.77 5.93
CA GLU D 129 8.99 29.17 5.86
C GLU D 129 10.28 29.16 5.07
N ALA D 130 11.26 28.33 5.54
CA ALA D 130 12.57 28.12 4.94
C ALA D 130 12.44 27.88 3.44
N ALA D 131 11.72 26.82 3.06
CA ALA D 131 11.48 26.43 1.69
C ALA D 131 10.97 27.57 0.80
N ILE D 132 9.92 28.30 1.24
CA ILE D 132 9.31 29.44 0.53
C ILE D 132 10.34 30.52 0.24
N ASN D 133 10.99 31.02 1.31
CA ASN D 133 11.98 32.08 1.23
C ASN D 133 13.17 31.71 0.39
N ASP D 134 13.67 30.48 0.56
CA ASP D 134 14.82 30.02 -0.20
C ASP D 134 14.50 29.89 -1.66
N TRP D 135 13.27 29.41 -1.99
CA TRP D 135 12.81 29.25 -3.37
C TRP D 135 12.68 30.60 -4.07
N PHE D 136 12.07 31.57 -3.37
CA PHE D 136 11.86 32.91 -3.89
C PHE D 136 13.15 33.69 -3.97
N ARG D 137 14.08 33.42 -3.04
CA ARG D 137 15.41 34.04 -3.01
C ARG D 137 16.19 33.69 -4.26
N GLN D 138 16.12 32.42 -4.68
CA GLN D 138 16.82 31.93 -5.87
C GLN D 138 16.19 32.44 -7.16
N ARG D 139 14.93 32.96 -7.09
CA ARG D 139 14.27 33.52 -8.29
C ARG D 139 14.63 35.00 -8.42
N LEU D 140 14.27 35.81 -7.41
CA LEU D 140 14.51 37.25 -7.39
C LEU D 140 15.49 37.58 -6.28
N HIS D 141 16.81 37.53 -6.56
CA HIS D 141 17.89 37.76 -5.57
C HIS D 141 17.78 39.12 -4.85
N PRO D 142 17.32 39.17 -3.57
CA PRO D 142 17.17 40.47 -2.89
C PRO D 142 18.49 41.10 -2.41
N GLU D 143 19.55 40.28 -2.38
CA GLU D 143 20.93 40.62 -2.03
C GLU D 143 21.44 41.76 -2.93
N ASP D 144 21.05 41.71 -4.21
CA ASP D 144 21.44 42.63 -5.27
C ASP D 144 20.75 43.99 -5.25
N ALA D 145 19.56 44.10 -4.64
CA ALA D 145 18.82 45.36 -4.61
C ALA D 145 19.24 46.35 -3.50
N GLU D 146 20.04 45.91 -2.51
CA GLU D 146 20.53 46.77 -1.43
C GLU D 146 21.45 47.91 -1.99
N ASP D 153 22.81 41.86 -12.11
CA ASP D 153 21.62 41.66 -11.28
C ASP D 153 21.05 40.27 -11.54
N ARG D 154 21.36 39.33 -10.62
CA ARG D 154 20.98 37.91 -10.65
C ARG D 154 19.46 37.63 -10.74
N CYS D 155 18.62 38.59 -10.30
CA CYS D 155 17.15 38.48 -10.32
C CYS D 155 16.65 38.08 -11.71
N SER D 156 15.92 36.95 -11.77
CA SER D 156 15.36 36.38 -13.00
C SER D 156 14.16 37.16 -13.56
N VAL D 157 13.37 37.80 -12.68
CA VAL D 157 12.19 38.59 -13.04
C VAL D 157 12.62 39.89 -13.71
N ALA D 158 12.45 39.96 -15.05
CA ALA D 158 12.86 41.09 -15.89
C ALA D 158 12.33 42.44 -15.42
N ALA D 159 11.06 42.48 -14.95
CA ALA D 159 10.41 43.69 -14.47
C ALA D 159 11.02 44.21 -13.18
N LEU D 160 11.41 43.29 -12.29
CA LEU D 160 11.96 43.54 -10.96
C LEU D 160 13.48 43.81 -10.91
N ARG D 161 14.22 43.62 -12.03
CA ARG D 161 15.66 43.92 -12.13
C ARG D 161 15.82 45.44 -12.04
N LEU D 162 16.76 45.92 -11.19
CA LEU D 162 17.01 47.35 -11.00
C LEU D 162 17.54 48.04 -12.26
N ARG D 163 16.76 49.03 -12.80
CA ARG D 163 17.04 49.90 -13.99
C ARG D 163 18.48 49.82 -14.56
N LEU D 169 11.47 54.26 -8.97
CA LEU D 169 10.71 53.03 -9.29
C LEU D 169 11.46 51.80 -8.79
N ASN D 170 12.81 51.94 -8.72
CA ASN D 170 13.76 50.96 -8.23
C ASN D 170 13.51 50.65 -6.76
N GLU D 171 12.98 51.65 -6.00
CA GLU D 171 12.66 51.47 -4.59
C GLU D 171 11.50 50.48 -4.42
N LEU D 172 10.55 50.47 -5.38
CA LEU D 172 9.45 49.50 -5.34
C LEU D 172 10.01 48.11 -5.57
N ARG D 173 10.94 47.98 -6.52
CA ARG D 173 11.63 46.73 -6.86
C ARG D 173 12.34 46.14 -5.62
N ARG D 174 13.08 47.01 -4.86
CA ARG D 174 13.79 46.67 -3.62
C ARG D 174 12.81 46.13 -2.59
N LYS D 175 11.73 46.88 -2.33
CA LYS D 175 10.66 46.53 -1.41
C LYS D 175 10.01 45.17 -1.82
N ILE D 176 9.58 45.03 -3.10
CA ILE D 176 8.96 43.81 -3.63
C ILE D 176 9.90 42.60 -3.49
N ARG D 177 11.17 42.75 -3.94
CA ARG D 177 12.19 41.68 -3.87
C ARG D 177 12.44 41.21 -2.43
N GLN D 178 12.56 42.13 -1.47
CA GLN D 178 12.81 41.76 -0.09
C GLN D 178 11.56 41.16 0.56
N ASP D 179 10.40 41.80 0.38
CA ASP D 179 9.12 41.36 0.96
C ASP D 179 8.74 39.92 0.57
N LEU D 180 8.94 39.56 -0.71
CA LEU D 180 8.61 38.21 -1.22
C LEU D 180 9.54 37.13 -0.68
N CYS D 181 10.77 37.52 -0.28
CA CYS D 181 11.75 36.60 0.30
C CYS D 181 11.69 36.61 1.83
N HIS D 182 10.70 37.31 2.39
CA HIS D 182 10.53 37.41 3.81
C HIS D 182 9.16 36.96 4.27
N PHE D 183 8.79 35.75 3.85
CA PHE D 183 7.57 35.12 4.31
C PHE D 183 7.76 34.82 5.80
N GLU D 184 6.75 35.11 6.60
CA GLU D 184 6.73 34.83 8.04
C GLU D 184 5.29 34.56 8.46
N GLY D 185 5.06 33.44 9.16
CA GLY D 185 3.75 33.05 9.65
C GLY D 185 2.97 34.16 10.32
N ASN D 186 3.65 34.98 11.16
CA ASN D 186 3.05 36.11 11.87
C ASN D 186 2.43 37.12 10.89
N ALA D 187 3.16 37.47 9.81
CA ALA D 187 2.73 38.41 8.77
C ALA D 187 1.60 37.81 7.97
N GLN D 188 1.72 36.50 7.69
CA GLN D 188 0.75 35.72 6.93
C GLN D 188 -0.56 35.60 7.67
N GLY D 189 -0.48 35.60 9.01
CA GLY D 189 -1.65 35.59 9.88
C GLY D 189 -2.48 36.84 9.68
N ILE D 190 -1.82 38.02 9.64
CA ILE D 190 -2.46 39.33 9.41
C ILE D 190 -3.11 39.38 8.02
N ARG D 191 -2.37 38.84 7.00
CA ARG D 191 -2.84 38.75 5.62
C ARG D 191 -4.06 37.87 5.57
N LEU D 192 -3.99 36.73 6.25
CA LEU D 192 -5.03 35.76 6.34
C LEU D 192 -6.28 36.29 7.04
N VAL D 193 -6.16 36.95 8.20
CA VAL D 193 -7.35 37.45 8.90
C VAL D 193 -8.03 38.58 8.16
N HIS D 194 -7.24 39.39 7.45
CA HIS D 194 -7.80 40.51 6.73
C HIS D 194 -8.22 40.19 5.29
N THR D 195 -7.24 40.03 4.38
CA THR D 195 -7.44 39.86 2.94
C THR D 195 -8.03 38.52 2.55
N LEU D 196 -7.60 37.43 3.20
CA LEU D 196 -8.01 36.10 2.78
C LEU D 196 -9.30 35.58 3.43
N MET D 197 -9.33 35.43 4.77
CA MET D 197 -10.48 34.90 5.52
C MET D 197 -11.62 35.90 5.58
N ARG D 198 -11.29 37.21 5.42
CA ARG D 198 -12.24 38.34 5.46
C ARG D 198 -13.17 38.21 6.72
N MET D 199 -12.53 37.91 7.88
CA MET D 199 -13.17 37.68 9.18
C MET D 199 -13.86 38.89 9.79
N ASN D 200 -13.45 40.13 9.38
CA ASN D 200 -13.97 41.42 9.87
C ASN D 200 -13.98 41.49 11.40
N LEU D 201 -12.84 41.16 11.99
CA LEU D 201 -12.67 41.23 13.44
C LEU D 201 -12.60 42.71 13.91
N THR D 202 -12.64 42.93 15.23
CA THR D 202 -12.50 44.29 15.80
C THR D 202 -11.05 44.71 15.68
N TRP D 203 -10.79 46.01 15.62
CA TRP D 203 -9.43 46.53 15.54
C TRP D 203 -8.56 45.99 16.68
N ALA D 204 -9.12 45.96 17.90
CA ALA D 204 -8.46 45.45 19.10
C ALA D 204 -8.07 43.98 18.95
N GLN D 205 -8.93 43.18 18.31
CA GLN D 205 -8.68 41.77 18.11
C GLN D 205 -7.52 41.51 17.15
N VAL D 206 -7.46 42.32 16.08
CA VAL D 206 -6.41 42.28 15.04
C VAL D 206 -5.07 42.74 15.66
N GLY D 207 -5.13 43.76 16.50
CA GLY D 207 -3.96 44.28 17.19
C GLY D 207 -3.24 43.24 18.00
N GLY D 208 -4.01 42.37 18.66
CA GLY D 208 -3.50 41.29 19.46
C GLY D 208 -2.69 40.22 18.70
N ILE D 209 -2.91 40.11 17.38
CA ILE D 209 -2.18 39.09 16.62
C ILE D 209 -0.99 39.70 15.83
N LEU D 210 -0.74 41.02 16.00
CA LEU D 210 0.42 41.68 15.40
C LEU D 210 1.52 41.63 16.47
N LYS D 211 2.30 40.50 16.47
CA LYS D 211 3.38 40.20 17.41
C LYS D 211 4.67 40.92 17.08
N TYR D 212 4.94 41.19 15.79
CA TYR D 212 6.14 41.93 15.40
C TYR D 212 5.76 43.17 14.59
N THR D 213 6.62 44.18 14.57
CA THR D 213 6.30 45.45 13.89
C THR D 213 7.19 45.75 12.70
N ARG D 214 8.10 44.81 12.37
CA ARG D 214 8.99 44.99 11.25
C ARG D 214 8.25 44.73 9.92
N PRO D 215 8.32 45.70 8.97
CA PRO D 215 7.74 45.45 7.63
C PRO D 215 8.61 44.39 6.96
N ALA D 216 8.03 43.44 6.25
CA ALA D 216 8.80 42.36 5.61
C ALA D 216 9.90 42.85 4.68
N TRP D 217 9.60 43.90 3.90
CA TRP D 217 10.50 44.54 2.94
C TRP D 217 11.72 45.23 3.55
N TRP D 218 11.72 45.44 4.89
CA TRP D 218 12.79 46.11 5.64
C TRP D 218 14.13 45.52 5.26
N ARG D 219 15.08 46.40 4.97
CA ARG D 219 16.42 46.00 4.54
C ARG D 219 17.51 46.42 5.53
N GLY D 220 17.36 47.58 6.19
CA GLY D 220 18.33 48.08 7.19
C GLY D 220 18.49 47.16 8.39
N GLU D 221 19.27 47.51 9.43
CA GLU D 221 19.33 46.48 10.49
C GLU D 221 19.18 47.01 11.90
N THR D 222 18.72 48.23 12.04
CA THR D 222 18.48 48.91 13.32
C THR D 222 16.91 49.08 13.34
N PRO D 223 16.20 49.85 14.24
CA PRO D 223 16.62 50.74 15.33
C PRO D 223 16.67 50.11 16.72
N GLU D 224 17.75 50.41 17.45
CA GLU D 224 18.05 49.95 18.82
C GLU D 224 16.87 50.08 19.77
N THR D 225 16.09 51.17 19.61
CA THR D 225 14.87 51.55 20.36
C THR D 225 13.77 50.49 20.23
N HIS D 226 13.62 49.89 19.03
CA HIS D 226 12.62 48.86 18.72
C HIS D 226 13.26 47.57 18.17
N HIS D 227 14.54 47.33 18.53
CA HIS D 227 15.34 46.17 18.09
C HIS D 227 14.65 44.84 18.33
N TYR D 228 13.93 44.71 19.45
CA TYR D 228 13.21 43.51 19.86
C TYR D 228 11.87 43.35 19.17
N LEU D 229 11.05 44.41 19.14
CA LEU D 229 9.72 44.38 18.52
C LEU D 229 9.82 44.11 17.02
N MET D 230 10.94 44.51 16.40
CA MET D 230 11.21 44.34 14.99
C MET D 230 12.09 43.08 14.69
N LYS D 231 12.17 42.13 15.66
CA LYS D 231 12.91 40.86 15.65
C LYS D 231 12.72 40.09 14.33
N LYS D 232 11.45 39.86 13.97
CA LYS D 232 10.99 39.13 12.79
C LYS D 232 10.02 40.05 12.00
N PRO D 233 9.66 39.74 10.72
CA PRO D 233 8.71 40.59 10.01
C PRO D 233 7.29 40.34 10.54
N GLY D 234 6.58 41.41 10.81
CA GLY D 234 5.22 41.34 11.35
C GLY D 234 4.09 41.54 10.36
N TYR D 235 4.38 42.15 9.19
CA TYR D 235 3.37 42.41 8.15
C TYR D 235 4.00 42.60 6.77
N TYR D 236 3.24 42.26 5.69
CA TYR D 236 3.71 42.42 4.32
C TYR D 236 3.43 43.79 3.71
N LEU D 237 4.06 44.06 2.55
CA LEU D 237 3.92 45.25 1.72
C LEU D 237 2.47 45.40 1.25
N SER D 238 1.76 44.26 1.06
CA SER D 238 0.35 44.23 0.65
C SER D 238 -0.55 44.74 1.77
N GLU D 239 -0.22 44.41 3.04
CA GLU D 239 -0.97 44.82 4.22
C GLU D 239 -0.55 46.19 4.75
N GLU D 240 0.40 46.89 4.07
CA GLU D 240 0.97 48.17 4.50
C GLU D 240 -0.11 49.17 4.89
N ALA D 241 -1.11 49.33 4.01
CA ALA D 241 -2.24 50.24 4.20
C ALA D 241 -3.14 49.85 5.36
N TYR D 242 -3.41 48.54 5.50
CA TYR D 242 -4.25 47.97 6.55
C TYR D 242 -3.68 48.27 7.92
N ILE D 243 -2.40 47.92 8.11
CA ILE D 243 -1.62 48.17 9.33
C ILE D 243 -1.60 49.65 9.62
N ALA D 244 -1.44 50.49 8.56
CA ALA D 244 -1.48 51.94 8.72
C ALA D 244 -2.80 52.41 9.35
N ARG D 245 -3.96 51.76 9.00
CA ARG D 245 -5.26 52.10 9.61
C ARG D 245 -5.35 51.54 11.01
N LEU D 246 -4.91 50.29 11.21
CA LEU D 246 -4.87 49.59 12.50
C LEU D 246 -4.11 50.44 13.52
N ARG D 247 -2.94 50.99 13.11
CA ARG D 247 -2.09 51.85 13.94
C ARG D 247 -2.89 53.08 14.36
N LYS D 248 -3.62 53.71 13.42
CA LYS D 248 -4.48 54.88 13.66
C LYS D 248 -5.59 54.52 14.67
N GLU D 249 -6.32 53.42 14.40
CA GLU D 249 -7.44 52.91 15.20
C GLU D 249 -7.04 52.50 16.63
N LEU D 250 -5.82 51.99 16.81
CA LEU D 250 -5.37 51.55 18.13
C LEU D 250 -4.40 52.53 18.81
N ASN D 251 -4.29 53.76 18.25
CA ASN D 251 -3.41 54.84 18.74
C ASN D 251 -1.99 54.34 19.00
N LEU D 252 -1.46 53.60 18.02
CA LEU D 252 -0.13 53.02 18.04
C LEU D 252 0.83 53.85 17.23
N ALA D 253 2.01 54.08 17.83
CA ALA D 253 3.12 54.80 17.21
C ALA D 253 3.67 53.92 16.08
N LEU D 254 4.53 54.48 15.19
CA LEU D 254 5.12 53.65 14.15
C LEU D 254 6.08 52.63 14.77
N TYR D 255 5.88 51.35 14.40
CA TYR D 255 6.60 50.17 14.89
C TYR D 255 6.34 49.89 16.38
N SER D 256 5.19 50.36 16.90
CA SER D 256 4.76 50.10 18.27
C SER D 256 3.78 48.91 18.24
N ARG D 257 3.78 48.12 19.32
CA ARG D 257 2.96 46.91 19.49
C ARG D 257 1.68 47.17 20.32
N PHE D 258 0.64 46.33 20.11
CA PHE D 258 -0.60 46.43 20.87
C PHE D 258 -0.34 45.95 22.31
N PRO D 259 -0.78 46.72 23.34
CA PRO D 259 -0.47 46.34 24.74
C PRO D 259 -0.71 44.86 25.15
N LEU D 260 -1.81 44.29 24.69
CA LEU D 260 -2.19 42.93 25.06
C LEU D 260 -1.31 41.83 24.46
N THR D 261 -0.59 42.11 23.35
CA THR D 261 0.28 41.14 22.66
C THR D 261 1.37 40.59 23.58
N TRP D 262 1.89 41.41 24.48
CA TRP D 262 2.89 41.00 25.47
C TRP D 262 2.41 39.83 26.33
N ILE D 263 1.07 39.74 26.56
CA ILE D 263 0.43 38.68 27.35
C ILE D 263 0.40 37.40 26.52
N MET D 264 -0.14 37.46 25.28
CA MET D 264 -0.20 36.30 24.40
C MET D 264 1.22 35.74 24.18
N GLU D 265 2.20 36.62 24.02
CA GLU D 265 3.61 36.28 23.85
C GLU D 265 4.13 35.51 25.05
N ALA D 266 3.92 36.04 26.26
CA ALA D 266 4.32 35.44 27.53
C ALA D 266 3.69 34.06 27.71
N ALA D 267 2.41 33.92 27.32
CA ALA D 267 1.64 32.70 27.40
C ALA D 267 2.24 31.66 26.48
N ASP D 268 2.69 32.10 25.30
CA ASP D 268 3.31 31.29 24.29
C ASP D 268 4.69 30.79 24.77
N ASP D 269 5.45 31.69 25.42
CA ASP D 269 6.79 31.43 25.99
C ASP D 269 6.76 30.33 27.05
N ILE D 270 5.73 30.33 27.90
CA ILE D 270 5.53 29.34 28.96
C ILE D 270 5.20 27.96 28.37
N SER D 271 4.25 27.93 27.41
CA SER D 271 3.75 26.72 26.75
C SER D 271 4.78 25.99 25.86
N TYR D 272 5.74 26.76 25.29
CA TYR D 272 6.79 26.36 24.35
C TYR D 272 7.21 24.87 24.37
N CYS D 273 7.86 24.38 25.44
CA CYS D 273 8.46 23.04 25.50
C CYS D 273 7.78 22.03 26.36
N VAL D 274 7.37 22.43 27.56
CA VAL D 274 6.77 21.53 28.55
C VAL D 274 5.82 20.52 27.92
N ALA D 275 5.00 21.00 26.97
CA ALA D 275 4.06 20.20 26.19
C ALA D 275 4.76 19.04 25.44
N ASP D 276 5.85 19.36 24.73
CA ASP D 276 6.66 18.49 23.86
C ASP D 276 7.53 17.47 24.62
N LEU D 277 7.88 17.76 25.89
CA LEU D 277 8.62 16.81 26.72
C LEU D 277 7.63 15.72 27.15
N GLU D 278 6.38 16.12 27.46
CA GLU D 278 5.23 15.27 27.84
C GLU D 278 4.93 14.31 26.66
N ASP D 279 5.05 14.83 25.43
CA ASP D 279 4.83 14.07 24.21
C ASP D 279 6.01 13.17 23.89
N ALA D 280 7.24 13.56 24.30
CA ALA D 280 8.42 12.74 24.06
C ALA D 280 8.37 11.47 24.89
N VAL D 281 7.85 11.57 26.13
CA VAL D 281 7.67 10.44 27.05
C VAL D 281 6.58 9.51 26.52
N GLU D 282 5.51 10.11 25.94
CA GLU D 282 4.38 9.43 25.32
C GLU D 282 4.89 8.62 24.13
N LYS D 283 5.63 9.29 23.20
CA LYS D 283 6.24 8.68 22.01
C LYS D 283 7.40 7.69 22.36
N ARG D 284 7.75 7.64 23.66
CA ARG D 284 8.76 6.82 24.33
C ARG D 284 10.23 7.09 23.89
N ILE D 285 10.61 8.39 23.75
CA ILE D 285 12.00 8.80 23.47
C ILE D 285 12.84 8.58 24.75
N PHE D 286 12.18 8.75 25.91
CA PHE D 286 12.73 8.55 27.25
C PHE D 286 11.59 8.35 28.23
N THR D 287 11.93 7.87 29.43
CA THR D 287 10.99 7.64 30.54
C THR D 287 10.92 8.90 31.38
N VAL D 288 9.89 9.04 32.24
CA VAL D 288 9.76 10.20 33.15
C VAL D 288 11.04 10.35 33.99
N GLU D 289 11.63 9.21 34.40
CA GLU D 289 12.84 9.07 35.19
C GLU D 289 14.04 9.66 34.45
N GLN D 290 14.23 9.21 33.17
CA GLN D 290 15.30 9.64 32.26
C GLN D 290 15.25 11.15 32.08
N LEU D 291 14.03 11.70 31.95
CA LEU D 291 13.76 13.12 31.79
C LEU D 291 14.15 13.90 33.04
N TYR D 292 13.71 13.41 34.22
CA TYR D 292 14.03 14.03 35.50
C TYR D 292 15.54 14.20 35.64
N HIS D 293 16.28 13.21 35.10
CA HIS D 293 17.73 13.21 35.10
C HIS D 293 18.32 14.28 34.21
N HIS D 294 17.81 14.43 32.96
CA HIS D 294 18.32 15.45 32.03
C HIS D 294 18.04 16.86 32.50
N LEU D 295 16.92 17.06 33.20
CA LEU D 295 16.56 18.36 33.77
C LEU D 295 17.57 18.70 34.89
N HIS D 296 17.95 17.68 35.70
CA HIS D 296 18.95 17.82 36.73
C HIS D 296 20.29 18.21 36.09
N GLU D 297 20.72 17.46 35.04
CA GLU D 297 21.96 17.71 34.25
C GLU D 297 21.93 19.15 33.66
N LEU D 307 14.13 27.73 42.89
CA LEU D 307 13.03 27.63 41.91
C LEU D 307 12.97 26.24 41.29
N PHE D 308 14.15 25.68 41.04
CA PHE D 308 14.37 24.36 40.44
C PHE D 308 13.79 23.25 41.32
N SER D 309 14.17 23.26 42.61
CA SER D 309 13.71 22.29 43.61
C SER D 309 12.21 22.48 43.78
N LEU D 310 11.82 23.75 43.88
CA LEU D 310 10.46 24.22 44.05
C LEU D 310 9.49 23.75 42.95
N VAL D 311 9.97 23.67 41.69
CA VAL D 311 9.09 23.30 40.56
C VAL D 311 9.29 21.84 40.10
N VAL D 312 10.52 21.48 39.64
CA VAL D 312 10.82 20.15 39.07
C VAL D 312 10.85 19.05 40.17
N GLU D 313 11.75 19.16 41.19
CA GLU D 313 11.89 18.17 42.26
C GLU D 313 10.54 17.86 42.90
N ASN D 314 9.81 18.93 43.33
CA ASN D 314 8.49 18.90 43.97
C ASN D 314 7.50 18.03 43.19
N ALA D 315 7.42 18.25 41.85
CA ALA D 315 6.54 17.54 40.94
C ALA D 315 6.91 16.04 40.81
N TRP D 316 8.22 15.73 40.89
CA TRP D 316 8.73 14.36 40.80
C TRP D 316 8.32 13.52 41.98
N GLU D 317 8.31 14.16 43.16
CA GLU D 317 7.93 13.56 44.44
C GLU D 317 6.47 13.12 44.45
N LYS D 318 5.58 13.99 43.94
CA LYS D 318 4.14 13.71 43.83
C LYS D 318 3.94 12.56 42.83
N SER D 327 -1.32 7.81 38.15
CA SER D 327 -0.28 7.14 37.36
C SER D 327 0.90 8.05 37.03
N THR D 328 2.07 7.69 37.58
CA THR D 328 3.39 8.34 37.48
C THR D 328 3.57 9.30 36.33
N GLU D 329 3.33 8.81 35.11
CA GLU D 329 3.50 9.56 33.88
C GLU D 329 2.71 10.87 33.87
N ASP D 330 1.36 10.77 33.85
CA ASP D 330 0.44 11.92 33.82
C ASP D 330 0.56 12.78 35.05
N GLN D 331 0.73 12.13 36.22
CA GLN D 331 0.87 12.78 37.54
C GLN D 331 2.06 13.71 37.60
N PHE D 332 3.20 13.31 36.99
CA PHE D 332 4.40 14.14 36.97
C PHE D 332 4.19 15.41 36.15
N PHE D 333 3.67 15.25 34.93
CA PHE D 333 3.44 16.37 34.03
C PHE D 333 2.32 17.30 34.53
N MET D 334 1.24 16.74 35.15
CA MET D 334 0.13 17.51 35.74
C MET D 334 0.69 18.46 36.81
N TYR D 335 1.59 17.94 37.62
CA TYR D 335 2.15 18.73 38.70
C TYR D 335 3.37 19.55 38.29
N LEU D 336 4.00 19.21 37.13
CA LEU D 336 5.10 20.04 36.65
C LEU D 336 4.49 21.33 36.11
N ARG D 337 3.45 21.19 35.27
CA ARG D 337 2.65 22.26 34.66
C ARG D 337 2.14 23.20 35.74
N VAL D 338 1.40 22.67 36.73
CA VAL D 338 0.85 23.40 37.87
C VAL D 338 1.92 24.29 38.52
N ASN D 339 3.00 23.67 39.05
CA ASN D 339 4.12 24.35 39.71
C ASN D 339 4.71 25.46 38.83
N THR D 340 5.05 25.15 37.55
CA THR D 340 5.60 26.08 36.56
C THR D 340 4.69 27.30 36.43
N LEU D 341 3.39 27.08 36.15
CA LEU D 341 2.38 28.13 35.99
C LEU D 341 2.22 28.98 37.24
N ASN D 342 2.06 28.32 38.41
CA ASN D 342 1.88 29.00 39.69
C ASN D 342 3.04 29.91 40.05
N LYS D 343 4.22 29.69 39.42
CA LYS D 343 5.37 30.55 39.65
C LYS D 343 5.51 31.60 38.55
N LEU D 344 5.37 31.18 37.28
CA LEU D 344 5.52 32.06 36.11
C LEU D 344 4.36 33.00 35.83
N VAL D 345 3.09 32.52 35.89
CA VAL D 345 1.90 33.35 35.64
C VAL D 345 1.89 34.64 36.51
N PRO D 346 2.11 34.57 37.86
CA PRO D 346 2.10 35.80 38.65
C PRO D 346 3.25 36.71 38.25
N TYR D 347 4.43 36.13 37.94
CA TYR D 347 5.60 36.89 37.52
C TYR D 347 5.33 37.71 36.26
N ALA D 348 4.76 37.06 35.22
CA ALA D 348 4.40 37.70 33.95
C ALA D 348 3.38 38.82 34.20
N ALA D 349 2.34 38.52 35.04
CA ALA D 349 1.29 39.47 35.41
C ALA D 349 1.90 40.70 36.07
N GLN D 350 2.87 40.47 36.97
CA GLN D 350 3.57 41.53 37.69
C GLN D 350 4.42 42.33 36.72
N ARG D 351 5.25 41.65 35.89
CA ARG D 351 6.10 42.29 34.88
C ARG D 351 5.29 43.28 34.05
N PHE D 352 4.12 42.81 33.54
CA PHE D 352 3.16 43.58 32.75
C PHE D 352 2.68 44.83 33.49
N ILE D 353 2.23 44.71 34.76
CA ILE D 353 1.75 45.85 35.53
C ILE D 353 2.91 46.82 35.77
N ASP D 354 4.07 46.29 36.18
CA ASP D 354 5.29 47.05 36.48
C ASP D 354 5.75 47.91 35.29
N ASN D 355 5.68 47.35 34.08
CA ASN D 355 6.13 48.06 32.88
C ASN D 355 4.96 48.58 32.06
N LEU D 356 3.74 48.65 32.66
CA LEU D 356 2.55 49.10 31.96
C LEU D 356 2.72 50.40 31.17
N PRO D 357 3.43 51.47 31.64
CA PRO D 357 3.57 52.68 30.81
C PRO D 357 4.13 52.42 29.42
N ALA D 358 5.30 51.74 29.35
CA ALA D 358 5.98 51.40 28.09
C ALA D 358 5.17 50.41 27.27
N ILE D 359 4.61 49.37 27.93
CA ILE D 359 3.79 48.31 27.34
C ILE D 359 2.54 48.95 26.71
N PHE D 360 1.95 49.96 27.39
CA PHE D 360 0.79 50.70 26.92
C PHE D 360 1.14 51.52 25.68
N ALA D 361 2.25 52.30 25.74
CA ALA D 361 2.75 53.08 24.61
C ALA D 361 3.05 52.17 23.37
N GLY D 362 3.36 50.90 23.65
CA GLY D 362 3.72 49.88 22.67
C GLY D 362 5.18 49.90 22.33
N THR D 363 5.96 50.71 23.07
CA THR D 363 7.41 50.94 22.86
C THR D 363 8.34 50.01 23.64
N PHE D 364 7.82 49.31 24.70
CA PHE D 364 8.56 48.39 25.58
C PHE D 364 9.40 47.39 24.76
N ASN D 365 10.74 47.46 24.87
CA ASN D 365 11.63 46.66 24.02
C ASN D 365 12.12 45.34 24.65
N HIS D 366 11.25 44.64 25.40
CA HIS D 366 11.54 43.36 26.04
C HIS D 366 10.28 42.49 26.10
N ALA D 367 10.44 41.21 26.46
CA ALA D 367 9.31 40.31 26.66
C ALA D 367 9.02 40.31 28.15
N LEU D 368 7.85 39.79 28.56
CA LEU D 368 7.49 39.73 29.97
C LEU D 368 8.45 38.80 30.73
N LEU D 369 8.89 37.70 30.12
CA LEU D 369 9.89 36.82 30.73
C LEU D 369 11.13 36.96 29.86
N GLU D 370 12.09 37.81 30.28
CA GLU D 370 13.23 38.07 29.39
C GLU D 370 14.44 37.14 29.64
N ASP D 371 15.60 37.59 30.13
CA ASP D 371 16.73 36.66 30.30
C ASP D 371 17.05 36.59 31.79
N ALA D 372 17.49 37.71 32.35
CA ALA D 372 17.85 37.96 33.74
C ALA D 372 17.24 36.98 34.78
N SER D 373 15.88 36.95 34.85
CA SER D 373 15.02 36.23 35.79
C SER D 373 15.29 34.76 35.99
N GLU D 374 15.21 34.30 37.27
CA GLU D 374 15.35 32.91 37.71
C GLU D 374 14.18 32.10 37.12
N CYS D 375 13.07 32.82 36.88
CA CYS D 375 11.82 32.35 36.29
C CYS D 375 12.08 32.00 34.82
N SER D 376 12.76 32.92 34.09
CA SER D 376 13.13 32.75 32.68
C SER D 376 14.05 31.53 32.55
N ASP D 377 14.97 31.36 33.52
CA ASP D 377 15.92 30.25 33.56
C ASP D 377 15.24 28.88 33.66
N LEU D 378 14.05 28.79 34.33
CA LEU D 378 13.31 27.54 34.42
C LEU D 378 12.84 27.07 33.02
N LEU D 379 12.34 28.04 32.21
CA LEU D 379 11.88 27.79 30.86
C LEU D 379 13.05 27.44 29.96
N LYS D 380 14.18 28.18 30.09
CA LYS D 380 15.41 27.93 29.33
C LYS D 380 15.91 26.50 29.55
N LEU D 381 15.68 25.95 30.77
CA LEU D 381 16.01 24.58 31.16
C LEU D 381 15.18 23.59 30.32
N TYR D 382 13.84 23.78 30.27
CA TYR D 382 12.92 22.97 29.47
C TYR D 382 13.31 23.02 28.02
N LYS D 383 13.65 24.22 27.50
CA LYS D 383 14.10 24.45 26.11
C LYS D 383 15.33 23.64 25.80
N ASN D 384 16.32 23.68 26.70
CA ASN D 384 17.59 22.98 26.56
C ASN D 384 17.44 21.48 26.52
N VAL D 385 16.61 20.91 27.41
CA VAL D 385 16.36 19.47 27.47
C VAL D 385 15.66 19.02 26.18
N ALA D 386 14.63 19.80 25.75
CA ALA D 386 13.88 19.53 24.53
C ALA D 386 14.74 19.65 23.30
N VAL D 387 15.63 20.64 23.25
CA VAL D 387 16.53 20.78 22.11
C VAL D 387 17.50 19.59 22.04
N LYS D 388 18.19 19.30 23.16
CA LYS D 388 19.16 18.21 23.24
C LYS D 388 18.58 16.81 23.04
N HIS D 389 17.31 16.55 23.46
CA HIS D 389 16.77 15.19 23.36
C HIS D 389 15.47 15.00 22.61
N VAL D 390 14.75 16.06 22.28
CA VAL D 390 13.47 15.89 21.62
C VAL D 390 13.52 16.37 20.17
N PHE D 391 13.86 17.65 19.95
CA PHE D 391 13.93 18.26 18.62
C PHE D 391 15.07 17.72 17.77
N SER D 392 16.07 17.14 18.44
CA SER D 392 17.23 16.53 17.84
C SER D 392 16.96 15.08 17.41
N HIS D 393 15.74 14.58 17.66
CA HIS D 393 15.36 13.21 17.33
C HIS D 393 15.37 12.95 15.84
N PRO D 394 15.97 11.82 15.39
CA PRO D 394 16.03 11.52 13.95
C PRO D 394 14.70 11.57 13.21
N ASP D 395 13.63 11.11 13.86
CA ASP D 395 12.28 11.12 13.30
C ASP D 395 11.81 12.54 13.08
N VAL D 396 12.04 13.40 14.11
CA VAL D 396 11.68 14.81 14.07
C VAL D 396 12.43 15.48 12.92
N GLU D 397 13.77 15.33 12.90
CA GLU D 397 14.64 15.87 11.85
C GLU D 397 14.29 15.42 10.41
N ARG D 398 13.95 14.13 10.21
CA ARG D 398 13.58 13.61 8.89
C ARG D 398 12.33 14.29 8.40
N LEU D 399 11.33 14.46 9.29
CA LEU D 399 10.09 15.14 8.97
C LEU D 399 10.41 16.55 8.45
N GLU D 400 11.35 17.26 9.13
CA GLU D 400 11.82 18.62 8.79
C GLU D 400 12.46 18.64 7.38
N LEU D 401 13.33 17.67 7.11
CA LEU D 401 13.97 17.54 5.81
C LEU D 401 12.95 17.25 4.70
N GLN D 402 12.01 16.33 4.99
CA GLN D 402 10.94 15.92 4.08
C GLN D 402 10.03 17.10 3.76
N GLY D 403 9.64 17.83 4.81
CA GLY D 403 8.77 18.99 4.70
C GLY D 403 9.32 20.02 3.75
N TYR D 404 10.60 20.33 3.92
CA TYR D 404 11.32 21.24 3.07
C TYR D 404 11.25 20.78 1.62
N ARG D 405 11.50 19.47 1.35
CA ARG D 405 11.45 18.86 0.02
C ARG D 405 10.06 19.05 -0.61
N VAL D 406 8.99 18.73 0.17
CA VAL D 406 7.60 18.88 -0.26
C VAL D 406 7.27 20.32 -0.72
N ILE D 407 7.43 21.30 0.17
CA ILE D 407 7.15 22.69 -0.14
C ILE D 407 8.01 23.19 -1.29
N SER D 408 9.30 22.85 -1.27
CA SER D 408 10.20 23.23 -2.35
C SER D 408 9.67 22.70 -3.70
N GLY D 409 9.26 21.43 -3.69
CA GLY D 409 8.70 20.77 -4.86
C GLY D 409 7.42 21.41 -5.37
N LEU D 410 6.48 21.64 -4.44
CA LEU D 410 5.18 22.26 -4.69
C LEU D 410 5.36 23.58 -5.41
N LEU D 411 6.31 24.41 -4.93
CA LEU D 411 6.61 25.71 -5.52
C LEU D 411 7.07 25.55 -6.92
N GLU D 412 7.97 24.59 -7.16
CA GLU D 412 8.50 24.31 -8.48
C GLU D 412 7.41 23.82 -9.45
N ILE D 413 6.34 23.17 -8.91
CA ILE D 413 5.20 22.68 -9.69
C ILE D 413 4.38 23.86 -10.23
N TYR D 414 4.18 24.90 -9.39
CA TYR D 414 3.42 26.10 -9.77
C TYR D 414 4.27 27.20 -10.38
N ARG D 415 5.59 26.98 -10.50
CA ARG D 415 6.51 27.95 -11.14
C ARG D 415 5.95 28.44 -12.51
N PRO D 416 5.36 27.58 -13.39
CA PRO D 416 4.83 28.07 -14.69
C PRO D 416 3.84 29.25 -14.64
N LEU D 417 3.14 29.44 -13.51
CA LEU D 417 2.21 30.56 -13.36
C LEU D 417 2.98 31.87 -13.22
N LEU D 418 4.13 31.82 -12.53
CA LEU D 418 5.00 32.98 -12.35
C LEU D 418 5.88 33.22 -13.55
N SER D 419 6.03 32.20 -14.40
CA SER D 419 6.83 32.27 -15.62
C SER D 419 6.11 33.05 -16.73
N LEU D 420 4.77 33.06 -16.70
CA LEU D 420 3.87 33.73 -17.64
C LEU D 420 4.07 35.26 -17.67
N SER D 421 3.84 35.86 -18.86
CA SER D 421 3.92 37.30 -19.05
C SER D 421 2.66 37.93 -18.43
N LEU D 422 2.69 39.25 -18.16
CA LEU D 422 1.52 39.91 -17.58
C LEU D 422 0.29 39.72 -18.47
N SER D 423 0.40 40.01 -19.78
CA SER D 423 -0.69 39.86 -20.73
C SER D 423 -1.29 38.44 -20.70
N ASP D 424 -0.41 37.41 -20.77
CA ASP D 424 -0.77 35.99 -20.73
C ASP D 424 -1.47 35.63 -19.43
N PHE D 425 -0.89 36.00 -18.28
CA PHE D 425 -1.49 35.71 -16.98
C PHE D 425 -2.82 36.40 -16.82
N THR D 426 -2.92 37.64 -17.31
CA THR D 426 -4.15 38.42 -17.24
C THR D 426 -5.24 37.71 -18.02
N GLU D 427 -4.92 37.28 -19.25
CA GLU D 427 -5.78 36.54 -20.19
C GLU D 427 -6.31 35.27 -19.48
N LEU D 428 -5.45 34.60 -18.71
CA LEU D 428 -5.77 33.40 -17.94
C LEU D 428 -6.75 33.70 -16.82
N VAL D 429 -6.57 34.82 -16.13
CA VAL D 429 -7.48 35.22 -15.05
C VAL D 429 -8.85 35.56 -15.61
N GLU D 430 -8.88 36.23 -16.79
CA GLU D 430 -10.11 36.62 -17.48
C GLU D 430 -10.92 35.41 -17.97
N LYS D 431 -10.55 34.82 -19.13
CA LYS D 431 -11.23 33.63 -19.65
C LYS D 431 -10.58 32.44 -18.99
N GLU D 432 -11.01 32.14 -17.74
CA GLU D 432 -10.48 31.10 -16.83
C GLU D 432 -9.71 29.94 -17.52
N ARG D 433 -10.30 29.33 -18.55
CA ARG D 433 -9.64 28.26 -19.31
C ARG D 433 -9.10 28.79 -20.67
N VAL D 434 -7.73 28.85 -20.82
CA VAL D 434 -7.01 29.28 -22.04
C VAL D 434 -6.46 28.04 -22.79
N LYS D 435 -6.61 28.02 -24.13
CA LYS D 435 -6.20 26.92 -24.99
C LYS D 435 -4.68 26.78 -25.17
N ARG D 436 -3.97 27.92 -25.35
CA ARG D 436 -2.51 27.97 -25.55
C ARG D 436 -1.77 27.42 -24.33
N PHE D 437 -2.33 27.62 -23.12
CA PHE D 437 -1.74 27.18 -21.86
C PHE D 437 -2.61 26.15 -21.15
N PRO D 438 -2.48 24.86 -21.51
CA PRO D 438 -3.34 23.86 -20.86
C PRO D 438 -2.91 23.57 -19.43
N ILE D 439 -1.60 23.44 -19.23
CA ILE D 439 -0.98 23.14 -17.96
C ILE D 439 -1.16 24.29 -16.99
N GLU D 440 -0.93 25.52 -17.46
CA GLU D 440 -1.03 26.72 -16.64
C GLU D 440 -2.45 26.91 -16.20
N SER D 441 -3.41 26.74 -17.12
CA SER D 441 -4.84 26.87 -16.80
C SER D 441 -5.20 25.95 -15.67
N ARG D 442 -4.92 24.65 -15.85
CA ARG D 442 -5.21 23.59 -14.89
C ARG D 442 -4.62 23.81 -13.53
N LEU D 443 -3.38 24.32 -13.47
CA LEU D 443 -2.67 24.69 -12.25
C LEU D 443 -3.31 25.91 -11.61
N PHE D 444 -3.74 26.88 -12.43
CA PHE D 444 -4.39 28.09 -11.96
C PHE D 444 -5.70 27.75 -11.26
N HIS D 445 -6.42 26.73 -11.76
CA HIS D 445 -7.68 26.30 -11.15
C HIS D 445 -7.50 25.60 -9.82
N LYS D 446 -6.33 24.95 -9.62
CA LYS D 446 -5.99 24.23 -8.38
C LYS D 446 -5.97 25.19 -7.18
N LEU D 447 -5.57 26.47 -7.41
CA LEU D 447 -5.49 27.53 -6.41
C LEU D 447 -6.87 27.85 -5.86
N SER D 448 -7.00 27.85 -4.53
CA SER D 448 -8.26 28.12 -3.84
C SER D 448 -8.84 29.45 -4.27
N THR D 449 -10.16 29.46 -4.54
CA THR D 449 -10.92 30.64 -4.97
C THR D 449 -10.73 31.83 -4.04
N ARG D 450 -10.61 31.57 -2.72
CA ARG D 450 -10.37 32.61 -1.73
C ARG D 450 -9.11 33.41 -2.05
N HIS D 451 -7.99 32.71 -2.40
CA HIS D 451 -6.72 33.35 -2.74
C HIS D 451 -6.77 34.03 -4.09
N ARG D 452 -7.41 33.36 -5.06
CA ARG D 452 -7.54 33.85 -6.43
C ARG D 452 -8.32 35.16 -6.45
N LEU D 453 -9.37 35.23 -5.61
CA LEU D 453 -10.23 36.40 -5.47
C LEU D 453 -9.44 37.58 -4.97
N ALA D 454 -8.70 37.36 -3.88
CA ALA D 454 -7.80 38.33 -3.26
C ALA D 454 -6.86 38.97 -4.29
N TYR D 455 -6.33 38.14 -5.26
CA TYR D 455 -5.46 38.60 -6.35
C TYR D 455 -6.22 39.58 -7.23
N VAL D 456 -7.40 39.14 -7.73
CA VAL D 456 -8.28 39.94 -8.60
C VAL D 456 -8.59 41.28 -7.92
N GLU D 457 -9.11 41.21 -6.68
CA GLU D 457 -9.49 42.34 -5.82
C GLU D 457 -8.33 43.36 -5.70
N ALA D 458 -7.11 42.86 -5.47
CA ALA D 458 -5.91 43.69 -5.28
C ALA D 458 -5.39 44.32 -6.55
N VAL D 459 -5.34 43.52 -7.63
CA VAL D 459 -4.83 43.94 -8.93
C VAL D 459 -5.83 44.91 -9.60
N SER D 460 -7.14 44.70 -9.35
CA SER D 460 -8.19 45.58 -9.88
C SER D 460 -8.00 47.03 -9.39
N LYS D 461 -7.68 47.19 -8.08
CA LYS D 461 -7.45 48.47 -7.39
C LYS D 461 -6.33 49.34 -8.04
N LEU D 462 -5.23 48.68 -8.52
CA LEU D 462 -4.07 49.34 -9.13
C LEU D 462 -4.41 50.09 -10.44
N PRO D 463 -3.76 51.26 -10.73
CA PRO D 463 -4.01 51.95 -12.02
C PRO D 463 -3.18 51.33 -13.14
N SER D 464 -3.84 50.80 -14.19
CA SER D 464 -3.16 50.12 -15.31
C SER D 464 -2.12 50.98 -16.04
N ASP D 465 -2.44 52.29 -16.23
CA ASP D 465 -1.58 53.28 -16.90
C ASP D 465 -0.22 53.49 -16.22
N SER D 466 -0.17 53.27 -14.89
CA SER D 466 1.01 53.41 -14.04
C SER D 466 2.21 52.57 -14.50
N PRO D 467 3.45 53.13 -14.44
CA PRO D 467 4.62 52.33 -14.84
C PRO D 467 4.98 51.26 -13.82
N GLU D 468 4.47 51.41 -12.59
CA GLU D 468 4.70 50.47 -11.51
C GLU D 468 3.65 49.34 -11.49
N PHE D 469 2.61 49.43 -12.36
CA PHE D 469 1.57 48.40 -12.48
C PHE D 469 2.12 46.97 -12.71
N PRO D 470 3.09 46.73 -13.64
CA PRO D 470 3.58 45.37 -13.83
C PRO D 470 4.32 44.81 -12.62
N LEU D 471 5.00 45.72 -11.88
CA LEU D 471 5.76 45.41 -10.67
C LEU D 471 4.79 44.96 -9.59
N TRP D 472 3.70 45.72 -9.40
CA TRP D 472 2.67 45.41 -8.42
C TRP D 472 1.96 44.12 -8.70
N GLU D 473 1.63 43.88 -9.99
CA GLU D 473 0.94 42.68 -10.43
C GLU D 473 1.78 41.44 -10.08
N TYR D 474 3.07 41.45 -10.45
CA TYR D 474 3.94 40.32 -10.16
C TYR D 474 4.01 40.05 -8.68
N TYR D 475 4.05 41.11 -7.88
CA TYR D 475 4.08 40.99 -6.44
C TYR D 475 2.85 40.23 -5.96
N TYR D 476 1.65 40.69 -6.37
CA TYR D 476 0.38 40.07 -6.00
C TYR D 476 0.24 38.66 -6.52
N ARG D 477 0.82 38.35 -7.72
CA ARG D 477 0.81 37.01 -8.32
C ARG D 477 1.66 36.04 -7.47
N CYS D 478 2.80 36.53 -6.95
CA CYS D 478 3.71 35.78 -6.09
C CYS D 478 3.05 35.56 -4.78
N ARG D 479 2.41 36.64 -4.27
CA ARG D 479 1.71 36.57 -3.01
C ARG D 479 0.59 35.54 -3.10
N LEU D 480 -0.14 35.51 -4.22
CA LEU D 480 -1.18 34.52 -4.52
C LEU D 480 -0.64 33.08 -4.31
N LEU D 481 0.54 32.78 -4.87
CA LEU D 481 1.17 31.47 -4.73
C LEU D 481 1.57 31.18 -3.27
N GLN D 482 2.22 32.13 -2.59
CA GLN D 482 2.62 32.01 -1.19
C GLN D 482 1.43 31.76 -0.29
N ASP D 483 0.29 32.42 -0.58
CA ASP D 483 -0.97 32.30 0.16
C ASP D 483 -1.54 30.91 0.05
N TYR D 484 -1.49 30.34 -1.17
CA TYR D 484 -2.00 29.00 -1.46
C TYR D 484 -1.24 27.95 -0.68
N ILE D 485 0.11 27.94 -0.83
CA ILE D 485 1.03 27.02 -0.18
C ILE D 485 0.92 27.08 1.33
N SER D 486 1.11 28.28 1.96
CA SER D 486 1.03 28.46 3.42
C SER D 486 -0.33 28.05 3.99
N GLY D 487 -1.37 28.21 3.17
CA GLY D 487 -2.75 27.88 3.48
C GLY D 487 -3.04 26.40 3.62
N MET D 488 -2.17 25.56 3.03
CA MET D 488 -2.27 24.08 3.06
C MET D 488 -1.94 23.54 4.44
N THR D 489 -2.57 22.42 4.75
CA THR D 489 -2.31 21.65 5.95
C THR D 489 -1.09 20.79 5.60
N ASP D 490 -0.36 20.34 6.63
CA ASP D 490 0.83 19.49 6.53
C ASP D 490 0.58 18.29 5.60
N LEU D 491 -0.53 17.59 5.85
CA LEU D 491 -0.96 16.42 5.14
C LEU D 491 -1.40 16.70 3.72
N TYR D 492 -2.17 17.78 3.51
CA TYR D 492 -2.65 18.13 2.19
C TYR D 492 -1.51 18.48 1.26
N ALA D 493 -0.50 19.20 1.78
CA ALA D 493 0.66 19.60 1.02
C ALA D 493 1.46 18.38 0.61
N TRP D 494 1.55 17.39 1.50
CA TRP D 494 2.29 16.16 1.25
C TRP D 494 1.59 15.36 0.17
N ASP D 495 0.26 15.23 0.25
CA ASP D 495 -0.57 14.53 -0.72
C ASP D 495 -0.45 15.16 -2.08
N GLU D 496 -0.75 16.47 -2.16
CA GLU D 496 -0.69 17.29 -3.36
C GLU D 496 0.65 17.13 -4.08
N TYR D 497 1.76 17.05 -3.32
CA TYR D 497 3.10 16.86 -3.87
C TYR D 497 3.18 15.52 -4.58
N ARG D 498 2.81 14.45 -3.89
CA ARG D 498 2.81 13.09 -4.42
C ARG D 498 1.84 12.89 -5.58
N ARG D 499 0.68 13.57 -5.55
CA ARG D 499 -0.32 13.50 -6.62
C ARG D 499 0.25 14.17 -7.85
N LEU D 500 0.66 15.45 -7.73
CA LEU D 500 1.21 16.23 -8.83
C LEU D 500 2.58 15.73 -9.32
N MET D 501 3.27 14.88 -8.51
CA MET D 501 4.53 14.30 -8.96
C MET D 501 4.29 13.02 -9.80
N ALA D 502 2.99 12.65 -9.93
CA ALA D 502 2.49 11.51 -10.67
C ALA D 502 2.90 10.16 -10.03
N VAL D 503 3.06 10.19 -8.69
CA VAL D 503 3.38 9.03 -7.85
C VAL D 503 2.13 8.58 -7.02
N GLU D 504 0.91 9.11 -7.39
CA GLU D 504 -0.41 8.82 -6.82
C GLU D 504 -1.58 9.35 -7.66
N ALA E 2 -18.64 4.85 -64.20
CA ALA E 2 -18.43 6.24 -64.62
C ALA E 2 -19.04 7.29 -63.64
N GLN E 3 -18.27 8.39 -63.40
CA GLN E 3 -18.50 9.49 -62.45
C GLN E 3 -18.52 8.89 -61.00
N ILE E 4 -19.66 8.67 -60.26
CA ILE E 4 -19.64 8.04 -58.91
C ILE E 4 -19.73 6.51 -59.09
N ASP E 5 -18.61 5.81 -58.83
CA ASP E 5 -18.50 4.35 -58.92
C ASP E 5 -17.68 3.81 -57.74
N PHE E 6 -18.40 3.32 -56.73
CA PHE E 6 -17.82 2.80 -55.50
C PHE E 6 -16.98 1.58 -55.67
N ARG E 7 -17.03 0.95 -56.87
CA ARG E 7 -16.18 -0.20 -57.15
C ARG E 7 -14.71 0.27 -57.15
N LYS E 8 -14.49 1.54 -57.60
CA LYS E 8 -13.19 2.24 -57.67
C LYS E 8 -12.65 2.68 -56.31
N LYS E 9 -13.52 2.88 -55.32
CA LYS E 9 -13.09 3.29 -54.00
C LYS E 9 -13.01 2.14 -53.00
N ILE E 10 -14.01 1.23 -52.98
CA ILE E 10 -13.99 0.03 -52.09
C ILE E 10 -13.02 -1.00 -52.70
N ASN E 11 -11.73 -0.81 -52.37
CA ASN E 11 -10.60 -1.60 -52.87
C ASN E 11 -10.29 -2.75 -51.91
N TRP E 12 -10.53 -3.99 -52.37
CA TRP E 12 -10.34 -5.19 -51.55
C TRP E 12 -8.93 -5.82 -51.65
N HIS E 13 -7.97 -5.11 -52.30
CA HIS E 13 -6.59 -5.59 -52.41
C HIS E 13 -5.84 -5.19 -51.16
N ARG E 14 -4.74 -5.92 -50.90
CA ARG E 14 -3.84 -5.73 -49.76
C ARG E 14 -2.46 -5.26 -50.23
N ARG E 15 -1.64 -4.71 -49.32
CA ARG E 15 -0.30 -4.25 -49.70
C ARG E 15 0.62 -5.45 -50.00
N TYR E 16 0.70 -6.38 -49.03
CA TYR E 16 1.48 -7.59 -49.08
C TYR E 16 0.54 -8.78 -49.33
N ARG E 17 1.05 -9.86 -49.97
CA ARG E 17 0.37 -11.12 -50.36
C ARG E 17 -1.12 -10.81 -50.66
N SER E 18 -1.34 -9.99 -51.72
CA SER E 18 -2.67 -9.46 -52.07
C SER E 18 -3.60 -10.39 -52.78
N PRO E 19 -4.92 -10.34 -52.49
CA PRO E 19 -5.89 -11.13 -53.29
C PRO E 19 -5.94 -10.56 -54.71
N GLN E 20 -5.99 -11.40 -55.72
CA GLN E 20 -5.99 -10.89 -57.07
C GLN E 20 -7.10 -11.48 -57.87
N GLY E 21 -7.41 -10.84 -58.98
CA GLY E 21 -8.38 -11.37 -59.92
C GLY E 21 -9.78 -10.83 -59.80
N VAL E 22 -10.75 -11.61 -60.34
CA VAL E 22 -12.17 -11.36 -60.33
C VAL E 22 -12.73 -12.18 -59.19
N LYS E 23 -13.51 -11.54 -58.36
CA LYS E 23 -14.05 -12.14 -57.15
C LYS E 23 -15.59 -12.01 -57.14
N THR E 24 -16.28 -13.01 -56.56
CA THR E 24 -17.71 -13.12 -56.33
C THR E 24 -18.05 -12.10 -55.26
N GLU E 25 -19.32 -11.69 -55.15
CA GLU E 25 -19.80 -10.77 -54.11
C GLU E 25 -19.44 -11.39 -52.76
N HIS E 26 -19.59 -12.73 -52.68
CA HIS E 26 -19.26 -13.52 -51.49
C HIS E 26 -17.76 -13.56 -51.23
N GLU E 27 -16.94 -13.73 -52.29
CA GLU E 27 -15.48 -13.75 -52.21
C GLU E 27 -14.98 -12.42 -51.59
N ILE E 28 -15.47 -11.27 -52.11
CA ILE E 28 -15.11 -9.93 -51.64
C ILE E 28 -15.58 -9.75 -50.20
N LEU E 29 -16.79 -10.28 -49.88
CA LEU E 29 -17.33 -10.22 -48.53
C LEU E 29 -16.37 -10.88 -47.54
N ARG E 30 -15.90 -12.12 -47.82
CA ARG E 30 -14.99 -12.83 -46.94
C ARG E 30 -13.68 -12.10 -46.73
N ILE E 31 -13.23 -11.30 -47.76
CA ILE E 31 -12.00 -10.49 -47.70
C ILE E 31 -12.16 -9.44 -46.60
N PHE E 32 -13.30 -8.72 -46.63
CA PHE E 32 -13.62 -7.68 -45.68
C PHE E 32 -13.96 -8.21 -44.32
N GLU E 33 -14.46 -9.45 -44.25
CA GLU E 33 -14.78 -10.09 -42.98
C GLU E 33 -13.50 -10.56 -42.32
N SER E 34 -12.43 -10.84 -43.13
CA SER E 34 -11.12 -11.23 -42.62
C SER E 34 -10.49 -10.02 -41.96
N ASP E 35 -10.69 -8.82 -42.53
CA ASP E 35 -10.20 -7.56 -41.98
C ASP E 35 -10.78 -7.35 -40.57
N ARG E 36 -12.11 -7.60 -40.42
CA ARG E 36 -12.85 -7.46 -39.17
C ARG E 36 -12.20 -8.30 -38.10
N GLY E 37 -11.93 -9.55 -38.42
CA GLY E 37 -11.27 -10.50 -37.54
C GLY E 37 -9.91 -10.02 -37.10
N ARG E 38 -9.10 -9.50 -38.06
CA ARG E 38 -7.76 -8.97 -37.80
C ARG E 38 -7.81 -7.84 -36.74
N ILE E 39 -8.65 -6.83 -36.97
CA ILE E 39 -8.85 -5.67 -36.11
C ILE E 39 -9.42 -6.07 -34.72
N ILE E 40 -10.53 -6.86 -34.69
CA ILE E 40 -11.19 -7.23 -33.43
C ILE E 40 -10.27 -8.07 -32.51
N ASN E 41 -9.53 -9.02 -33.09
CA ASN E 41 -8.60 -9.87 -32.35
C ASN E 41 -7.20 -9.22 -32.22
N SER E 42 -7.06 -7.91 -32.58
CA SER E 42 -5.79 -7.19 -32.50
C SER E 42 -5.50 -6.71 -31.11
N PRO E 43 -4.23 -6.88 -30.65
CA PRO E 43 -3.86 -6.37 -29.32
C PRO E 43 -3.97 -4.86 -29.21
N ALA E 44 -3.73 -4.13 -30.31
CA ALA E 44 -3.88 -2.68 -30.39
C ALA E 44 -5.29 -2.27 -29.95
N ILE E 45 -6.32 -3.08 -30.34
CA ILE E 45 -7.70 -2.85 -29.94
C ILE E 45 -7.92 -3.29 -28.47
N ARG E 46 -7.38 -4.45 -28.01
CA ARG E 46 -7.53 -4.89 -26.61
C ARG E 46 -6.93 -3.87 -25.63
N ARG E 47 -5.85 -3.18 -26.07
CA ARG E 47 -5.14 -2.16 -25.30
C ARG E 47 -6.07 -0.99 -24.97
N LEU E 48 -7.15 -0.78 -25.77
CA LEU E 48 -8.07 0.33 -25.57
C LEU E 48 -8.86 0.24 -24.29
N GLN E 49 -9.10 -0.98 -23.75
CA GLN E 49 -9.87 -1.06 -22.50
C GLN E 49 -9.06 -0.58 -21.27
N GLN E 50 -7.75 -0.37 -21.47
CA GLN E 50 -6.83 0.13 -20.45
C GLN E 50 -6.54 1.62 -20.64
N LYS E 51 -6.84 2.17 -21.83
CA LYS E 51 -6.73 3.61 -22.13
C LYS E 51 -8.06 4.30 -21.71
N THR E 52 -7.98 5.49 -21.10
CA THR E 52 -9.16 6.19 -20.57
C THR E 52 -9.80 7.24 -21.52
N GLN E 53 -11.15 7.32 -21.45
CA GLN E 53 -12.02 8.28 -22.15
C GLN E 53 -12.49 9.12 -20.95
N VAL E 54 -12.09 10.39 -20.88
CA VAL E 54 -12.43 11.41 -19.86
C VAL E 54 -12.04 11.01 -18.40
N PHE E 55 -12.92 10.29 -17.64
CA PHE E 55 -12.72 9.90 -16.24
C PHE E 55 -11.73 8.77 -16.04
N PRO E 56 -10.91 8.81 -14.95
CA PRO E 56 -9.95 7.74 -14.68
C PRO E 56 -10.60 6.39 -14.41
N LEU E 57 -9.88 5.33 -14.73
CA LEU E 57 -10.36 3.95 -14.65
C LEU E 57 -10.57 3.52 -13.17
N GLU E 58 -11.84 3.28 -12.78
CA GLU E 58 -12.22 2.94 -11.39
C GLU E 58 -12.62 1.48 -11.24
N ARG E 59 -12.87 1.03 -9.99
CA ARG E 59 -13.38 -0.31 -9.65
C ARG E 59 -14.91 -0.25 -9.51
N ASN E 60 -15.46 1.00 -9.63
CA ASN E 60 -16.88 1.41 -9.64
C ASN E 60 -17.36 1.52 -11.15
N ALA E 61 -16.46 1.00 -12.00
CA ALA E 61 -16.35 0.29 -13.26
C ALA E 61 -17.25 0.62 -14.42
N ALA E 62 -18.42 1.20 -14.17
CA ALA E 62 -19.45 1.37 -15.19
C ALA E 62 -19.13 2.45 -16.23
N VAL E 63 -18.00 3.16 -15.98
CA VAL E 63 -17.42 4.24 -16.76
C VAL E 63 -16.92 3.74 -18.16
N ARG E 64 -16.87 4.65 -19.13
CA ARG E 64 -16.40 4.31 -20.44
C ARG E 64 -14.89 4.46 -20.52
N THR E 65 -14.27 3.52 -21.23
CA THR E 65 -12.85 3.50 -21.61
C THR E 65 -12.84 3.85 -23.11
N ARG E 66 -11.63 3.97 -23.69
CA ARG E 66 -11.52 4.25 -25.12
C ARG E 66 -12.21 3.14 -25.92
N LEU E 67 -12.14 1.89 -25.45
CA LEU E 67 -12.78 0.75 -26.13
C LEU E 67 -14.28 0.83 -26.09
N THR E 68 -14.91 1.01 -24.90
CA THR E 68 -16.37 1.06 -24.80
C THR E 68 -16.94 2.24 -25.54
N HIS E 69 -16.22 3.35 -25.59
CA HIS E 69 -16.65 4.50 -26.38
C HIS E 69 -16.53 4.15 -27.88
N SER E 70 -15.37 3.67 -28.34
CA SER E 70 -15.15 3.28 -29.74
C SER E 70 -16.24 2.31 -30.21
N MET E 71 -16.71 1.42 -29.32
CA MET E 71 -17.77 0.43 -29.53
C MET E 71 -19.11 1.07 -29.78
N GLU E 72 -19.40 2.15 -29.02
CA GLU E 72 -20.62 2.97 -29.15
C GLU E 72 -20.59 3.81 -30.45
N VAL E 73 -19.40 4.32 -30.85
CA VAL E 73 -19.21 5.08 -32.09
C VAL E 73 -19.49 4.14 -33.26
N GLN E 74 -18.94 2.90 -33.20
CA GLN E 74 -19.13 1.86 -34.19
C GLN E 74 -20.62 1.66 -34.45
N GLN E 75 -21.44 1.63 -33.39
CA GLN E 75 -22.90 1.52 -33.54
C GLN E 75 -23.50 2.73 -34.30
N VAL E 76 -23.10 3.99 -33.96
CA VAL E 76 -23.58 5.18 -34.66
C VAL E 76 -23.21 5.10 -36.14
N GLY E 77 -21.93 4.76 -36.43
CA GLY E 77 -21.40 4.60 -37.77
C GLY E 77 -22.19 3.60 -38.61
N ARG E 78 -22.53 2.44 -37.99
CA ARG E 78 -23.35 1.39 -38.59
C ARG E 78 -24.69 2.01 -38.98
N TYR E 79 -25.39 2.62 -38.00
CA TYR E 79 -26.66 3.29 -38.22
C TYR E 79 -26.63 4.31 -39.38
N ILE E 80 -25.58 5.17 -39.44
CA ILE E 80 -25.42 6.16 -40.51
C ILE E 80 -25.23 5.48 -41.85
N ALA E 81 -24.26 4.53 -41.97
CA ALA E 81 -24.01 3.79 -43.21
C ALA E 81 -25.25 3.05 -43.69
N LYS E 82 -25.95 2.38 -42.74
CA LYS E 82 -27.20 1.65 -43.02
C LYS E 82 -28.28 2.61 -43.54
N GLU E 83 -28.33 3.85 -43.03
CA GLU E 83 -29.26 4.85 -43.50
C GLU E 83 -28.91 5.35 -44.89
N ILE E 84 -27.61 5.63 -45.15
CA ILE E 84 -27.13 6.09 -46.46
C ILE E 84 -27.53 5.07 -47.52
N LEU E 85 -27.37 3.77 -47.20
CA LEU E 85 -27.70 2.71 -48.13
C LEU E 85 -29.21 2.49 -48.31
N SER E 86 -30.00 2.64 -47.24
CA SER E 86 -31.44 2.48 -47.33
C SER E 86 -32.02 3.61 -48.18
N ARG E 87 -31.47 4.83 -48.02
CA ARG E 87 -31.90 6.00 -48.77
C ARG E 87 -31.52 5.84 -50.25
N LEU E 88 -30.27 5.50 -50.54
CA LEU E 88 -29.76 5.24 -51.88
C LEU E 88 -30.60 4.19 -52.61
N LYS E 89 -31.06 3.13 -51.87
CA LYS E 89 -31.92 2.05 -52.38
C LYS E 89 -33.24 2.63 -52.78
N GLU E 90 -33.88 3.46 -51.91
CA GLU E 90 -35.16 4.14 -52.17
C GLU E 90 -35.06 5.05 -53.39
N LEU E 91 -33.89 5.70 -53.58
CA LEU E 91 -33.57 6.60 -54.70
C LEU E 91 -33.20 5.86 -55.99
N LYS E 92 -33.05 4.52 -55.90
CA LYS E 92 -32.73 3.58 -57.00
C LYS E 92 -31.26 3.84 -57.55
N LEU E 93 -30.45 4.52 -56.74
CA LEU E 93 -29.08 4.90 -57.07
C LEU E 93 -28.04 3.86 -56.69
N LEU E 94 -28.44 2.87 -55.89
CA LEU E 94 -27.52 1.83 -55.38
C LEU E 94 -26.73 1.11 -56.49
N GLU E 95 -27.45 0.67 -57.53
CA GLU E 95 -26.88 0.00 -58.69
C GLU E 95 -26.07 0.98 -59.54
N ALA E 96 -26.58 2.20 -59.68
CA ALA E 96 -26.00 3.32 -60.43
C ALA E 96 -24.63 3.78 -59.88
N TYR E 97 -24.41 3.61 -58.56
CA TYR E 97 -23.18 4.00 -57.91
C TYR E 97 -22.19 2.84 -57.69
N GLY E 98 -22.55 1.65 -58.15
CA GLY E 98 -21.69 0.46 -58.03
C GLY E 98 -21.70 -0.25 -56.69
N LEU E 99 -22.49 0.30 -55.76
CA LEU E 99 -22.66 -0.19 -54.40
C LEU E 99 -23.53 -1.44 -54.27
N ASP E 100 -24.21 -1.87 -55.36
CA ASP E 100 -25.12 -3.02 -55.30
C ASP E 100 -24.47 -4.29 -54.76
N GLU E 101 -23.21 -4.55 -55.13
CA GLU E 101 -22.53 -5.74 -54.62
C GLU E 101 -21.68 -5.47 -53.33
N LEU E 102 -21.13 -4.24 -53.22
CA LEU E 102 -20.28 -3.77 -52.12
C LEU E 102 -21.08 -3.18 -50.95
N THR E 103 -22.31 -3.60 -50.82
CA THR E 103 -23.26 -3.16 -49.82
C THR E 103 -22.76 -3.45 -48.36
N GLY E 104 -22.35 -4.69 -48.11
CA GLY E 104 -21.78 -5.14 -46.84
C GLY E 104 -20.44 -4.49 -46.55
N PRO E 105 -19.42 -4.60 -47.45
CA PRO E 105 -18.13 -3.93 -47.20
C PRO E 105 -18.29 -2.47 -46.84
N PHE E 106 -19.25 -1.75 -47.49
CA PHE E 106 -19.53 -0.36 -47.19
C PHE E 106 -19.79 -0.15 -45.70
N GLU E 107 -20.80 -0.88 -45.12
CA GLU E 107 -21.10 -0.76 -43.69
C GLU E 107 -19.99 -1.34 -42.82
N SER E 108 -19.26 -2.39 -43.31
CA SER E 108 -18.15 -2.99 -42.54
C SER E 108 -16.96 -2.04 -42.39
N ILE E 109 -16.53 -1.38 -43.50
CA ILE E 109 -15.43 -0.41 -43.52
C ILE E 109 -15.74 0.71 -42.54
N VAL E 110 -16.97 1.28 -42.61
CA VAL E 110 -17.40 2.33 -41.68
C VAL E 110 -17.27 1.89 -40.22
N GLU E 111 -17.81 0.70 -39.89
CA GLU E 111 -17.77 0.10 -38.56
C GLU E 111 -16.34 -0.07 -38.06
N MET E 112 -15.44 -0.68 -38.88
CA MET E 112 -14.06 -0.89 -38.43
C MET E 112 -13.27 0.39 -38.34
N SER E 113 -13.57 1.39 -39.21
CA SER E 113 -12.89 2.69 -39.15
C SER E 113 -13.29 3.41 -37.89
N CYS E 114 -14.51 3.12 -37.37
CA CYS E 114 -15.02 3.68 -36.13
C CYS E 114 -14.31 3.08 -34.97
N LEU E 115 -14.20 1.74 -34.95
CA LEU E 115 -13.47 1.02 -33.89
C LEU E 115 -12.00 1.46 -33.82
N MET E 116 -11.34 1.64 -34.99
CA MET E 116 -9.95 2.06 -35.09
C MET E 116 -9.68 3.57 -34.96
N HIS E 117 -10.73 4.42 -34.89
CA HIS E 117 -10.51 5.88 -34.83
C HIS E 117 -9.61 6.40 -33.67
N ASP E 118 -9.49 5.69 -32.53
CA ASP E 118 -8.73 6.12 -31.34
C ASP E 118 -7.51 5.22 -31.11
N ILE E 119 -7.19 4.38 -32.09
CA ILE E 119 -6.13 3.36 -31.98
C ILE E 119 -4.73 3.96 -31.78
N GLY E 120 -4.42 5.04 -32.51
CA GLY E 120 -3.11 5.69 -32.46
C GLY E 120 -2.93 6.66 -31.31
N ASN E 121 -4.01 6.94 -30.53
CA ASN E 121 -3.99 7.88 -29.39
C ASN E 121 -2.97 7.45 -28.33
N PRO E 122 -2.12 8.39 -27.86
CA PRO E 122 -1.10 8.02 -26.86
C PRO E 122 -1.67 7.87 -25.45
N PRO E 123 -0.91 7.35 -24.44
CA PRO E 123 -1.47 7.31 -23.08
C PRO E 123 -1.76 8.77 -22.69
N PHE E 124 -2.87 9.05 -22.05
CA PHE E 124 -3.30 10.39 -21.55
C PHE E 124 -3.78 11.35 -22.64
N GLY E 125 -4.05 10.82 -23.84
CA GLY E 125 -4.73 11.52 -24.94
C GLY E 125 -4.14 12.84 -25.37
N HIS E 126 -4.94 13.92 -25.40
CA HIS E 126 -4.42 15.20 -25.84
C HIS E 126 -3.33 15.72 -24.96
N PHE E 127 -3.18 15.15 -23.75
CA PHE E 127 -2.12 15.50 -22.82
C PHE E 127 -0.85 14.68 -23.01
N GLY E 128 -1.00 13.47 -23.54
CA GLY E 128 0.11 12.61 -23.92
C GLY E 128 0.73 13.20 -25.17
N GLU E 129 -0.14 13.66 -26.14
CA GLU E 129 0.20 14.34 -27.40
C GLU E 129 1.00 15.56 -27.00
N ALA E 130 0.41 16.40 -26.11
CA ALA E 130 0.98 17.64 -25.58
C ALA E 130 2.40 17.39 -25.12
N ALA E 131 2.57 16.49 -24.14
CA ALA E 131 3.84 16.12 -23.55
C ALA E 131 4.91 15.77 -24.58
N ILE E 132 4.59 14.86 -25.58
CA ILE E 132 5.48 14.42 -26.66
C ILE E 132 5.96 15.60 -27.49
N ASN E 133 5.02 16.36 -28.06
CA ASN E 133 5.30 17.53 -28.90
C ASN E 133 6.08 18.61 -28.19
N ASP E 134 5.72 18.89 -26.94
CA ASP E 134 6.39 19.90 -26.15
C ASP E 134 7.79 19.49 -25.86
N TRP E 135 8.00 18.20 -25.54
CA TRP E 135 9.32 17.66 -25.21
C TRP E 135 10.25 17.71 -26.43
N PHE E 136 9.72 17.32 -27.60
CA PHE E 136 10.48 17.30 -28.84
C PHE E 136 10.72 18.70 -29.37
N ARG E 137 9.78 19.61 -29.10
CA ARG E 137 9.89 21.01 -29.50
C ARG E 137 11.06 21.67 -28.80
N GLN E 138 11.23 21.37 -27.50
CA GLN E 138 12.33 21.90 -26.70
C GLN E 138 13.69 21.29 -27.10
N ARG E 139 13.71 20.15 -27.81
CA ARG E 139 14.96 19.55 -28.26
C ARG E 139 15.36 20.13 -29.61
N LEU E 140 14.51 19.96 -30.63
CA LEU E 140 14.75 20.44 -31.99
C LEU E 140 13.74 21.53 -32.34
N HIS E 141 14.03 22.80 -32.03
CA HIS E 141 13.10 23.94 -32.25
C HIS E 141 12.66 24.11 -33.69
N PRO E 142 11.40 23.74 -34.04
CA PRO E 142 10.97 23.83 -35.46
C PRO E 142 10.64 25.26 -35.93
N GLU E 143 10.50 26.18 -34.96
CA GLU E 143 10.24 27.61 -35.14
C GLU E 143 11.34 28.24 -36.01
N ASP E 144 12.59 27.81 -35.78
CA ASP E 144 13.82 28.26 -36.40
C ASP E 144 14.02 27.81 -37.85
N ALA E 145 13.42 26.69 -38.26
CA ALA E 145 13.62 26.18 -39.62
C ALA E 145 12.72 26.82 -40.70
N GLU E 146 11.68 27.60 -40.32
CA GLU E 146 10.77 28.23 -41.28
C GLU E 146 11.53 29.32 -42.06
N ASP E 153 20.46 29.07 -34.19
CA ASP E 153 19.56 27.93 -34.35
C ASP E 153 19.53 27.13 -33.06
N ARG E 154 18.45 27.33 -32.28
CA ARG E 154 18.21 26.73 -30.96
C ARG E 154 18.19 25.20 -30.93
N CYS E 155 17.96 24.54 -32.07
CA CYS E 155 17.91 23.09 -32.20
C CYS E 155 19.20 22.45 -31.65
N SER E 156 19.03 21.55 -30.67
CA SER E 156 20.14 20.88 -30.00
C SER E 156 20.80 19.80 -30.84
N VAL E 157 20.04 19.15 -31.76
CA VAL E 157 20.52 18.09 -32.64
C VAL E 157 21.43 18.68 -33.72
N ALA E 158 22.74 18.46 -33.59
CA ALA E 158 23.77 19.00 -34.48
C ALA E 158 23.55 18.71 -35.96
N ALA E 159 23.07 17.49 -36.27
CA ALA E 159 22.80 17.06 -37.63
C ALA E 159 21.63 17.81 -38.28
N LEU E 160 20.59 18.11 -37.47
CA LEU E 160 19.33 18.76 -37.86
C LEU E 160 19.38 20.32 -37.88
N ARG E 161 20.46 20.94 -37.37
CA ARG E 161 20.65 22.40 -37.40
C ARG E 161 20.84 22.80 -38.85
N LEU E 162 20.10 23.84 -39.30
CA LEU E 162 20.18 24.36 -40.68
C LEU E 162 21.58 24.91 -41.03
N ARG E 163 22.31 24.22 -41.94
CA ARG E 163 23.66 24.66 -42.31
C ARG E 163 23.61 25.66 -43.46
N GLU E 167 22.63 24.60 -48.44
CA GLU E 167 22.13 23.24 -48.69
C GLU E 167 20.60 23.09 -49.02
N PRO E 168 20.22 22.22 -49.98
CA PRO E 168 18.78 21.91 -50.20
C PRO E 168 18.38 20.78 -49.23
N LEU E 169 19.42 20.17 -48.62
CA LEU E 169 19.44 19.15 -47.57
C LEU E 169 18.74 19.74 -46.34
N ASN E 170 18.76 21.09 -46.24
CA ASN E 170 18.10 21.90 -45.22
C ASN E 170 16.58 21.68 -45.24
N GLU E 171 16.02 21.36 -46.42
CA GLU E 171 14.60 21.10 -46.55
C GLU E 171 14.21 19.81 -45.83
N LEU E 172 15.13 18.83 -45.82
CA LEU E 172 14.86 17.58 -45.10
C LEU E 172 14.85 17.89 -43.60
N ARG E 173 15.80 18.74 -43.14
CA ARG E 173 15.91 19.18 -41.75
C ARG E 173 14.60 19.85 -41.29
N ARG E 174 14.04 20.75 -42.12
CA ARG E 174 12.78 21.49 -41.89
C ARG E 174 11.66 20.48 -41.70
N LYS E 175 11.52 19.56 -42.67
CA LYS E 175 10.51 18.50 -42.67
C LYS E 175 10.66 17.61 -41.39
N ILE E 176 11.87 17.11 -41.10
CA ILE E 176 12.15 16.26 -39.93
C ILE E 176 11.82 17.00 -38.63
N ARG E 177 12.31 18.24 -38.47
CA ARG E 177 12.06 19.07 -37.29
C ARG E 177 10.56 19.33 -37.04
N GLN E 178 9.79 19.64 -38.11
CA GLN E 178 8.37 19.91 -37.95
C GLN E 178 7.59 18.61 -37.67
N ASP E 179 7.86 17.56 -38.45
CA ASP E 179 7.19 16.27 -38.35
C ASP E 179 7.30 15.64 -36.95
N LEU E 180 8.50 15.71 -36.34
CA LEU E 180 8.75 15.15 -35.02
C LEU E 180 8.04 15.91 -33.90
N CYS E 181 7.74 17.19 -34.14
CA CYS E 181 7.02 18.02 -33.19
C CYS E 181 5.52 18.06 -33.46
N HIS E 182 5.08 17.24 -34.42
CA HIS E 182 3.69 17.18 -34.80
C HIS E 182 3.14 15.77 -34.67
N PHE E 183 3.33 15.19 -33.48
CA PHE E 183 2.77 13.89 -33.14
C PHE E 183 1.23 14.12 -33.10
N GLU E 184 0.46 13.21 -33.73
CA GLU E 184 -0.99 13.23 -33.74
C GLU E 184 -1.46 11.80 -33.79
N GLY E 185 -2.36 11.43 -32.87
CA GLY E 185 -2.93 10.09 -32.80
C GLY E 185 -3.41 9.54 -34.14
N ASN E 186 -4.07 10.38 -34.97
CA ASN E 186 -4.56 10.02 -36.31
C ASN E 186 -3.42 9.52 -37.20
N ALA E 187 -2.31 10.26 -37.23
CA ALA E 187 -1.14 9.91 -38.04
C ALA E 187 -0.46 8.66 -37.50
N GLN E 188 -0.41 8.53 -36.13
CA GLN E 188 0.18 7.42 -35.39
C GLN E 188 -0.60 6.16 -35.65
N GLY E 189 -1.91 6.30 -35.85
CA GLY E 189 -2.80 5.20 -36.19
C GLY E 189 -2.41 4.57 -37.52
N ILE E 190 -2.12 5.40 -38.56
CA ILE E 190 -1.68 4.96 -39.89
C ILE E 190 -0.32 4.26 -39.78
N ARG E 191 0.59 4.85 -38.96
CA ARG E 191 1.93 4.30 -38.70
C ARG E 191 1.79 2.95 -38.06
N LEU E 192 0.93 2.87 -37.07
CA LEU E 192 0.63 1.69 -36.31
C LEU E 192 0.01 0.59 -37.16
N VAL E 193 -1.01 0.89 -37.98
CA VAL E 193 -1.65 -0.18 -38.80
C VAL E 193 -0.74 -0.69 -39.87
N HIS E 194 0.14 0.17 -40.40
CA HIS E 194 1.05 -0.23 -41.45
C HIS E 194 2.40 -0.78 -40.95
N THR E 195 3.28 0.10 -40.46
CA THR E 195 4.66 -0.21 -40.09
C THR E 195 4.79 -1.04 -38.83
N LEU E 196 3.97 -0.75 -37.81
CA LEU E 196 4.13 -1.39 -36.51
C LEU E 196 3.36 -2.71 -36.34
N MET E 197 2.00 -2.69 -36.44
CA MET E 197 1.12 -3.86 -36.27
C MET E 197 1.22 -4.81 -37.46
N ARG E 198 1.63 -4.29 -38.63
CA ARG E 198 1.77 -5.02 -39.91
C ARG E 198 0.49 -5.88 -40.17
N MET E 199 -0.70 -5.24 -39.95
CA MET E 199 -2.03 -5.85 -40.05
C MET E 199 -2.42 -6.33 -41.43
N ASN E 200 -1.82 -5.76 -42.50
CA ASN E 200 -2.11 -6.07 -43.90
C ASN E 200 -3.59 -5.96 -44.23
N LEU E 201 -4.19 -4.86 -43.81
CA LEU E 201 -5.59 -4.58 -44.10
C LEU E 201 -5.80 -4.25 -45.61
N THR E 202 -7.06 -4.17 -46.06
CA THR E 202 -7.35 -3.79 -47.43
C THR E 202 -7.11 -2.29 -47.59
N TRP E 203 -6.81 -1.84 -48.81
CA TRP E 203 -6.59 -0.43 -49.07
C TRP E 203 -7.79 0.41 -48.62
N ALA E 204 -9.01 -0.08 -48.89
CA ALA E 204 -10.26 0.57 -48.50
C ALA E 204 -10.38 0.72 -47.01
N GLN E 205 -9.91 -0.28 -46.26
CA GLN E 205 -9.98 -0.27 -44.80
C GLN E 205 -9.06 0.79 -44.21
N VAL E 206 -7.84 0.92 -44.80
CA VAL E 206 -6.81 1.89 -44.43
C VAL E 206 -7.30 3.30 -44.76
N GLY E 207 -7.94 3.43 -45.91
CA GLY E 207 -8.48 4.71 -46.37
C GLY E 207 -9.43 5.32 -45.36
N GLY E 208 -10.28 4.46 -44.77
CA GLY E 208 -11.27 4.87 -43.79
C GLY E 208 -10.69 5.45 -42.51
N ILE E 209 -9.41 5.14 -42.18
CA ILE E 209 -8.82 5.66 -40.95
C ILE E 209 -7.90 6.87 -41.23
N LEU E 210 -7.83 7.33 -42.47
CA LEU E 210 -7.07 8.54 -42.80
C LEU E 210 -8.11 9.68 -42.78
N LYS E 211 -8.32 10.26 -41.57
CA LYS E 211 -9.27 11.34 -41.27
C LYS E 211 -8.79 12.71 -41.71
N TYR E 212 -7.48 12.94 -41.70
CA TYR E 212 -6.93 14.23 -42.15
C TYR E 212 -5.91 13.99 -43.25
N THR E 213 -5.67 15.00 -44.07
CA THR E 213 -4.78 14.84 -45.21
C THR E 213 -3.52 15.71 -45.12
N ARG E 214 -3.37 16.45 -44.02
CA ARG E 214 -2.19 17.28 -43.86
C ARG E 214 -0.97 16.44 -43.46
N PRO E 215 0.16 16.60 -44.20
CA PRO E 215 1.40 15.91 -43.80
C PRO E 215 1.88 16.56 -42.50
N ALA E 216 2.40 15.78 -41.55
CA ALA E 216 2.81 16.35 -40.26
C ALA E 216 3.84 17.46 -40.36
N TRP E 217 4.80 17.29 -41.28
CA TRP E 217 5.88 18.23 -41.56
C TRP E 217 5.44 19.58 -42.15
N TRP E 218 4.18 19.69 -42.60
CA TRP E 218 3.60 20.88 -43.22
C TRP E 218 3.88 22.09 -42.36
N ARG E 219 4.36 23.14 -43.00
CA ARG E 219 4.72 24.38 -42.31
C ARG E 219 3.85 25.56 -42.72
N GLY E 220 3.43 25.61 -43.99
CA GLY E 220 2.59 26.68 -44.52
C GLY E 220 1.23 26.80 -43.87
N GLU E 221 0.34 27.61 -44.47
CA GLU E 221 -0.98 27.87 -43.89
C GLU E 221 -2.21 27.31 -44.66
N THR E 222 -2.24 25.98 -44.90
CA THR E 222 -3.21 25.10 -45.62
C THR E 222 -4.02 25.82 -46.71
N PRO E 223 -4.10 25.24 -47.93
CA PRO E 223 -4.88 25.89 -49.00
C PRO E 223 -6.37 25.95 -48.69
N GLU E 224 -7.00 27.10 -48.98
CA GLU E 224 -8.43 27.35 -48.75
C GLU E 224 -9.36 26.24 -49.26
N THR E 225 -8.98 25.62 -50.38
CA THR E 225 -9.65 24.52 -51.07
C THR E 225 -9.77 23.29 -50.17
N HIS E 226 -8.72 23.00 -49.38
CA HIS E 226 -8.64 21.85 -48.47
C HIS E 226 -8.34 22.28 -47.02
N HIS E 227 -8.73 23.50 -46.65
CA HIS E 227 -8.51 24.10 -45.33
C HIS E 227 -9.02 23.24 -44.18
N TYR E 228 -10.17 22.58 -44.40
CA TYR E 228 -10.82 21.72 -43.43
C TYR E 228 -10.21 20.32 -43.33
N LEU E 229 -10.01 19.67 -44.47
CA LEU E 229 -9.43 18.32 -44.52
C LEU E 229 -8.01 18.28 -43.95
N MET E 230 -7.29 19.42 -44.06
CA MET E 230 -5.93 19.59 -43.57
C MET E 230 -5.86 20.25 -42.16
N LYS E 231 -6.99 20.23 -41.40
CA LYS E 231 -7.21 20.75 -40.03
C LYS E 231 -6.07 20.36 -39.06
N LYS E 232 -5.78 19.05 -38.98
CA LYS E 232 -4.78 18.43 -38.13
C LYS E 232 -3.85 17.57 -39.03
N PRO E 233 -2.67 17.09 -38.55
CA PRO E 233 -1.84 16.22 -39.40
C PRO E 233 -2.43 14.82 -39.48
N GLY E 234 -2.52 14.30 -40.70
CA GLY E 234 -3.08 12.97 -40.95
C GLY E 234 -2.09 11.84 -41.13
N TYR E 235 -0.82 12.15 -41.45
CA TYR E 235 0.23 11.14 -41.69
C TYR E 235 1.64 11.72 -41.52
N TYR E 236 2.62 10.87 -41.10
CA TYR E 236 4.00 11.29 -40.93
C TYR E 236 4.84 11.21 -42.21
N LEU E 237 6.05 11.81 -42.16
CA LEU E 237 7.09 11.83 -43.18
C LEU E 237 7.54 10.40 -43.48
N SER E 238 7.49 9.51 -42.47
CA SER E 238 7.86 8.10 -42.60
C SER E 238 6.85 7.37 -43.46
N GLU E 239 5.55 7.70 -43.31
CA GLU E 239 4.45 7.08 -44.06
C GLU E 239 4.19 7.75 -45.40
N GLU E 240 5.00 8.76 -45.79
CA GLU E 240 4.82 9.54 -47.03
C GLU E 240 4.61 8.65 -48.27
N ALA E 241 5.48 7.65 -48.42
CA ALA E 241 5.44 6.68 -49.51
C ALA E 241 4.22 5.77 -49.48
N TYR E 242 3.82 5.30 -48.27
CA TYR E 242 2.68 4.42 -48.05
C TYR E 242 1.40 5.12 -48.50
N ILE E 243 1.18 6.34 -47.99
CA ILE E 243 0.05 7.19 -48.32
C ILE E 243 0.03 7.45 -49.82
N ALA E 244 1.22 7.69 -50.41
CA ALA E 244 1.34 7.86 -51.86
C ALA E 244 0.78 6.66 -52.63
N ARG E 245 0.97 5.40 -52.11
CA ARG E 245 0.40 4.20 -52.76
C ARG E 245 -1.10 4.10 -52.47
N LEU E 246 -1.50 4.34 -51.21
CA LEU E 246 -2.90 4.34 -50.78
C LEU E 246 -3.71 5.31 -51.67
N ARG E 247 -3.16 6.53 -51.94
CA ARG E 247 -3.79 7.54 -52.81
C ARG E 247 -4.01 6.95 -54.20
N LYS E 248 -2.99 6.27 -54.75
CA LYS E 248 -3.07 5.62 -56.06
C LYS E 248 -4.15 4.54 -56.06
N GLU E 249 -4.12 3.63 -55.06
CA GLU E 249 -5.02 2.50 -54.90
C GLU E 249 -6.49 2.91 -54.68
N LEU E 250 -6.70 4.06 -54.02
CA LEU E 250 -8.07 4.52 -53.76
C LEU E 250 -8.50 5.65 -54.68
N ASN E 251 -7.73 5.93 -55.75
CA ASN E 251 -7.97 6.97 -56.77
C ASN E 251 -8.27 8.32 -56.13
N LEU E 252 -7.46 8.66 -55.13
CA LEU E 252 -7.51 9.88 -54.36
C LEU E 252 -6.55 10.92 -54.89
N ALA E 253 -7.05 12.16 -55.03
CA ALA E 253 -6.26 13.31 -55.45
C ALA E 253 -5.32 13.67 -54.30
N LEU E 254 -4.35 14.55 -54.53
CA LEU E 254 -3.46 14.94 -53.42
C LEU E 254 -4.23 15.73 -52.37
N TYR E 255 -4.09 15.30 -51.10
CA TYR E 255 -4.78 15.88 -49.93
C TYR E 255 -6.32 15.67 -49.98
N SER E 256 -6.77 14.65 -50.73
CA SER E 256 -8.17 14.27 -50.79
C SER E 256 -8.39 13.12 -49.79
N ARG E 257 -9.61 13.06 -49.22
CA ARG E 257 -10.03 12.08 -48.21
C ARG E 257 -10.83 10.90 -48.82
N PHE E 258 -10.81 9.73 -48.13
CA PHE E 258 -11.58 8.57 -48.55
C PHE E 258 -13.09 8.84 -48.33
N PRO E 259 -13.96 8.59 -49.33
CA PRO E 259 -15.39 8.92 -49.17
C PRO E 259 -16.08 8.50 -47.85
N LEU E 260 -15.78 7.31 -47.37
CA LEU E 260 -16.42 6.76 -46.19
C LEU E 260 -16.01 7.43 -44.89
N THR E 261 -14.85 8.10 -44.84
CA THR E 261 -14.33 8.78 -43.65
C THR E 261 -15.32 9.84 -43.10
N TRP E 262 -16.04 10.52 -43.99
CA TRP E 262 -17.06 11.50 -43.63
C TRP E 262 -18.14 10.89 -42.73
N ILE E 263 -18.42 9.58 -42.88
CA ILE E 263 -19.40 8.84 -42.09
C ILE E 263 -18.81 8.56 -40.70
N MET E 264 -17.60 7.99 -40.62
CA MET E 264 -16.95 7.69 -39.34
C MET E 264 -16.81 8.97 -38.54
N GLU E 265 -16.47 10.07 -39.21
CA GLU E 265 -16.31 11.41 -38.63
C GLU E 265 -17.61 11.88 -38.02
N ALA E 266 -18.70 11.81 -38.78
CA ALA E 266 -20.04 12.19 -38.36
C ALA E 266 -20.49 11.39 -37.14
N ALA E 267 -20.16 10.06 -37.13
CA ALA E 267 -20.50 9.12 -36.07
C ALA E 267 -19.77 9.49 -34.83
N ASP E 268 -18.54 9.93 -34.98
CA ASP E 268 -17.67 10.35 -33.90
C ASP E 268 -18.17 11.65 -33.30
N ASP E 269 -18.62 12.60 -34.16
CA ASP E 269 -19.17 13.92 -33.79
C ASP E 269 -20.41 13.79 -32.93
N ILE E 270 -21.30 12.83 -33.25
CA ILE E 270 -22.51 12.56 -32.50
C ILE E 270 -22.21 11.97 -31.12
N SER E 271 -21.32 10.96 -31.06
CA SER E 271 -20.92 10.24 -29.85
C SER E 271 -20.14 11.06 -28.80
N TYR E 272 -19.41 12.08 -29.28
CA TYR E 272 -18.53 12.98 -28.55
C TYR E 272 -18.81 13.16 -27.04
N CYS E 273 -19.95 13.82 -26.66
CA CYS E 273 -20.25 14.20 -25.27
C CYS E 273 -21.30 13.44 -24.58
N VAL E 274 -22.43 13.19 -25.25
CA VAL E 274 -23.61 12.54 -24.67
C VAL E 274 -23.24 11.37 -23.73
N ALA E 275 -22.25 10.58 -24.15
CA ALA E 275 -21.71 9.45 -23.39
C ALA E 275 -21.15 9.90 -22.01
N ASP E 276 -20.35 10.99 -22.00
CA ASP E 276 -19.61 11.57 -20.86
C ASP E 276 -20.52 12.32 -19.88
N LEU E 277 -21.69 12.82 -20.33
CA LEU E 277 -22.67 13.46 -19.46
C LEU E 277 -23.34 12.35 -18.64
N GLU E 278 -23.64 11.20 -19.29
CA GLU E 278 -24.20 9.97 -18.71
C GLU E 278 -23.26 9.44 -17.63
N ASP E 279 -21.96 9.53 -17.86
CA ASP E 279 -20.90 9.12 -16.95
C ASP E 279 -20.72 10.11 -15.81
N ALA E 280 -21.00 11.40 -16.06
CA ALA E 280 -20.89 12.44 -15.05
C ALA E 280 -21.97 12.25 -13.98
N VAL E 281 -23.19 11.83 -14.40
CA VAL E 281 -24.32 11.56 -13.51
C VAL E 281 -24.02 10.29 -12.69
N GLU E 282 -23.38 9.29 -13.33
CA GLU E 282 -22.94 8.03 -12.73
C GLU E 282 -21.90 8.33 -11.63
N LYS E 283 -20.84 9.09 -11.97
CA LYS E 283 -19.77 9.52 -11.07
C LYS E 283 -20.28 10.54 -10.00
N ARG E 284 -21.55 10.97 -10.15
CA ARG E 284 -22.33 11.87 -9.29
C ARG E 284 -21.82 13.33 -9.26
N ILE E 285 -21.41 13.88 -10.42
CA ILE E 285 -20.97 15.29 -10.55
C ILE E 285 -22.23 16.19 -10.44
N PHE E 286 -23.35 15.67 -10.95
CA PHE E 286 -24.67 16.28 -10.91
C PHE E 286 -25.75 15.22 -11.08
N THR E 287 -27.01 15.61 -10.82
CA THR E 287 -28.17 14.76 -10.95
C THR E 287 -28.74 14.95 -12.35
N VAL E 288 -29.60 14.02 -12.82
CA VAL E 288 -30.25 14.14 -14.14
C VAL E 288 -30.98 15.49 -14.25
N GLU E 289 -31.58 15.93 -13.13
CA GLU E 289 -32.31 17.18 -12.96
C GLU E 289 -31.40 18.39 -13.18
N GLN E 290 -30.25 18.41 -12.46
CA GLN E 290 -29.20 19.43 -12.51
C GLN E 290 -28.72 19.61 -13.96
N LEU E 291 -28.54 18.48 -14.68
CA LEU E 291 -28.11 18.42 -16.07
C LEU E 291 -29.16 19.03 -16.99
N TYR E 292 -30.43 18.62 -16.83
CA TYR E 292 -31.55 19.15 -17.61
C TYR E 292 -31.55 20.67 -17.55
N HIS E 293 -31.21 21.20 -16.38
CA HIS E 293 -31.14 22.63 -16.14
C HIS E 293 -30.03 23.30 -16.91
N HIS E 294 -28.81 22.73 -16.90
CA HIS E 294 -27.67 23.30 -17.62
C HIS E 294 -27.85 23.28 -19.12
N LEU E 295 -28.55 22.26 -19.64
CA LEU E 295 -28.87 22.15 -21.06
C LEU E 295 -29.84 23.29 -21.43
N HIS E 296 -30.81 23.57 -20.55
CA HIS E 296 -31.74 24.66 -20.72
C HIS E 296 -30.97 25.98 -20.76
N GLU E 297 -30.09 26.23 -19.74
CA GLU E 297 -29.21 27.42 -19.62
C GLU E 297 -28.40 27.62 -20.92
N SER E 306 -39.13 23.55 -31.48
CA SER E 306 -37.74 23.53 -31.94
C SER E 306 -37.05 22.24 -31.56
N LEU E 307 -35.96 21.92 -32.31
CA LEU E 307 -35.09 20.73 -32.16
C LEU E 307 -34.71 20.44 -30.71
N PHE E 308 -34.54 21.50 -29.93
CA PHE E 308 -34.21 21.46 -28.51
C PHE E 308 -35.33 20.82 -27.72
N SER E 309 -36.58 21.29 -27.92
CA SER E 309 -37.77 20.78 -27.25
C SER E 309 -37.97 19.34 -27.71
N LEU E 310 -37.83 19.14 -29.02
CA LEU E 310 -37.95 17.88 -29.70
C LEU E 310 -37.01 16.79 -29.20
N VAL E 311 -35.77 17.14 -28.80
CA VAL E 311 -34.80 16.14 -28.36
C VAL E 311 -34.64 16.07 -26.83
N VAL E 312 -34.21 17.19 -26.18
CA VAL E 312 -33.94 17.21 -24.74
C VAL E 312 -35.22 17.18 -23.89
N GLU E 313 -36.15 18.17 -24.08
CA GLU E 313 -37.39 18.26 -23.29
C GLU E 313 -38.14 16.94 -23.34
N ASN E 314 -38.37 16.42 -24.57
CA ASN E 314 -39.07 15.17 -24.89
C ASN E 314 -38.53 13.99 -24.07
N ALA E 315 -37.18 13.85 -24.00
CA ALA E 315 -36.50 12.78 -23.26
C ALA E 315 -36.68 12.92 -21.75
N TRP E 316 -36.76 14.17 -21.25
CA TRP E 316 -36.94 14.45 -19.82
C TRP E 316 -38.33 14.01 -19.36
N GLU E 317 -39.35 14.25 -20.21
CA GLU E 317 -40.74 13.92 -19.96
C GLU E 317 -40.96 12.44 -19.81
N LYS E 318 -40.33 11.64 -20.68
CA LYS E 318 -40.39 10.17 -20.66
C LYS E 318 -39.85 9.67 -19.31
N SER E 319 -38.68 10.17 -18.86
CA SER E 319 -38.10 9.80 -17.57
C SER E 319 -38.91 10.24 -16.31
N THR E 328 -35.36 6.43 -13.91
CA THR E 328 -35.22 7.84 -14.31
C THR E 328 -33.88 8.09 -14.93
N GLU E 329 -32.82 7.69 -14.25
CA GLU E 329 -31.44 7.90 -14.71
C GLU E 329 -31.17 7.33 -16.11
N ASP E 330 -31.25 5.99 -16.25
CA ASP E 330 -31.02 5.28 -17.52
C ASP E 330 -32.07 5.64 -18.57
N GLN E 331 -33.33 5.81 -18.14
CA GLN E 331 -34.48 6.16 -19.01
C GLN E 331 -34.29 7.50 -19.67
N PHE E 332 -33.70 8.49 -18.97
CA PHE E 332 -33.44 9.81 -19.56
C PHE E 332 -32.38 9.72 -20.65
N PHE E 333 -31.24 9.07 -20.35
CA PHE E 333 -30.15 8.93 -21.30
C PHE E 333 -30.52 8.04 -22.47
N MET E 334 -31.29 6.95 -22.25
CA MET E 334 -31.78 6.04 -23.30
C MET E 334 -32.59 6.84 -24.31
N TYR E 335 -33.45 7.72 -23.82
CA TYR E 335 -34.31 8.49 -24.69
C TYR E 335 -33.66 9.77 -25.19
N LEU E 336 -32.57 10.22 -24.55
CA LEU E 336 -31.85 11.40 -25.06
C LEU E 336 -31.10 10.94 -26.30
N ARG E 337 -30.34 9.83 -26.17
CA ARG E 337 -29.59 9.16 -27.23
C ARG E 337 -30.51 8.89 -28.43
N VAL E 338 -31.61 8.16 -28.21
CA VAL E 338 -32.59 7.82 -29.24
C VAL E 338 -33.00 9.05 -30.04
N ASN E 339 -33.57 10.06 -29.37
CA ASN E 339 -34.04 11.31 -29.98
C ASN E 339 -32.93 11.99 -30.79
N THR E 340 -31.72 12.17 -30.18
CA THR E 340 -30.55 12.77 -30.82
C THR E 340 -30.22 12.04 -32.14
N LEU E 341 -30.06 10.71 -32.06
CA LEU E 341 -29.75 9.85 -33.19
C LEU E 341 -30.83 9.91 -34.28
N ASN E 342 -32.10 9.75 -33.89
CA ASN E 342 -33.24 9.78 -34.81
C ASN E 342 -33.37 11.10 -35.57
N LYS E 343 -32.74 12.17 -35.06
CA LYS E 343 -32.75 13.44 -35.75
C LYS E 343 -31.46 13.63 -36.55
N LEU E 344 -30.30 13.33 -35.93
CA LEU E 344 -28.98 13.51 -36.53
C LEU E 344 -28.56 12.46 -37.56
N VAL E 345 -28.76 11.15 -37.29
CA VAL E 345 -28.42 10.06 -38.24
C VAL E 345 -29.03 10.31 -39.64
N PRO E 346 -30.35 10.61 -39.78
CA PRO E 346 -30.90 10.82 -41.12
C PRO E 346 -30.30 12.06 -41.75
N TYR E 347 -30.04 13.10 -40.95
CA TYR E 347 -29.45 14.36 -41.45
C TYR E 347 -28.10 14.12 -42.05
N ALA E 348 -27.22 13.40 -41.34
CA ALA E 348 -25.86 13.04 -41.79
C ALA E 348 -25.97 12.22 -43.07
N ALA E 349 -26.88 11.21 -43.08
CA ALA E 349 -27.10 10.33 -44.23
C ALA E 349 -27.50 11.12 -45.44
N GLN E 350 -28.40 12.12 -45.25
CA GLN E 350 -28.90 12.99 -46.30
C GLN E 350 -27.80 13.90 -46.79
N ARG E 351 -27.10 14.58 -45.87
CA ARG E 351 -25.95 15.44 -46.19
C ARG E 351 -24.97 14.70 -47.12
N PHE E 352 -24.58 13.45 -46.74
CA PHE E 352 -23.69 12.56 -47.46
C PHE E 352 -24.22 12.28 -48.88
N ILE E 353 -25.47 11.90 -49.04
CA ILE E 353 -26.04 11.64 -50.37
C ILE E 353 -26.07 12.91 -51.21
N ASP E 354 -26.55 14.01 -50.62
CA ASP E 354 -26.66 15.33 -51.25
C ASP E 354 -25.30 15.84 -51.78
N ASN E 355 -24.22 15.64 -51.00
CA ASN E 355 -22.90 16.11 -51.40
C ASN E 355 -22.02 14.98 -51.92
N LEU E 356 -22.63 13.82 -52.29
CA LEU E 356 -21.87 12.68 -52.75
C LEU E 356 -20.85 12.98 -53.83
N PRO E 357 -21.09 13.86 -54.85
CA PRO E 357 -20.02 14.13 -55.84
C PRO E 357 -18.68 14.56 -55.23
N ALA E 358 -18.73 15.62 -54.39
CA ALA E 358 -17.54 16.17 -53.73
C ALA E 358 -16.95 15.19 -52.73
N ILE E 359 -17.81 14.54 -51.95
CA ILE E 359 -17.45 13.54 -50.94
C ILE E 359 -16.74 12.36 -51.61
N PHE E 360 -17.23 11.95 -52.82
CA PHE E 360 -16.64 10.88 -53.62
C PHE E 360 -15.27 11.30 -54.14
N ALA E 361 -15.15 12.50 -54.71
CA ALA E 361 -13.87 13.04 -55.18
C ALA E 361 -12.83 13.14 -54.03
N GLY E 362 -13.34 13.29 -52.81
CA GLY E 362 -12.56 13.44 -51.57
C GLY E 362 -12.18 14.88 -51.31
N THR E 363 -12.73 15.81 -52.11
CA THR E 363 -12.45 17.25 -52.09
C THR E 363 -13.37 18.08 -51.20
N PHE E 364 -14.55 17.53 -50.79
CA PHE E 364 -15.60 18.18 -49.97
C PHE E 364 -14.97 18.83 -48.73
N ASN E 365 -15.05 20.17 -48.62
CA ASN E 365 -14.36 20.88 -47.53
C ASN E 365 -15.22 21.21 -46.31
N HIS E 366 -16.10 20.28 -45.91
CA HIS E 366 -16.96 20.41 -44.72
C HIS E 366 -17.21 19.06 -44.10
N ALA E 367 -17.79 19.04 -42.90
CA ALA E 367 -18.17 17.80 -42.22
C ALA E 367 -19.64 17.62 -42.53
N LEU E 368 -20.17 16.42 -42.29
CA LEU E 368 -21.57 16.15 -42.56
C LEU E 368 -22.47 17.02 -41.66
N LEU E 369 -22.06 17.24 -40.40
CA LEU E 369 -22.78 18.12 -39.48
C LEU E 369 -21.85 19.31 -39.27
N GLU E 370 -22.09 20.39 -40.04
CA GLU E 370 -21.27 21.59 -39.94
C GLU E 370 -22.09 22.72 -39.36
N ASP E 371 -21.36 23.66 -38.72
CA ASP E 371 -21.77 24.88 -38.01
C ASP E 371 -23.25 25.30 -38.23
N ALA E 372 -23.57 25.91 -39.40
CA ALA E 372 -24.89 26.43 -39.78
C ALA E 372 -26.10 25.72 -39.14
N SER E 373 -26.21 24.39 -39.34
CA SER E 373 -27.31 23.50 -38.96
C SER E 373 -27.78 23.56 -37.53
N GLU E 374 -29.12 23.49 -37.33
CA GLU E 374 -29.81 23.46 -36.04
C GLU E 374 -29.43 22.15 -35.34
N CYS E 375 -29.10 21.15 -36.17
CA CYS E 375 -28.64 19.81 -35.79
C CYS E 375 -27.28 19.92 -35.13
N SER E 376 -26.37 20.67 -35.77
CA SER E 376 -25.02 20.89 -35.28
C SER E 376 -25.07 21.60 -33.94
N ASP E 377 -26.00 22.57 -33.81
CA ASP E 377 -26.20 23.35 -32.60
C ASP E 377 -26.61 22.48 -31.39
N LEU E 378 -27.35 21.37 -31.62
CA LEU E 378 -27.74 20.46 -30.54
C LEU E 378 -26.50 19.82 -29.92
N LEU E 379 -25.54 19.40 -30.77
CA LEU E 379 -24.30 18.77 -30.35
C LEU E 379 -23.43 19.79 -29.65
N LYS E 380 -23.33 21.02 -30.20
CA LYS E 380 -22.56 22.14 -29.62
C LYS E 380 -23.04 22.42 -28.20
N LEU E 381 -24.36 22.24 -27.94
CA LEU E 381 -25.01 22.39 -26.64
C LEU E 381 -24.45 21.34 -25.67
N TYR E 382 -24.44 20.05 -26.06
CA TYR E 382 -23.90 18.95 -25.26
C TYR E 382 -22.43 19.22 -24.95
N LYS E 383 -21.65 19.68 -25.96
CA LYS E 383 -20.24 20.04 -25.82
C LYS E 383 -20.04 21.12 -24.77
N ASN E 384 -20.88 22.19 -24.83
CA ASN E 384 -20.82 23.31 -23.91
C ASN E 384 -21.13 22.93 -22.48
N VAL E 385 -22.16 22.09 -22.25
CA VAL E 385 -22.51 21.62 -20.91
C VAL E 385 -21.37 20.74 -20.35
N ALA E 386 -20.84 19.83 -21.18
CA ALA E 386 -19.74 18.94 -20.82
C ALA E 386 -18.47 19.73 -20.54
N VAL E 387 -18.20 20.78 -21.32
CA VAL E 387 -17.01 21.60 -21.09
C VAL E 387 -17.15 22.35 -19.77
N LYS E 388 -18.27 23.07 -19.59
CA LYS E 388 -18.54 23.86 -18.38
C LYS E 388 -18.63 23.02 -17.08
N HIS E 389 -19.15 21.77 -17.14
CA HIS E 389 -19.37 21.01 -15.91
C HIS E 389 -18.73 19.63 -15.80
N VAL E 390 -18.23 19.06 -16.89
CA VAL E 390 -17.65 17.73 -16.83
C VAL E 390 -16.14 17.77 -16.99
N PHE E 391 -15.66 18.27 -18.13
CA PHE E 391 -14.23 18.33 -18.46
C PHE E 391 -13.45 19.29 -17.56
N SER E 392 -14.18 20.23 -16.94
CA SER E 392 -13.67 21.25 -16.06
C SER E 392 -13.56 20.71 -14.62
N HIS E 393 -13.96 19.45 -14.39
CA HIS E 393 -13.91 18.84 -13.07
C HIS E 393 -12.49 18.69 -12.52
N PRO E 394 -12.26 19.05 -11.24
CA PRO E 394 -10.90 18.98 -10.68
C PRO E 394 -10.23 17.63 -10.81
N ASP E 395 -10.99 16.54 -10.67
CA ASP E 395 -10.47 15.19 -10.79
C ASP E 395 -9.99 14.92 -12.20
N VAL E 396 -10.81 15.36 -13.19
CA VAL E 396 -10.51 15.21 -14.61
C VAL E 396 -9.21 15.98 -14.89
N GLU E 397 -9.18 17.28 -14.53
CA GLU E 397 -8.02 18.14 -14.71
C GLU E 397 -6.72 17.63 -14.07
N ARG E 398 -6.80 17.05 -12.82
CA ARG E 398 -5.63 16.50 -12.10
C ARG E 398 -5.04 15.35 -12.88
N LEU E 399 -5.92 14.46 -13.42
CA LEU E 399 -5.51 13.33 -14.21
C LEU E 399 -4.70 13.85 -15.41
N GLU E 400 -5.18 14.93 -16.06
CA GLU E 400 -4.56 15.60 -17.21
C GLU E 400 -3.14 16.14 -16.83
N LEU E 401 -3.05 16.80 -15.68
CA LEU E 401 -1.79 17.32 -15.17
C LEU E 401 -0.81 16.18 -14.91
N GLN E 402 -1.30 15.10 -14.24
CA GLN E 402 -0.53 13.91 -13.87
C GLN E 402 0.00 13.23 -15.11
N GLY E 403 -0.89 13.06 -16.10
CA GLY E 403 -0.59 12.40 -17.36
C GLY E 403 0.57 13.04 -18.07
N TYR E 404 0.49 14.37 -18.14
CA TYR E 404 1.52 15.19 -18.77
C TYR E 404 2.85 14.95 -18.07
N ARG E 405 2.86 14.97 -16.73
CA ARG E 405 4.04 14.72 -15.90
C ARG E 405 4.66 13.35 -16.23
N VAL E 406 3.83 12.28 -16.25
CA VAL E 406 4.25 10.91 -16.57
C VAL E 406 4.96 10.81 -17.92
N ILE E 407 4.27 11.22 -19.01
CA ILE E 407 4.82 11.16 -20.36
C ILE E 407 6.06 12.03 -20.48
N SER E 408 6.03 13.23 -19.87
CA SER E 408 7.16 14.12 -19.92
C SER E 408 8.36 13.44 -19.30
N GLY E 409 8.12 12.81 -18.15
CA GLY E 409 9.13 12.09 -17.39
C GLY E 409 9.72 10.93 -18.15
N LEU E 410 8.84 10.10 -18.70
CA LEU E 410 9.18 8.93 -19.49
C LEU E 410 10.15 9.29 -20.60
N LEU E 411 9.84 10.37 -21.32
CA LEU E 411 10.67 10.88 -22.43
C LEU E 411 12.04 11.24 -21.94
N GLU E 412 12.10 11.96 -20.81
CA GLU E 412 13.34 12.38 -20.22
C GLU E 412 14.19 11.16 -19.79
N ILE E 413 13.53 10.03 -19.42
CA ILE E 413 14.20 8.80 -18.99
C ILE E 413 14.94 8.16 -20.18
N TYR E 414 14.31 8.16 -21.37
CA TYR E 414 14.91 7.60 -22.57
C TYR E 414 15.73 8.60 -23.40
N ARG E 415 15.82 9.87 -22.93
CA ARG E 415 16.62 10.91 -23.61
C ARG E 415 18.04 10.40 -23.96
N PRO E 416 18.73 9.61 -23.08
CA PRO E 416 20.10 9.14 -23.41
C PRO E 416 20.27 8.38 -24.72
N LEU E 417 19.20 7.75 -25.22
CA LEU E 417 19.23 7.02 -26.49
C LEU E 417 19.30 8.00 -27.65
N LEU E 418 18.61 9.16 -27.54
CA LEU E 418 18.66 10.21 -28.56
C LEU E 418 19.90 11.10 -28.42
N SER E 419 20.56 11.04 -27.25
CA SER E 419 21.76 11.80 -26.98
C SER E 419 22.98 11.20 -27.69
N LEU E 420 22.95 9.86 -27.91
CA LEU E 420 23.98 9.04 -28.56
C LEU E 420 24.29 9.47 -29.99
N SER E 421 25.57 9.33 -30.40
CA SER E 421 26.01 9.63 -31.76
C SER E 421 25.50 8.53 -32.68
N LEU E 422 25.48 8.78 -34.00
CA LEU E 422 25.03 7.76 -34.94
C LEU E 422 25.84 6.48 -34.80
N SER E 423 27.19 6.60 -34.84
CA SER E 423 28.09 5.46 -34.73
C SER E 423 27.80 4.63 -33.47
N ASP E 424 27.69 5.32 -32.31
CA ASP E 424 27.41 4.73 -31.00
C ASP E 424 26.07 4.02 -30.99
N PHE E 425 24.99 4.70 -31.45
CA PHE E 425 23.66 4.11 -31.48
C PHE E 425 23.62 2.92 -32.42
N THR E 426 24.32 3.01 -33.54
CA THR E 426 24.37 1.94 -34.52
C THR E 426 25.01 0.72 -33.89
N GLU E 427 26.16 0.93 -33.20
CA GLU E 427 26.93 -0.09 -32.48
C GLU E 427 26.02 -0.81 -31.46
N LEU E 428 25.14 -0.04 -30.81
CA LEU E 428 24.18 -0.52 -29.82
C LEU E 428 23.13 -1.40 -30.47
N VAL E 429 22.64 -1.01 -31.65
CA VAL E 429 21.64 -1.78 -32.38
C VAL E 429 22.25 -3.10 -32.87
N GLU E 430 23.52 -3.07 -33.29
CA GLU E 430 24.26 -4.23 -33.76
C GLU E 430 24.52 -5.26 -32.66
N LYS E 431 25.55 -5.04 -31.82
CA LYS E 431 25.85 -5.96 -30.72
C LYS E 431 24.99 -5.48 -29.56
N GLU E 432 23.70 -5.90 -29.55
CA GLU E 432 22.64 -5.50 -28.60
C GLU E 432 23.13 -4.97 -27.20
N ARG E 433 24.05 -5.69 -26.54
CA ARG E 433 24.59 -5.23 -25.27
C ARG E 433 26.02 -4.64 -25.48
N VAL E 434 26.20 -3.30 -25.27
CA VAL E 434 27.48 -2.55 -25.37
C VAL E 434 28.04 -2.25 -23.97
N LYS E 435 29.35 -2.44 -23.81
CA LYS E 435 30.05 -2.27 -22.54
C LYS E 435 30.22 -0.82 -22.08
N ARG E 436 30.57 0.08 -23.01
CA ARG E 436 30.79 1.51 -22.73
C ARG E 436 29.50 2.18 -22.26
N PHE E 437 28.32 1.71 -22.74
CA PHE E 437 27.02 2.28 -22.41
C PHE E 437 26.16 1.27 -21.68
N PRO E 438 26.29 1.14 -20.37
CA PRO E 438 25.48 0.17 -19.65
C PRO E 438 24.01 0.59 -19.51
N ILE E 439 23.81 1.87 -19.19
CA ILE E 439 22.50 2.46 -18.99
C ILE E 439 21.74 2.54 -20.32
N GLU E 440 22.42 2.96 -21.38
CA GLU E 440 21.81 3.10 -22.70
C GLU E 440 21.40 1.75 -23.22
N SER E 441 22.27 0.74 -23.08
CA SER E 441 21.95 -0.64 -23.50
C SER E 441 20.68 -1.10 -22.85
N ARG E 442 20.64 -1.06 -21.50
CA ARG E 442 19.51 -1.50 -20.69
C ARG E 442 18.20 -0.81 -21.05
N LEU E 443 18.25 0.51 -21.35
CA LEU E 443 17.12 1.31 -21.77
C LEU E 443 16.68 0.90 -23.18
N PHE E 444 17.66 0.61 -24.06
CA PHE E 444 17.41 0.19 -25.42
C PHE E 444 16.64 -1.12 -25.45
N HIS E 445 16.93 -2.03 -24.50
CA HIS E 445 16.25 -3.31 -24.41
C HIS E 445 14.80 -3.16 -23.94
N LYS E 446 14.51 -2.10 -23.17
CA LYS E 446 13.16 -1.84 -22.66
C LYS E 446 12.14 -1.61 -23.79
N LEU E 447 12.60 -1.03 -24.90
CA LEU E 447 11.81 -0.72 -26.10
C LEU E 447 11.29 -2.00 -26.74
N SER E 448 9.96 -2.06 -27.01
CA SER E 448 9.30 -3.22 -27.61
C SER E 448 9.96 -3.60 -28.92
N THR E 449 10.22 -4.91 -29.08
CA THR E 449 10.83 -5.50 -30.28
C THR E 449 10.15 -5.07 -31.57
N ARG E 450 8.79 -4.95 -31.53
CA ARG E 450 7.99 -4.50 -32.68
C ARG E 450 8.46 -3.13 -33.17
N HIS E 451 8.69 -2.16 -32.26
CA HIS E 451 9.16 -0.83 -32.62
C HIS E 451 10.61 -0.82 -33.01
N ARG E 452 11.44 -1.61 -32.31
CA ARG E 452 12.88 -1.71 -32.56
C ARG E 452 13.11 -2.28 -33.92
N LEU E 453 12.31 -3.26 -34.31
CA LEU E 453 12.38 -3.90 -35.62
C LEU E 453 12.10 -2.92 -36.72
N ALA E 454 10.99 -2.16 -36.57
CA ALA E 454 10.57 -1.10 -37.48
C ALA E 454 11.71 -0.11 -37.74
N TYR E 455 12.51 0.22 -36.70
CA TYR E 455 13.68 1.11 -36.80
C TYR E 455 14.72 0.47 -37.70
N VAL E 456 15.11 -0.78 -37.38
CA VAL E 456 16.10 -1.56 -38.14
C VAL E 456 15.69 -1.64 -39.59
N GLU E 457 14.47 -2.10 -39.84
CA GLU E 457 13.84 -2.26 -41.15
C GLU E 457 13.90 -0.95 -41.97
N ALA E 458 13.59 0.20 -41.34
CA ALA E 458 13.55 1.51 -41.99
C ALA E 458 14.90 2.07 -42.29
N VAL E 459 15.82 1.95 -41.33
CA VAL E 459 17.19 2.46 -41.41
C VAL E 459 18.00 1.60 -42.36
N SER E 460 17.72 0.29 -42.40
CA SER E 460 18.40 -0.63 -43.33
C SER E 460 18.16 -0.22 -44.80
N LYS E 461 16.91 0.17 -45.15
CA LYS E 461 16.48 0.61 -46.49
C LYS E 461 17.28 1.84 -47.02
N LEU E 462 17.63 2.80 -46.15
CA LEU E 462 18.37 4.02 -46.48
C LEU E 462 19.81 3.72 -47.01
N PRO E 463 20.32 4.53 -47.99
CA PRO E 463 21.70 4.32 -48.45
C PRO E 463 22.72 4.99 -47.52
N SER E 464 23.64 4.22 -46.92
CA SER E 464 24.62 4.74 -45.96
C SER E 464 25.50 5.88 -46.50
N ASP E 465 25.90 5.78 -47.78
CA ASP E 465 26.76 6.74 -48.50
C ASP E 465 26.13 8.13 -48.62
N SER E 466 24.78 8.20 -48.62
CA SER E 466 23.98 9.41 -48.73
C SER E 466 24.29 10.46 -47.66
N PRO E 467 24.34 11.76 -48.00
CA PRO E 467 24.63 12.79 -46.98
C PRO E 467 23.44 13.01 -46.04
N GLU E 468 22.26 12.61 -46.49
CA GLU E 468 21.04 12.75 -45.72
C GLU E 468 20.79 11.53 -44.81
N PHE E 469 21.64 10.47 -44.91
CA PHE E 469 21.55 9.28 -44.06
C PHE E 469 21.54 9.60 -42.53
N PRO E 470 22.42 10.47 -41.99
CA PRO E 470 22.36 10.73 -40.55
C PRO E 470 21.09 11.44 -40.10
N LEU E 471 20.54 12.29 -40.99
CA LEU E 471 19.30 13.03 -40.78
C LEU E 471 18.14 12.07 -40.70
N TRP E 472 18.08 11.12 -41.66
CA TRP E 472 17.05 10.11 -41.71
C TRP E 472 17.08 9.19 -40.51
N GLU E 473 18.30 8.75 -40.11
CA GLU E 473 18.50 7.87 -38.98
C GLU E 473 17.95 8.51 -37.72
N TYR E 474 18.34 9.78 -37.45
CA TYR E 474 17.87 10.47 -36.25
C TYR E 474 16.36 10.56 -36.24
N TYR E 475 15.77 10.81 -37.42
CA TYR E 475 14.33 10.89 -37.54
C TYR E 475 13.68 9.58 -37.09
N TYR E 476 14.16 8.45 -37.65
CA TYR E 476 13.66 7.11 -37.34
C TYR E 476 13.93 6.71 -35.91
N ARG E 477 15.05 7.19 -35.31
CA ARG E 477 15.38 6.93 -33.90
C ARG E 477 14.39 7.65 -32.98
N CYS E 478 14.00 8.88 -33.36
CA CYS E 478 13.02 9.67 -32.61
C CYS E 478 11.68 9.05 -32.76
N ARG E 479 11.37 8.64 -33.98
CA ARG E 479 10.11 7.98 -34.30
C ARG E 479 10.00 6.71 -33.46
N LEU E 480 11.11 5.94 -33.34
CA LEU E 480 11.21 4.74 -32.48
C LEU E 480 10.74 5.04 -31.06
N LEU E 481 11.23 6.13 -30.47
CA LEU E 481 10.87 6.53 -29.12
C LEU E 481 9.40 6.93 -29.01
N GLN E 482 8.92 7.77 -29.95
CA GLN E 482 7.52 8.22 -30.02
C GLN E 482 6.56 7.03 -30.15
N ASP E 483 6.95 6.01 -30.94
CA ASP E 483 6.19 4.78 -31.15
C ASP E 483 6.05 3.98 -29.87
N TYR E 484 7.14 3.87 -29.10
CA TYR E 484 7.17 3.12 -27.84
C TYR E 484 6.22 3.73 -26.83
N ILE E 485 6.39 5.06 -26.57
CA ILE E 485 5.59 5.85 -25.63
C ILE E 485 4.10 5.85 -26.00
N SER E 486 3.74 6.27 -27.22
CA SER E 486 2.33 6.30 -27.66
C SER E 486 1.65 4.92 -27.60
N GLY E 487 2.48 3.88 -27.78
CA GLY E 487 2.08 2.47 -27.77
C GLY E 487 1.66 1.94 -26.41
N MET E 488 2.08 2.66 -25.33
CA MET E 488 1.75 2.31 -23.94
C MET E 488 0.31 2.62 -23.60
N THR E 489 -0.25 1.81 -22.72
CA THR E 489 -1.58 2.01 -22.17
C THR E 489 -1.38 3.06 -21.05
N ASP E 490 -2.44 3.79 -20.66
CA ASP E 490 -2.45 4.79 -19.61
C ASP E 490 -1.76 4.29 -18.35
N LEU E 491 -2.15 3.09 -17.91
CA LEU E 491 -1.68 2.42 -16.71
C LEU E 491 -0.27 1.94 -16.82
N TYR E 492 0.12 1.38 -17.97
CA TYR E 492 1.48 0.88 -18.16
C TYR E 492 2.48 1.99 -18.14
N ALA E 493 2.12 3.14 -18.74
CA ALA E 493 2.98 4.32 -18.78
C ALA E 493 3.18 4.87 -17.37
N TRP E 494 2.11 4.84 -16.55
CA TRP E 494 2.16 5.31 -15.18
C TRP E 494 3.07 4.42 -14.36
N ASP E 495 2.94 3.10 -14.51
CA ASP E 495 3.75 2.12 -13.81
C ASP E 495 5.21 2.25 -14.17
N GLU E 496 5.52 2.20 -15.47
CA GLU E 496 6.85 2.35 -16.02
C GLU E 496 7.57 3.58 -15.51
N TYR E 497 6.83 4.69 -15.35
CA TYR E 497 7.36 5.94 -14.81
C TYR E 497 7.80 5.73 -13.37
N ARG E 498 6.92 5.20 -12.53
CA ARG E 498 7.20 4.91 -11.13
C ARG E 498 8.28 3.85 -10.93
N ARG E 499 8.38 2.86 -11.83
CA ARG E 499 9.41 1.81 -11.76
C ARG E 499 10.75 2.41 -12.07
N LEU E 500 10.86 3.10 -13.23
CA LEU E 500 12.08 3.73 -13.67
C LEU E 500 12.48 4.94 -12.84
N MET E 501 11.56 5.48 -12.03
CA MET E 501 11.90 6.58 -11.13
C MET E 501 12.48 6.04 -9.82
N ALA E 502 12.53 4.69 -9.69
CA ALA E 502 13.03 3.90 -8.55
C ALA E 502 12.14 4.04 -7.29
N VAL E 503 10.84 4.31 -7.53
CA VAL E 503 9.82 4.43 -6.50
C VAL E 503 8.87 3.16 -6.48
N GLU E 504 9.28 2.03 -7.16
CA GLU E 504 8.58 0.73 -7.25
C GLU E 504 9.54 -0.34 -7.81
N GLN F 3 63.70 -20.87 2.40
CA GLN F 3 63.22 -19.67 1.74
C GLN F 3 61.69 -19.50 1.85
N ILE F 4 60.86 -20.57 1.60
CA ILE F 4 59.39 -20.54 1.84
C ILE F 4 59.15 -20.92 3.31
N ASP F 5 58.76 -19.92 4.14
CA ASP F 5 58.49 -20.10 5.58
C ASP F 5 57.23 -19.35 5.97
N PHE F 6 56.11 -20.09 6.08
CA PHE F 6 54.80 -19.56 6.39
C PHE F 6 54.69 -18.98 7.77
N ARG F 7 55.71 -19.20 8.62
CA ARG F 7 55.72 -18.59 9.93
C ARG F 7 55.84 -17.07 9.76
N LYS F 8 56.55 -16.62 8.71
CA LYS F 8 56.78 -15.22 8.33
C LYS F 8 55.57 -14.54 7.70
N LYS F 9 54.67 -15.33 7.11
CA LYS F 9 53.48 -14.79 6.46
C LYS F 9 52.22 -14.87 7.35
N ILE F 10 52.00 -16.01 8.05
CA ILE F 10 50.86 -16.14 8.96
C ILE F 10 51.21 -15.40 10.26
N ASN F 11 50.93 -14.10 10.25
CA ASN F 11 51.22 -13.15 11.33
C ASN F 11 49.99 -13.00 12.24
N TRP F 12 50.15 -13.48 13.48
CA TRP F 12 49.06 -13.48 14.46
C TRP F 12 49.00 -12.21 15.34
N HIS F 13 49.78 -11.18 15.00
CA HIS F 13 49.77 -9.90 15.73
C HIS F 13 48.64 -9.04 15.21
N ARG F 14 48.22 -8.07 16.02
CA ARG F 14 47.15 -7.12 15.74
C ARG F 14 47.72 -5.70 15.66
N ARG F 15 46.95 -4.73 15.08
CA ARG F 15 47.40 -3.34 14.97
C ARG F 15 47.40 -2.67 16.33
N TYR F 16 46.25 -2.73 17.01
CA TYR F 16 46.04 -2.16 18.34
C TYR F 16 46.04 -3.31 19.35
N ARG F 17 46.48 -3.01 20.62
CA ARG F 17 46.61 -3.93 21.78
C ARG F 17 46.89 -5.36 21.30
N SER F 18 48.06 -5.52 20.71
CA SER F 18 48.50 -6.74 20.05
C SER F 18 48.95 -7.85 20.95
N PRO F 19 48.69 -9.15 20.59
CA PRO F 19 49.28 -10.25 21.37
C PRO F 19 50.80 -10.26 21.13
N GLN F 20 51.58 -10.50 22.18
CA GLN F 20 53.02 -10.45 22.01
C GLN F 20 53.65 -11.69 22.57
N GLY F 21 54.90 -11.89 22.20
CA GLY F 21 55.68 -12.97 22.76
C GLY F 21 55.71 -14.24 21.96
N VAL F 22 56.05 -15.33 22.66
CA VAL F 22 56.15 -16.68 22.16
C VAL F 22 54.83 -17.32 22.55
N LYS F 23 54.18 -17.97 21.61
CA LYS F 23 52.86 -18.54 21.82
C LYS F 23 52.88 -20.00 21.41
N THR F 24 52.09 -20.85 22.10
CA THR F 24 51.87 -22.28 21.87
C THR F 24 51.10 -22.41 20.55
N GLU F 25 51.14 -23.60 19.89
CA GLU F 25 50.35 -23.89 18.69
C GLU F 25 48.89 -23.57 19.00
N HIS F 26 48.46 -23.97 20.24
CA HIS F 26 47.13 -23.77 20.75
C HIS F 26 46.85 -22.28 21.00
N GLU F 27 47.83 -21.55 21.57
CA GLU F 27 47.69 -20.12 21.84
C GLU F 27 47.42 -19.36 20.53
N ILE F 28 48.20 -19.64 19.47
CA ILE F 28 48.05 -19.03 18.14
C ILE F 28 46.70 -19.41 17.54
N LEU F 29 46.28 -20.67 17.78
CA LEU F 29 44.99 -21.16 17.28
C LEU F 29 43.85 -20.30 17.83
N ARG F 30 43.84 -20.09 19.16
CA ARG F 30 42.81 -19.29 19.82
C ARG F 30 42.77 -17.84 19.32
N ILE F 31 43.94 -17.28 18.89
CA ILE F 31 44.06 -15.92 18.31
C ILE F 31 43.25 -15.86 17.02
N PHE F 32 43.46 -16.86 16.13
CA PHE F 32 42.79 -16.94 14.85
C PHE F 32 41.35 -17.33 14.97
N GLU F 33 40.99 -18.05 16.07
CA GLU F 33 39.60 -18.42 16.33
C GLU F 33 38.83 -17.21 16.84
N SER F 34 39.55 -16.25 17.48
CA SER F 34 38.96 -15.01 17.98
C SER F 34 38.59 -14.14 16.78
N ASP F 35 39.45 -14.14 15.75
CA ASP F 35 39.20 -13.41 14.49
C ASP F 35 37.90 -13.91 13.86
N ARG F 36 37.70 -15.24 13.82
CA ARG F 36 36.51 -15.88 13.25
C ARG F 36 35.26 -15.36 13.91
N GLY F 37 35.28 -15.32 15.24
CA GLY F 37 34.20 -14.83 16.06
C GLY F 37 33.88 -13.38 15.75
N ARG F 38 34.92 -12.52 15.63
CA ARG F 38 34.80 -11.10 15.31
C ARG F 38 34.03 -10.91 13.99
N ILE F 39 34.50 -11.57 12.91
CA ILE F 39 33.94 -11.53 11.56
C ILE F 39 32.50 -12.08 11.51
N ILE F 40 32.26 -13.29 12.06
CA ILE F 40 30.95 -13.96 12.03
C ILE F 40 29.88 -13.16 12.78
N ASN F 41 30.26 -12.60 13.95
CA ASN F 41 29.32 -11.80 14.73
C ASN F 41 29.33 -10.32 14.32
N SER F 42 30.00 -9.97 13.19
CA SER F 42 30.09 -8.60 12.69
C SER F 42 28.85 -8.15 11.98
N PRO F 43 28.37 -6.90 12.23
CA PRO F 43 27.19 -6.38 11.51
C PRO F 43 27.43 -6.23 10.03
N ALA F 44 28.68 -5.93 9.65
CA ALA F 44 29.10 -5.84 8.25
C ALA F 44 28.78 -7.14 7.49
N ILE F 45 28.96 -8.30 8.18
CA ILE F 45 28.60 -9.60 7.62
C ILE F 45 27.07 -9.82 7.66
N ARG F 46 26.37 -9.46 8.75
CA ARG F 46 24.91 -9.61 8.82
C ARG F 46 24.20 -8.80 7.74
N ARG F 47 24.79 -7.63 7.37
CA ARG F 47 24.28 -6.72 6.34
C ARG F 47 24.24 -7.40 4.98
N LEU F 48 25.06 -8.44 4.76
CA LEU F 48 25.12 -9.17 3.50
C LEU F 48 23.84 -9.89 3.14
N GLN F 49 23.03 -10.30 4.13
CA GLN F 49 21.80 -11.02 3.78
C GLN F 49 20.73 -10.09 3.19
N GLN F 50 20.97 -8.79 3.27
CA GLN F 50 20.10 -7.76 2.75
C GLN F 50 20.64 -7.21 1.43
N LYS F 51 21.92 -7.50 1.10
CA LYS F 51 22.53 -7.11 -0.18
C LYS F 51 22.32 -8.27 -1.17
N THR F 52 21.99 -7.95 -2.45
CA THR F 52 21.64 -8.96 -3.45
C THR F 52 22.80 -9.44 -4.35
N GLN F 53 22.79 -10.73 -4.68
CA GLN F 53 23.69 -11.42 -5.61
C GLN F 53 22.71 -11.70 -6.77
N VAL F 54 22.95 -11.06 -7.93
CA VAL F 54 22.17 -11.17 -9.19
C VAL F 54 20.67 -10.79 -9.06
N PHE F 55 19.77 -11.77 -8.70
CA PHE F 55 18.32 -11.60 -8.61
C PHE F 55 17.83 -10.83 -7.41
N PRO F 56 16.79 -9.98 -7.57
CA PRO F 56 16.25 -9.23 -6.43
C PRO F 56 15.71 -10.11 -5.32
N LEU F 57 15.77 -9.57 -4.10
CA LEU F 57 15.37 -10.26 -2.88
C LEU F 57 13.83 -10.47 -2.84
N GLU F 58 13.40 -11.73 -2.91
CA GLU F 58 11.97 -12.11 -2.94
C GLU F 58 11.57 -12.75 -1.61
N ARG F 59 10.26 -13.07 -1.40
CA ARG F 59 9.79 -13.72 -0.16
C ARG F 59 9.81 -15.27 -0.23
N ALA F 61 12.29 -16.63 -1.95
CA ALA F 61 13.17 -16.72 -0.78
C ALA F 61 14.43 -17.62 -0.89
N ALA F 62 14.36 -18.69 -1.75
CA ALA F 62 15.36 -19.73 -1.92
C ALA F 62 16.58 -19.25 -2.68
N VAL F 63 16.51 -18.01 -3.19
CA VAL F 63 17.53 -17.28 -3.93
C VAL F 63 18.77 -16.94 -3.06
N ARG F 64 19.90 -16.80 -3.71
CA ARG F 64 21.13 -16.43 -3.05
C ARG F 64 21.26 -14.90 -2.90
N THR F 65 21.73 -14.50 -1.71
CA THR F 65 22.05 -13.12 -1.33
C THR F 65 23.57 -13.09 -1.30
N ARG F 66 24.16 -11.90 -1.06
CA ARG F 66 25.60 -11.81 -0.98
C ARG F 66 26.13 -12.72 0.14
N LEU F 67 25.37 -12.86 1.26
CA LEU F 67 25.76 -13.73 2.37
C LEU F 67 25.77 -15.20 2.02
N THR F 68 24.67 -15.72 1.46
CA THR F 68 24.61 -17.14 1.13
C THR F 68 25.62 -17.51 0.10
N HIS F 69 25.91 -16.60 -0.84
CA HIS F 69 26.95 -16.87 -1.85
C HIS F 69 28.31 -16.88 -1.14
N SER F 70 28.63 -15.83 -0.38
CA SER F 70 29.90 -15.74 0.35
C SER F 70 30.15 -17.01 1.21
N MET F 71 29.09 -17.58 1.78
CA MET F 71 29.08 -18.80 2.59
C MET F 71 29.50 -20.03 1.76
N GLU F 72 29.01 -20.10 0.49
CA GLU F 72 29.31 -21.16 -0.46
C GLU F 72 30.76 -21.02 -0.95
N VAL F 73 31.28 -19.76 -1.14
CA VAL F 73 32.67 -19.48 -1.56
C VAL F 73 33.60 -19.99 -0.47
N GLN F 74 33.24 -19.69 0.81
CA GLN F 74 33.95 -20.11 2.01
C GLN F 74 34.16 -21.63 1.96
N GLN F 75 33.14 -22.40 1.60
CA GLN F 75 33.27 -23.84 1.47
C GLN F 75 34.30 -24.22 0.38
N VAL F 76 34.25 -23.60 -0.82
CA VAL F 76 35.21 -23.88 -1.92
C VAL F 76 36.64 -23.58 -1.44
N GLY F 77 36.83 -22.42 -0.80
CA GLY F 77 38.10 -21.96 -0.24
C GLY F 77 38.67 -22.94 0.76
N ARG F 78 37.81 -23.46 1.66
CA ARG F 78 38.16 -24.46 2.67
C ARG F 78 38.68 -25.70 1.91
N TYR F 79 37.88 -26.24 0.97
CA TYR F 79 38.25 -27.38 0.16
C TYR F 79 39.62 -27.22 -0.53
N ILE F 80 39.87 -26.03 -1.16
CA ILE F 80 41.15 -25.75 -1.83
C ILE F 80 42.29 -25.77 -0.82
N ALA F 81 42.17 -24.98 0.28
CA ALA F 81 43.19 -24.90 1.33
C ALA F 81 43.47 -26.28 1.93
N LYS F 82 42.40 -27.06 2.19
CA LYS F 82 42.51 -28.42 2.74
C LYS F 82 43.25 -29.34 1.78
N GLU F 83 43.06 -29.12 0.47
CA GLU F 83 43.74 -29.89 -0.56
C GLU F 83 45.23 -29.52 -0.63
N ILE F 84 45.54 -28.19 -0.60
CA ILE F 84 46.91 -27.69 -0.66
C ILE F 84 47.68 -28.32 0.50
N LEU F 85 47.05 -28.41 1.68
CA LEU F 85 47.70 -28.96 2.85
C LEU F 85 47.84 -30.48 2.82
N SER F 86 46.84 -31.20 2.28
CA SER F 86 46.89 -32.66 2.16
C SER F 86 47.98 -33.05 1.19
N ARG F 87 48.12 -32.28 0.09
CA ARG F 87 49.13 -32.51 -0.93
C ARG F 87 50.53 -32.23 -0.37
N LEU F 88 50.72 -31.07 0.28
CA LEU F 88 51.95 -30.66 0.93
C LEU F 88 52.42 -31.70 1.94
N LYS F 89 51.48 -32.30 2.69
CA LYS F 89 51.74 -33.35 3.68
C LYS F 89 52.27 -34.59 2.98
N GLU F 90 51.62 -35.02 1.87
CA GLU F 90 52.05 -36.18 1.05
C GLU F 90 53.44 -35.95 0.48
N LEU F 91 53.76 -34.69 0.11
CA LEU F 91 55.05 -34.26 -0.43
C LEU F 91 56.13 -34.07 0.65
N LYS F 92 55.74 -34.18 1.93
CA LYS F 92 56.59 -34.04 3.12
C LYS F 92 57.14 -32.59 3.30
N LEU F 93 56.52 -31.64 2.61
CA LEU F 93 56.89 -30.23 2.60
C LEU F 93 56.25 -29.41 3.70
N LEU F 94 55.22 -29.93 4.37
CA LEU F 94 54.47 -29.22 5.42
C LEU F 94 55.38 -28.64 6.52
N GLU F 95 56.30 -29.47 7.05
CA GLU F 95 57.23 -29.06 8.09
C GLU F 95 58.26 -28.10 7.50
N ALA F 96 58.69 -28.38 6.27
CA ALA F 96 59.69 -27.62 5.52
C ALA F 96 59.25 -26.18 5.22
N TYR F 97 57.95 -25.97 5.08
CA TYR F 97 57.38 -24.65 4.79
C TYR F 97 56.88 -23.91 6.03
N GLY F 98 57.04 -24.50 7.20
CA GLY F 98 56.65 -23.91 8.48
C GLY F 98 55.18 -24.01 8.85
N LEU F 99 54.40 -24.63 7.95
CA LEU F 99 52.98 -24.84 8.08
C LEU F 99 52.57 -25.92 9.05
N ASP F 100 53.50 -26.73 9.59
CA ASP F 100 53.16 -27.85 10.49
C ASP F 100 52.33 -27.41 11.72
N GLU F 101 52.64 -26.24 12.29
CA GLU F 101 51.89 -25.74 13.44
C GLU F 101 50.75 -24.77 13.05
N LEU F 102 50.94 -23.99 11.98
CA LEU F 102 49.97 -23.01 11.43
C LEU F 102 48.98 -23.62 10.43
N THR F 103 48.74 -24.92 10.56
CA THR F 103 47.89 -25.72 9.71
C THR F 103 46.43 -25.21 9.74
N GLY F 104 45.89 -25.01 10.93
CA GLY F 104 44.55 -24.48 11.16
C GLY F 104 44.39 -23.03 10.72
N PRO F 105 45.23 -22.09 11.24
CA PRO F 105 45.17 -20.70 10.77
C PRO F 105 45.22 -20.56 9.25
N PHE F 106 46.00 -21.41 8.56
CA PHE F 106 46.05 -21.42 7.11
C PHE F 106 44.63 -21.59 6.50
N GLU F 107 43.92 -22.69 6.85
CA GLU F 107 42.57 -22.89 6.33
C GLU F 107 41.56 -21.86 6.91
N SER F 108 41.78 -21.37 8.17
CA SER F 108 40.89 -20.37 8.78
C SER F 108 40.97 -19.00 8.06
N ILE F 109 42.20 -18.53 7.75
CA ILE F 109 42.43 -17.27 7.03
C ILE F 109 41.74 -17.33 5.66
N VAL F 110 41.92 -18.44 4.92
CA VAL F 110 41.30 -18.64 3.62
C VAL F 110 39.79 -18.52 3.73
N GLU F 111 39.20 -19.26 4.69
CA GLU F 111 37.76 -19.27 4.97
C GLU F 111 37.22 -17.86 5.28
N MET F 112 37.86 -17.13 6.20
CA MET F 112 37.35 -15.80 6.56
C MET F 112 37.57 -14.78 5.46
N SER F 113 38.65 -14.91 4.65
CA SER F 113 38.90 -14.00 3.55
C SER F 113 37.85 -14.22 2.47
N CYS F 114 37.30 -15.45 2.39
CA CYS F 114 36.23 -15.81 1.47
C CYS F 114 34.92 -15.18 1.92
N LEU F 115 34.61 -15.30 3.20
CA LEU F 115 33.39 -14.70 3.74
C LEU F 115 33.43 -13.17 3.59
N MET F 116 34.60 -12.54 3.81
CA MET F 116 34.77 -11.09 3.72
C MET F 116 34.99 -10.56 2.30
N HIS F 117 35.23 -11.44 1.27
CA HIS F 117 35.30 -10.96 -0.11
C HIS F 117 33.82 -10.60 -0.23
N ASP F 118 33.50 -9.45 -0.77
CA ASP F 118 32.11 -8.90 -0.96
C ASP F 118 31.64 -7.93 0.17
N ILE F 119 32.38 -7.84 1.29
CA ILE F 119 32.02 -6.98 2.42
C ILE F 119 31.98 -5.48 2.07
N GLY F 120 32.94 -5.03 1.26
CA GLY F 120 33.06 -3.64 0.84
C GLY F 120 32.18 -3.23 -0.32
N ASN F 121 31.49 -4.20 -0.96
CA ASN F 121 30.62 -3.96 -2.10
C ASN F 121 29.47 -3.01 -1.76
N PRO F 122 29.22 -1.97 -2.62
CA PRO F 122 28.18 -0.98 -2.32
C PRO F 122 26.77 -1.53 -2.59
N PRO F 123 25.68 -0.80 -2.20
CA PRO F 123 24.35 -1.32 -2.48
C PRO F 123 24.09 -1.89 -3.87
N PHE F 124 24.28 -1.25 -5.00
CA PHE F 124 23.78 -2.11 -6.09
C PHE F 124 24.88 -2.76 -6.93
N GLY F 125 25.94 -3.21 -6.23
CA GLY F 125 27.12 -3.85 -6.79
C GLY F 125 27.86 -3.03 -7.83
N HIS F 126 28.12 -3.62 -9.01
CA HIS F 126 28.85 -2.90 -10.04
C HIS F 126 28.12 -1.68 -10.53
N PHE F 127 26.82 -1.58 -10.23
CA PHE F 127 26.00 -0.42 -10.58
C PHE F 127 26.00 0.66 -9.52
N GLY F 128 26.27 0.26 -8.27
CA GLY F 128 26.42 1.15 -7.13
C GLY F 128 27.75 1.83 -7.30
N GLU F 129 28.79 1.02 -7.69
CA GLU F 129 30.17 1.42 -8.00
C GLU F 129 30.08 2.47 -9.10
N ALA F 130 29.41 2.09 -10.21
CA ALA F 130 29.17 2.90 -11.40
C ALA F 130 28.64 4.26 -10.99
N ALA F 131 27.48 4.29 -10.31
CA ALA F 131 26.82 5.50 -9.85
C ALA F 131 27.74 6.45 -9.08
N ILE F 132 28.51 5.92 -8.06
CA ILE F 132 29.45 6.65 -7.22
C ILE F 132 30.52 7.33 -8.07
N ASN F 133 31.25 6.53 -8.85
CA ASN F 133 32.34 7.00 -9.71
C ASN F 133 31.90 7.98 -10.75
N ASP F 134 30.75 7.73 -11.38
CA ASP F 134 30.23 8.61 -12.40
C ASP F 134 29.81 9.93 -11.81
N TRP F 135 29.20 9.92 -10.60
CA TRP F 135 28.77 11.13 -9.92
C TRP F 135 29.96 11.99 -9.52
N PHE F 136 31.00 11.35 -8.95
CA PHE F 136 32.20 12.03 -8.51
C PHE F 136 33.05 12.49 -9.68
N ARG F 137 33.01 11.74 -10.80
CA ARG F 137 33.72 12.10 -12.02
C ARG F 137 33.20 13.41 -12.59
N GLN F 138 31.87 13.57 -12.58
CA GLN F 138 31.24 14.79 -13.08
C GLN F 138 31.46 15.99 -12.13
N ARG F 139 31.88 15.75 -10.86
CA ARG F 139 32.17 16.84 -9.93
C ARG F 139 33.61 17.30 -10.10
N LEU F 140 34.56 16.39 -9.87
CA LEU F 140 36.00 16.66 -9.96
C LEU F 140 36.61 15.86 -11.12
N HIS F 141 36.60 16.40 -12.35
CA HIS F 141 37.08 15.71 -13.56
C HIS F 141 38.54 15.23 -13.47
N PRO F 142 38.79 13.90 -13.27
CA PRO F 142 40.19 13.44 -13.12
C PRO F 142 40.97 13.35 -14.43
N GLU F 143 40.24 13.41 -15.56
CA GLU F 143 40.73 13.41 -16.94
C GLU F 143 41.72 14.57 -17.15
N ASP F 144 41.41 15.73 -16.53
CA ASP F 144 42.14 16.99 -16.60
C ASP F 144 43.43 17.04 -15.81
N ALA F 145 43.56 16.23 -14.75
CA ALA F 145 44.76 16.28 -13.91
C ALA F 145 45.97 15.46 -14.44
N GLU F 146 45.77 14.57 -15.45
CA GLU F 146 46.85 13.75 -16.01
C GLU F 146 47.88 14.61 -16.73
N ARG F 154 37.96 21.61 -15.76
CA ARG F 154 36.53 21.32 -15.56
C ARG F 154 36.12 21.02 -14.10
N CYS F 155 37.07 20.58 -13.27
CA CYS F 155 36.84 20.25 -11.85
C CYS F 155 36.14 21.40 -11.12
N SER F 156 34.97 21.13 -10.52
CA SER F 156 34.14 22.10 -9.82
C SER F 156 34.72 22.52 -8.46
N VAL F 157 35.46 21.63 -7.79
CA VAL F 157 36.08 21.88 -6.47
C VAL F 157 37.25 22.84 -6.64
N ALA F 158 37.04 24.11 -6.22
CA ALA F 158 38.03 25.19 -6.32
C ALA F 158 39.41 24.86 -5.75
N ALA F 159 39.44 24.14 -4.62
CA ALA F 159 40.66 23.74 -3.93
C ALA F 159 41.47 22.72 -4.74
N LEU F 160 40.77 21.79 -5.41
CA LEU F 160 41.32 20.67 -6.18
C LEU F 160 41.71 21.00 -7.65
N ARG F 161 41.36 22.21 -8.16
CA ARG F 161 41.72 22.65 -9.51
C ARG F 161 43.25 22.88 -9.53
N LEU F 162 43.95 22.35 -10.55
CA LEU F 162 45.42 22.50 -10.72
C LEU F 162 45.89 24.02 -10.89
N GLY F 165 48.84 27.75 -11.63
CA GLY F 165 50.05 28.18 -12.31
C GLY F 165 51.09 27.07 -12.25
N GLU F 166 51.73 26.94 -11.08
CA GLU F 166 52.72 25.90 -10.75
C GLU F 166 52.20 25.09 -9.53
N GLU F 167 53.12 24.45 -8.70
CA GLU F 167 52.95 23.70 -7.42
C GLU F 167 53.21 22.14 -7.46
N PRO F 168 53.91 21.56 -6.44
CA PRO F 168 54.04 20.09 -6.35
C PRO F 168 52.81 19.55 -5.59
N LEU F 169 52.07 20.51 -4.99
CA LEU F 169 50.79 20.41 -4.28
C LEU F 169 49.77 19.89 -5.27
N ASN F 170 50.01 20.15 -6.58
CA ASN F 170 49.21 19.70 -7.72
C ASN F 170 49.18 18.18 -7.80
N GLU F 171 50.26 17.52 -7.33
CA GLU F 171 50.34 16.06 -7.31
C GLU F 171 49.33 15.48 -6.32
N LEU F 172 49.07 16.21 -5.20
CA LEU F 172 48.06 15.75 -4.23
C LEU F 172 46.69 15.85 -4.87
N ARG F 173 46.43 16.95 -5.60
CA ARG F 173 45.19 17.20 -6.34
C ARG F 173 44.90 16.04 -7.33
N ARG F 174 45.93 15.63 -8.11
CA ARG F 174 45.89 14.53 -9.08
C ARG F 174 45.48 13.23 -8.37
N LYS F 175 46.21 12.89 -7.28
CA LYS F 175 45.97 11.72 -6.45
C LYS F 175 44.51 11.74 -5.88
N ILE F 176 44.11 12.85 -5.22
CA ILE F 176 42.77 13.02 -4.64
C ILE F 176 41.67 12.89 -5.71
N ARG F 177 41.81 13.61 -6.84
CA ARG F 177 40.86 13.56 -7.95
C ARG F 177 40.67 12.14 -8.52
N GLN F 178 41.78 11.40 -8.71
CA GLN F 178 41.69 10.05 -9.28
C GLN F 178 41.14 9.06 -8.24
N ASP F 179 41.66 9.10 -7.01
CA ASP F 179 41.24 8.22 -5.93
C ASP F 179 39.72 8.27 -5.64
N LEU F 180 39.15 9.48 -5.62
CA LEU F 180 37.73 9.69 -5.35
C LEU F 180 36.83 9.19 -6.46
N CYS F 181 37.37 9.11 -7.68
CA CYS F 181 36.63 8.60 -8.84
C CYS F 181 36.90 7.12 -9.08
N HIS F 182 37.64 6.50 -8.15
CA HIS F 182 37.99 5.10 -8.28
C HIS F 182 37.54 4.30 -7.08
N PHE F 183 36.27 4.43 -6.75
CA PHE F 183 35.66 3.64 -5.71
C PHE F 183 35.68 2.17 -6.22
N GLU F 184 36.07 1.24 -5.36
CA GLU F 184 36.10 -0.19 -5.65
C GLU F 184 35.80 -0.95 -4.36
N GLY F 185 34.82 -1.85 -4.40
CA GLY F 185 34.44 -2.67 -3.26
C GLY F 185 35.61 -3.30 -2.51
N ASN F 186 36.63 -3.79 -3.26
CA ASN F 186 37.85 -4.41 -2.70
C ASN F 186 38.59 -3.43 -1.77
N ALA F 187 38.78 -2.19 -2.24
CA ALA F 187 39.47 -1.14 -1.51
C ALA F 187 38.65 -0.70 -0.31
N GLN F 188 37.31 -0.62 -0.52
CA GLN F 188 36.34 -0.24 0.50
C GLN F 188 36.29 -1.24 1.61
N GLY F 189 36.53 -2.50 1.27
CA GLY F 189 36.60 -3.60 2.24
C GLY F 189 37.73 -3.38 3.23
N ILE F 190 38.93 -2.98 2.72
CA ILE F 190 40.12 -2.67 3.54
C ILE F 190 39.84 -1.45 4.44
N ARG F 191 39.21 -0.42 3.86
CA ARG F 191 38.81 0.79 4.57
C ARG F 191 37.85 0.42 5.70
N LEU F 192 36.88 -0.39 5.37
CA LEU F 192 35.86 -0.87 6.26
C LEU F 192 36.42 -1.72 7.39
N VAL F 193 37.29 -2.71 7.11
CA VAL F 193 37.81 -3.56 8.21
C VAL F 193 38.73 -2.79 9.15
N HIS F 194 39.42 -1.80 8.60
CA HIS F 194 40.34 -1.05 9.40
C HIS F 194 39.72 0.20 10.07
N THR F 195 39.46 1.25 9.27
CA THR F 195 39.02 2.57 9.73
C THR F 195 37.60 2.61 10.23
N LEU F 196 36.69 1.89 9.57
CA LEU F 196 35.27 1.97 9.90
C LEU F 196 34.79 0.97 10.94
N MET F 197 34.89 -0.33 10.70
CA MET F 197 34.44 -1.39 11.62
C MET F 197 35.34 -1.53 12.84
N ARG F 198 36.61 -1.07 12.71
CA ARG F 198 37.65 -1.11 13.75
C ARG F 198 37.72 -2.53 14.40
N MET F 199 37.69 -3.58 13.54
CA MET F 199 37.64 -4.99 13.91
C MET F 199 38.88 -5.53 14.63
N ASN F 200 40.06 -4.85 14.47
CA ASN F 200 41.37 -5.22 15.03
C ASN F 200 41.73 -6.68 14.74
N LEU F 201 41.57 -7.06 13.48
CA LEU F 201 41.92 -8.38 13.00
C LEU F 201 43.49 -8.56 13.00
N THR F 202 43.95 -9.82 12.80
CA THR F 202 45.37 -10.11 12.71
C THR F 202 45.86 -9.62 11.37
N TRP F 203 47.17 -9.29 11.28
CA TRP F 203 47.77 -8.83 10.04
C TRP F 203 47.54 -9.83 8.91
N ALA F 204 47.70 -11.14 9.21
CA ALA F 204 47.48 -12.23 8.27
C ALA F 204 46.06 -12.24 7.75
N GLN F 205 45.07 -11.93 8.61
CA GLN F 205 43.67 -11.93 8.24
C GLN F 205 43.34 -10.80 7.28
N VAL F 206 43.94 -9.63 7.53
CA VAL F 206 43.80 -8.44 6.69
C VAL F 206 44.46 -8.66 5.32
N GLY F 207 45.63 -9.31 5.34
CA GLY F 207 46.36 -9.64 4.14
C GLY F 207 45.55 -10.44 3.14
N GLY F 208 44.77 -11.38 3.66
CA GLY F 208 43.90 -12.23 2.86
C GLY F 208 42.80 -11.50 2.10
N ILE F 209 42.42 -10.28 2.56
CA ILE F 209 41.34 -9.55 1.89
C ILE F 209 41.89 -8.44 0.95
N LEU F 210 43.23 -8.34 0.83
CA LEU F 210 43.85 -7.41 -0.12
C LEU F 210 44.08 -8.22 -1.40
N LYS F 211 43.04 -8.24 -2.29
CA LYS F 211 43.01 -8.97 -3.56
C LYS F 211 43.77 -8.26 -4.67
N TYR F 212 43.77 -6.92 -4.67
CA TYR F 212 44.51 -6.17 -5.68
C TYR F 212 45.52 -5.25 -5.00
N THR F 213 46.59 -4.86 -5.72
CA THR F 213 47.67 -4.06 -5.14
C THR F 213 47.78 -2.69 -5.75
N ARG F 214 46.88 -2.35 -6.68
CA ARG F 214 46.91 -1.05 -7.32
C ARG F 214 46.33 0.02 -6.39
N PRO F 215 47.07 1.12 -6.16
CA PRO F 215 46.52 2.24 -5.37
C PRO F 215 45.40 2.88 -6.21
N ALA F 216 44.25 3.27 -5.60
CA ALA F 216 43.12 3.83 -6.36
C ALA F 216 43.49 5.06 -7.21
N TRP F 217 44.35 5.93 -6.66
CA TRP F 217 44.84 7.15 -7.29
C TRP F 217 45.72 6.93 -8.51
N TRP F 218 46.18 5.68 -8.75
CA TRP F 218 47.06 5.31 -9.87
C TRP F 218 46.51 5.83 -11.14
N ARG F 219 47.39 6.49 -11.92
CA ARG F 219 47.00 7.10 -13.19
C ARG F 219 47.66 6.44 -14.40
N GLY F 220 48.92 6.04 -14.25
CA GLY F 220 49.69 5.42 -15.32
C GLY F 220 49.15 4.10 -15.80
N GLU F 221 49.96 3.43 -16.61
CA GLU F 221 49.73 2.11 -17.13
C GLU F 221 50.52 1.20 -16.17
N THR F 222 49.84 0.26 -15.48
CA THR F 222 50.43 -0.68 -14.53
C THR F 222 51.71 -1.39 -15.06
N PRO F 223 52.77 -1.61 -14.24
CA PRO F 223 53.95 -2.30 -14.78
C PRO F 223 53.66 -3.73 -15.17
N GLU F 224 54.20 -4.15 -16.32
CA GLU F 224 54.09 -5.48 -16.93
C GLU F 224 54.32 -6.62 -15.95
N THR F 225 55.26 -6.43 -15.00
CA THR F 225 55.68 -7.30 -13.91
C THR F 225 54.53 -7.64 -12.96
N HIS F 226 53.66 -6.63 -12.66
CA HIS F 226 52.51 -6.72 -11.76
C HIS F 226 51.20 -6.30 -12.45
N HIS F 227 51.13 -6.44 -13.78
CA HIS F 227 49.99 -6.07 -14.63
C HIS F 227 48.68 -6.67 -14.16
N TYR F 228 48.75 -7.91 -13.69
CA TYR F 228 47.60 -8.68 -13.23
C TYR F 228 47.17 -8.33 -11.81
N LEU F 229 48.13 -8.29 -10.87
CA LEU F 229 47.85 -7.98 -9.47
C LEU F 229 47.27 -6.56 -9.32
N MET F 230 47.62 -5.66 -10.24
CA MET F 230 47.18 -4.28 -10.25
C MET F 230 45.96 -4.04 -11.21
N LYS F 231 45.25 -5.12 -11.58
CA LYS F 231 44.05 -5.19 -12.46
C LYS F 231 42.99 -4.11 -12.10
N LYS F 232 42.59 -4.07 -10.83
CA LYS F 232 41.59 -3.17 -10.23
C LYS F 232 42.26 -2.44 -9.02
N PRO F 233 41.68 -1.34 -8.47
CA PRO F 233 42.31 -0.71 -7.31
C PRO F 233 42.06 -1.55 -6.07
N GLY F 234 43.12 -1.76 -5.29
CA GLY F 234 43.07 -2.57 -4.08
C GLY F 234 42.96 -1.83 -2.77
N TYR F 235 43.35 -0.53 -2.76
CA TYR F 235 43.33 0.31 -1.56
C TYR F 235 43.30 1.80 -1.89
N TYR F 236 42.67 2.59 -1.00
CA TYR F 236 42.60 4.05 -1.18
C TYR F 236 43.82 4.83 -0.64
N LEU F 237 43.89 6.12 -1.01
CA LEU F 237 44.89 7.09 -0.59
C LEU F 237 44.84 7.26 0.92
N SER F 238 43.65 7.09 1.52
CA SER F 238 43.45 7.17 2.96
C SER F 238 44.09 6.01 3.69
N GLU F 239 44.04 4.81 3.09
CA GLU F 239 44.59 3.59 3.65
C GLU F 239 46.06 3.38 3.31
N GLU F 240 46.68 4.34 2.59
CA GLU F 240 48.07 4.27 2.12
C GLU F 240 49.02 3.83 3.23
N ALA F 241 48.92 4.50 4.39
CA ALA F 241 49.74 4.24 5.57
C ALA F 241 49.49 2.88 6.19
N TYR F 242 48.22 2.45 6.25
CA TYR F 242 47.81 1.18 6.81
C TYR F 242 48.43 0.03 6.04
N ILE F 243 48.23 0.05 4.71
CA ILE F 243 48.78 -0.92 3.76
C ILE F 243 50.28 -0.93 3.89
N ALA F 244 50.90 0.25 4.05
CA ALA F 244 52.34 0.34 4.22
C ALA F 244 52.80 -0.46 5.43
N ARG F 245 51.99 -0.49 6.54
CA ARG F 245 52.35 -1.27 7.73
C ARG F 245 52.06 -2.74 7.49
N LEU F 246 50.91 -3.05 6.87
CA LEU F 246 50.50 -4.40 6.51
C LEU F 246 51.60 -5.08 5.67
N ARG F 247 52.16 -4.34 4.68
CA ARG F 247 53.25 -4.78 3.81
C ARG F 247 54.45 -5.15 4.65
N LYS F 248 54.82 -4.29 5.62
CA LYS F 248 55.94 -4.50 6.55
C LYS F 248 55.69 -5.78 7.39
N GLU F 249 54.49 -5.87 8.02
CA GLU F 249 54.06 -6.96 8.89
C GLU F 249 53.97 -8.31 8.18
N LEU F 250 53.61 -8.31 6.89
CA LEU F 250 53.47 -9.57 6.17
C LEU F 250 54.64 -9.84 5.22
N ASN F 251 55.74 -9.07 5.36
CA ASN F 251 56.97 -9.16 4.55
C ASN F 251 56.66 -9.20 3.05
N LEU F 252 55.78 -8.27 2.64
CA LEU F 252 55.31 -8.11 1.27
C LEU F 252 56.06 -6.99 0.58
N ALA F 253 56.50 -7.26 -0.65
CA ALA F 253 57.18 -6.29 -1.50
C ALA F 253 56.14 -5.25 -1.94
N LEU F 254 56.58 -4.10 -2.52
CA LEU F 254 55.62 -3.12 -3.00
C LEU F 254 54.81 -3.70 -4.18
N TYR F 255 53.46 -3.59 -4.06
CA TYR F 255 52.48 -4.11 -5.01
C TYR F 255 52.48 -5.65 -5.05
N SER F 256 52.94 -6.30 -3.97
CA SER F 256 52.93 -7.77 -3.87
C SER F 256 51.71 -8.16 -3.06
N ARG F 257 51.16 -9.33 -3.36
CA ARG F 257 49.94 -9.89 -2.76
C ARG F 257 50.24 -10.92 -1.62
N PHE F 258 49.28 -11.08 -0.68
CA PHE F 258 49.43 -12.06 0.39
C PHE F 258 49.29 -13.47 -0.20
N PRO F 259 50.20 -14.43 0.12
CA PRO F 259 50.13 -15.78 -0.51
C PRO F 259 48.78 -16.47 -0.55
N LEU F 260 48.02 -16.38 0.53
CA LEU F 260 46.75 -17.05 0.64
C LEU F 260 45.64 -16.46 -0.22
N THR F 261 45.75 -15.19 -0.65
CA THR F 261 44.73 -14.51 -1.47
C THR F 261 44.47 -15.25 -2.80
N TRP F 262 45.51 -15.87 -3.38
CA TRP F 262 45.38 -16.67 -4.59
C TRP F 262 44.37 -17.79 -4.44
N ILE F 263 44.21 -18.32 -3.21
CA ILE F 263 43.26 -19.40 -2.89
C ILE F 263 41.85 -18.81 -2.83
N MET F 264 41.63 -17.72 -2.05
CA MET F 264 40.32 -17.07 -1.95
C MET F 264 39.86 -16.65 -3.34
N GLU F 265 40.77 -16.13 -4.16
CA GLU F 265 40.49 -15.73 -5.53
C GLU F 265 40.02 -16.91 -6.38
N ALA F 266 40.74 -18.04 -6.34
CA ALA F 266 40.43 -19.26 -7.07
C ALA F 266 39.06 -19.80 -6.65
N ALA F 267 38.75 -19.71 -5.34
CA ALA F 267 37.49 -20.16 -4.75
C ALA F 267 36.37 -19.33 -5.25
N ASP F 268 36.62 -18.03 -5.40
CA ASP F 268 35.67 -17.05 -5.89
C ASP F 268 35.36 -17.27 -7.39
N ASP F 269 36.43 -17.57 -8.18
CA ASP F 269 36.38 -17.87 -9.61
C ASP F 269 35.48 -19.06 -9.91
N ILE F 270 35.57 -20.12 -9.09
CA ILE F 270 34.79 -21.34 -9.23
C ILE F 270 33.30 -21.07 -8.94
N SER F 271 33.03 -20.37 -7.83
CA SER F 271 31.67 -20.06 -7.33
C SER F 271 30.84 -19.12 -8.22
N TYR F 272 31.53 -18.23 -8.94
CA TYR F 272 31.02 -17.19 -9.80
C TYR F 272 29.59 -17.35 -10.36
N CYS F 273 29.36 -18.32 -11.27
CA CYS F 273 28.09 -18.46 -12.02
C CYS F 273 27.25 -19.62 -11.67
N VAL F 274 27.86 -20.81 -11.47
CA VAL F 274 27.15 -22.06 -11.22
C VAL F 274 25.99 -21.88 -10.25
N ALA F 275 26.18 -21.06 -9.23
CA ALA F 275 25.19 -20.72 -8.21
C ALA F 275 23.94 -20.07 -8.86
N ASP F 276 24.17 -19.07 -9.74
CA ASP F 276 23.20 -18.22 -10.42
C ASP F 276 22.43 -18.94 -11.52
N LEU F 277 23.00 -20.00 -12.12
CA LEU F 277 22.30 -20.81 -13.13
C LEU F 277 21.27 -21.65 -12.40
N GLU F 278 21.64 -22.17 -11.21
CA GLU F 278 20.81 -22.96 -10.28
C GLU F 278 19.60 -22.10 -9.82
N ASP F 279 19.85 -20.80 -9.60
CA ASP F 279 18.84 -19.82 -9.21
C ASP F 279 17.99 -19.41 -10.39
N ALA F 280 18.54 -19.46 -11.62
CA ALA F 280 17.80 -19.10 -12.83
C ALA F 280 16.73 -20.15 -13.11
N VAL F 281 17.05 -21.44 -12.85
CA VAL F 281 16.13 -22.57 -13.00
C VAL F 281 15.02 -22.46 -11.93
N GLU F 282 15.39 -22.07 -10.72
CA GLU F 282 14.50 -21.85 -9.57
C GLU F 282 13.51 -20.71 -9.93
N LYS F 283 14.03 -19.54 -10.37
CA LYS F 283 13.27 -18.37 -10.78
C LYS F 283 12.48 -18.61 -12.10
N ARG F 284 12.70 -19.79 -12.71
CA ARG F 284 12.08 -20.37 -13.91
C ARG F 284 12.40 -19.63 -15.22
N ILE F 285 13.65 -19.14 -15.39
CA ILE F 285 14.11 -18.48 -16.63
C ILE F 285 14.24 -19.54 -17.74
N PHE F 286 14.60 -20.77 -17.34
CA PHE F 286 14.72 -21.94 -18.20
C PHE F 286 14.65 -23.20 -17.35
N THR F 287 14.50 -24.35 -18.02
CA THR F 287 14.45 -25.67 -17.39
C THR F 287 15.87 -26.22 -17.36
N VAL F 288 16.12 -27.25 -16.52
CA VAL F 288 17.43 -27.91 -16.46
C VAL F 288 17.87 -28.41 -17.86
N GLU F 289 16.88 -28.89 -18.64
CA GLU F 289 17.02 -29.38 -20.01
C GLU F 289 17.51 -28.27 -20.94
N GLN F 290 16.81 -27.10 -20.91
CA GLN F 290 17.08 -25.88 -21.69
C GLN F 290 18.52 -25.43 -21.45
N LEU F 291 18.94 -25.48 -20.17
CA LEU F 291 20.28 -25.11 -19.72
C LEU F 291 21.33 -26.05 -20.29
N TYR F 292 21.10 -27.38 -20.17
CA TYR F 292 22.00 -28.40 -20.68
C TYR F 292 22.29 -28.13 -22.15
N HIS F 293 21.26 -27.67 -22.86
CA HIS F 293 21.36 -27.35 -24.27
C HIS F 293 22.24 -26.15 -24.55
N HIS F 294 22.09 -25.04 -23.79
CA HIS F 294 22.91 -23.84 -23.97
C HIS F 294 24.36 -24.05 -23.64
N LEU F 295 24.65 -24.93 -22.65
CA LEU F 295 26.00 -25.31 -22.28
C LEU F 295 26.63 -26.09 -23.47
N HIS F 296 25.84 -26.98 -24.09
CA HIS F 296 26.29 -27.73 -25.25
C HIS F 296 26.60 -26.76 -26.38
N GLU F 297 25.66 -25.83 -26.69
CA GLU F 297 25.82 -24.80 -27.72
C GLU F 297 27.16 -24.04 -27.60
N ALA F 298 27.53 -23.60 -26.38
CA ALA F 298 28.76 -22.86 -26.09
C ALA F 298 30.08 -23.63 -26.28
N TRP F 299 30.04 -24.95 -26.50
CA TRP F 299 31.26 -25.75 -26.68
C TRP F 299 31.15 -26.71 -27.88
N GLY F 305 35.55 -37.55 -25.19
CA GLY F 305 35.66 -37.66 -23.74
C GLY F 305 36.51 -36.61 -23.03
N SER F 306 36.25 -35.32 -23.33
CA SER F 306 36.95 -34.14 -22.77
C SER F 306 36.35 -33.73 -21.43
N LEU F 307 36.97 -32.73 -20.76
CA LEU F 307 36.54 -32.12 -19.48
C LEU F 307 35.05 -31.78 -19.47
N PHE F 308 34.53 -31.38 -20.63
CA PHE F 308 33.15 -31.02 -20.84
C PHE F 308 32.25 -32.23 -20.62
N SER F 309 32.56 -33.36 -21.28
CA SER F 309 31.80 -34.61 -21.17
C SER F 309 31.91 -35.08 -19.72
N LEU F 310 33.14 -35.02 -19.20
CA LEU F 310 33.50 -35.42 -17.88
C LEU F 310 32.76 -34.69 -16.77
N VAL F 311 32.43 -33.39 -16.96
CA VAL F 311 31.76 -32.59 -15.92
C VAL F 311 30.26 -32.39 -16.18
N VAL F 312 29.90 -31.72 -17.31
CA VAL F 312 28.50 -31.39 -17.61
C VAL F 312 27.69 -32.62 -18.04
N GLU F 313 28.10 -33.36 -19.12
CA GLU F 313 27.37 -34.52 -19.63
C GLU F 313 27.12 -35.51 -18.51
N ASN F 314 28.19 -35.90 -17.77
CA ASN F 314 28.21 -36.82 -16.63
C ASN F 314 27.13 -36.48 -15.60
N ALA F 315 27.01 -35.19 -15.23
CA ALA F 315 26.03 -34.69 -14.27
C ALA F 315 24.59 -34.78 -14.80
N TRP F 316 24.40 -34.60 -16.11
CA TRP F 316 23.09 -34.67 -16.75
C TRP F 316 22.55 -36.10 -16.73
N GLU F 317 23.44 -37.09 -16.97
CA GLU F 317 23.14 -38.51 -17.00
C GLU F 317 22.64 -39.00 -15.67
N LYS F 318 23.31 -38.57 -14.56
CA LYS F 318 22.93 -38.93 -13.19
C LYS F 318 21.49 -38.46 -12.92
N SER F 319 21.17 -37.19 -13.29
CA SER F 319 19.83 -36.61 -13.12
C SER F 319 18.81 -37.31 -14.01
N ARG F 320 18.85 -37.10 -15.35
CA ARG F 320 17.91 -37.77 -16.24
C ARG F 320 18.28 -39.25 -16.48
N ASP F 330 17.43 -30.71 -8.69
CA ASP F 330 18.51 -30.52 -7.69
C ASP F 330 19.65 -31.52 -7.90
N GLN F 331 19.30 -32.74 -8.37
CA GLN F 331 20.26 -33.81 -8.67
C GLN F 331 21.26 -33.39 -9.74
N PHE F 332 20.83 -32.58 -10.73
CA PHE F 332 21.73 -32.08 -11.78
C PHE F 332 22.74 -31.10 -11.21
N PHE F 333 22.28 -30.11 -10.46
CA PHE F 333 23.16 -29.11 -9.86
C PHE F 333 24.07 -29.69 -8.79
N MET F 334 23.57 -30.66 -7.97
CA MET F 334 24.36 -31.34 -6.95
C MET F 334 25.55 -32.02 -7.61
N TYR F 335 25.32 -32.68 -8.73
CA TYR F 335 26.38 -33.41 -9.41
C TYR F 335 27.16 -32.55 -10.38
N LEU F 336 26.64 -31.37 -10.76
CA LEU F 336 27.41 -30.46 -11.61
C LEU F 336 28.50 -29.85 -10.71
N ARG F 337 28.09 -29.33 -9.53
CA ARG F 337 28.94 -28.76 -8.50
C ARG F 337 30.05 -29.75 -8.14
N VAL F 338 29.69 -30.96 -7.70
CA VAL F 338 30.60 -32.03 -7.33
C VAL F 338 31.68 -32.22 -8.40
N ASN F 339 31.28 -32.59 -9.65
CA ASN F 339 32.15 -32.81 -10.80
C ASN F 339 33.10 -31.62 -11.03
N THR F 340 32.54 -30.39 -11.12
CA THR F 340 33.28 -29.13 -11.32
C THR F 340 34.38 -29.03 -10.28
N LEU F 341 34.00 -29.11 -9.00
CA LEU F 341 34.91 -29.02 -7.85
C LEU F 341 35.98 -30.11 -7.87
N ASN F 342 35.57 -31.38 -8.06
CA ASN F 342 36.48 -32.53 -8.08
C ASN F 342 37.52 -32.44 -9.17
N LYS F 343 37.28 -31.58 -10.19
CA LYS F 343 38.26 -31.37 -11.25
C LYS F 343 39.07 -30.10 -10.99
N LEU F 344 38.38 -29.00 -10.65
CA LEU F 344 39.00 -27.71 -10.43
C LEU F 344 39.76 -27.55 -9.12
N VAL F 345 39.21 -27.98 -7.95
CA VAL F 345 39.86 -27.87 -6.62
C VAL F 345 41.26 -28.48 -6.64
N PRO F 346 41.47 -29.73 -7.14
CA PRO F 346 42.83 -30.27 -7.12
C PRO F 346 43.74 -29.50 -8.05
N TYR F 347 43.23 -29.03 -9.20
CA TYR F 347 44.00 -28.25 -10.16
C TYR F 347 44.53 -26.97 -9.54
N ALA F 348 43.65 -26.21 -8.85
CA ALA F 348 43.99 -24.98 -8.16
C ALA F 348 45.04 -25.27 -7.08
N ALA F 349 44.82 -26.35 -6.28
CA ALA F 349 45.71 -26.77 -5.22
C ALA F 349 47.09 -27.06 -5.78
N GLN F 350 47.14 -27.75 -6.93
CA GLN F 350 48.37 -28.11 -7.60
C GLN F 350 49.05 -26.88 -8.15
N ARG F 351 48.31 -26.01 -8.87
CA ARG F 351 48.81 -24.75 -9.42
C ARG F 351 49.54 -23.95 -8.33
N PHE F 352 48.86 -23.79 -7.15
CA PHE F 352 49.38 -23.12 -5.96
C PHE F 352 50.71 -23.73 -5.47
N ILE F 353 50.79 -25.07 -5.31
CA ILE F 353 52.01 -25.71 -4.85
C ILE F 353 53.12 -25.53 -5.90
N ASP F 354 52.78 -25.76 -7.18
CA ASP F 354 53.70 -25.66 -8.32
C ASP F 354 54.34 -24.27 -8.42
N ASN F 355 53.56 -23.21 -8.18
CA ASN F 355 54.06 -21.85 -8.28
C ASN F 355 54.32 -21.22 -6.91
N LEU F 356 54.39 -22.05 -5.84
CA LEU F 356 54.57 -21.56 -4.48
C LEU F 356 55.67 -20.55 -4.31
N PRO F 357 56.88 -20.67 -4.93
CA PRO F 357 57.91 -19.61 -4.74
C PRO F 357 57.43 -18.18 -5.04
N ALA F 358 56.86 -18.00 -6.25
CA ALA F 358 56.35 -16.70 -6.72
C ALA F 358 55.12 -16.26 -5.91
N ILE F 359 54.21 -17.22 -5.65
CA ILE F 359 52.99 -17.01 -4.87
C ILE F 359 53.36 -16.56 -3.46
N PHE F 360 54.41 -17.17 -2.87
CA PHE F 360 54.92 -16.84 -1.54
C PHE F 360 55.50 -15.43 -1.55
N ALA F 361 56.38 -15.11 -2.53
CA ALA F 361 56.95 -13.76 -2.70
C ALA F 361 55.85 -12.67 -2.89
N GLY F 362 54.70 -13.10 -3.43
CA GLY F 362 53.56 -12.25 -3.71
C GLY F 362 53.67 -11.60 -5.07
N THR F 363 54.65 -12.01 -5.86
CA THR F 363 54.96 -11.45 -7.18
C THR F 363 54.31 -12.16 -8.36
N PHE F 364 53.79 -13.43 -8.15
CA PHE F 364 53.15 -14.28 -9.18
C PHE F 364 52.09 -13.50 -9.97
N ASN F 365 52.30 -13.31 -11.29
CA ASN F 365 51.42 -12.46 -12.09
C ASN F 365 50.31 -13.19 -12.87
N HIS F 366 49.71 -14.22 -12.24
CA HIS F 366 48.60 -15.00 -12.81
C HIS F 366 47.65 -15.46 -11.72
N ALA F 367 46.49 -15.99 -12.09
CA ALA F 367 45.55 -16.56 -11.14
C ALA F 367 45.80 -18.05 -11.17
N LEU F 368 45.28 -18.77 -10.19
CA LEU F 368 45.45 -20.21 -10.11
C LEU F 368 44.79 -20.90 -11.33
N LEU F 369 43.62 -20.40 -11.77
CA LEU F 369 42.95 -20.89 -12.96
C LEU F 369 43.03 -19.76 -13.97
N GLU F 370 44.03 -19.84 -14.85
CA GLU F 370 44.25 -18.82 -15.87
C GLU F 370 43.88 -19.35 -17.24
N ASP F 371 43.43 -18.45 -18.10
CA ASP F 371 42.95 -18.59 -19.46
C ASP F 371 43.30 -19.93 -20.15
N ALA F 372 44.56 -20.15 -20.58
CA ALA F 372 45.07 -21.35 -21.28
C ALA F 372 44.34 -22.68 -20.97
N SER F 373 44.24 -23.05 -19.67
CA SER F 373 43.69 -24.30 -19.12
C SER F 373 42.28 -24.67 -19.57
N GLU F 374 42.09 -25.98 -19.81
CA GLU F 374 40.83 -26.63 -20.17
C GLU F 374 39.85 -26.46 -19.01
N CYS F 375 40.42 -26.33 -17.81
CA CYS F 375 39.76 -26.15 -16.54
C CYS F 375 39.14 -24.77 -16.50
N SER F 376 39.92 -23.75 -16.93
CA SER F 376 39.48 -22.37 -16.99
C SER F 376 38.34 -22.23 -18.00
N ASP F 377 38.45 -22.97 -19.12
CA ASP F 377 37.45 -22.99 -20.18
C ASP F 377 36.07 -23.50 -19.70
N LEU F 378 36.04 -24.43 -18.72
CA LEU F 378 34.78 -24.94 -18.16
C LEU F 378 34.01 -23.80 -17.46
N LEU F 379 34.75 -22.96 -16.70
CA LEU F 379 34.18 -21.82 -15.97
C LEU F 379 33.73 -20.76 -16.96
N LYS F 380 34.57 -20.48 -17.98
CA LYS F 380 34.24 -19.51 -19.04
C LYS F 380 32.93 -19.87 -19.74
N LEU F 381 32.63 -21.19 -19.84
CA LEU F 381 31.41 -21.76 -20.41
C LEU F 381 30.22 -21.36 -19.55
N TYR F 382 30.31 -21.59 -18.21
CA TYR F 382 29.26 -21.22 -17.25
C TYR F 382 29.00 -19.71 -17.30
N LYS F 383 30.09 -18.89 -17.40
CA LYS F 383 30.03 -17.43 -17.47
C LYS F 383 29.26 -17.02 -18.73
N ASN F 384 29.57 -17.66 -19.88
CA ASN F 384 28.94 -17.36 -21.16
C ASN F 384 27.47 -17.67 -21.18
N VAL F 385 27.06 -18.83 -20.61
CA VAL F 385 25.64 -19.22 -20.56
C VAL F 385 24.88 -18.24 -19.66
N ALA F 386 25.46 -17.90 -18.49
CA ALA F 386 24.88 -16.98 -17.53
C ALA F 386 24.79 -15.58 -18.12
N VAL F 387 25.79 -15.14 -18.89
CA VAL F 387 25.75 -13.82 -19.50
C VAL F 387 24.64 -13.76 -20.55
N LYS F 388 24.64 -14.72 -21.47
CA LYS F 388 23.66 -14.80 -22.55
C LYS F 388 22.20 -15.01 -22.07
N HIS F 389 21.97 -15.75 -20.97
CA HIS F 389 20.60 -16.07 -20.56
C HIS F 389 20.19 -15.68 -19.16
N VAL F 390 21.10 -15.32 -18.28
CA VAL F 390 20.70 -15.01 -16.91
C VAL F 390 20.85 -13.52 -16.61
N PHE F 391 22.09 -13.00 -16.76
CA PHE F 391 22.40 -11.59 -16.48
C PHE F 391 21.75 -10.62 -17.45
N SER F 392 21.36 -11.15 -18.61
CA SER F 392 20.70 -10.43 -19.67
C SER F 392 19.20 -10.36 -19.43
N HIS F 393 18.70 -10.96 -18.34
CA HIS F 393 17.28 -11.01 -18.04
C HIS F 393 16.69 -9.63 -17.76
N PRO F 394 15.52 -9.30 -18.35
CA PRO F 394 14.93 -7.96 -18.15
C PRO F 394 14.75 -7.54 -16.71
N ASP F 395 14.40 -8.49 -15.83
CA ASP F 395 14.19 -8.23 -14.41
C ASP F 395 15.51 -7.84 -13.77
N VAL F 396 16.58 -8.59 -14.12
CA VAL F 396 17.94 -8.36 -13.63
C VAL F 396 18.37 -6.95 -14.06
N GLU F 397 18.28 -6.67 -15.37
CA GLU F 397 18.62 -5.38 -15.96
C GLU F 397 17.81 -4.21 -15.34
N ARG F 398 16.48 -4.42 -15.06
CA ARG F 398 15.61 -3.39 -14.45
C ARG F 398 16.19 -2.99 -13.12
N LEU F 399 16.54 -3.99 -12.29
CA LEU F 399 17.12 -3.76 -10.97
C LEU F 399 18.39 -2.93 -11.06
N GLU F 400 19.25 -3.23 -12.05
CA GLU F 400 20.54 -2.54 -12.32
C GLU F 400 20.30 -1.04 -12.66
N LEU F 401 19.31 -0.77 -13.53
CA LEU F 401 18.92 0.58 -13.90
C LEU F 401 18.39 1.34 -12.69
N GLN F 402 17.51 0.69 -11.91
CA GLN F 402 16.89 1.24 -10.72
C GLN F 402 17.95 1.58 -9.67
N GLY F 403 18.85 0.64 -9.45
CA GLY F 403 19.91 0.78 -8.48
C GLY F 403 20.76 1.99 -8.73
N TYR F 404 21.15 2.17 -10.01
CA TYR F 404 21.94 3.28 -10.45
C TYR F 404 21.21 4.57 -10.14
N ARG F 405 19.88 4.64 -10.43
CA ARG F 405 19.02 5.80 -10.16
C ARG F 405 19.03 6.15 -8.68
N VAL F 406 18.79 5.15 -7.81
CA VAL F 406 18.80 5.29 -6.34
C VAL F 406 20.11 5.91 -5.83
N ILE F 407 21.26 5.27 -6.09
CA ILE F 407 22.56 5.75 -5.63
C ILE F 407 22.87 7.08 -6.20
N SER F 408 22.58 7.28 -7.49
CA SER F 408 22.83 8.58 -8.13
C SER F 408 22.02 9.68 -7.40
N GLY F 409 20.75 9.38 -7.11
CA GLY F 409 19.83 10.26 -6.39
C GLY F 409 20.30 10.57 -4.98
N LEU F 410 20.65 9.52 -4.23
CA LEU F 410 21.16 9.60 -2.87
C LEU F 410 22.35 10.55 -2.78
N LEU F 411 23.30 10.43 -3.72
CA LEU F 411 24.48 11.28 -3.78
C LEU F 411 24.09 12.71 -3.97
N GLU F 412 23.16 12.95 -4.90
CA GLU F 412 22.66 14.28 -5.17
C GLU F 412 21.95 14.90 -3.95
N ILE F 413 21.32 14.05 -3.09
CA ILE F 413 20.65 14.48 -1.86
C ILE F 413 21.66 15.01 -0.84
N TYR F 414 22.83 14.35 -0.70
CA TYR F 414 23.87 14.78 0.22
C TYR F 414 24.89 15.73 -0.39
N ARG F 415 24.73 16.09 -1.70
CA ARG F 415 25.60 17.07 -2.36
C ARG F 415 25.80 18.34 -1.50
N PRO F 416 24.75 18.91 -0.81
CA PRO F 416 24.97 20.13 0.00
C PRO F 416 26.08 20.10 1.04
N LEU F 417 26.45 18.91 1.52
CA LEU F 417 27.53 18.76 2.49
C LEU F 417 28.87 19.01 1.82
N LEU F 418 29.01 18.59 0.56
CA LEU F 418 30.24 18.78 -0.22
C LEU F 418 30.30 20.17 -0.83
N SER F 419 29.13 20.84 -0.90
CA SER F 419 29.02 22.20 -1.44
C SER F 419 29.58 23.24 -0.46
N LEU F 420 29.51 22.93 0.86
CA LEU F 420 29.98 23.75 1.98
C LEU F 420 31.46 24.09 1.95
N SER F 421 31.81 25.28 2.45
CA SER F 421 33.20 25.73 2.55
C SER F 421 33.85 25.00 3.71
N LEU F 422 35.19 24.96 3.75
CA LEU F 422 35.88 24.29 4.85
C LEU F 422 35.45 24.86 6.19
N SER F 423 35.51 26.20 6.36
CA SER F 423 35.13 26.86 7.62
C SER F 423 33.71 26.46 8.05
N ASP F 424 32.74 26.51 7.10
CA ASP F 424 31.34 26.17 7.33
C ASP F 424 31.18 24.72 7.73
N PHE F 425 31.78 23.79 6.96
CA PHE F 425 31.69 22.38 7.27
C PHE F 425 32.34 22.06 8.62
N THR F 426 33.46 22.72 8.92
CA THR F 426 34.17 22.52 10.17
C THR F 426 33.26 22.94 11.32
N GLU F 427 32.62 24.12 11.19
CA GLU F 427 31.66 24.71 12.14
C GLU F 427 30.53 23.72 12.42
N LEU F 428 30.09 23.02 11.36
CA LEU F 428 29.04 22.01 11.42
C LEU F 428 29.48 20.79 12.21
N VAL F 429 30.74 20.36 12.03
CA VAL F 429 31.26 19.20 12.74
C VAL F 429 31.40 19.54 14.21
N GLU F 430 31.83 20.79 14.52
CA GLU F 430 32.00 21.30 15.89
C GLU F 430 30.69 21.41 16.66
N LYS F 431 29.92 22.49 16.45
CA LYS F 431 28.61 22.64 17.09
C LYS F 431 27.61 21.91 16.21
N GLU F 432 27.53 20.57 16.39
CA GLU F 432 26.71 19.60 15.62
C GLU F 432 25.49 20.21 14.91
N LYS F 435 23.05 26.64 12.91
CA LYS F 435 21.79 27.40 12.76
C LYS F 435 21.53 27.96 11.35
N ARG F 436 22.57 28.57 10.73
CA ARG F 436 22.54 29.11 9.35
C ARG F 436 22.22 28.00 8.31
N PHE F 437 22.62 26.73 8.60
CA PHE F 437 22.45 25.59 7.70
C PHE F 437 21.54 24.55 8.34
N PRO F 438 20.21 24.71 8.21
CA PRO F 438 19.30 23.73 8.82
C PRO F 438 19.31 22.39 8.10
N ILE F 439 19.27 22.44 6.76
CA ILE F 439 19.24 21.30 5.88
C ILE F 439 20.54 20.52 5.96
N GLU F 440 21.67 21.22 5.90
CA GLU F 440 23.01 20.62 5.95
C GLU F 440 23.21 19.93 7.28
N SER F 441 22.83 20.59 8.39
CA SER F 441 22.94 20.00 9.72
C SER F 441 22.21 18.70 9.79
N ARG F 442 20.92 18.71 9.44
CA ARG F 442 20.04 17.55 9.47
C ARG F 442 20.52 16.39 8.63
N LEU F 443 21.12 16.70 7.44
CA LEU F 443 21.72 15.72 6.53
C LEU F 443 22.99 15.16 7.14
N PHE F 444 23.79 16.03 7.81
CA PHE F 444 25.02 15.63 8.46
C PHE F 444 24.74 14.63 9.58
N HIS F 445 23.60 14.79 10.29
CA HIS F 445 23.23 13.88 11.36
C HIS F 445 22.78 12.52 10.85
N LYS F 446 22.24 12.46 9.61
CA LYS F 446 21.80 11.21 8.96
C LYS F 446 22.96 10.20 8.81
N LEU F 447 24.18 10.72 8.59
CA LEU F 447 25.40 9.95 8.42
C LEU F 447 25.72 9.17 9.69
N SER F 448 25.96 7.86 9.57
CA SER F 448 26.28 6.96 10.68
C SER F 448 27.47 7.49 11.45
N THR F 449 27.35 7.47 12.80
CA THR F 449 28.39 7.92 13.73
C THR F 449 29.73 7.30 13.47
N ARG F 450 29.73 6.01 13.07
CA ARG F 450 30.95 5.28 12.75
C ARG F 450 31.75 5.99 11.65
N HIS F 451 31.07 6.45 10.57
CA HIS F 451 31.72 7.15 9.46
C HIS F 451 32.11 8.55 9.83
N ARG F 452 31.23 9.24 10.59
CA ARG F 452 31.45 10.61 11.01
C ARG F 452 32.67 10.70 11.91
N LEU F 453 32.84 9.70 12.80
CA LEU F 453 33.95 9.58 13.72
C LEU F 453 35.24 9.47 12.95
N ALA F 454 35.29 8.52 12.00
CA ALA F 454 36.40 8.28 11.10
C ALA F 454 36.87 9.58 10.41
N TYR F 455 35.91 10.49 10.02
CA TYR F 455 36.23 11.80 9.42
C TYR F 455 36.96 12.65 10.43
N VAL F 456 36.36 12.83 11.62
CA VAL F 456 36.94 13.61 12.73
C VAL F 456 38.36 13.11 13.05
N GLU F 457 38.49 11.79 13.31
CA GLU F 457 39.72 11.06 13.60
C GLU F 457 40.81 11.34 12.55
N ALA F 458 40.45 11.30 11.26
CA ALA F 458 41.37 11.49 10.15
C ALA F 458 41.81 12.92 9.95
N VAL F 459 40.84 13.84 10.04
CA VAL F 459 41.04 15.27 9.84
C VAL F 459 41.80 15.86 11.03
N SER F 460 41.54 15.32 12.25
CA SER F 460 42.24 15.75 13.45
C SER F 460 43.75 15.54 13.33
N LYS F 461 44.19 14.36 12.78
CA LYS F 461 45.59 13.98 12.56
C LYS F 461 46.40 14.97 11.68
N LEU F 462 45.75 15.54 10.62
CA LEU F 462 46.35 16.49 9.66
C LEU F 462 46.83 17.80 10.33
N PRO F 463 47.97 18.39 9.86
CA PRO F 463 48.39 19.69 10.42
C PRO F 463 47.63 20.85 9.78
N SER F 464 46.88 21.61 10.58
CA SER F 464 46.04 22.71 10.11
C SER F 464 46.82 23.79 9.34
N ASP F 465 48.04 24.12 9.79
CA ASP F 465 48.92 25.13 9.21
C ASP F 465 49.34 24.83 7.76
N SER F 466 49.37 23.52 7.40
CA SER F 466 49.74 22.98 6.09
C SER F 466 48.88 23.55 4.93
N PRO F 467 49.50 23.87 3.76
CA PRO F 467 48.72 24.38 2.63
C PRO F 467 47.90 23.29 1.97
N GLU F 468 48.26 22.03 2.22
CA GLU F 468 47.55 20.88 1.67
C GLU F 468 46.39 20.44 2.58
N PHE F 469 46.25 21.07 3.77
CA PHE F 469 45.16 20.78 4.72
C PHE F 469 43.74 20.88 4.07
N PRO F 470 43.40 21.94 3.29
CA PRO F 470 42.05 21.99 2.72
C PRO F 470 41.78 20.90 1.70
N LEU F 471 42.84 20.48 0.98
CA LEU F 471 42.80 19.42 -0.02
C LEU F 471 42.51 18.09 0.67
N TRP F 472 43.22 17.81 1.78
CA TRP F 472 43.04 16.61 2.56
C TRP F 472 41.69 16.52 3.20
N GLU F 473 41.19 17.64 3.76
CA GLU F 473 39.89 17.72 4.39
C GLU F 473 38.80 17.36 3.38
N TYR F 474 38.82 18.00 2.18
CA TYR F 474 37.82 17.70 1.15
C TYR F 474 37.83 16.24 0.79
N TYR F 475 39.02 15.65 0.69
CA TYR F 475 39.17 14.26 0.38
C TYR F 475 38.45 13.41 1.41
N TYR F 476 38.74 13.64 2.70
CA TYR F 476 38.13 12.91 3.81
C TYR F 476 36.62 13.15 3.91
N ARG F 477 36.14 14.37 3.54
CA ARG F 477 34.72 14.72 3.53
C ARG F 477 33.97 13.90 2.46
N CYS F 478 34.62 13.74 1.28
CA CYS F 478 34.10 12.95 0.17
C CYS F 478 34.11 11.52 0.54
N ARG F 479 35.23 11.08 1.16
CA ARG F 479 35.36 9.72 1.60
C ARG F 479 34.26 9.39 2.60
N LEU F 480 33.96 10.32 3.53
CA LEU F 480 32.86 10.22 4.50
C LEU F 480 31.53 9.88 3.79
N LEU F 481 31.20 10.61 2.71
CA LEU F 481 29.99 10.38 1.97
C LEU F 481 29.99 9.01 1.26
N GLN F 482 31.10 8.66 0.57
CA GLN F 482 31.28 7.36 -0.11
C GLN F 482 31.13 6.20 0.85
N ASP F 483 31.68 6.33 2.07
CA ASP F 483 31.61 5.35 3.16
C ASP F 483 30.17 5.09 3.62
N TYR F 484 29.39 6.18 3.76
CA TYR F 484 28.02 6.13 4.20
C TYR F 484 27.18 5.37 3.20
N ILE F 485 27.23 5.80 1.91
CA ILE F 485 26.49 5.21 0.79
C ILE F 485 26.84 3.75 0.58
N SER F 486 28.12 3.41 0.37
CA SER F 486 28.56 2.02 0.17
C SER F 486 28.19 1.10 1.35
N GLY F 487 28.14 1.70 2.55
CA GLY F 487 27.79 1.02 3.81
C GLY F 487 26.34 0.59 3.91
N MET F 488 25.45 1.19 3.08
CA MET F 488 24.02 0.88 3.03
C MET F 488 23.77 -0.46 2.39
N THR F 489 22.70 -1.10 2.84
CA THR F 489 22.20 -2.34 2.27
C THR F 489 21.37 -1.90 1.06
N ASP F 490 21.16 -2.80 0.11
CA ASP F 490 20.37 -2.59 -1.10
C ASP F 490 19.00 -1.94 -0.78
N LEU F 491 18.29 -2.55 0.19
CA LEU F 491 16.98 -2.15 0.65
C LEU F 491 16.98 -0.83 1.40
N TYR F 492 17.98 -0.61 2.29
CA TYR F 492 18.04 0.61 3.05
C TYR F 492 18.28 1.80 2.17
N ALA F 493 19.11 1.64 1.14
CA ALA F 493 19.44 2.69 0.20
C ALA F 493 18.18 3.05 -0.60
N TRP F 494 17.38 2.04 -0.96
CA TRP F 494 16.16 2.24 -1.70
C TRP F 494 15.14 3.01 -0.88
N ASP F 495 14.99 2.62 0.39
CA ASP F 495 14.07 3.25 1.33
C ASP F 495 14.44 4.68 1.57
N GLU F 496 15.71 4.92 1.97
CA GLU F 496 16.29 6.24 2.22
C GLU F 496 16.07 7.19 1.07
N TYR F 497 16.17 6.68 -0.19
CA TYR F 497 15.92 7.45 -1.40
C TYR F 497 14.49 7.94 -1.42
N ARG F 498 13.55 7.02 -1.28
CA ARG F 498 12.12 7.31 -1.26
C ARG F 498 11.69 8.19 -0.06
N ARG F 499 12.36 8.04 1.12
CA ARG F 499 12.06 8.84 2.31
C ARG F 499 12.50 10.26 2.07
N LEU F 500 13.78 10.43 1.67
CA LEU F 500 14.36 11.76 1.40
C LEU F 500 13.82 12.41 0.13
N MET F 501 13.12 11.64 -0.74
CA MET F 501 12.48 12.23 -1.92
C MET F 501 11.09 12.75 -1.56
N ALA F 502 10.70 12.59 -0.26
CA ALA F 502 9.44 13.03 0.35
C ALA F 502 8.21 12.23 -0.17
N VAL F 503 8.46 10.97 -0.60
CA VAL F 503 7.47 10.02 -1.09
C VAL F 503 7.27 8.88 -0.03
#